data_9GOA
#
_entry.id   9GOA
#
_cell.length_a   1.00
_cell.length_b   1.00
_cell.length_c   1.00
_cell.angle_alpha   90.00
_cell.angle_beta   90.00
_cell.angle_gamma   90.00
#
_symmetry.space_group_name_H-M   'P 1'
#
_entity_poly.entity_id   1
_entity_poly.type   'polypeptide(L)'
_entity_poly.pdbx_seq_one_letter_code
;EGEDLTLEEKAEICSELELQQKYVDIASNIIGDLSSLPIAGKIAGTIAAAAMTATHVASGRLDIEQTLLGCSDLPFDQIK
EVLENRFNEIDRKLDSHSAALEEITKLVEKSISVVEKTRKQMNKRFDEVMKSIQDAKVSPIISKINNFARYFDTEKERIR
GLKLNDYILKLEEPNGILLHFKESRTPTDDSLQAPLFSIIEEGYAVPKSIDDELAFKVLYALLYGTQTYVSVMFFLLEQY
SFLANHYYEKGYLEKYDEYFNSLNNVFLDFKSSLVGTGTSNNEGLLDRVLQVLMTVKNSEFLGLEKNGVDEMLNEKINLF
NKIKEEIEGKQKMTLSETPENFAQISFDKDITTPIGDWRDGREVRYAVQYASETLFSKISHWSDPVSVREKACPTLRMPV
DQTRRNVLVFRKFDSSKPQLVGEITPYLSNFIDIDRDLYNAASNPDSAVGFKEFTKLNYDGANIRATFDHGRTVFHAAAK
SGNDKIMFGLTFLAKSTELNQPDKKGYTPIHVAADSGNAGIVNLLIQRGVSINSKTYHFLQTPLHLAAQRGFVTTFQRLM
ESPEININERDKDGFTPLHYAIRGGERILEAFLNQISIDVNAKSNTGLTPFHLAIIKNDWPVASTLLGSKKVDINAVDEN
NITALHYAAILGYLETTKQLINLKEINANVVSSPGLLSALHYAILYKHDDVASFLMRSSNVNVNLKALGGITPLHLAVIQ
GRKQILSLMFDIGVNIEQKTDEKYTPLHLAAMSKYPELIQILLDQGSNFEAKTNSGATPLHLATFKGKSQAALILLNNEV
NWRDTDENGQMPIHGAAMTGLLDVAQAIISIDATVVDIEDKNSDTPLNLAAQNSHIDVIKYFIDQGADINTRNKKGLAPL
LAFSKKGNLDMVKYLFDKNANVYIADNDGMNFFYYAVQNGHLNIVKYAMSEKDKFEWSNTDNNRRDECPNEECAISHFAV
CDAVQFDRIEIVKYFVGTLGNFAICGPLHQAARYGHLDIVKYLVEEEFLSVDGSKTDTPLCYASENGHFTVVQYLVSNGA
KVNHDCGNGMTAIDKAITKNHLQVVQFLAANGVDFRRKNSRGTTPFLTAVAENALHIAEYLIREKRQDININEQNVDKDT
ALHLAVYYKNLQMIKLLIKYGIDVTIRNAYDKTALDIAIDAKFSNIVEYLKTKSG
;
_entity_poly.pdbx_strand_id   A,B,C,D
#
# COMPACT_ATOMS: atom_id res chain seq x y z
N SER A 96 62.16 36.22 -23.95
CA SER A 96 61.10 36.29 -22.94
C SER A 96 59.74 35.95 -23.55
N HIS A 97 59.50 36.42 -24.78
CA HIS A 97 58.26 36.06 -25.47
C HIS A 97 58.21 34.57 -25.74
N SER A 98 59.34 33.96 -26.12
CA SER A 98 59.38 32.51 -26.31
C SER A 98 59.06 31.78 -25.01
N ALA A 99 59.63 32.25 -23.89
CA ALA A 99 59.27 31.67 -22.60
C ALA A 99 57.79 31.92 -22.28
N ALA A 100 57.29 33.11 -22.59
CA ALA A 100 55.88 33.40 -22.36
C ALA A 100 55.00 32.51 -23.23
N LEU A 101 55.36 32.34 -24.51
CA LEU A 101 54.61 31.44 -25.38
C LEU A 101 54.71 30.00 -24.90
N GLU A 102 55.90 29.60 -24.43
CA GLU A 102 56.04 28.28 -23.82
C GLU A 102 55.17 28.15 -22.58
N GLU A 103 55.10 29.22 -21.78
CA GLU A 103 54.24 29.21 -20.60
C GLU A 103 52.77 29.08 -21.00
N ILE A 104 52.36 29.78 -22.06
CA ILE A 104 50.98 29.68 -22.53
C ILE A 104 50.66 28.25 -22.96
N THR A 105 51.59 27.61 -23.68
CA THR A 105 51.38 26.23 -24.11
C THR A 105 51.27 25.30 -22.91
N LYS A 106 52.16 25.46 -21.93
CA LYS A 106 52.11 24.61 -20.74
C LYS A 106 50.82 24.83 -19.96
N LEU A 107 50.41 26.09 -19.81
CA LEU A 107 49.18 26.38 -19.07
C LEU A 107 47.95 25.82 -19.78
N VAL A 108 47.89 25.96 -21.10
CA VAL A 108 46.73 25.45 -21.83
C VAL A 108 46.71 23.92 -21.82
N GLU A 109 47.89 23.29 -21.89
CA GLU A 109 47.94 21.83 -21.80
C GLU A 109 47.49 21.35 -20.43
N LYS A 110 47.92 22.04 -19.37
CA LYS A 110 47.48 21.70 -18.02
C LYS A 110 45.98 21.90 -17.87
N SER A 111 45.45 22.97 -18.45
CA SER A 111 44.01 23.22 -18.39
C SER A 111 43.23 22.12 -19.10
N ILE A 112 43.72 21.68 -20.26
CA ILE A 112 43.03 20.62 -21.00
C ILE A 112 43.12 19.30 -20.23
N SER A 113 44.25 19.02 -19.60
CA SER A 113 44.37 17.81 -18.79
C SER A 113 43.41 17.85 -17.61
N VAL A 114 43.28 19.00 -16.96
CA VAL A 114 42.33 19.14 -15.86
C VAL A 114 40.90 18.98 -16.36
N VAL A 115 40.61 19.51 -17.55
CA VAL A 115 39.29 19.35 -18.14
C VAL A 115 38.98 17.88 -18.39
N GLU A 116 39.96 17.13 -18.90
CA GLU A 116 39.76 15.70 -19.13
C GLU A 116 39.54 14.96 -17.82
N LYS A 117 40.31 15.31 -16.77
CA LYS A 117 40.13 14.68 -15.47
C LYS A 117 38.74 14.97 -14.92
N THR A 118 38.29 16.22 -15.03
CA THR A 118 36.95 16.57 -14.57
C THR A 118 35.87 15.90 -15.42
N ARG A 119 36.16 15.64 -16.70
CA ARG A 119 35.21 14.93 -17.55
C ARG A 119 35.09 13.47 -17.11
N LYS A 120 36.21 12.83 -16.75
CA LYS A 120 36.15 11.48 -16.21
C LYS A 120 35.38 11.46 -14.89
N GLN A 121 35.67 12.41 -14.01
CA GLN A 121 34.93 12.53 -12.75
C GLN A 121 33.46 12.82 -13.00
N MET A 122 33.16 13.53 -14.08
CA MET A 122 31.80 13.87 -14.49
C MET A 122 31.02 12.61 -14.89
N ASN A 123 31.65 11.76 -15.71
CA ASN A 123 31.05 10.48 -16.04
C ASN A 123 30.88 9.61 -14.80
N LYS A 124 31.85 9.66 -13.88
CA LYS A 124 31.71 8.90 -12.65
C LYS A 124 30.56 9.41 -11.80
N ARG A 125 30.36 10.73 -11.75
CA ARG A 125 29.25 11.29 -11.01
C ARG A 125 27.92 10.84 -11.57
N PHE A 126 27.77 10.83 -12.89
CA PHE A 126 26.54 10.24 -13.44
C PHE A 126 26.46 8.74 -13.26
N ASP A 127 27.59 8.04 -13.18
CA ASP A 127 27.53 6.62 -12.84
C ASP A 127 26.92 6.43 -11.47
N GLU A 128 27.37 7.22 -10.49
CA GLU A 128 26.78 7.15 -9.15
C GLU A 128 25.34 7.64 -9.14
N VAL A 129 25.01 8.62 -9.97
CA VAL A 129 23.63 9.10 -10.03
C VAL A 129 22.70 8.00 -10.56
N MET A 130 23.11 7.32 -11.63
CA MET A 130 22.32 6.19 -12.13
C MET A 130 22.21 5.09 -11.10
N LYS A 131 23.32 4.81 -10.39
CA LYS A 131 23.27 3.81 -9.33
C LYS A 131 22.27 4.20 -8.24
N SER A 132 22.29 5.46 -7.84
CA SER A 132 21.36 5.93 -6.79
C SER A 132 19.92 5.86 -7.26
N ILE A 133 19.65 6.24 -8.52
CA ILE A 133 18.29 6.18 -9.03
C ILE A 133 17.81 4.73 -9.11
N GLN A 134 18.67 3.83 -9.58
CA GLN A 134 18.31 2.41 -9.63
C GLN A 134 18.04 1.86 -8.23
N ASP A 135 18.89 2.21 -7.27
CA ASP A 135 18.68 1.76 -5.90
C ASP A 135 17.37 2.32 -5.34
N ALA A 136 17.06 3.58 -5.64
CA ALA A 136 15.82 4.17 -5.18
C ALA A 136 14.61 3.45 -5.77
N LYS A 137 14.66 3.13 -7.06
CA LYS A 137 13.50 2.50 -7.70
C LYS A 137 13.39 1.02 -7.37
N VAL A 138 14.46 0.37 -6.91
CA VAL A 138 14.37 -1.05 -6.55
C VAL A 138 14.30 -1.27 -5.04
N SER A 139 14.51 -0.25 -4.23
CA SER A 139 14.49 -0.45 -2.78
C SER A 139 13.15 -0.95 -2.25
N PRO A 140 11.99 -0.39 -2.63
CA PRO A 140 10.74 -0.90 -2.05
C PRO A 140 10.48 -2.37 -2.32
N ILE A 141 10.76 -2.86 -3.54
CA ILE A 141 10.42 -4.24 -3.86
C ILE A 141 11.35 -5.22 -3.12
N ILE A 142 12.65 -4.92 -3.11
CA ILE A 142 13.58 -5.77 -2.37
C ILE A 142 13.27 -5.73 -0.89
N SER A 143 12.93 -4.54 -0.36
CA SER A 143 12.60 -4.42 1.05
C SER A 143 11.37 -5.26 1.39
N LYS A 144 10.32 -5.16 0.58
CA LYS A 144 9.10 -5.93 0.86
C LYS A 144 9.37 -7.43 0.78
N ILE A 145 10.10 -7.87 -0.25
CA ILE A 145 10.41 -9.29 -0.38
C ILE A 145 11.20 -9.78 0.83
N ASN A 146 12.22 -9.01 1.23
CA ASN A 146 13.06 -9.41 2.36
C ASN A 146 12.26 -9.44 3.65
N ASN A 147 11.44 -8.42 3.91
CA ASN A 147 10.66 -8.42 5.14
C ASN A 147 9.71 -9.62 5.19
N PHE A 148 9.00 -9.88 4.09
CA PHE A 148 8.10 -11.03 4.10
C PHE A 148 8.87 -12.33 4.28
N ALA A 149 10.04 -12.45 3.64
CA ALA A 149 10.81 -13.68 3.70
C ALA A 149 11.32 -13.94 5.11
N ARG A 150 11.99 -12.97 5.72
CA ARG A 150 12.51 -13.17 7.08
C ARG A 150 11.40 -13.35 8.10
N TYR A 151 10.30 -12.60 7.95
CA TYR A 151 9.14 -12.82 8.81
C TYR A 151 8.58 -14.23 8.70
N PHE A 152 8.38 -14.73 7.47
CA PHE A 152 7.88 -16.09 7.31
C PHE A 152 8.87 -17.10 7.89
N ASP A 153 10.16 -16.86 7.66
CA ASP A 153 11.18 -17.76 8.20
C ASP A 153 11.09 -17.84 9.72
N THR A 154 11.13 -16.69 10.39
CA THR A 154 11.07 -16.70 11.85
C THR A 154 9.77 -17.32 12.36
N GLU A 155 8.64 -16.95 11.76
CA GLU A 155 7.36 -17.49 12.17
C GLU A 155 7.26 -18.99 11.95
N LYS A 156 8.05 -19.56 11.03
CA LYS A 156 8.01 -21.01 10.81
C LYS A 156 8.43 -21.78 12.06
N GLU A 157 9.67 -21.58 12.52
CA GLU A 157 10.09 -22.23 13.76
C GLU A 157 9.33 -21.70 14.98
N ARG A 158 8.89 -20.45 14.96
CA ARG A 158 8.02 -19.99 16.04
C ARG A 158 6.78 -20.87 16.14
N ILE A 159 6.09 -21.08 15.01
CA ILE A 159 4.86 -21.86 14.98
C ILE A 159 5.12 -23.31 15.39
N ARG A 160 6.20 -23.91 14.88
CA ARG A 160 6.46 -25.29 15.32
C ARG A 160 6.87 -25.34 16.77
N GLY A 161 7.21 -24.21 17.37
CA GLY A 161 7.62 -24.17 18.77
C GLY A 161 6.52 -24.07 19.81
N LEU A 162 5.33 -23.62 19.42
CA LEU A 162 4.26 -23.43 20.39
C LEU A 162 3.70 -24.76 20.88
N LYS A 163 3.12 -24.73 22.08
CA LYS A 163 2.42 -25.87 22.64
C LYS A 163 1.10 -26.07 21.90
N LEU A 164 0.55 -27.30 22.01
CA LEU A 164 -0.63 -27.68 21.25
C LEU A 164 -1.79 -26.71 21.46
N ASN A 165 -2.05 -26.32 22.70
CA ASN A 165 -3.12 -25.37 22.97
C ASN A 165 -2.80 -24.01 22.35
N ASP A 166 -1.57 -23.52 22.56
CA ASP A 166 -1.16 -22.27 21.93
C ASP A 166 -1.12 -22.41 20.41
N TYR A 167 -0.75 -23.59 19.92
CA TYR A 167 -0.77 -23.87 18.48
C TYR A 167 -2.16 -23.65 17.92
N ILE A 168 -3.17 -24.27 18.55
CA ILE A 168 -4.54 -24.13 18.09
C ILE A 168 -5.02 -22.69 18.21
N LEU A 169 -4.68 -22.03 19.33
CA LEU A 169 -5.11 -20.65 19.53
C LEU A 169 -4.57 -19.73 18.45
N LYS A 170 -3.28 -19.90 18.11
CA LYS A 170 -2.69 -19.10 17.04
C LYS A 170 -3.33 -19.43 15.69
N LEU A 171 -3.61 -20.71 15.44
CA LEU A 171 -4.20 -21.09 14.16
C LEU A 171 -5.66 -20.65 14.07
N GLU A 172 -6.41 -20.77 15.16
CA GLU A 172 -7.86 -20.57 15.13
C GLU A 172 -8.28 -19.11 15.20
N GLU A 173 -7.37 -18.20 15.55
CA GLU A 173 -7.74 -16.82 15.79
C GLU A 173 -8.37 -16.21 14.52
N PRO A 174 -9.36 -15.32 14.66
CA PRO A 174 -10.09 -14.84 13.48
C PRO A 174 -9.22 -14.15 12.46
N ASN A 175 -8.22 -13.38 12.88
CA ASN A 175 -7.30 -12.71 11.97
C ASN A 175 -5.92 -13.27 12.27
N GLY A 176 -5.60 -14.40 11.63
CA GLY A 176 -4.35 -15.09 11.84
C GLY A 176 -3.36 -14.87 10.72
N ILE A 177 -2.16 -15.44 10.90
CA ILE A 177 -1.13 -15.33 9.89
C ILE A 177 -1.44 -16.19 8.68
N LEU A 178 -2.29 -17.21 8.84
CA LEU A 178 -2.68 -18.03 7.70
C LEU A 178 -3.49 -17.22 6.69
N LEU A 179 -4.31 -16.28 7.16
CA LEU A 179 -5.04 -15.42 6.25
C LEU A 179 -4.09 -14.52 5.47
N HIS A 180 -3.06 -13.99 6.13
CA HIS A 180 -2.08 -13.17 5.42
C HIS A 180 -1.30 -14.01 4.40
N PHE A 181 -0.98 -15.25 4.75
CA PHE A 181 -0.31 -16.13 3.81
C PHE A 181 -1.20 -16.45 2.60
N LYS A 182 -2.50 -16.62 2.84
CA LYS A 182 -3.43 -16.80 1.72
C LYS A 182 -3.49 -15.56 0.85
N GLU A 183 -3.52 -14.37 1.47
CA GLU A 183 -3.49 -13.12 0.72
C GLU A 183 -2.16 -12.86 0.04
N SER A 184 -1.11 -13.61 0.41
CA SER A 184 0.19 -13.43 -0.21
C SER A 184 0.18 -13.74 -1.71
N ARG A 185 -0.85 -14.41 -2.21
CA ARG A 185 -0.98 -14.64 -3.64
C ARG A 185 -1.97 -13.69 -4.30
N THR A 186 -2.32 -12.60 -3.63
CA THR A 186 -3.14 -11.56 -4.24
C THR A 186 -2.26 -10.57 -4.97
N PRO A 187 -2.82 -9.79 -5.91
CA PRO A 187 -2.04 -8.75 -6.58
C PRO A 187 -1.82 -7.49 -5.73
N THR A 188 -2.08 -7.54 -4.43
CA THR A 188 -1.90 -6.38 -3.58
C THR A 188 -0.41 -6.09 -3.37
N ASP A 189 -0.13 -4.91 -2.79
CA ASP A 189 1.24 -4.47 -2.59
C ASP A 189 1.97 -5.34 -1.57
N ASP A 190 1.28 -5.74 -0.50
CA ASP A 190 1.92 -6.47 0.59
C ASP A 190 2.27 -7.91 0.21
N SER A 191 1.80 -8.40 -0.94
CA SER A 191 2.03 -9.78 -1.33
C SER A 191 3.39 -9.90 -2.02
N LEU A 192 3.71 -11.11 -2.48
CA LEU A 192 4.97 -11.38 -3.17
C LEU A 192 4.89 -11.25 -4.68
N GLN A 193 3.73 -11.61 -5.27
CA GLN A 193 3.64 -11.64 -6.72
C GLN A 193 3.85 -10.28 -7.34
N ALA A 194 3.32 -9.22 -6.71
CA ALA A 194 3.52 -7.89 -7.29
C ALA A 194 4.99 -7.56 -7.43
N PRO A 195 5.83 -7.67 -6.39
CA PRO A 195 7.28 -7.48 -6.62
C PRO A 195 7.88 -8.50 -7.58
N LEU A 196 7.41 -9.75 -7.57
CA LEU A 196 8.02 -10.77 -8.43
C LEU A 196 7.84 -10.44 -9.91
N PHE A 197 6.59 -10.21 -10.34
CA PHE A 197 6.40 -9.82 -11.73
C PHE A 197 6.94 -8.43 -12.01
N SER A 198 6.96 -7.52 -11.03
CA SER A 198 7.59 -6.22 -11.27
C SER A 198 9.05 -6.40 -11.67
N ILE A 199 9.80 -7.17 -10.88
CA ILE A 199 11.23 -7.33 -11.14
C ILE A 199 11.48 -8.13 -12.41
N ILE A 200 10.67 -9.16 -12.68
CA ILE A 200 10.94 -9.95 -13.88
C ILE A 200 10.56 -9.18 -15.14
N GLU A 201 9.47 -8.41 -15.10
CA GLU A 201 9.04 -7.69 -16.29
C GLU A 201 9.92 -6.48 -16.58
N GLU A 202 10.31 -5.73 -15.54
CA GLU A 202 11.15 -4.56 -15.78
C GLU A 202 12.55 -4.95 -16.24
N GLY A 203 12.94 -6.21 -16.07
CA GLY A 203 14.20 -6.69 -16.62
C GLY A 203 15.42 -6.02 -16.06
N TYR A 204 15.45 -5.77 -14.75
CA TYR A 204 16.61 -5.19 -14.10
C TYR A 204 17.49 -6.22 -13.43
N ALA A 205 17.17 -7.51 -13.58
CA ALA A 205 17.99 -8.59 -13.03
C ALA A 205 19.10 -9.02 -13.98
N VAL A 206 19.13 -8.49 -15.19
CA VAL A 206 20.16 -8.84 -16.17
C VAL A 206 21.32 -7.85 -16.02
N PRO A 207 22.53 -8.29 -15.73
CA PRO A 207 23.66 -7.36 -15.63
C PRO A 207 23.88 -6.61 -16.93
N LYS A 208 24.29 -5.35 -16.80
CA LYS A 208 24.70 -4.51 -17.92
C LYS A 208 26.20 -4.22 -17.78
N SER A 209 27.01 -4.95 -18.53
CA SER A 209 28.47 -4.76 -18.58
C SER A 209 29.02 -4.92 -17.16
N ILE A 210 30.09 -4.20 -16.83
CA ILE A 210 30.70 -4.25 -15.52
C ILE A 210 30.30 -3.01 -14.73
N ASP A 211 29.93 -3.22 -13.48
CA ASP A 211 29.41 -2.19 -12.58
C ASP A 211 29.23 -2.85 -11.22
N ASP A 212 28.85 -2.05 -10.22
CA ASP A 212 28.49 -2.59 -8.93
C ASP A 212 27.38 -3.62 -9.10
N GLU A 213 27.55 -4.77 -8.44
CA GLU A 213 26.73 -5.94 -8.75
C GLU A 213 25.44 -5.95 -7.94
N LEU A 214 24.61 -4.93 -8.17
CA LEU A 214 23.25 -4.94 -7.63
C LEU A 214 22.28 -5.68 -8.54
N ALA A 215 22.71 -6.03 -9.75
CA ALA A 215 21.86 -6.80 -10.66
C ALA A 215 21.61 -8.21 -10.11
N PHE A 216 22.62 -8.81 -9.50
CA PHE A 216 22.42 -10.12 -8.88
C PHE A 216 21.69 -10.05 -7.55
N LYS A 217 21.62 -8.86 -6.92
CA LYS A 217 20.91 -8.74 -5.66
C LYS A 217 19.43 -9.04 -5.84
N VAL A 218 18.80 -8.43 -6.85
CA VAL A 218 17.42 -8.76 -7.15
C VAL A 218 17.29 -10.19 -7.64
N LEU A 219 18.35 -10.78 -8.20
CA LEU A 219 18.30 -12.18 -8.59
C LEU A 219 18.22 -13.09 -7.37
N TYR A 220 19.03 -12.82 -6.35
CA TYR A 220 18.91 -13.56 -5.09
C TYR A 220 17.55 -13.33 -4.46
N ALA A 221 17.04 -12.09 -4.54
CA ALA A 221 15.72 -11.80 -4.02
C ALA A 221 14.66 -12.65 -4.71
N LEU A 222 14.73 -12.73 -6.04
CA LEU A 222 13.81 -13.58 -6.80
C LEU A 222 13.90 -15.03 -6.36
N LEU A 223 15.12 -15.57 -6.32
CA LEU A 223 15.32 -16.97 -5.97
C LEU A 223 14.72 -17.27 -4.60
N TYR A 224 15.08 -16.45 -3.61
CA TYR A 224 14.73 -16.74 -2.23
C TYR A 224 13.24 -16.47 -1.99
N GLY A 225 12.67 -15.47 -2.66
CA GLY A 225 11.25 -15.25 -2.56
C GLY A 225 10.44 -16.37 -3.17
N THR A 226 10.89 -16.91 -4.30
CA THR A 226 10.20 -18.07 -4.87
C THR A 226 10.30 -19.27 -3.94
N GLN A 227 11.46 -19.49 -3.33
CA GLN A 227 11.60 -20.58 -2.37
C GLN A 227 10.66 -20.41 -1.19
N THR A 228 10.60 -19.19 -0.63
CA THR A 228 9.69 -18.94 0.47
C THR A 228 8.24 -19.08 0.06
N TYR A 229 7.91 -18.72 -1.18
CA TYR A 229 6.54 -18.84 -1.66
C TYR A 229 6.12 -20.31 -1.75
N VAL A 230 7.01 -21.16 -2.28
CA VAL A 230 6.73 -22.59 -2.32
C VAL A 230 6.59 -23.15 -0.90
N SER A 231 7.50 -22.75 -0.01
CA SER A 231 7.48 -23.28 1.35
C SER A 231 6.21 -22.84 2.09
N VAL A 232 5.77 -21.60 1.89
CA VAL A 232 4.56 -21.15 2.56
C VAL A 232 3.33 -21.82 1.96
N MET A 233 3.37 -22.15 0.66
CA MET A 233 2.31 -22.97 0.09
C MET A 233 2.19 -24.31 0.81
N PHE A 234 3.33 -25.00 0.96
CA PHE A 234 3.32 -26.28 1.68
C PHE A 234 2.88 -26.11 3.13
N PHE A 235 3.31 -25.01 3.75
CA PHE A 235 2.97 -24.74 5.15
C PHE A 235 1.47 -24.57 5.31
N LEU A 236 0.85 -23.80 4.41
CA LEU A 236 -0.60 -23.63 4.44
C LEU A 236 -1.32 -24.94 4.21
N LEU A 237 -0.84 -25.74 3.24
CA LEU A 237 -1.48 -27.03 2.97
C LEU A 237 -1.46 -27.92 4.20
N GLU A 238 -0.29 -28.08 4.83
CA GLU A 238 -0.20 -28.96 5.98
C GLU A 238 -1.03 -28.43 7.15
N GLN A 239 -1.01 -27.12 7.38
CA GLN A 239 -1.79 -26.56 8.48
C GLN A 239 -3.28 -26.78 8.28
N TYR A 240 -3.77 -26.54 7.06
CA TYR A 240 -5.20 -26.71 6.82
C TYR A 240 -5.61 -28.17 6.90
N SER A 241 -4.75 -29.08 6.40
CA SER A 241 -5.07 -30.50 6.53
C SER A 241 -5.13 -30.92 8.00
N PHE A 242 -4.17 -30.46 8.80
CA PHE A 242 -4.17 -30.80 10.22
C PHE A 242 -5.41 -30.26 10.93
N LEU A 243 -5.75 -28.99 10.65
CA LEU A 243 -6.94 -28.40 11.27
C LEU A 243 -8.20 -29.13 10.86
N ALA A 244 -8.33 -29.48 9.58
CA ALA A 244 -9.51 -30.19 9.10
C ALA A 244 -9.64 -31.55 9.79
N ASN A 245 -8.54 -32.29 9.88
CA ASN A 245 -8.59 -33.59 10.54
C ASN A 245 -8.94 -33.44 12.01
N HIS A 246 -8.30 -32.50 12.70
CA HIS A 246 -8.53 -32.32 14.14
C HIS A 246 -9.97 -31.95 14.41
N TYR A 247 -10.55 -31.06 13.61
CA TYR A 247 -11.94 -30.70 13.84
C TYR A 247 -12.89 -31.80 13.40
N TYR A 248 -12.51 -32.61 12.40
CA TYR A 248 -13.35 -33.73 11.99
C TYR A 248 -13.46 -34.77 13.11
N GLU A 249 -12.36 -35.02 13.82
CA GLU A 249 -12.39 -36.02 14.88
C GLU A 249 -13.29 -35.63 16.05
N LYS A 250 -13.72 -34.36 16.14
CA LYS A 250 -14.55 -33.89 17.24
C LYS A 250 -15.89 -33.36 16.74
N GLY A 251 -16.45 -33.99 15.72
CA GLY A 251 -17.71 -33.52 15.17
C GLY A 251 -17.55 -32.13 14.58
N TYR A 252 -18.49 -31.25 14.90
CA TYR A 252 -18.43 -29.83 14.53
C TYR A 252 -18.11 -29.67 13.05
N LEU A 253 -19.04 -30.13 12.21
CA LEU A 253 -18.81 -30.16 10.77
C LEU A 253 -18.67 -28.79 10.13
N GLU A 254 -19.05 -27.72 10.82
CA GLU A 254 -18.95 -26.38 10.24
C GLU A 254 -17.50 -25.96 10.07
N LYS A 255 -16.69 -26.12 11.12
CA LYS A 255 -15.27 -25.80 11.02
C LYS A 255 -14.58 -26.72 10.01
N TYR A 256 -14.97 -27.99 10.00
CA TYR A 256 -14.42 -28.92 9.01
C TYR A 256 -14.72 -28.44 7.59
N ASP A 257 -15.95 -27.99 7.35
CA ASP A 257 -16.31 -27.51 6.02
C ASP A 257 -15.52 -26.26 5.66
N GLU A 258 -15.37 -25.33 6.60
CA GLU A 258 -14.62 -24.11 6.32
C GLU A 258 -13.17 -24.43 5.96
N TYR A 259 -12.52 -25.29 6.75
CA TYR A 259 -11.13 -25.61 6.47
C TYR A 259 -10.98 -26.47 5.22
N PHE A 260 -11.97 -27.31 4.90
CA PHE A 260 -11.96 -28.08 3.66
C PHE A 260 -12.05 -27.16 2.44
N ASN A 261 -12.96 -26.19 2.48
CA ASN A 261 -13.06 -25.23 1.38
C ASN A 261 -11.78 -24.41 1.26
N SER A 262 -11.22 -23.99 2.38
CA SER A 262 -9.96 -23.25 2.35
C SER A 262 -8.84 -24.10 1.75
N LEU A 263 -8.80 -25.39 2.11
CA LEU A 263 -7.77 -26.28 1.58
C LEU A 263 -7.88 -26.42 0.07
N ASN A 264 -9.09 -26.67 -0.44
CA ASN A 264 -9.24 -26.76 -1.89
C ASN A 264 -8.85 -25.46 -2.57
N ASN A 265 -9.30 -24.33 -2.02
CA ASN A 265 -9.02 -23.04 -2.64
C ASN A 265 -7.52 -22.79 -2.71
N VAL A 266 -6.83 -22.97 -1.58
CA VAL A 266 -5.39 -22.69 -1.54
C VAL A 266 -4.63 -23.66 -2.42
N PHE A 267 -5.03 -24.94 -2.44
CA PHE A 267 -4.33 -25.94 -3.22
C PHE A 267 -4.45 -25.65 -4.72
N LEU A 268 -5.68 -25.44 -5.19
CA LEU A 268 -5.88 -25.14 -6.61
C LEU A 268 -5.18 -23.84 -7.00
N ASP A 269 -5.34 -22.79 -6.17
CA ASP A 269 -4.75 -21.50 -6.51
C ASP A 269 -3.23 -21.58 -6.57
N PHE A 270 -2.61 -22.31 -5.66
CA PHE A 270 -1.16 -22.38 -5.65
C PHE A 270 -0.64 -23.26 -6.77
N LYS A 271 -1.29 -24.40 -7.04
CA LYS A 271 -0.87 -25.19 -8.20
C LYS A 271 -1.01 -24.40 -9.48
N SER A 272 -2.01 -23.53 -9.57
CA SER A 272 -2.16 -22.71 -10.76
C SER A 272 -1.15 -21.57 -10.83
N SER A 273 -0.77 -21.01 -9.69
CA SER A 273 0.18 -19.89 -9.71
C SER A 273 1.59 -20.38 -9.99
N LEU A 274 1.99 -21.51 -9.41
CA LEU A 274 3.36 -21.99 -9.58
C LEU A 274 3.63 -22.40 -11.03
N VAL A 275 2.76 -23.24 -11.60
CA VAL A 275 2.99 -23.75 -12.95
C VAL A 275 1.81 -23.55 -13.88
N GLY A 276 0.60 -23.39 -13.39
CA GLY A 276 -0.54 -23.22 -14.27
C GLY A 276 -1.32 -24.50 -14.46
N THR A 277 -2.63 -24.36 -14.63
CA THR A 277 -3.49 -25.52 -14.86
C THR A 277 -3.28 -26.13 -16.25
N GLY A 278 -2.66 -25.39 -17.16
CA GLY A 278 -2.42 -25.90 -18.50
C GLY A 278 -1.56 -24.93 -19.28
N THR A 279 -1.27 -25.31 -20.51
CA THR A 279 -0.46 -24.49 -21.41
C THR A 279 -1.28 -23.28 -21.85
N SER A 280 -1.00 -22.13 -21.26
CA SER A 280 -1.72 -20.90 -21.57
C SER A 280 -0.78 -19.72 -21.39
N ASN A 281 -1.33 -18.51 -21.34
CA ASN A 281 -0.53 -17.31 -21.21
C ASN A 281 0.05 -17.15 -19.80
N ASN A 282 -0.57 -17.77 -18.80
CA ASN A 282 -0.06 -17.65 -17.43
C ASN A 282 1.33 -18.24 -17.28
N GLU A 283 1.55 -19.41 -17.88
CA GLU A 283 2.84 -20.12 -17.90
C GLU A 283 3.50 -20.19 -16.52
N GLY A 284 2.72 -20.10 -15.46
CA GLY A 284 3.25 -20.25 -14.11
C GLY A 284 4.22 -19.16 -13.72
N LEU A 285 4.92 -19.42 -12.62
CA LEU A 285 5.95 -18.54 -12.09
C LEU A 285 7.34 -19.17 -12.11
N LEU A 286 7.45 -20.43 -11.67
CA LEU A 286 8.73 -21.12 -11.71
C LEU A 286 9.26 -21.20 -13.13
N ASP A 287 8.37 -21.35 -14.11
CA ASP A 287 8.80 -21.34 -15.51
C ASP A 287 9.44 -20.01 -15.88
N ARG A 288 8.83 -18.90 -15.47
CA ARG A 288 9.39 -17.58 -15.77
C ARG A 288 10.73 -17.39 -15.08
N VAL A 289 10.85 -17.87 -13.84
CA VAL A 289 12.14 -17.82 -13.15
C VAL A 289 13.18 -18.62 -13.92
N LEU A 290 12.78 -19.79 -14.45
CA LEU A 290 13.72 -20.58 -15.25
C LEU A 290 14.15 -19.83 -16.50
N GLN A 291 13.21 -19.18 -17.18
CA GLN A 291 13.58 -18.42 -18.38
C GLN A 291 14.54 -17.28 -18.05
N VAL A 292 14.27 -16.53 -16.98
CA VAL A 292 15.15 -15.41 -16.66
C VAL A 292 16.52 -15.93 -16.22
N LEU A 293 16.56 -17.07 -15.54
CA LEU A 293 17.84 -17.68 -15.19
C LEU A 293 18.62 -18.09 -16.44
N MET A 294 17.94 -18.66 -17.43
CA MET A 294 18.62 -19.01 -18.67
C MET A 294 19.13 -17.77 -19.39
N THR A 295 18.34 -16.69 -19.41
CA THR A 295 18.78 -15.47 -20.06
C THR A 295 20.00 -14.87 -19.38
N VAL A 296 20.03 -14.87 -18.04
CA VAL A 296 21.20 -14.31 -17.36
C VAL A 296 22.40 -15.25 -17.51
N LYS A 297 22.15 -16.55 -17.64
CA LYS A 297 23.25 -17.50 -17.78
C LYS A 297 23.90 -17.40 -19.16
N ASN A 298 23.11 -17.35 -20.22
CA ASN A 298 23.63 -17.42 -21.57
C ASN A 298 24.00 -16.07 -22.15
N SER A 299 23.84 -14.99 -21.39
CA SER A 299 24.22 -13.67 -21.89
C SER A 299 25.71 -13.61 -22.21
N GLU A 300 26.54 -14.02 -21.26
CA GLU A 300 27.99 -14.12 -21.45
C GLU A 300 28.58 -12.80 -21.96
N PHE A 301 28.15 -11.70 -21.34
CA PHE A 301 28.68 -10.40 -21.71
C PHE A 301 30.17 -10.30 -21.42
N LEU A 302 30.60 -10.85 -20.28
CA LEU A 302 32.02 -10.88 -19.93
C LEU A 302 32.22 -11.96 -18.89
N GLY A 303 33.00 -12.99 -19.23
CA GLY A 303 33.23 -14.11 -18.36
C GLY A 303 34.57 -14.01 -17.66
N LEU A 304 34.53 -13.90 -16.33
CA LEU A 304 35.74 -13.79 -15.54
C LEU A 304 35.41 -14.15 -14.10
N GLU A 305 35.98 -15.26 -13.62
CA GLU A 305 35.94 -15.66 -12.21
C GLU A 305 34.54 -16.07 -11.77
N LYS A 306 33.55 -15.94 -12.66
CA LYS A 306 32.16 -16.24 -12.32
C LYS A 306 31.80 -17.69 -12.56
N ASN A 307 32.77 -18.61 -12.52
CA ASN A 307 32.45 -20.02 -12.61
C ASN A 307 31.62 -20.48 -11.42
N GLY A 308 31.93 -19.97 -10.23
CA GLY A 308 31.09 -20.26 -9.07
C GLY A 308 29.68 -19.74 -9.22
N VAL A 309 29.54 -18.53 -9.77
CA VAL A 309 28.21 -17.97 -10.03
C VAL A 309 27.45 -18.86 -11.02
N ASP A 310 28.13 -19.31 -12.07
CA ASP A 310 27.49 -20.18 -13.06
C ASP A 310 27.04 -21.49 -12.43
N GLU A 311 27.89 -22.10 -11.59
CA GLU A 311 27.53 -23.39 -11.02
C GLU A 311 26.39 -23.26 -10.01
N MET A 312 26.37 -22.17 -9.23
CA MET A 312 25.24 -22.00 -8.32
C MET A 312 23.95 -21.68 -9.08
N LEU A 313 24.06 -20.97 -10.21
CA LEU A 313 22.90 -20.76 -11.06
C LEU A 313 22.39 -22.10 -11.59
N ASN A 314 23.29 -22.99 -12.00
CA ASN A 314 22.88 -24.30 -12.47
C ASN A 314 22.22 -25.11 -11.35
N GLU A 315 22.77 -25.02 -10.14
CA GLU A 315 22.17 -25.69 -9.00
C GLU A 315 20.76 -25.19 -8.74
N LYS A 316 20.57 -23.86 -8.80
CA LYS A 316 19.25 -23.28 -8.61
C LYS A 316 18.27 -23.73 -9.70
N ILE A 317 18.76 -23.79 -10.95
CA ILE A 317 17.90 -24.25 -12.05
C ILE A 317 17.48 -25.70 -11.83
N ASN A 318 18.42 -26.54 -11.42
CA ASN A 318 18.09 -27.94 -11.15
C ASN A 318 17.07 -28.06 -10.01
N LEU A 319 17.25 -27.27 -8.94
CA LEU A 319 16.33 -27.31 -7.83
C LEU A 319 14.92 -26.87 -8.24
N PHE A 320 14.84 -25.81 -9.05
CA PHE A 320 13.55 -25.35 -9.54
C PHE A 320 12.88 -26.42 -10.41
N ASN A 321 13.68 -27.08 -11.26
CA ASN A 321 13.14 -28.18 -12.05
C ASN A 321 12.55 -29.26 -11.16
N LYS A 322 13.30 -29.68 -10.13
CA LYS A 322 12.84 -30.76 -9.26
C LYS A 322 11.55 -30.39 -8.53
N ILE A 323 11.52 -29.18 -7.97
CA ILE A 323 10.32 -28.77 -7.23
C ILE A 323 9.13 -28.68 -8.18
N LYS A 324 9.36 -28.20 -9.40
CA LYS A 324 8.29 -28.19 -10.40
C LYS A 324 7.78 -29.59 -10.69
N GLU A 325 8.71 -30.55 -10.84
CA GLU A 325 8.28 -31.93 -11.10
C GLU A 325 7.40 -32.46 -9.99
N GLU A 326 7.77 -32.22 -8.73
CA GLU A 326 6.93 -32.79 -7.68
C GLU A 326 5.59 -32.07 -7.61
N ILE A 327 5.58 -30.73 -7.69
CA ILE A 327 4.32 -30.02 -7.52
C ILE A 327 3.37 -30.36 -8.67
N GLU A 328 3.90 -30.58 -9.87
CA GLU A 328 3.08 -31.09 -10.96
C GLU A 328 2.61 -32.51 -10.67
N GLY A 329 3.48 -33.34 -10.09
CA GLY A 329 3.15 -34.70 -9.77
C GLY A 329 2.40 -34.92 -8.48
N LYS A 330 2.19 -33.85 -7.70
CA LYS A 330 1.48 -33.98 -6.44
C LYS A 330 0.00 -34.22 -6.68
N GLN A 331 -0.58 -35.17 -5.95
CA GLN A 331 -1.98 -35.54 -6.10
C GLN A 331 -2.84 -34.79 -5.09
N LYS A 332 -4.14 -34.77 -5.36
CA LYS A 332 -5.09 -34.12 -4.49
C LYS A 332 -5.25 -34.88 -3.18
N MET A 333 -5.37 -34.15 -2.07
CA MET A 333 -5.68 -34.72 -0.78
C MET A 333 -7.13 -34.51 -0.37
N THR A 334 -7.95 -33.91 -1.25
CA THR A 334 -9.34 -33.63 -0.94
C THR A 334 -10.21 -34.02 -2.12
N LEU A 335 -11.45 -34.41 -1.82
CA LEU A 335 -12.42 -34.82 -2.83
C LEU A 335 -13.56 -33.80 -2.83
N SER A 336 -13.63 -32.98 -3.89
CA SER A 336 -14.62 -31.92 -3.96
C SER A 336 -16.01 -32.45 -4.32
N GLU A 337 -16.09 -33.50 -5.12
CA GLU A 337 -17.37 -34.01 -5.56
C GLU A 337 -18.17 -34.59 -4.39
N THR A 338 -19.47 -34.29 -4.37
CA THR A 338 -20.36 -34.69 -3.29
C THR A 338 -21.40 -35.70 -3.78
N PRO A 339 -21.88 -36.59 -2.91
CA PRO A 339 -22.92 -37.55 -3.33
C PRO A 339 -24.29 -36.90 -3.46
N GLU A 340 -25.31 -37.71 -3.73
CA GLU A 340 -26.68 -37.25 -3.86
C GLU A 340 -27.48 -37.66 -2.64
N ASN A 341 -28.35 -36.77 -2.17
CA ASN A 341 -29.16 -37.04 -0.99
C ASN A 341 -30.25 -38.07 -1.32
N PHE A 342 -31.06 -38.37 -0.31
CA PHE A 342 -32.13 -39.35 -0.48
C PHE A 342 -33.19 -38.84 -1.45
N ALA A 343 -33.76 -39.76 -2.21
CA ALA A 343 -34.80 -39.40 -3.17
C ALA A 343 -36.20 -39.41 -2.57
N GLN A 344 -36.42 -40.21 -1.52
CA GLN A 344 -37.72 -40.28 -0.86
C GLN A 344 -37.53 -40.74 0.57
N ILE A 345 -38.38 -40.23 1.45
CA ILE A 345 -38.35 -40.58 2.87
C ILE A 345 -39.77 -40.89 3.32
N SER A 346 -39.92 -41.98 4.08
CA SER A 346 -41.21 -42.41 4.59
C SER A 346 -41.05 -43.00 5.98
N PHE A 347 -42.04 -42.76 6.83
CA PHE A 347 -42.03 -43.28 8.21
C PHE A 347 -42.91 -44.52 8.24
N ASP A 348 -42.36 -45.62 7.71
CA ASP A 348 -43.13 -46.84 7.57
C ASP A 348 -43.32 -47.57 8.90
N LYS A 349 -42.29 -47.57 9.75
CA LYS A 349 -42.34 -48.35 10.97
C LYS A 349 -43.29 -47.71 11.99
N ASP A 350 -43.91 -48.57 12.80
CA ASP A 350 -44.91 -48.15 13.79
C ASP A 350 -44.23 -47.94 15.16
N ILE A 351 -43.37 -46.92 15.20
CA ILE A 351 -42.60 -46.59 16.40
C ILE A 351 -43.21 -45.36 17.04
N THR A 352 -43.59 -45.47 18.30
CA THR A 352 -44.17 -44.35 19.03
C THR A 352 -43.10 -43.27 19.24
N THR A 353 -43.49 -42.02 19.03
CA THR A 353 -42.50 -40.95 18.87
C THR A 353 -41.62 -40.68 20.09
N PRO A 354 -42.10 -40.64 21.35
CA PRO A 354 -41.22 -40.18 22.43
C PRO A 354 -40.17 -41.21 22.82
N ILE A 355 -39.29 -41.56 21.90
CA ILE A 355 -38.23 -42.52 22.13
C ILE A 355 -36.93 -41.98 21.55
N GLY A 356 -35.83 -42.18 22.27
CA GLY A 356 -34.54 -41.70 21.81
C GLY A 356 -34.51 -40.19 21.67
N ASP A 357 -34.01 -39.72 20.54
CA ASP A 357 -33.90 -38.30 20.25
C ASP A 357 -35.12 -37.75 19.52
N TRP A 358 -36.13 -38.56 19.27
CA TRP A 358 -37.32 -38.14 18.54
C TRP A 358 -38.35 -37.59 19.51
N ARG A 359 -38.72 -36.33 19.31
CA ARG A 359 -39.76 -35.69 20.12
C ARG A 359 -40.58 -34.77 19.23
N ASP A 360 -41.79 -34.44 19.70
CA ASP A 360 -42.68 -33.59 18.93
C ASP A 360 -42.10 -32.19 18.78
N GLY A 361 -42.28 -31.61 17.59
CA GLY A 361 -41.80 -30.28 17.31
C GLY A 361 -40.34 -30.18 16.94
N ARG A 362 -39.64 -31.31 16.79
CA ARG A 362 -38.23 -31.32 16.46
C ARG A 362 -38.06 -31.77 15.02
N GLU A 363 -37.27 -31.01 14.26
CA GLU A 363 -37.04 -31.29 12.85
C GLU A 363 -35.71 -32.04 12.67
N VAL A 364 -35.66 -32.86 11.63
CA VAL A 364 -34.52 -33.74 11.38
C VAL A 364 -33.94 -33.42 10.01
N ARG A 365 -32.62 -33.28 9.95
CA ARG A 365 -31.92 -33.05 8.70
C ARG A 365 -30.91 -34.17 8.46
N TYR A 366 -30.68 -34.48 7.19
CA TYR A 366 -29.76 -35.54 6.79
C TYR A 366 -28.74 -35.01 5.80
N ALA A 367 -27.55 -35.61 5.83
CA ALA A 367 -26.49 -35.26 4.90
C ALA A 367 -25.70 -36.51 4.55
N VAL A 368 -25.01 -36.47 3.43
CA VAL A 368 -24.22 -37.60 2.96
C VAL A 368 -22.80 -37.13 2.64
N GLN A 369 -21.85 -38.05 2.73
CA GLN A 369 -20.46 -37.75 2.43
C GLN A 369 -19.81 -38.97 1.81
N TYR A 370 -18.91 -38.75 0.86
CA TYR A 370 -18.16 -39.85 0.27
C TYR A 370 -17.19 -40.44 1.29
N ALA A 371 -17.08 -41.77 1.29
CA ALA A 371 -16.18 -42.47 2.21
C ALA A 371 -14.84 -42.68 1.52
N SER A 372 -13.84 -41.90 1.91
CA SER A 372 -12.49 -42.01 1.37
C SER A 372 -11.52 -42.27 2.51
N GLU A 373 -10.64 -43.26 2.33
CA GLU A 373 -9.73 -43.66 3.39
C GLU A 373 -8.58 -42.68 3.58
N THR A 374 -8.11 -42.05 2.51
CA THR A 374 -6.94 -41.18 2.57
C THR A 374 -7.20 -39.75 2.12
N LEU A 375 -8.40 -39.43 1.67
CA LEU A 375 -8.71 -38.09 1.18
C LEU A 375 -9.91 -37.51 1.92
N PHE A 376 -9.86 -36.21 2.15
CA PHE A 376 -10.98 -35.52 2.76
C PHE A 376 -12.13 -35.40 1.77
N SER A 377 -13.37 -35.52 2.27
CA SER A 377 -14.55 -35.50 1.43
C SER A 377 -15.54 -34.46 1.94
N LYS A 378 -16.19 -33.77 1.01
CA LYS A 378 -17.18 -32.76 1.35
C LYS A 378 -18.47 -33.41 1.85
N ILE A 379 -19.08 -32.79 2.85
CA ILE A 379 -20.40 -33.19 3.33
C ILE A 379 -21.46 -32.38 2.59
N SER A 380 -22.46 -33.07 2.07
CA SER A 380 -23.47 -32.43 1.23
C SER A 380 -24.35 -31.50 2.07
N HIS A 381 -25.12 -30.68 1.37
CA HIS A 381 -26.06 -29.78 2.03
C HIS A 381 -27.15 -30.57 2.73
N TRP A 382 -27.56 -30.08 3.90
CA TRP A 382 -28.59 -30.75 4.66
C TRP A 382 -29.94 -30.67 3.94
N SER A 383 -30.75 -31.70 4.12
CA SER A 383 -32.07 -31.74 3.51
C SER A 383 -33.01 -30.78 4.24
N ASP A 384 -34.22 -30.66 3.72
CA ASP A 384 -35.20 -29.76 4.31
C ASP A 384 -35.67 -30.30 5.67
N PRO A 385 -36.09 -29.42 6.57
CA PRO A 385 -36.63 -29.88 7.86
C PRO A 385 -37.78 -30.85 7.66
N VAL A 386 -37.81 -31.89 8.50
CA VAL A 386 -38.86 -32.89 8.47
C VAL A 386 -39.46 -32.98 9.87
N SER A 387 -40.75 -32.69 9.98
CA SER A 387 -41.46 -32.78 11.25
C SER A 387 -41.84 -34.22 11.54
N VAL A 388 -41.68 -34.63 12.80
CA VAL A 388 -42.00 -35.98 13.25
C VAL A 388 -43.21 -35.92 14.16
N ARG A 389 -44.19 -36.78 13.89
CA ARG A 389 -45.42 -36.85 14.68
C ARG A 389 -45.83 -38.31 14.78
N GLU A 390 -45.75 -38.87 16.00
CA GLU A 390 -46.17 -40.22 16.35
C GLU A 390 -45.32 -41.31 15.67
N LYS A 391 -44.31 -40.94 14.89
CA LYS A 391 -43.44 -41.89 14.23
C LYS A 391 -41.99 -41.49 14.48
N ALA A 392 -41.11 -42.48 14.64
CA ALA A 392 -39.73 -42.21 14.98
C ALA A 392 -38.71 -43.06 14.21
N CYS A 393 -39.13 -43.90 13.28
CA CYS A 393 -38.22 -44.73 12.49
C CYS A 393 -38.51 -44.51 11.01
N PRO A 394 -37.81 -43.59 10.36
CA PRO A 394 -38.07 -43.34 8.94
C PRO A 394 -37.29 -44.27 8.02
N THR A 395 -37.95 -44.74 6.97
CA THR A 395 -37.30 -45.56 5.95
C THR A 395 -36.86 -44.65 4.80
N LEU A 396 -35.58 -44.31 4.77
CA LEU A 396 -35.03 -43.40 3.77
C LEU A 396 -34.41 -44.19 2.63
N ARG A 397 -34.63 -43.70 1.40
CA ARG A 397 -34.28 -44.42 0.18
C ARG A 397 -33.39 -43.53 -0.68
N MET A 398 -32.26 -44.10 -1.13
CA MET A 398 -31.24 -43.37 -1.85
C MET A 398 -31.11 -43.86 -3.28
N PRO A 399 -30.69 -43.00 -4.20
CA PRO A 399 -30.34 -43.46 -5.55
C PRO A 399 -29.00 -44.17 -5.58
N VAL A 400 -28.79 -44.94 -6.64
CA VAL A 400 -27.56 -45.72 -6.79
C VAL A 400 -26.44 -44.79 -7.23
N ASP A 401 -25.30 -44.87 -6.56
CA ASP A 401 -24.17 -44.01 -6.88
C ASP A 401 -23.59 -44.37 -8.25
N GLN A 402 -23.19 -43.35 -9.00
CA GLN A 402 -22.62 -43.57 -10.32
C GLN A 402 -21.20 -44.11 -10.24
N THR A 403 -20.38 -43.57 -9.33
CA THR A 403 -18.98 -43.95 -9.21
C THR A 403 -18.78 -45.20 -8.36
N ARG A 404 -19.85 -45.69 -7.73
CA ARG A 404 -19.83 -46.92 -6.93
C ARG A 404 -18.87 -46.78 -5.73
N ARG A 405 -19.18 -45.82 -4.87
CA ARG A 405 -18.48 -45.65 -3.61
C ARG A 405 -19.47 -45.75 -2.45
N ASN A 406 -19.00 -46.30 -1.33
CA ASN A 406 -19.77 -46.27 -0.10
C ASN A 406 -19.90 -44.84 0.40
N VAL A 407 -21.03 -44.53 1.04
CA VAL A 407 -21.26 -43.19 1.55
C VAL A 407 -21.62 -43.25 3.03
N LEU A 408 -21.35 -42.16 3.73
CA LEU A 408 -21.65 -42.02 5.15
C LEU A 408 -22.81 -41.05 5.33
N VAL A 409 -23.75 -41.41 6.19
CA VAL A 409 -24.95 -40.62 6.43
C VAL A 409 -24.85 -39.97 7.80
N PHE A 410 -25.12 -38.68 7.86
CA PHE A 410 -25.13 -37.91 9.10
C PHE A 410 -26.54 -37.36 9.34
N ARG A 411 -26.97 -37.43 10.60
CA ARG A 411 -28.29 -36.98 11.01
C ARG A 411 -28.17 -35.92 12.08
N LYS A 412 -28.98 -34.87 11.96
CA LYS A 412 -28.97 -33.75 12.91
C LYS A 412 -30.38 -33.45 13.37
N PHE A 413 -30.56 -33.33 14.68
CA PHE A 413 -31.83 -32.93 15.27
C PHE A 413 -31.76 -31.45 15.64
N ASP A 414 -32.60 -30.64 14.99
CA ASP A 414 -32.64 -29.20 15.23
C ASP A 414 -31.26 -28.57 15.07
N SER A 415 -30.73 -27.99 16.15
CA SER A 415 -29.41 -27.39 16.15
C SER A 415 -28.42 -28.15 17.03
N SER A 416 -28.71 -29.40 17.35
CA SER A 416 -27.85 -30.19 18.20
C SER A 416 -26.61 -30.65 17.43
N LYS A 417 -25.76 -31.41 18.11
CA LYS A 417 -24.54 -31.89 17.48
C LYS A 417 -24.86 -33.02 16.51
N PRO A 418 -24.43 -32.93 15.25
CA PRO A 418 -24.70 -34.01 14.30
C PRO A 418 -23.95 -35.27 14.66
N GLN A 419 -24.53 -36.42 14.29
CA GLN A 419 -23.94 -37.71 14.56
C GLN A 419 -24.13 -38.62 13.35
N LEU A 420 -23.08 -39.35 13.00
CA LEU A 420 -23.16 -40.32 11.91
C LEU A 420 -24.10 -41.46 12.29
N VAL A 421 -24.91 -41.89 11.33
CA VAL A 421 -25.90 -42.92 11.59
C VAL A 421 -25.62 -44.23 10.85
N GLY A 422 -24.93 -44.20 9.74
CA GLY A 422 -24.65 -45.44 9.04
C GLY A 422 -23.88 -45.23 7.75
N GLU A 423 -23.61 -46.35 7.09
CA GLU A 423 -22.91 -46.40 5.82
C GLU A 423 -23.78 -47.12 4.80
N ILE A 424 -23.72 -46.63 3.55
CA ILE A 424 -24.52 -47.16 2.46
C ILE A 424 -23.57 -47.70 1.38
N THR A 425 -23.79 -48.95 0.99
CA THR A 425 -23.06 -49.56 -0.11
C THR A 425 -23.55 -48.99 -1.44
N PRO A 426 -22.76 -49.12 -2.51
CA PRO A 426 -23.21 -48.58 -3.80
C PRO A 426 -24.49 -49.19 -4.31
N TYR A 427 -24.77 -50.46 -3.99
CA TYR A 427 -25.94 -51.15 -4.52
C TYR A 427 -27.00 -51.39 -3.45
N LEU A 428 -27.12 -50.47 -2.49
CA LEU A 428 -28.16 -50.51 -1.48
C LEU A 428 -29.18 -49.41 -1.78
N SER A 429 -30.44 -49.80 -1.95
CA SER A 429 -31.49 -48.86 -2.32
C SER A 429 -32.21 -48.30 -1.09
N ASN A 430 -32.82 -49.17 -0.29
CA ASN A 430 -33.52 -48.75 0.90
C ASN A 430 -32.60 -48.82 2.13
N PHE A 431 -32.92 -48.01 3.13
CA PHE A 431 -32.13 -47.97 4.36
C PHE A 431 -33.04 -47.51 5.50
N ILE A 432 -33.44 -48.45 6.35
CA ILE A 432 -34.19 -48.10 7.55
C ILE A 432 -33.30 -47.31 8.49
N ASP A 433 -33.83 -46.24 9.06
CA ASP A 433 -33.08 -45.41 10.00
C ASP A 433 -33.45 -45.90 11.41
N ILE A 434 -32.90 -47.06 11.75
CA ILE A 434 -33.04 -47.60 13.10
C ILE A 434 -31.69 -47.78 13.79
N ASP A 435 -30.59 -47.83 13.06
CA ASP A 435 -29.28 -47.88 13.68
C ASP A 435 -28.93 -46.53 14.31
N ARG A 436 -27.96 -46.58 15.23
CA ARG A 436 -27.50 -45.47 16.06
C ARG A 436 -28.54 -45.13 17.13
N ASP A 437 -29.76 -45.64 16.97
CA ASP A 437 -30.75 -45.53 18.05
C ASP A 437 -30.42 -46.54 19.15
N LEU A 438 -30.04 -47.75 18.75
CA LEU A 438 -29.56 -48.74 19.72
C LEU A 438 -28.30 -48.24 20.41
N TYR A 439 -27.41 -47.59 19.65
CA TYR A 439 -26.18 -47.05 20.24
C TYR A 439 -26.49 -45.95 21.24
N ASN A 440 -27.41 -45.05 20.90
CA ASN A 440 -27.79 -43.99 21.84
C ASN A 440 -28.46 -44.56 23.08
N ALA A 441 -29.31 -45.58 22.91
CA ALA A 441 -29.95 -46.21 24.06
C ALA A 441 -28.93 -46.89 24.95
N ALA A 442 -27.93 -47.53 24.36
CA ALA A 442 -26.87 -48.16 25.14
C ALA A 442 -26.04 -47.11 25.87
N SER A 443 -25.76 -45.98 25.23
CA SER A 443 -24.96 -44.92 25.80
C SER A 443 -25.80 -43.94 26.63
N ASN A 444 -27.01 -44.32 27.01
CA ASN A 444 -27.86 -43.46 27.82
C ASN A 444 -27.36 -43.43 29.26
N PRO A 445 -27.08 -42.27 29.84
CA PRO A 445 -26.63 -42.24 31.24
C PRO A 445 -27.64 -42.85 32.20
N ASP A 446 -28.94 -42.67 31.93
CA ASP A 446 -29.96 -43.33 32.73
C ASP A 446 -30.07 -44.79 32.33
N SER A 447 -30.32 -45.65 33.32
CA SER A 447 -30.32 -47.10 33.08
C SER A 447 -31.69 -47.63 32.69
N ALA A 448 -32.75 -47.19 33.37
CA ALA A 448 -34.08 -47.77 33.15
C ALA A 448 -34.59 -47.45 31.75
N VAL A 449 -34.54 -46.17 31.37
CA VAL A 449 -35.06 -45.78 30.05
C VAL A 449 -34.19 -46.36 28.94
N GLY A 450 -32.87 -46.40 29.15
CA GLY A 450 -31.99 -47.03 28.18
C GLY A 450 -32.32 -48.49 27.97
N PHE A 451 -32.57 -49.21 29.07
CA PHE A 451 -32.95 -50.62 28.95
C PHE A 451 -34.29 -50.77 28.24
N LYS A 452 -35.24 -49.87 28.52
CA LYS A 452 -36.54 -49.95 27.86
C LYS A 452 -36.42 -49.76 26.35
N GLU A 453 -35.67 -48.74 25.93
CA GLU A 453 -35.46 -48.54 24.50
C GLU A 453 -34.68 -49.69 23.87
N PHE A 454 -33.71 -50.25 24.62
CA PHE A 454 -32.96 -51.40 24.12
C PHE A 454 -33.89 -52.57 23.85
N THR A 455 -34.77 -52.88 24.82
CA THR A 455 -35.71 -53.97 24.65
C THR A 455 -36.68 -53.71 23.51
N LYS A 456 -37.19 -52.48 23.40
CA LYS A 456 -38.12 -52.15 22.32
C LYS A 456 -37.46 -52.30 20.96
N LEU A 457 -36.21 -51.84 20.82
CA LEU A 457 -35.54 -51.93 19.53
C LEU A 457 -35.18 -53.37 19.20
N ASN A 458 -34.81 -54.17 20.20
CA ASN A 458 -34.56 -55.59 19.95
C ASN A 458 -35.82 -56.30 19.50
N TYR A 459 -36.97 -55.97 20.13
CA TYR A 459 -38.23 -56.57 19.71
C TYR A 459 -38.60 -56.14 18.30
N ASP A 460 -38.37 -54.87 17.96
CA ASP A 460 -38.73 -54.35 16.65
C ASP A 460 -37.71 -54.70 15.57
N GLY A 461 -36.52 -55.14 15.94
CA GLY A 461 -35.52 -55.57 14.96
C GLY A 461 -34.44 -54.54 14.70
N ALA A 462 -33.26 -54.76 15.29
CA ALA A 462 -32.12 -53.87 15.08
C ALA A 462 -30.85 -54.69 15.07
N ASN A 463 -29.92 -54.32 14.20
CA ASN A 463 -28.66 -55.05 14.09
C ASN A 463 -27.73 -54.73 15.25
N ILE A 464 -26.73 -55.59 15.43
CA ILE A 464 -25.77 -55.48 16.52
C ILE A 464 -24.35 -55.24 16.02
N ARG A 465 -23.97 -55.92 14.94
CA ARG A 465 -22.59 -55.86 14.44
C ARG A 465 -22.26 -54.53 13.77
N ALA A 466 -23.23 -53.65 13.57
CA ALA A 466 -22.98 -52.40 12.87
C ALA A 466 -22.03 -51.52 13.66
N THR A 467 -21.15 -50.82 12.94
CA THR A 467 -20.20 -49.88 13.51
C THR A 467 -20.50 -48.48 13.00
N PHE A 468 -20.32 -47.49 13.87
CA PHE A 468 -20.71 -46.11 13.56
C PHE A 468 -19.52 -45.18 13.46
N ASP A 469 -18.70 -45.08 14.50
CA ASP A 469 -17.58 -44.15 14.53
C ASP A 469 -16.37 -44.84 15.13
N HIS A 470 -15.28 -44.88 14.38
CA HIS A 470 -14.02 -45.48 14.82
C HIS A 470 -14.22 -46.94 15.24
N GLY A 471 -15.10 -47.64 14.52
CA GLY A 471 -15.35 -49.05 14.82
C GLY A 471 -16.06 -49.30 16.12
N ARG A 472 -16.76 -48.31 16.67
CA ARG A 472 -17.48 -48.49 17.91
C ARG A 472 -18.67 -49.42 17.70
N THR A 473 -18.98 -50.20 18.74
CA THR A 473 -20.07 -51.15 18.70
C THR A 473 -21.02 -50.88 19.87
N VAL A 474 -22.10 -51.66 19.93
CA VAL A 474 -23.07 -51.50 21.02
C VAL A 474 -22.43 -51.88 22.35
N PHE A 475 -21.54 -52.88 22.34
CA PHE A 475 -20.82 -53.25 23.56
C PHE A 475 -19.96 -52.11 24.05
N HIS A 476 -19.29 -51.40 23.13
CA HIS A 476 -18.47 -50.26 23.52
C HIS A 476 -19.31 -49.17 24.17
N ALA A 477 -20.47 -48.87 23.60
CA ALA A 477 -21.36 -47.86 24.17
C ALA A 477 -21.88 -48.30 25.54
N ALA A 478 -22.23 -49.58 25.67
CA ALA A 478 -22.70 -50.07 26.96
C ALA A 478 -21.62 -49.99 28.02
N ALA A 479 -20.38 -50.28 27.64
CA ALA A 479 -19.27 -50.16 28.59
C ALA A 479 -19.01 -48.70 28.95
N LYS A 480 -19.13 -47.80 27.98
CA LYS A 480 -18.98 -46.38 28.26
C LYS A 480 -20.04 -45.89 29.24
N SER A 481 -21.29 -46.29 29.03
CA SER A 481 -22.37 -45.87 29.93
C SER A 481 -22.36 -46.63 31.25
N GLY A 482 -21.92 -47.89 31.23
CA GLY A 482 -21.93 -48.68 32.45
C GLY A 482 -23.24 -49.33 32.78
N ASN A 483 -24.15 -49.46 31.82
CA ASN A 483 -25.43 -50.12 32.07
C ASN A 483 -25.21 -51.62 32.23
N ASP A 484 -25.36 -52.11 33.45
CA ASP A 484 -25.09 -53.52 33.73
C ASP A 484 -26.19 -54.44 33.21
N LYS A 485 -27.45 -53.98 33.22
CA LYS A 485 -28.54 -54.84 32.79
C LYS A 485 -28.46 -55.13 31.30
N ILE A 486 -28.28 -54.09 30.49
CA ILE A 486 -28.17 -54.31 29.04
C ILE A 486 -26.89 -55.07 28.72
N MET A 487 -25.82 -54.84 29.47
CA MET A 487 -24.60 -55.63 29.29
C MET A 487 -24.86 -57.10 29.62
N PHE A 488 -25.60 -57.36 30.70
CA PHE A 488 -25.95 -58.73 31.06
C PHE A 488 -26.75 -59.38 29.95
N GLY A 489 -27.69 -58.64 29.35
CA GLY A 489 -28.44 -59.18 28.22
C GLY A 489 -27.55 -59.44 27.01
N LEU A 490 -26.56 -58.57 26.79
CA LEU A 490 -25.66 -58.74 25.64
C LEU A 490 -24.74 -59.93 25.80
N THR A 491 -24.30 -60.25 27.02
CA THR A 491 -23.43 -61.42 27.20
C THR A 491 -24.13 -62.72 26.86
N PHE A 492 -25.47 -62.72 26.77
CA PHE A 492 -26.22 -63.90 26.41
C PHE A 492 -26.56 -63.88 24.92
N LEU A 493 -26.55 -65.06 24.30
CA LEU A 493 -26.86 -65.23 22.88
C LEU A 493 -25.93 -64.38 22.01
N ALA A 494 -24.65 -64.34 22.38
CA ALA A 494 -23.64 -63.60 21.63
C ALA A 494 -22.39 -64.44 21.47
N LYS A 495 -21.66 -64.19 20.39
CA LYS A 495 -20.44 -64.93 20.12
C LYS A 495 -19.32 -64.47 21.05
N SER A 496 -18.36 -65.37 21.26
CA SER A 496 -17.22 -65.05 22.13
C SER A 496 -16.36 -63.94 21.54
N THR A 497 -16.16 -63.95 20.22
CA THR A 497 -15.34 -62.93 19.58
C THR A 497 -15.98 -61.55 19.62
N GLU A 498 -17.30 -61.47 19.84
CA GLU A 498 -17.96 -60.17 19.92
C GLU A 498 -17.67 -59.47 21.24
N LEU A 499 -17.52 -60.25 22.32
CA LEU A 499 -17.27 -59.66 23.64
C LEU A 499 -15.90 -59.01 23.73
N ASN A 500 -14.97 -59.34 22.84
CA ASN A 500 -13.63 -58.78 22.85
C ASN A 500 -13.21 -58.26 21.48
N GLN A 501 -14.18 -57.89 20.66
CA GLN A 501 -13.87 -57.38 19.33
C GLN A 501 -13.25 -55.98 19.44
N PRO A 502 -12.08 -55.75 18.84
CA PRO A 502 -11.45 -54.43 18.91
C PRO A 502 -12.11 -53.45 17.96
N ASP A 503 -11.60 -52.23 17.95
CA ASP A 503 -12.07 -51.16 17.09
C ASP A 503 -10.95 -50.70 16.16
N LYS A 504 -11.21 -49.60 15.44
CA LYS A 504 -10.20 -49.07 14.54
C LYS A 504 -8.95 -48.62 15.28
N LYS A 505 -9.13 -48.01 16.46
CA LYS A 505 -7.99 -47.56 17.26
C LYS A 505 -7.41 -48.64 18.14
N GLY A 506 -7.97 -49.85 18.11
CA GLY A 506 -7.49 -50.94 18.94
C GLY A 506 -8.18 -51.09 20.28
N TYR A 507 -9.07 -50.17 20.62
CA TYR A 507 -9.79 -50.28 21.88
C TYR A 507 -10.79 -51.43 21.83
N THR A 508 -10.90 -52.14 22.95
CA THR A 508 -11.76 -53.31 23.09
C THR A 508 -12.71 -53.02 24.26
N PRO A 509 -13.82 -53.76 24.42
CA PRO A 509 -14.73 -53.44 25.54
C PRO A 509 -14.08 -53.41 26.91
N ILE A 510 -13.10 -54.27 27.19
CA ILE A 510 -12.43 -54.19 28.48
C ILE A 510 -11.60 -52.90 28.59
N HIS A 511 -11.02 -52.45 27.47
CA HIS A 511 -10.27 -51.20 27.46
C HIS A 511 -11.15 -50.02 27.84
N VAL A 512 -12.28 -49.87 27.15
CA VAL A 512 -13.16 -48.74 27.43
C VAL A 512 -13.83 -48.91 28.79
N ALA A 513 -14.07 -50.15 29.22
CA ALA A 513 -14.62 -50.37 30.56
C ALA A 513 -13.66 -49.90 31.63
N ALA A 514 -12.36 -50.19 31.47
CA ALA A 514 -11.37 -49.72 32.43
C ALA A 514 -11.20 -48.22 32.35
N ASP A 515 -11.21 -47.65 31.14
CA ASP A 515 -11.03 -46.22 30.98
C ASP A 515 -12.17 -45.44 31.62
N SER A 516 -13.41 -45.88 31.41
CA SER A 516 -14.55 -45.19 32.01
C SER A 516 -14.54 -45.33 33.53
N GLY A 517 -14.37 -46.54 34.03
CA GLY A 517 -14.26 -46.75 35.46
C GLY A 517 -15.50 -47.30 36.12
N ASN A 518 -16.18 -48.25 35.47
CA ASN A 518 -17.34 -48.92 36.04
C ASN A 518 -16.92 -50.31 36.51
N ALA A 519 -17.14 -50.58 37.79
CA ALA A 519 -16.70 -51.86 38.37
C ALA A 519 -17.63 -53.01 37.98
N GLY A 520 -18.93 -52.75 37.88
CA GLY A 520 -19.86 -53.83 37.61
C GLY A 520 -19.66 -54.48 36.25
N ILE A 521 -19.48 -53.66 35.21
CA ILE A 521 -19.28 -54.20 33.87
C ILE A 521 -17.95 -54.93 33.77
N VAL A 522 -16.91 -54.40 34.45
CA VAL A 522 -15.63 -55.08 34.47
C VAL A 522 -15.75 -56.44 35.15
N ASN A 523 -16.47 -56.50 36.28
CA ASN A 523 -16.67 -57.77 36.96
C ASN A 523 -17.44 -58.75 36.09
N LEU A 524 -18.46 -58.26 35.38
CA LEU A 524 -19.22 -59.13 34.48
C LEU A 524 -18.34 -59.67 33.36
N LEU A 525 -17.48 -58.83 32.79
CA LEU A 525 -16.58 -59.28 31.74
C LEU A 525 -15.57 -60.30 32.28
N ILE A 526 -15.10 -60.09 33.51
CA ILE A 526 -14.20 -61.07 34.13
C ILE A 526 -14.90 -62.41 34.29
N GLN A 527 -16.15 -62.37 34.77
CA GLN A 527 -16.92 -63.61 34.93
C GLN A 527 -17.17 -64.29 33.59
N ARG A 528 -17.33 -63.50 32.52
CA ARG A 528 -17.54 -64.07 31.19
C ARG A 528 -16.26 -64.62 30.59
N GLY A 529 -15.10 -64.18 31.05
CA GLY A 529 -13.84 -64.69 30.55
C GLY A 529 -13.32 -63.95 29.33
N VAL A 530 -13.12 -62.64 29.47
CA VAL A 530 -12.60 -61.82 28.38
C VAL A 530 -11.09 -61.73 28.53
N SER A 531 -10.39 -61.52 27.41
CA SER A 531 -8.95 -61.39 27.43
C SER A 531 -8.55 -60.11 28.17
N ILE A 532 -7.51 -60.21 28.99
CA ILE A 532 -7.05 -59.09 29.80
C ILE A 532 -5.81 -58.47 29.16
N ASN A 533 -5.09 -59.26 28.37
CA ASN A 533 -3.85 -58.82 27.75
C ASN A 533 -4.06 -58.17 26.39
N SER A 534 -5.32 -57.92 26.00
CA SER A 534 -5.58 -57.21 24.76
C SER A 534 -4.93 -55.83 24.81
N LYS A 535 -4.27 -55.46 23.72
CA LYS A 535 -3.39 -54.29 23.72
C LYS A 535 -3.75 -53.35 22.57
N THR A 536 -3.67 -52.06 22.86
CA THR A 536 -4.06 -51.02 21.91
C THR A 536 -3.02 -50.86 20.81
N TYR A 537 -3.50 -50.59 19.60
CA TYR A 537 -2.62 -50.38 18.46
C TYR A 537 -1.80 -49.10 18.64
N HIS A 538 -0.70 -49.02 17.88
CA HIS A 538 0.20 -47.87 17.87
C HIS A 538 0.77 -47.65 19.27
N PHE A 539 0.10 -46.84 20.09
CA PHE A 539 0.45 -46.75 21.51
C PHE A 539 0.01 -48.05 22.18
N LEU A 540 0.96 -48.98 22.34
CA LEU A 540 0.68 -50.23 23.02
C LEU A 540 0.28 -49.97 24.47
N GLN A 541 -0.98 -50.24 24.81
CA GLN A 541 -1.49 -49.98 26.15
C GLN A 541 -2.53 -51.02 26.51
N THR A 542 -2.44 -51.53 27.74
CA THR A 542 -3.41 -52.48 28.28
C THR A 542 -4.38 -51.76 29.19
N PRO A 543 -5.45 -52.44 29.64
CA PRO A 543 -6.37 -51.78 30.59
C PRO A 543 -5.71 -51.32 31.86
N LEU A 544 -4.63 -51.99 32.30
CA LEU A 544 -3.96 -51.59 33.53
C LEU A 544 -3.39 -50.18 33.42
N HIS A 545 -2.76 -49.86 32.28
CA HIS A 545 -2.21 -48.52 32.10
C HIS A 545 -3.31 -47.47 32.09
N LEU A 546 -4.42 -47.76 31.41
CA LEU A 546 -5.54 -46.81 31.38
C LEU A 546 -6.11 -46.58 32.78
N ALA A 547 -6.26 -47.66 33.56
CA ALA A 547 -6.76 -47.51 34.92
C ALA A 547 -5.77 -46.73 35.79
N ALA A 548 -4.48 -46.97 35.61
CA ALA A 548 -3.47 -46.25 36.39
C ALA A 548 -3.49 -44.77 36.08
N GLN A 549 -3.55 -44.41 34.79
CA GLN A 549 -3.60 -43.01 34.41
C GLN A 549 -4.89 -42.36 34.90
N ARG A 550 -6.02 -43.05 34.75
CA ARG A 550 -7.30 -42.50 35.21
C ARG A 550 -7.34 -42.42 36.73
N GLY A 551 -6.89 -43.46 37.41
CA GLY A 551 -6.75 -43.42 38.86
C GLY A 551 -7.96 -43.82 39.66
N PHE A 552 -8.61 -44.93 39.29
CA PHE A 552 -9.67 -45.51 40.12
C PHE A 552 -9.13 -46.76 40.79
N VAL A 553 -9.18 -46.77 42.12
CA VAL A 553 -8.69 -47.92 42.87
C VAL A 553 -9.62 -49.11 42.70
N THR A 554 -10.94 -48.88 42.76
CA THR A 554 -11.90 -49.98 42.75
C THR A 554 -11.80 -50.79 41.45
N THR A 555 -11.67 -50.11 40.31
CA THR A 555 -11.51 -50.81 39.05
C THR A 555 -10.22 -51.64 39.03
N PHE A 556 -9.14 -51.07 39.56
CA PHE A 556 -7.88 -51.82 39.62
C PHE A 556 -8.00 -53.03 40.54
N GLN A 557 -8.67 -52.88 41.68
CA GLN A 557 -8.86 -54.01 42.57
C GLN A 557 -9.69 -55.10 41.91
N ARG A 558 -10.74 -54.72 41.19
CA ARG A 558 -11.54 -55.71 40.47
C ARG A 558 -10.73 -56.39 39.38
N LEU A 559 -9.84 -55.64 38.72
CA LEU A 559 -8.96 -56.23 37.72
C LEU A 559 -8.01 -57.25 38.35
N MET A 560 -7.44 -56.91 39.51
CA MET A 560 -6.57 -57.84 40.20
C MET A 560 -7.33 -59.03 40.78
N GLU A 561 -8.65 -58.91 40.95
CA GLU A 561 -9.45 -60.05 41.37
C GLU A 561 -9.51 -61.15 40.32
N SER A 562 -9.08 -60.86 39.08
CA SER A 562 -9.06 -61.76 37.94
C SER A 562 -7.73 -62.49 37.83
N PRO A 563 -7.74 -63.79 37.53
CA PRO A 563 -6.48 -64.50 37.30
C PRO A 563 -5.96 -64.33 35.89
N GLU A 564 -4.89 -65.07 35.55
CA GLU A 564 -4.08 -64.88 34.34
C GLU A 564 -3.93 -63.41 33.95
N ILE A 565 -3.41 -62.60 34.87
CA ILE A 565 -3.12 -61.21 34.59
C ILE A 565 -1.63 -60.97 34.78
N ASN A 566 -1.13 -59.91 34.13
CA ASN A 566 0.26 -59.52 34.21
C ASN A 566 0.37 -58.17 34.91
N ILE A 567 1.23 -58.09 35.92
CA ILE A 567 1.37 -56.85 36.68
C ILE A 567 2.01 -55.76 35.82
N ASN A 568 2.88 -56.13 34.89
CA ASN A 568 3.51 -55.17 34.00
C ASN A 568 3.48 -55.66 32.57
N GLU A 569 3.53 -54.72 31.63
CA GLU A 569 3.53 -55.03 30.21
C GLU A 569 4.41 -54.01 29.49
N ARG A 570 4.90 -54.39 28.32
CA ARG A 570 5.74 -53.50 27.53
C ARG A 570 4.87 -52.53 26.74
N ASP A 571 5.15 -51.23 26.88
CA ASP A 571 4.44 -50.21 26.14
C ASP A 571 5.17 -49.93 24.83
N LYS A 572 4.78 -48.85 24.14
CA LYS A 572 5.51 -48.44 22.95
C LYS A 572 6.94 -48.05 23.30
N ASP A 573 7.12 -47.31 24.40
CA ASP A 573 8.43 -46.97 24.91
C ASP A 573 8.87 -47.86 26.07
N GLY A 574 8.09 -48.89 26.39
CA GLY A 574 8.44 -49.82 27.45
C GLY A 574 8.02 -49.41 28.84
N PHE A 575 7.11 -48.45 28.98
CA PHE A 575 6.69 -47.98 30.30
C PHE A 575 5.80 -49.01 30.97
N THR A 576 6.09 -49.31 32.22
CA THR A 576 5.26 -50.18 33.04
C THR A 576 4.06 -49.42 33.56
N PRO A 577 3.00 -50.12 33.99
CA PRO A 577 1.86 -49.41 34.60
C PRO A 577 2.25 -48.57 35.81
N LEU A 578 3.24 -49.01 36.58
CA LEU A 578 3.69 -48.22 37.73
C LEU A 578 4.17 -46.84 37.29
N HIS A 579 4.82 -46.76 36.13
CA HIS A 579 5.23 -45.46 35.60
C HIS A 579 4.05 -44.53 35.42
N TYR A 580 2.90 -45.08 35.00
CA TYR A 580 1.69 -44.29 34.87
C TYR A 580 1.03 -44.02 36.21
N ALA A 581 1.34 -44.83 37.23
CA ALA A 581 0.66 -44.70 38.52
C ALA A 581 0.93 -43.35 39.17
N ILE A 582 2.09 -42.74 38.90
CA ILE A 582 2.38 -41.43 39.48
C ILE A 582 1.38 -40.39 38.98
N ARG A 583 0.81 -40.60 37.80
CA ARG A 583 -0.23 -39.70 37.31
C ARG A 583 -1.54 -39.91 38.05
N GLY A 584 -1.81 -41.14 38.49
CA GLY A 584 -3.07 -41.42 39.15
C GLY A 584 -3.21 -40.72 40.50
N GLY A 585 -2.16 -40.75 41.30
CA GLY A 585 -2.15 -40.09 42.59
C GLY A 585 -1.71 -41.03 43.69
N GLU A 586 -1.98 -40.62 44.93
CA GLU A 586 -1.57 -41.41 46.09
C GLU A 586 -2.34 -42.71 46.19
N ARG A 587 -3.66 -42.66 45.96
CA ARG A 587 -4.50 -43.84 46.18
C ARG A 587 -4.15 -44.96 45.22
N ILE A 588 -3.90 -44.64 43.95
CA ILE A 588 -3.58 -45.68 42.98
C ILE A 588 -2.22 -46.29 43.28
N LEU A 589 -1.27 -45.48 43.76
CA LEU A 589 0.03 -46.04 44.13
C LEU A 589 -0.07 -46.93 45.36
N GLU A 590 -0.90 -46.55 46.33
CA GLU A 590 -1.12 -47.40 47.49
C GLU A 590 -1.76 -48.73 47.06
N ALA A 591 -2.75 -48.67 46.16
CA ALA A 591 -3.37 -49.89 45.66
C ALA A 591 -2.37 -50.75 44.90
N PHE A 592 -1.49 -50.12 44.12
CA PHE A 592 -0.47 -50.86 43.40
C PHE A 592 0.47 -51.58 44.36
N LEU A 593 1.03 -50.84 45.32
CA LEU A 593 2.04 -51.41 46.20
C LEU A 593 1.44 -52.34 47.24
N ASN A 594 0.12 -52.31 47.42
CA ASN A 594 -0.51 -53.29 48.32
C ASN A 594 -0.42 -54.70 47.76
N GLN A 595 -0.34 -54.84 46.43
CA GLN A 595 -0.24 -56.15 45.82
C GLN A 595 1.10 -56.82 46.17
N ILE A 596 1.05 -58.15 46.29
CA ILE A 596 2.23 -58.89 46.72
C ILE A 596 3.31 -58.90 45.65
N SER A 597 2.93 -59.05 44.38
CA SER A 597 3.87 -59.21 43.28
C SER A 597 3.98 -57.88 42.53
N ILE A 598 4.93 -57.05 42.95
CA ILE A 598 5.16 -55.73 42.34
C ILE A 598 6.64 -55.62 42.00
N ASP A 599 6.93 -55.19 40.78
CA ASP A 599 8.30 -54.93 40.34
C ASP A 599 8.52 -53.42 40.38
N VAL A 600 8.89 -52.95 41.58
CA VAL A 600 9.08 -51.51 41.78
C VAL A 600 10.29 -51.01 40.99
N ASN A 601 11.36 -51.81 40.93
CA ASN A 601 12.58 -51.42 40.25
C ASN A 601 12.55 -51.71 38.76
N ALA A 602 11.36 -51.87 38.17
CA ALA A 602 11.26 -52.12 36.74
C ALA A 602 11.74 -50.90 35.95
N LYS A 603 12.40 -51.17 34.83
CA LYS A 603 12.96 -50.13 33.97
C LYS A 603 12.37 -50.23 32.58
N SER A 604 12.24 -49.08 31.92
CA SER A 604 11.70 -49.01 30.57
C SER A 604 12.84 -49.09 29.56
N ASN A 605 12.52 -48.90 28.28
CA ASN A 605 13.55 -48.88 27.25
C ASN A 605 14.50 -47.70 27.44
N THR A 606 14.00 -46.60 27.96
CA THR A 606 14.83 -45.45 28.31
C THR A 606 15.62 -45.70 29.60
N GLY A 607 15.27 -46.73 30.36
CA GLY A 607 16.01 -47.07 31.56
C GLY A 607 15.66 -46.25 32.77
N LEU A 608 14.66 -45.39 32.69
CA LEU A 608 14.23 -44.59 33.82
C LEU A 608 13.44 -45.44 34.80
N THR A 609 13.81 -45.37 36.07
CA THR A 609 13.02 -45.98 37.12
C THR A 609 11.78 -45.14 37.37
N PRO A 610 10.72 -45.72 37.96
CA PRO A 610 9.56 -44.89 38.32
C PRO A 610 9.90 -43.71 39.20
N PHE A 611 10.90 -43.85 40.08
CA PHE A 611 11.34 -42.73 40.90
C PHE A 611 11.84 -41.57 40.06
N HIS A 612 12.50 -41.88 38.93
CA HIS A 612 13.06 -40.83 38.08
C HIS A 612 11.97 -39.89 37.58
N LEU A 613 11.02 -40.40 36.80
CA LEU A 613 9.97 -39.53 36.29
C LEU A 613 9.01 -39.08 37.38
N ALA A 614 8.94 -39.79 38.50
CA ALA A 614 8.19 -39.29 39.65
C ALA A 614 8.79 -37.98 40.16
N ILE A 615 10.12 -37.93 40.26
CA ILE A 615 10.80 -36.69 40.64
C ILE A 615 10.67 -35.65 39.52
N ILE A 616 10.72 -36.09 38.26
CA ILE A 616 10.61 -35.17 37.14
C ILE A 616 9.27 -34.45 37.17
N LYS A 617 8.18 -35.18 37.46
CA LYS A 617 6.87 -34.56 37.56
C LYS A 617 6.71 -33.67 38.77
N ASN A 618 7.68 -33.68 39.70
CA ASN A 618 7.71 -32.87 40.91
C ASN A 618 6.59 -33.22 41.89
N ASP A 619 5.99 -34.40 41.76
CA ASP A 619 4.95 -34.83 42.68
C ASP A 619 5.62 -35.57 43.83
N TRP A 620 5.91 -34.83 44.90
CA TRP A 620 6.63 -35.41 46.03
C TRP A 620 5.79 -36.32 46.94
N PRO A 621 4.49 -36.09 47.13
CA PRO A 621 3.73 -37.04 47.96
C PRO A 621 3.81 -38.47 47.48
N VAL A 622 3.59 -38.71 46.18
CA VAL A 622 3.66 -40.07 45.65
C VAL A 622 5.09 -40.60 45.71
N ALA A 623 6.08 -39.74 45.50
CA ALA A 623 7.47 -40.16 45.62
C ALA A 623 7.80 -40.61 47.03
N SER A 624 7.33 -39.87 48.03
CA SER A 624 7.54 -40.25 49.42
C SER A 624 6.84 -41.56 49.74
N THR A 625 5.62 -41.74 49.23
CA THR A 625 4.92 -43.00 49.46
C THR A 625 5.67 -44.18 48.86
N LEU A 626 6.17 -44.04 47.64
CA LEU A 626 6.89 -45.14 47.01
C LEU A 626 8.23 -45.40 47.69
N LEU A 627 8.90 -44.34 48.16
CA LEU A 627 10.13 -44.54 48.93
C LEU A 627 9.87 -45.27 50.23
N GLY A 628 8.80 -44.91 50.93
CA GLY A 628 8.51 -45.55 52.21
C GLY A 628 7.92 -46.94 52.05
N SER A 629 7.41 -47.26 50.86
CA SER A 629 6.78 -48.56 50.66
C SER A 629 7.78 -49.70 50.82
N LYS A 630 8.78 -49.77 49.94
CA LYS A 630 9.69 -50.91 49.94
C LYS A 630 11.00 -50.50 49.27
N LYS A 631 11.85 -51.47 48.91
CA LYS A 631 13.17 -51.21 48.35
C LYS A 631 13.07 -50.31 47.13
N VAL A 632 13.74 -49.16 47.19
CA VAL A 632 13.90 -48.26 46.05
C VAL A 632 15.39 -48.00 45.89
N ASP A 633 15.90 -48.17 44.67
CA ASP A 633 17.33 -48.00 44.43
C ASP A 633 17.77 -46.57 44.69
N ILE A 634 16.95 -45.60 44.30
CA ILE A 634 17.21 -44.17 44.50
C ILE A 634 18.44 -43.73 43.71
N ASN A 635 19.55 -44.47 43.86
CA ASN A 635 20.76 -44.23 43.10
C ASN A 635 20.76 -44.94 41.76
N ALA A 636 19.60 -45.44 41.32
CA ALA A 636 19.52 -46.13 40.04
C ALA A 636 19.87 -45.19 38.90
N VAL A 637 20.55 -45.72 37.89
CA VAL A 637 21.01 -44.97 36.75
C VAL A 637 20.49 -45.64 35.47
N ASP A 638 20.71 -44.96 34.34
CA ASP A 638 20.37 -45.46 33.02
C ASP A 638 21.54 -45.17 32.10
N GLU A 639 21.34 -45.32 30.79
CA GLU A 639 22.40 -44.97 29.85
C GLU A 639 22.69 -43.47 29.97
N ASN A 640 23.96 -43.12 29.83
CA ASN A 640 24.53 -41.80 30.09
C ASN A 640 24.60 -41.50 31.59
N ASN A 641 24.17 -42.42 32.45
CA ASN A 641 24.30 -42.30 33.90
C ASN A 641 23.62 -41.02 34.41
N ILE A 642 22.30 -40.97 34.24
CA ILE A 642 21.49 -39.84 34.67
C ILE A 642 20.69 -40.27 35.89
N THR A 643 20.83 -39.52 36.99
CA THR A 643 20.14 -39.79 38.24
C THR A 643 19.08 -38.72 38.47
N ALA A 644 18.35 -38.86 39.58
CA ALA A 644 17.33 -37.89 39.93
C ALA A 644 17.94 -36.51 40.21
N LEU A 645 19.06 -36.49 40.96
CA LEU A 645 19.71 -35.22 41.27
C LEU A 645 20.21 -34.53 40.00
N HIS A 646 20.80 -35.30 39.07
CA HIS A 646 21.35 -34.71 37.86
C HIS A 646 20.26 -34.05 37.01
N TYR A 647 19.17 -34.76 36.75
CA TYR A 647 18.13 -34.21 35.90
C TYR A 647 17.34 -33.13 36.63
N ALA A 648 17.25 -33.21 37.96
CA ALA A 648 16.66 -32.11 38.73
C ALA A 648 17.51 -30.86 38.62
N ALA A 649 18.84 -31.01 38.64
CA ALA A 649 19.73 -29.87 38.44
C ALA A 649 19.59 -29.29 37.04
N ILE A 650 19.43 -30.15 36.03
CA ILE A 650 19.07 -29.66 34.70
C ILE A 650 17.79 -28.82 34.76
N LEU A 651 16.77 -29.36 35.43
CA LEU A 651 15.51 -28.63 35.53
C LEU A 651 15.63 -27.44 36.47
N GLY A 652 16.26 -27.64 37.64
CA GLY A 652 16.56 -26.53 38.52
C GLY A 652 15.50 -26.20 39.55
N TYR A 653 15.08 -27.20 40.33
CA TYR A 653 14.16 -27.00 41.45
C TYR A 653 14.95 -27.17 42.75
N LEU A 654 14.91 -26.13 43.59
CA LEU A 654 15.73 -26.12 44.80
C LEU A 654 15.06 -26.87 45.94
N GLU A 655 13.75 -26.72 46.09
CA GLU A 655 13.03 -27.38 47.19
C GLU A 655 13.05 -28.89 47.02
N THR A 656 12.99 -29.37 45.78
CA THR A 656 13.10 -30.80 45.54
C THR A 656 14.45 -31.32 46.01
N THR A 657 15.52 -30.57 45.73
CA THR A 657 16.84 -30.95 46.22
C THR A 657 16.89 -30.96 47.74
N LYS A 658 16.34 -29.91 48.37
CA LYS A 658 16.17 -29.86 49.82
C LYS A 658 15.59 -31.16 50.34
N GLN A 659 14.40 -31.49 49.84
CA GLN A 659 13.64 -32.63 50.35
C GLN A 659 14.40 -33.93 50.14
N LEU A 660 14.97 -34.11 48.95
CA LEU A 660 15.65 -35.35 48.60
C LEU A 660 16.90 -35.56 49.44
N ILE A 661 17.70 -34.50 49.64
CA ILE A 661 18.95 -34.71 50.36
C ILE A 661 18.70 -34.75 51.86
N ASN A 662 17.63 -34.12 52.36
CA ASN A 662 17.38 -34.14 53.79
C ASN A 662 16.71 -35.44 54.23
N LEU A 663 15.62 -35.84 53.58
CA LEU A 663 14.87 -36.99 54.06
C LEU A 663 15.62 -38.30 53.85
N LYS A 664 16.16 -38.51 52.65
CA LYS A 664 16.83 -39.75 52.30
C LYS A 664 18.30 -39.50 52.01
N GLU A 665 19.15 -40.42 52.43
CA GLU A 665 20.56 -40.35 52.09
C GLU A 665 20.76 -40.61 50.60
N ILE A 666 21.75 -39.94 50.02
CA ILE A 666 21.99 -40.00 48.59
C ILE A 666 23.48 -40.10 48.34
N ASN A 667 23.84 -40.83 47.29
CA ASN A 667 25.23 -40.93 46.82
C ASN A 667 25.40 -39.95 45.66
N ALA A 668 25.54 -38.67 46.01
CA ALA A 668 25.63 -37.61 45.01
C ALA A 668 26.96 -37.62 44.25
N ASN A 669 27.94 -38.41 44.70
CA ASN A 669 29.24 -38.47 44.05
C ASN A 669 29.20 -39.15 42.69
N VAL A 670 28.09 -39.79 42.32
CA VAL A 670 27.99 -40.45 41.03
C VAL A 670 28.09 -39.42 39.91
N VAL A 671 28.72 -39.82 38.80
CA VAL A 671 28.94 -38.94 37.67
C VAL A 671 28.37 -39.58 36.41
N SER A 672 28.18 -38.75 35.39
CA SER A 672 27.63 -39.23 34.12
C SER A 672 28.68 -40.03 33.36
N SER A 673 28.20 -40.88 32.47
CA SER A 673 29.09 -41.69 31.63
C SER A 673 29.67 -40.89 30.46
N PRO A 674 28.93 -39.93 29.82
CA PRO A 674 29.54 -39.16 28.73
C PRO A 674 30.87 -38.50 29.10
N GLY A 675 30.86 -37.65 30.11
CA GLY A 675 32.04 -36.89 30.46
C GLY A 675 32.30 -36.73 31.94
N LEU A 676 31.82 -37.68 32.74
CA LEU A 676 32.00 -37.66 34.19
C LEU A 676 31.41 -36.40 34.82
N LEU A 677 30.31 -35.91 34.28
CA LEU A 677 29.65 -34.73 34.83
C LEU A 677 28.89 -35.11 36.10
N SER A 678 29.04 -34.29 37.13
CA SER A 678 28.41 -34.54 38.41
C SER A 678 27.14 -33.71 38.56
N ALA A 679 26.43 -33.96 39.67
CA ALA A 679 25.20 -33.23 39.94
C ALA A 679 25.48 -31.74 40.16
N LEU A 680 26.57 -31.41 40.83
CA LEU A 680 26.95 -30.02 41.00
C LEU A 680 27.26 -29.36 39.67
N HIS A 681 27.91 -30.09 38.76
CA HIS A 681 28.16 -29.56 37.42
C HIS A 681 26.85 -29.28 36.69
N TYR A 682 25.90 -30.20 36.80
CA TYR A 682 24.60 -30.02 36.16
C TYR A 682 23.83 -28.86 36.76
N ALA A 683 23.97 -28.63 38.06
CA ALA A 683 23.36 -27.45 38.68
C ALA A 683 24.03 -26.17 38.18
N ILE A 684 25.35 -26.19 38.03
CA ILE A 684 26.05 -25.02 37.51
C ILE A 684 25.57 -24.70 36.09
N LEU A 685 25.37 -25.73 35.28
CA LEU A 685 24.82 -25.53 33.94
C LEU A 685 23.39 -25.00 34.02
N TYR A 686 22.97 -24.33 32.94
CA TYR A 686 21.60 -23.86 32.75
C TYR A 686 21.19 -22.82 33.80
N LYS A 687 22.15 -21.95 34.17
CA LYS A 687 21.87 -20.71 34.89
C LYS A 687 21.21 -20.96 36.25
N HIS A 688 21.50 -22.10 36.89
CA HIS A 688 20.89 -22.43 38.17
C HIS A 688 21.92 -22.16 39.27
N ASP A 689 21.96 -20.91 39.73
CA ASP A 689 22.93 -20.53 40.74
C ASP A 689 22.56 -21.09 42.11
N ASP A 690 21.28 -21.00 42.48
CA ASP A 690 20.86 -21.40 43.82
C ASP A 690 21.04 -22.91 44.05
N VAL A 691 20.77 -23.72 43.03
CA VAL A 691 20.90 -25.17 43.19
C VAL A 691 22.35 -25.53 43.49
N ALA A 692 23.29 -25.03 42.68
CA ALA A 692 24.70 -25.31 42.93
C ALA A 692 25.16 -24.73 44.26
N SER A 693 24.64 -23.55 44.61
CA SER A 693 24.98 -22.93 45.89
C SER A 693 24.61 -23.83 47.05
N PHE A 694 23.40 -24.40 47.01
CA PHE A 694 23.00 -25.30 48.10
C PHE A 694 23.78 -26.60 48.05
N LEU A 695 24.04 -27.14 46.85
CA LEU A 695 24.79 -28.38 46.73
C LEU A 695 26.16 -28.25 47.38
N MET A 696 26.83 -27.13 47.17
CA MET A 696 28.11 -26.92 47.84
C MET A 696 27.97 -26.42 49.28
N ARG A 697 26.78 -25.95 49.67
CA ARG A 697 26.54 -25.67 51.09
C ARG A 697 26.54 -26.95 51.91
N SER A 698 25.94 -28.00 51.38
CA SER A 698 25.86 -29.26 52.11
C SER A 698 27.24 -29.92 52.21
N SER A 699 27.54 -30.47 53.39
CA SER A 699 28.83 -31.12 53.60
C SER A 699 28.91 -32.48 52.91
N ASN A 700 27.77 -33.11 52.62
CA ASN A 700 27.79 -34.41 51.97
C ASN A 700 28.40 -34.31 50.57
N VAL A 701 28.03 -33.27 49.82
CA VAL A 701 28.52 -33.09 48.47
C VAL A 701 29.89 -32.43 48.51
N ASN A 702 30.87 -33.02 47.83
CA ASN A 702 32.23 -32.53 47.81
C ASN A 702 32.54 -31.87 46.46
N VAL A 703 33.41 -30.85 46.51
CA VAL A 703 33.73 -30.08 45.32
C VAL A 703 34.82 -30.74 44.48
N ASN A 704 35.56 -31.70 45.04
CA ASN A 704 36.73 -32.26 44.39
C ASN A 704 36.43 -33.03 43.12
N LEU A 705 35.16 -33.37 42.86
CA LEU A 705 34.83 -34.10 41.64
C LEU A 705 35.12 -33.25 40.41
N LYS A 706 35.66 -33.91 39.37
CA LYS A 706 35.99 -33.24 38.13
C LYS A 706 35.47 -34.07 36.95
N ALA A 707 35.10 -33.37 35.88
CA ALA A 707 34.53 -34.01 34.70
C ALA A 707 35.64 -34.48 33.78
N LEU A 708 35.26 -35.00 32.61
CA LEU A 708 36.25 -35.42 31.61
C LEU A 708 37.01 -34.20 31.10
N GLY A 709 38.33 -34.30 31.09
CA GLY A 709 39.16 -33.15 30.73
C GLY A 709 39.42 -32.20 31.87
N GLY A 710 39.14 -32.61 33.10
CA GLY A 710 39.46 -31.82 34.28
C GLY A 710 38.71 -30.52 34.44
N ILE A 711 37.40 -30.53 34.22
CA ILE A 711 36.57 -29.36 34.56
C ILE A 711 36.12 -29.49 36.00
N THR A 712 36.56 -28.53 36.84
CA THR A 712 36.18 -28.41 38.24
C THR A 712 34.99 -27.47 38.38
N PRO A 713 34.22 -27.61 39.47
CA PRO A 713 33.06 -26.73 39.67
C PRO A 713 33.38 -25.25 39.54
N LEU A 714 34.53 -24.82 40.06
CA LEU A 714 34.93 -23.42 39.93
C LEU A 714 35.17 -23.05 38.47
N HIS A 715 35.92 -23.88 37.75
CA HIS A 715 36.17 -23.60 36.34
C HIS A 715 34.89 -23.67 35.52
N LEU A 716 33.98 -24.58 35.88
CA LEU A 716 32.72 -24.68 35.14
C LEU A 716 31.84 -23.46 35.39
N ALA A 717 31.79 -22.97 36.64
CA ALA A 717 31.08 -21.73 36.90
C ALA A 717 31.72 -20.56 36.18
N VAL A 718 33.04 -20.58 36.05
CA VAL A 718 33.72 -19.56 35.26
C VAL A 718 33.29 -19.64 33.80
N ILE A 719 33.13 -20.87 33.28
CA ILE A 719 32.55 -21.05 31.95
C ILE A 719 31.18 -20.40 31.89
N GLN A 720 30.34 -20.66 32.89
CA GLN A 720 29.02 -20.06 32.93
C GLN A 720 29.11 -18.55 33.13
N GLY A 721 29.96 -18.11 34.05
CA GLY A 721 30.18 -16.69 34.27
C GLY A 721 29.27 -16.01 35.25
N ARG A 722 28.57 -16.77 36.10
CA ARG A 722 27.69 -16.17 37.09
C ARG A 722 28.48 -15.50 38.21
N LYS A 723 27.79 -14.64 38.97
CA LYS A 723 28.42 -13.87 40.03
C LYS A 723 28.23 -14.52 41.40
N GLN A 724 26.97 -14.75 41.78
CA GLN A 724 26.66 -15.20 43.14
C GLN A 724 27.27 -16.56 43.42
N ILE A 725 27.22 -17.48 42.46
CA ILE A 725 27.72 -18.83 42.69
C ILE A 725 29.21 -18.82 42.93
N LEU A 726 29.97 -18.05 42.13
CA LEU A 726 31.41 -17.98 42.31
C LEU A 726 31.78 -17.23 43.58
N SER A 727 31.00 -16.20 43.92
CA SER A 727 31.23 -15.50 45.18
C SER A 727 31.03 -16.43 46.37
N LEU A 728 30.00 -17.28 46.31
CA LEU A 728 29.77 -18.23 47.40
C LEU A 728 30.83 -19.33 47.42
N MET A 729 31.34 -19.73 46.25
CA MET A 729 32.47 -20.64 46.20
C MET A 729 33.67 -20.05 46.93
N PHE A 730 33.96 -18.77 46.67
CA PHE A 730 35.06 -18.11 47.38
C PHE A 730 34.76 -18.01 48.87
N ASP A 731 33.49 -17.77 49.22
CA ASP A 731 33.12 -17.65 50.62
C ASP A 731 33.37 -18.96 51.37
N ILE A 732 33.06 -20.09 50.75
CA ILE A 732 33.33 -21.38 51.39
C ILE A 732 34.84 -21.55 51.61
N GLY A 733 35.63 -21.24 50.60
CA GLY A 733 37.07 -21.39 50.68
C GLY A 733 37.57 -22.63 49.97
N VAL A 734 38.09 -22.45 48.76
CA VAL A 734 38.63 -23.54 47.96
C VAL A 734 39.98 -23.09 47.40
N ASN A 735 40.66 -24.04 46.76
CA ASN A 735 41.92 -23.71 46.11
C ASN A 735 41.69 -22.69 45.01
N ILE A 736 42.48 -21.61 45.02
CA ILE A 736 42.28 -20.53 44.07
C ILE A 736 42.57 -20.99 42.65
N GLU A 737 43.65 -21.75 42.47
CA GLU A 737 44.11 -22.16 41.15
C GLU A 737 44.28 -23.69 41.13
N GLN A 738 43.17 -24.37 40.83
CA GLN A 738 43.22 -25.84 40.75
C GLN A 738 43.78 -26.30 39.41
N LYS A 739 43.59 -25.50 38.36
CA LYS A 739 44.04 -25.81 37.00
C LYS A 739 43.29 -27.01 36.44
N THR A 740 43.75 -27.53 35.30
CA THR A 740 43.04 -28.59 34.60
C THR A 740 44.07 -29.47 33.89
N ASP A 741 43.60 -30.29 32.95
CA ASP A 741 44.50 -31.17 32.21
C ASP A 741 45.58 -30.39 31.49
N GLU A 742 45.21 -29.28 30.86
CA GLU A 742 46.16 -28.38 30.22
C GLU A 742 46.69 -27.32 31.18
N LYS A 743 46.38 -27.44 32.47
CA LYS A 743 46.80 -26.50 33.51
C LYS A 743 46.31 -25.08 33.21
N TYR A 744 45.09 -24.96 32.70
CA TYR A 744 44.43 -23.65 32.62
C TYR A 744 44.04 -23.20 34.02
N THR A 745 44.73 -22.19 34.54
CA THR A 745 44.31 -21.57 35.78
C THR A 745 42.99 -20.86 35.56
N PRO A 746 42.19 -20.66 36.62
CA PRO A 746 40.91 -19.94 36.46
C PRO A 746 41.03 -18.63 35.68
N LEU A 747 42.21 -18.00 35.70
CA LEU A 747 42.41 -16.81 34.89
C LEU A 747 42.49 -17.15 33.40
N HIS A 748 43.20 -18.23 33.06
CA HIS A 748 43.33 -18.62 31.65
C HIS A 748 41.97 -18.90 31.03
N LEU A 749 41.13 -19.66 31.74
CA LEU A 749 39.82 -19.98 31.20
C LEU A 749 38.85 -18.80 31.34
N ALA A 750 39.00 -17.99 32.39
CA ALA A 750 38.18 -16.80 32.56
C ALA A 750 38.44 -15.77 31.48
N ALA A 751 39.62 -15.81 30.86
CA ALA A 751 39.83 -15.02 29.65
C ALA A 751 38.79 -15.34 28.59
N MET A 752 38.33 -16.60 28.55
CA MET A 752 37.24 -17.00 27.67
C MET A 752 35.93 -16.96 28.47
N SER A 753 35.39 -15.75 28.60
CA SER A 753 34.14 -15.55 29.32
C SER A 753 33.32 -14.49 28.61
N LYS A 754 32.00 -14.66 28.63
CA LYS A 754 31.08 -13.71 28.02
C LYS A 754 30.78 -12.52 28.93
N TYR A 755 31.13 -12.59 30.20
CA TYR A 755 30.87 -11.53 31.16
C TYR A 755 32.18 -10.94 31.66
N PRO A 756 32.42 -9.65 31.44
CA PRO A 756 33.69 -9.05 31.90
C PRO A 756 33.89 -9.06 33.40
N GLU A 757 32.81 -9.00 34.18
CA GLU A 757 32.92 -8.88 35.63
C GLU A 757 33.65 -10.06 36.28
N LEU A 758 33.68 -11.22 35.60
CA LEU A 758 34.25 -12.42 36.20
C LEU A 758 35.73 -12.24 36.49
N ILE A 759 36.48 -11.66 35.54
CA ILE A 759 37.91 -11.49 35.77
C ILE A 759 38.19 -10.48 36.87
N GLN A 760 37.39 -9.41 36.96
CA GLN A 760 37.55 -8.46 38.07
C GLN A 760 37.26 -9.10 39.42
N ILE A 761 36.21 -9.89 39.53
CA ILE A 761 35.91 -10.49 40.82
C ILE A 761 36.97 -11.51 41.19
N LEU A 762 37.49 -12.26 40.19
CA LEU A 762 38.59 -13.19 40.48
C LEU A 762 39.84 -12.47 40.94
N LEU A 763 40.17 -11.33 40.31
CA LEU A 763 41.33 -10.56 40.76
C LEU A 763 41.11 -10.01 42.16
N ASP A 764 39.88 -9.59 42.48
CA ASP A 764 39.58 -9.12 43.83
C ASP A 764 39.78 -10.24 44.84
N GLN A 765 39.36 -11.46 44.50
CA GLN A 765 39.63 -12.60 45.38
C GLN A 765 41.12 -12.86 45.50
N GLY A 766 41.86 -12.70 44.42
CA GLY A 766 43.31 -12.84 44.45
C GLY A 766 43.83 -14.07 43.75
N SER A 767 44.48 -13.88 42.61
CA SER A 767 45.06 -14.99 41.85
C SER A 767 46.44 -14.59 41.36
N ASN A 768 47.27 -15.60 41.11
CA ASN A 768 48.63 -15.36 40.64
C ASN A 768 48.60 -14.81 39.22
N PHE A 769 49.32 -13.70 39.00
CA PHE A 769 49.35 -13.08 37.68
C PHE A 769 50.23 -13.86 36.71
N GLU A 770 51.18 -14.64 37.23
CA GLU A 770 52.18 -15.31 36.40
C GLU A 770 51.87 -16.79 36.19
N ALA A 771 50.62 -17.21 36.40
CA ALA A 771 50.26 -18.59 36.17
C ALA A 771 50.37 -18.94 34.70
N LYS A 772 50.94 -20.10 34.40
CA LYS A 772 51.20 -20.53 33.04
C LYS A 772 50.53 -21.89 32.78
N THR A 773 50.24 -22.14 31.51
CA THR A 773 49.66 -23.41 31.10
C THR A 773 50.75 -24.47 31.01
N ASN A 774 50.41 -25.66 30.50
CA ASN A 774 51.44 -26.66 30.23
C ASN A 774 52.38 -26.19 29.13
N SER A 775 51.87 -25.41 28.18
CA SER A 775 52.69 -24.82 27.14
C SER A 775 53.32 -23.50 27.56
N GLY A 776 52.97 -22.98 28.74
CA GLY A 776 53.50 -21.73 29.22
C GLY A 776 52.82 -20.49 28.69
N ALA A 777 51.66 -20.64 28.05
CA ALA A 777 50.97 -19.49 27.48
C ALA A 777 50.36 -18.62 28.57
N THR A 778 50.55 -17.31 28.44
CA THR A 778 49.98 -16.33 29.35
C THR A 778 48.49 -16.17 29.07
N PRO A 779 47.72 -15.63 30.03
CA PRO A 779 46.31 -15.33 29.73
C PRO A 779 46.14 -14.39 28.56
N LEU A 780 47.03 -13.40 28.43
CA LEU A 780 47.00 -12.52 27.26
C LEU A 780 47.30 -13.30 25.99
N HIS A 781 48.21 -14.27 26.08
CA HIS A 781 48.59 -15.07 24.92
C HIS A 781 47.39 -15.88 24.40
N LEU A 782 46.70 -16.57 25.31
CA LEU A 782 45.52 -17.34 24.94
C LEU A 782 44.40 -16.42 24.45
N ALA A 783 44.23 -15.26 25.09
CA ALA A 783 43.20 -14.32 24.65
C ALA A 783 43.49 -13.82 23.23
N THR A 784 44.75 -13.55 22.92
CA THR A 784 45.12 -13.11 21.59
C THR A 784 44.88 -14.21 20.55
N PHE A 785 45.17 -15.46 20.91
CA PHE A 785 44.78 -16.56 20.02
C PHE A 785 43.27 -16.61 19.82
N LYS A 786 42.50 -16.39 20.88
CA LYS A 786 41.04 -16.49 20.76
C LYS A 786 40.44 -15.20 20.24
N GLY A 787 40.65 -14.10 20.95
CA GLY A 787 40.19 -12.81 20.48
C GLY A 787 39.25 -12.07 21.41
N LYS A 788 39.33 -12.36 22.71
CA LYS A 788 38.51 -11.66 23.70
C LYS A 788 39.16 -10.30 23.98
N SER A 789 38.61 -9.25 23.38
CA SER A 789 39.20 -7.93 23.49
C SER A 789 39.11 -7.37 24.91
N GLN A 790 37.96 -7.55 25.57
CA GLN A 790 37.76 -6.95 26.88
C GLN A 790 38.75 -7.50 27.90
N ALA A 791 38.98 -8.82 27.88
CA ALA A 791 39.96 -9.40 28.78
C ALA A 791 41.35 -8.87 28.50
N ALA A 792 41.71 -8.75 27.21
CA ALA A 792 43.01 -8.21 26.85
C ALA A 792 43.20 -6.81 27.40
N LEU A 793 42.23 -5.93 27.18
CA LEU A 793 42.34 -4.57 27.68
C LEU A 793 42.41 -4.52 29.21
N ILE A 794 41.61 -5.34 29.89
CA ILE A 794 41.60 -5.29 31.35
C ILE A 794 42.93 -5.77 31.91
N LEU A 795 43.45 -6.90 31.41
CA LEU A 795 44.74 -7.37 31.89
C LEU A 795 45.90 -6.49 31.43
N LEU A 796 45.69 -5.67 30.39
CA LEU A 796 46.65 -4.60 30.11
C LEU A 796 46.58 -3.52 31.18
N ASN A 797 45.37 -3.22 31.65
CA ASN A 797 45.24 -2.27 32.76
C ASN A 797 45.92 -2.79 34.01
N ASN A 798 45.78 -4.09 34.29
CA ASN A 798 46.49 -4.71 35.40
C ASN A 798 47.99 -4.82 35.16
N GLU A 799 48.44 -4.61 33.93
CA GLU A 799 49.86 -4.63 33.57
C GLU A 799 50.50 -5.98 33.86
N VAL A 800 49.97 -7.00 33.20
CA VAL A 800 50.56 -8.34 33.29
C VAL A 800 51.84 -8.38 32.48
N ASN A 801 52.84 -9.09 32.99
CA ASN A 801 54.14 -9.15 32.34
C ASN A 801 54.01 -9.74 30.93
N TRP A 802 54.48 -8.99 29.94
CA TRP A 802 54.41 -9.42 28.55
C TRP A 802 55.60 -10.26 28.13
N ARG A 803 56.66 -10.30 28.93
CA ARG A 803 57.88 -10.98 28.51
C ARG A 803 57.71 -12.49 28.49
N ASP A 804 56.81 -13.03 29.31
CA ASP A 804 56.60 -14.47 29.35
C ASP A 804 55.97 -14.95 28.05
N THR A 805 56.55 -16.00 27.47
CA THR A 805 56.07 -16.58 26.23
C THR A 805 55.73 -18.05 26.45
N ASP A 806 55.09 -18.64 25.45
CA ASP A 806 54.72 -20.05 25.51
C ASP A 806 55.93 -20.92 25.16
N GLU A 807 55.70 -22.23 25.09
CA GLU A 807 56.77 -23.15 24.74
C GLU A 807 57.23 -22.97 23.30
N ASN A 808 56.32 -22.53 22.42
CA ASN A 808 56.68 -22.30 21.03
C ASN A 808 57.56 -21.07 20.84
N GLY A 809 57.50 -20.11 21.78
CA GLY A 809 58.36 -18.95 21.75
C GLY A 809 57.72 -17.67 21.25
N GLN A 810 56.53 -17.74 20.66
CA GLN A 810 55.89 -16.53 20.16
C GLN A 810 55.34 -15.69 21.30
N MET A 811 55.23 -14.39 21.04
CA MET A 811 54.72 -13.40 21.98
C MET A 811 53.24 -13.16 21.74
N PRO A 812 52.56 -12.50 22.67
CA PRO A 812 51.14 -12.17 22.44
C PRO A 812 50.90 -11.29 21.22
N ILE A 813 51.92 -10.58 20.74
CA ILE A 813 51.76 -9.81 19.50
C ILE A 813 51.44 -10.73 18.33
N HIS A 814 52.07 -11.91 18.30
CA HIS A 814 51.76 -12.89 17.26
C HIS A 814 50.31 -13.34 17.33
N GLY A 815 49.81 -13.59 18.55
CA GLY A 815 48.42 -13.95 18.71
C GLY A 815 47.47 -12.84 18.29
N ALA A 816 47.83 -11.60 18.60
CA ALA A 816 47.03 -10.46 18.13
C ALA A 816 47.03 -10.41 16.60
N ALA A 817 48.16 -10.74 15.98
CA ALA A 817 48.20 -10.82 14.53
C ALA A 817 47.36 -11.97 13.99
N MET A 818 47.18 -13.02 14.80
CA MET A 818 46.35 -14.16 14.36
C MET A 818 44.91 -13.71 14.08
N THR A 819 44.28 -13.04 15.04
CA THR A 819 42.90 -12.62 14.91
C THR A 819 42.75 -11.19 14.44
N GLY A 820 43.82 -10.40 14.44
CA GLY A 820 43.77 -9.04 13.91
C GLY A 820 42.91 -8.08 14.71
N LEU A 821 43.00 -8.11 16.04
CA LEU A 821 42.29 -7.14 16.86
C LEU A 821 43.00 -5.80 16.78
N LEU A 822 42.39 -4.84 16.09
CA LEU A 822 43.01 -3.54 15.88
C LEU A 822 43.17 -2.77 17.19
N ASP A 823 42.09 -2.70 17.98
CA ASP A 823 42.14 -1.96 19.24
C ASP A 823 43.16 -2.58 20.19
N VAL A 824 43.18 -3.91 20.28
CA VAL A 824 44.16 -4.58 21.12
C VAL A 824 45.57 -4.29 20.63
N ALA A 825 45.75 -4.26 19.31
CA ALA A 825 47.07 -3.98 18.74
C ALA A 825 47.55 -2.59 19.14
N GLN A 826 46.72 -1.57 18.95
CA GLN A 826 47.12 -0.23 19.36
C GLN A 826 47.35 -0.14 20.86
N ALA A 827 46.51 -0.83 21.65
CA ALA A 827 46.69 -0.79 23.10
C ALA A 827 48.04 -1.36 23.50
N ILE A 828 48.38 -2.54 23.00
CA ILE A 828 49.63 -3.19 23.39
C ILE A 828 50.83 -2.40 22.86
N ILE A 829 50.70 -1.81 21.66
CA ILE A 829 51.83 -1.06 21.10
C ILE A 829 52.05 0.23 21.87
N SER A 830 50.97 0.95 22.19
CA SER A 830 51.10 2.19 22.94
C SER A 830 51.60 1.94 24.36
N ILE A 831 51.13 0.87 25.00
CA ILE A 831 51.59 0.55 26.34
C ILE A 831 53.08 0.22 26.33
N ASP A 832 53.52 -0.56 25.35
CA ASP A 832 54.93 -0.92 25.23
C ASP A 832 55.27 -1.06 23.76
N ALA A 833 56.35 -0.38 23.34
CA ALA A 833 56.83 -0.48 21.97
C ALA A 833 57.86 -1.59 21.78
N THR A 834 58.26 -2.26 22.86
CA THR A 834 59.25 -3.34 22.75
C THR A 834 58.64 -4.60 22.15
N VAL A 835 57.32 -4.78 22.30
CA VAL A 835 56.68 -6.00 21.80
C VAL A 835 56.76 -6.07 20.28
N VAL A 836 56.69 -4.91 19.61
CA VAL A 836 56.77 -4.89 18.15
C VAL A 836 58.21 -4.81 17.65
N ASP A 837 59.13 -4.32 18.48
CA ASP A 837 60.53 -4.17 18.08
C ASP A 837 61.36 -5.42 18.32
N ILE A 838 60.79 -6.46 18.93
CA ILE A 838 61.51 -7.69 19.22
C ILE A 838 60.96 -8.81 18.36
N GLU A 839 61.81 -9.77 18.03
CA GLU A 839 61.45 -10.93 17.24
C GLU A 839 61.87 -12.20 17.96
N ASP A 840 61.09 -13.26 17.76
CA ASP A 840 61.36 -14.53 18.41
C ASP A 840 62.51 -15.26 17.70
N LYS A 841 62.87 -16.42 18.23
CA LYS A 841 63.94 -17.21 17.63
C LYS A 841 63.58 -17.69 16.23
N ASN A 842 62.29 -17.91 15.96
CA ASN A 842 61.85 -18.31 14.64
C ASN A 842 62.01 -17.21 13.60
N SER A 843 62.26 -15.97 14.03
CA SER A 843 62.45 -14.82 13.14
C SER A 843 61.20 -14.50 12.32
N ASP A 844 60.05 -15.04 12.72
CA ASP A 844 58.80 -14.78 12.02
C ASP A 844 58.18 -13.51 12.60
N THR A 845 58.38 -12.39 11.91
CA THR A 845 57.84 -11.13 12.38
C THR A 845 56.32 -11.14 12.30
N PRO A 846 55.64 -10.49 13.25
CA PRO A 846 54.16 -10.47 13.22
C PRO A 846 53.59 -9.84 11.97
N LEU A 847 54.36 -9.01 11.26
CA LEU A 847 53.89 -8.42 10.01
C LEU A 847 53.58 -9.49 8.98
N ASN A 848 54.49 -10.45 8.81
CA ASN A 848 54.28 -11.52 7.83
C ASN A 848 53.10 -12.41 8.22
N LEU A 849 52.98 -12.74 9.51
CA LEU A 849 51.88 -13.58 9.95
C LEU A 849 50.54 -12.87 9.78
N ALA A 850 50.50 -11.57 10.05
CA ALA A 850 49.29 -10.80 9.80
C ALA A 850 48.96 -10.74 8.33
N ALA A 851 49.98 -10.60 7.47
CA ALA A 851 49.74 -10.61 6.03
C ALA A 851 49.17 -11.94 5.57
N GLN A 852 49.69 -13.05 6.13
CA GLN A 852 49.12 -14.36 5.83
C GLN A 852 47.69 -14.45 6.32
N ASN A 853 47.40 -13.84 7.46
CA ASN A 853 46.04 -13.81 8.01
C ASN A 853 45.16 -12.75 7.35
N SER A 854 45.73 -11.91 6.47
CA SER A 854 44.98 -10.91 5.71
C SER A 854 44.28 -9.91 6.62
N HIS A 855 45.09 -9.18 7.39
CA HIS A 855 44.64 -8.08 8.23
C HIS A 855 45.30 -6.80 7.72
N ILE A 856 44.63 -6.11 6.79
CA ILE A 856 45.22 -4.95 6.13
C ILE A 856 45.49 -3.84 7.13
N ASP A 857 44.61 -3.68 8.13
CA ASP A 857 44.81 -2.65 9.13
C ASP A 857 46.09 -2.91 9.92
N VAL A 858 46.35 -4.16 10.30
CA VAL A 858 47.58 -4.49 11.01
C VAL A 858 48.78 -4.25 10.11
N ILE A 859 48.64 -4.56 8.82
CA ILE A 859 49.75 -4.35 7.88
C ILE A 859 50.11 -2.86 7.80
N LYS A 860 49.09 -2.01 7.67
CA LYS A 860 49.37 -0.58 7.55
C LYS A 860 49.90 -0.01 8.86
N TYR A 861 49.39 -0.48 10.00
CA TYR A 861 49.88 -0.01 11.29
C TYR A 861 51.27 -0.54 11.59
N PHE A 862 51.70 -1.60 10.91
CA PHE A 862 53.09 -2.05 11.02
C PHE A 862 54.01 -1.25 10.11
N ILE A 863 53.59 -1.02 8.87
CA ILE A 863 54.47 -0.35 7.91
C ILE A 863 54.62 1.13 8.24
N ASP A 864 53.57 1.78 8.75
CA ASP A 864 53.66 3.21 9.01
C ASP A 864 54.58 3.51 10.19
N GLN A 865 54.75 2.56 11.11
CA GLN A 865 55.61 2.77 12.26
C GLN A 865 57.09 2.64 11.92
N GLY A 866 57.42 2.06 10.77
CA GLY A 866 58.80 1.91 10.34
C GLY A 866 59.31 0.48 10.27
N ALA A 867 58.44 -0.52 10.11
CA ALA A 867 58.89 -1.89 10.01
C ALA A 867 59.56 -2.13 8.66
N ASP A 868 60.83 -2.51 8.69
CA ASP A 868 61.58 -2.73 7.46
C ASP A 868 61.06 -3.97 6.72
N ILE A 869 60.97 -3.85 5.39
CA ILE A 869 60.49 -4.96 4.57
C ILE A 869 61.62 -5.95 4.27
N ASN A 870 62.88 -5.51 4.35
CA ASN A 870 64.01 -6.37 4.00
C ASN A 870 64.23 -7.51 5.00
N THR A 871 63.57 -7.47 6.16
CA THR A 871 63.74 -8.52 7.15
C THR A 871 63.19 -9.85 6.63
N ARG A 872 63.91 -10.93 6.92
CA ARG A 872 63.51 -12.26 6.47
C ARG A 872 63.71 -13.25 7.61
N ASN A 873 62.96 -14.35 7.56
CA ASN A 873 63.02 -15.40 8.56
C ASN A 873 63.89 -16.54 8.06
N LYS A 874 64.01 -17.59 8.89
CA LYS A 874 64.81 -18.74 8.52
C LYS A 874 64.18 -19.53 7.38
N LYS A 875 62.84 -19.59 7.32
CA LYS A 875 62.17 -20.30 6.25
C LYS A 875 62.30 -19.55 4.92
N GLY A 876 62.51 -18.24 4.98
CA GLY A 876 62.62 -17.42 3.79
C GLY A 876 61.37 -16.64 3.44
N LEU A 877 60.34 -16.69 4.27
CA LEU A 877 59.12 -15.94 4.02
C LEU A 877 59.41 -14.45 4.15
N ALA A 878 59.54 -13.78 3.02
CA ALA A 878 59.77 -12.35 3.03
C ALA A 878 58.45 -11.61 2.97
N PRO A 879 58.38 -10.40 3.54
CA PRO A 879 57.12 -9.64 3.47
C PRO A 879 56.70 -9.34 2.04
N LEU A 880 57.65 -9.04 1.16
CA LEU A 880 57.33 -8.66 -0.21
C LEU A 880 56.55 -9.75 -0.92
N LEU A 881 56.86 -11.01 -0.63
CA LEU A 881 56.12 -12.12 -1.21
C LEU A 881 54.65 -12.06 -0.81
N ALA A 882 54.39 -11.79 0.47
CA ALA A 882 53.00 -11.68 0.93
C ALA A 882 52.31 -10.45 0.32
N PHE A 883 53.02 -9.33 0.23
CA PHE A 883 52.43 -8.14 -0.40
C PHE A 883 52.04 -8.43 -1.85
N SER A 884 52.93 -9.07 -2.60
CA SER A 884 52.60 -9.43 -3.97
C SER A 884 51.47 -10.46 -4.03
N LYS A 885 51.40 -11.34 -3.03
CA LYS A 885 50.32 -12.32 -2.99
C LYS A 885 48.96 -11.64 -2.83
N LYS A 886 48.87 -10.63 -1.96
CA LYS A 886 47.58 -9.96 -1.78
C LYS A 886 47.22 -9.08 -2.97
N GLY A 887 48.21 -8.48 -3.63
CA GLY A 887 47.97 -7.74 -4.84
C GLY A 887 47.17 -6.45 -4.68
N ASN A 888 47.77 -5.44 -4.03
CA ASN A 888 47.15 -4.14 -3.86
C ASN A 888 47.98 -3.10 -4.61
N LEU A 889 47.30 -2.28 -5.42
CA LEU A 889 48.01 -1.38 -6.32
C LEU A 889 48.69 -0.24 -5.56
N ASP A 890 47.92 0.50 -4.76
CA ASP A 890 48.50 1.61 -4.01
C ASP A 890 49.54 1.13 -3.02
N MET A 891 49.39 -0.09 -2.52
CA MET A 891 50.42 -0.69 -1.67
C MET A 891 51.72 -0.90 -2.43
N VAL A 892 51.64 -1.39 -3.66
CA VAL A 892 52.86 -1.55 -4.47
C VAL A 892 53.46 -0.19 -4.79
N LYS A 893 52.61 0.82 -5.02
CA LYS A 893 53.13 2.18 -5.17
C LYS A 893 53.86 2.64 -3.91
N TYR A 894 53.33 2.31 -2.74
CA TYR A 894 54.00 2.63 -1.49
C TYR A 894 55.36 1.96 -1.40
N LEU A 895 55.43 0.67 -1.78
CA LEU A 895 56.71 -0.03 -1.77
C LEU A 895 57.70 0.61 -2.74
N PHE A 896 57.23 0.99 -3.92
CA PHE A 896 58.11 1.65 -4.89
C PHE A 896 58.59 3.00 -4.36
N ASP A 897 57.71 3.72 -3.65
CA ASP A 897 58.12 4.98 -3.04
C ASP A 897 59.20 4.75 -2.00
N LYS A 898 59.07 3.69 -1.20
CA LYS A 898 60.14 3.33 -0.27
C LYS A 898 61.39 2.84 -0.96
N ASN A 899 61.32 2.53 -2.26
CA ASN A 899 62.47 2.11 -3.05
C ASN A 899 63.12 0.86 -2.45
N ALA A 900 62.34 -0.21 -2.34
CA ALA A 900 62.82 -1.48 -1.84
C ALA A 900 63.18 -2.40 -2.99
N ASN A 901 64.27 -3.16 -2.82
CA ASN A 901 64.71 -4.10 -3.85
C ASN A 901 63.66 -5.20 -4.00
N VAL A 902 62.92 -5.16 -5.11
CA VAL A 902 61.86 -6.14 -5.32
C VAL A 902 62.35 -7.37 -6.08
N TYR A 903 63.42 -7.24 -6.86
CA TYR A 903 63.91 -8.36 -7.66
C TYR A 903 64.45 -9.49 -6.82
N ILE A 904 64.75 -9.24 -5.54
CA ILE A 904 65.21 -10.30 -4.66
C ILE A 904 64.08 -11.28 -4.40
N ALA A 905 64.44 -12.55 -4.23
CA ALA A 905 63.48 -13.62 -4.00
C ALA A 905 63.87 -14.38 -2.73
N ASP A 906 63.05 -15.37 -2.37
CA ASP A 906 63.28 -16.17 -1.18
C ASP A 906 64.32 -17.25 -1.49
N ASN A 907 64.48 -18.20 -0.57
CA ASN A 907 65.43 -19.30 -0.80
C ASN A 907 64.99 -20.17 -1.96
N ASP A 908 63.69 -20.22 -2.25
CA ASP A 908 63.18 -21.00 -3.38
C ASP A 908 63.35 -20.28 -4.70
N GLY A 909 63.78 -19.02 -4.69
CA GLY A 909 63.89 -18.26 -5.93
C GLY A 909 62.55 -18.01 -6.59
N MET A 910 61.53 -17.64 -5.80
CA MET A 910 60.17 -17.51 -6.27
C MET A 910 59.87 -16.02 -6.41
N ASN A 911 59.67 -15.56 -7.63
CA ASN A 911 59.51 -14.14 -7.89
C ASN A 911 58.15 -13.62 -7.42
N PHE A 912 58.12 -12.34 -7.04
CA PHE A 912 56.88 -11.74 -6.59
C PHE A 912 55.91 -11.53 -7.75
N PHE A 913 56.43 -11.20 -8.93
CA PHE A 913 55.58 -11.03 -10.10
C PHE A 913 54.90 -12.34 -10.49
N TYR A 914 55.53 -13.48 -10.17
CA TYR A 914 54.88 -14.75 -10.37
C TYR A 914 53.66 -14.89 -9.46
N TYR A 915 53.76 -14.44 -8.22
CA TYR A 915 52.59 -14.38 -7.35
C TYR A 915 51.53 -13.43 -7.91
N ALA A 916 51.96 -12.29 -8.43
CA ALA A 916 51.01 -11.33 -8.99
C ALA A 916 50.23 -11.95 -10.16
N VAL A 917 50.92 -12.67 -11.03
CA VAL A 917 50.25 -13.36 -12.13
C VAL A 917 49.36 -14.48 -11.61
N GLN A 918 49.84 -15.24 -10.62
CA GLN A 918 49.09 -16.37 -10.10
C GLN A 918 47.81 -15.96 -9.40
N ASN A 919 47.68 -14.70 -9.00
CA ASN A 919 46.46 -14.24 -8.34
C ASN A 919 45.25 -14.32 -9.26
N GLY A 920 45.46 -14.32 -10.57
CA GLY A 920 44.37 -14.40 -11.52
C GLY A 920 43.67 -13.09 -11.83
N HIS A 921 44.12 -11.99 -11.24
CA HIS A 921 43.53 -10.68 -11.49
C HIS A 921 44.20 -10.04 -12.70
N LEU A 922 43.39 -9.70 -13.71
CA LEU A 922 43.94 -9.06 -14.90
C LEU A 922 44.53 -7.70 -14.59
N ASN A 923 43.83 -6.92 -13.76
CA ASN A 923 44.25 -5.54 -13.50
C ASN A 923 45.62 -5.48 -12.84
N ILE A 924 45.89 -6.38 -11.89
CA ILE A 924 47.19 -6.36 -11.22
C ILE A 924 48.29 -6.75 -12.21
N VAL A 925 48.00 -7.66 -13.14
CA VAL A 925 49.00 -8.05 -14.14
C VAL A 925 49.30 -6.88 -15.07
N LYS A 926 48.25 -6.18 -15.53
CA LYS A 926 48.47 -5.03 -16.39
C LYS A 926 49.24 -3.93 -15.66
N TYR A 927 48.91 -3.71 -14.39
CA TYR A 927 49.60 -2.67 -13.62
C TYR A 927 51.07 -3.03 -13.40
N ALA A 928 51.36 -4.31 -13.13
CA ALA A 928 52.74 -4.74 -12.97
C ALA A 928 53.51 -4.60 -14.28
N MET A 929 52.89 -4.96 -15.41
CA MET A 929 53.57 -4.85 -16.69
C MET A 929 53.70 -3.41 -17.15
N SER A 930 52.90 -2.50 -16.61
CA SER A 930 52.98 -1.10 -17.02
C SER A 930 54.27 -0.45 -16.56
N GLU A 931 54.78 -0.84 -15.38
CA GLU A 931 55.97 -0.23 -14.81
C GLU A 931 57.20 -0.80 -15.50
N LYS A 932 57.48 -0.27 -16.69
CA LYS A 932 58.64 -0.73 -17.46
C LYS A 932 59.94 -0.28 -16.81
N ASP A 933 60.02 1.00 -16.42
CA ASP A 933 61.24 1.50 -15.80
C ASP A 933 61.40 1.00 -14.37
N LYS A 934 60.31 0.98 -13.61
CA LYS A 934 60.39 0.54 -12.22
C LYS A 934 60.69 -0.94 -12.11
N PHE A 935 60.04 -1.76 -12.94
CA PHE A 935 60.25 -3.21 -12.95
C PHE A 935 60.91 -3.58 -14.27
N GLU A 936 62.15 -4.05 -14.20
CA GLU A 936 62.93 -4.40 -15.38
C GLU A 936 62.81 -5.90 -15.61
N TRP A 937 61.97 -6.29 -16.57
CA TRP A 937 61.81 -7.71 -16.90
C TRP A 937 63.00 -8.25 -17.67
N SER A 938 63.79 -7.38 -18.31
CA SER A 938 64.97 -7.82 -19.04
C SER A 938 66.11 -8.23 -18.13
N ASN A 939 66.02 -7.94 -16.83
CA ASN A 939 67.08 -8.31 -15.90
C ASN A 939 67.16 -9.83 -15.77
N THR A 940 68.37 -10.31 -15.50
CA THR A 940 68.63 -11.74 -15.36
C THR A 940 68.81 -12.06 -13.88
N ASP A 941 68.08 -13.07 -13.41
CA ASP A 941 68.11 -13.49 -12.02
C ASP A 941 68.86 -14.82 -11.90
N ASN A 942 69.75 -14.91 -10.92
CA ASN A 942 70.59 -16.09 -10.79
C ASN A 942 69.81 -17.32 -10.34
N ASN A 943 68.69 -17.12 -9.64
CA ASN A 943 67.91 -18.25 -9.14
C ASN A 943 67.38 -19.09 -10.29
N ARG A 944 66.88 -18.44 -11.34
CA ARG A 944 66.38 -19.17 -12.50
C ARG A 944 67.51 -19.87 -13.24
N ARG A 945 68.71 -19.29 -13.27
CA ARG A 945 69.86 -19.97 -13.83
C ARG A 945 70.18 -21.24 -13.04
N ASP A 946 70.11 -21.15 -11.71
CA ASP A 946 70.34 -22.33 -10.89
C ASP A 946 69.28 -23.40 -11.12
N GLU A 947 68.02 -22.99 -11.22
CA GLU A 947 66.94 -23.96 -11.44
C GLU A 947 67.05 -24.61 -12.81
N CYS A 948 67.35 -23.82 -13.85
CA CYS A 948 67.41 -24.31 -15.23
C CYS A 948 68.72 -23.87 -15.85
N PRO A 949 69.82 -24.57 -15.53
CA PRO A 949 71.12 -24.22 -16.15
C PRO A 949 71.16 -24.46 -17.65
N ASN A 950 70.25 -25.28 -18.19
CA ASN A 950 70.29 -25.58 -19.62
C ASN A 950 70.03 -24.34 -20.46
N GLU A 951 69.06 -23.52 -20.07
CA GLU A 951 68.69 -22.32 -20.81
C GLU A 951 68.82 -21.10 -19.89
N GLU A 952 69.62 -20.13 -20.31
CA GLU A 952 69.79 -18.88 -19.57
C GLU A 952 68.82 -17.80 -20.06
N CYS A 953 67.54 -18.14 -20.12
CA CYS A 953 66.53 -17.19 -20.57
C CYS A 953 66.27 -16.14 -19.50
N ALA A 954 65.82 -14.97 -19.95
CA ALA A 954 65.56 -13.85 -19.04
C ALA A 954 64.30 -14.14 -18.21
N ILE A 955 64.03 -13.24 -17.27
CA ILE A 955 62.86 -13.39 -16.41
C ILE A 955 61.58 -13.27 -17.24
N SER A 956 61.59 -12.41 -18.26
CA SER A 956 60.38 -12.19 -19.06
C SER A 956 59.95 -13.45 -19.79
N HIS A 957 60.92 -14.22 -20.32
CA HIS A 957 60.57 -15.43 -21.07
C HIS A 957 59.91 -16.46 -20.17
N PHE A 958 60.51 -16.72 -19.00
CA PHE A 958 59.90 -17.65 -18.05
C PHE A 958 58.55 -17.14 -17.58
N ALA A 959 58.43 -15.82 -17.36
CA ALA A 959 57.16 -15.27 -16.91
C ALA A 959 56.07 -15.50 -17.95
N VAL A 960 56.35 -15.22 -19.22
CA VAL A 960 55.32 -15.32 -20.25
C VAL A 960 54.94 -16.79 -20.48
N CYS A 961 55.93 -17.68 -20.57
CA CYS A 961 55.54 -19.06 -20.83
C CYS A 961 55.07 -19.80 -19.59
N ASP A 962 55.28 -19.25 -18.39
CA ASP A 962 54.62 -19.79 -17.21
C ASP A 962 53.20 -19.26 -17.07
N ALA A 963 52.94 -18.04 -17.53
CA ALA A 963 51.57 -17.58 -17.67
C ALA A 963 50.82 -18.44 -18.68
N VAL A 964 51.52 -18.85 -19.74
CA VAL A 964 50.97 -19.88 -20.62
C VAL A 964 50.75 -21.17 -19.85
N GLN A 965 51.72 -21.54 -18.99
CA GLN A 965 51.56 -22.73 -18.16
C GLN A 965 50.42 -22.57 -17.16
N PHE A 966 50.19 -21.34 -16.67
CA PHE A 966 49.14 -21.12 -15.68
C PHE A 966 47.74 -21.31 -16.23
N ASP A 967 47.59 -21.42 -17.56
CA ASP A 967 46.30 -21.65 -18.21
C ASP A 967 45.36 -20.46 -18.04
N ARG A 968 45.92 -19.25 -18.08
CA ARG A 968 45.15 -18.01 -18.14
C ARG A 968 45.40 -17.38 -19.50
N ILE A 969 44.38 -17.41 -20.36
CA ILE A 969 44.58 -17.01 -21.76
C ILE A 969 44.81 -15.50 -21.86
N GLU A 970 44.10 -14.71 -21.06
CA GLU A 970 44.16 -13.25 -21.20
C GLU A 970 45.57 -12.74 -20.94
N ILE A 971 46.26 -13.32 -19.95
CA ILE A 971 47.64 -12.95 -19.68
C ILE A 971 48.51 -13.26 -20.88
N VAL A 972 48.28 -14.41 -21.53
CA VAL A 972 49.05 -14.78 -22.71
C VAL A 972 48.83 -13.77 -23.84
N LYS A 973 47.56 -13.39 -24.07
CA LYS A 973 47.26 -12.42 -25.11
C LYS A 973 47.92 -11.07 -24.83
N TYR A 974 47.84 -10.60 -23.58
CA TYR A 974 48.45 -9.33 -23.23
C TYR A 974 49.97 -9.38 -23.38
N PHE A 975 50.60 -10.47 -22.94
CA PHE A 975 52.04 -10.60 -23.07
C PHE A 975 52.46 -10.64 -24.53
N VAL A 976 51.71 -11.34 -25.37
CA VAL A 976 52.01 -11.37 -26.80
C VAL A 976 51.89 -9.98 -27.39
N GLY A 977 50.85 -9.25 -27.00
CA GLY A 977 50.68 -7.89 -27.49
C GLY A 977 51.80 -6.96 -27.08
N THR A 978 52.28 -7.10 -25.85
CA THR A 978 53.32 -6.20 -25.34
C THR A 978 54.71 -6.64 -25.77
N LEU A 979 55.02 -7.92 -25.63
CA LEU A 979 56.35 -8.42 -25.96
C LEU A 979 56.60 -8.36 -27.45
N GLY A 980 57.87 -8.11 -27.83
CA GLY A 980 58.21 -8.00 -29.23
C GLY A 980 58.03 -9.30 -29.99
N ASN A 981 58.47 -10.41 -29.41
CA ASN A 981 58.36 -11.73 -30.03
C ASN A 981 57.55 -12.63 -29.12
N PHE A 982 56.49 -13.24 -29.67
CA PHE A 982 55.64 -14.12 -28.90
C PHE A 982 56.26 -15.50 -28.68
N ALA A 983 57.07 -15.98 -29.63
CA ALA A 983 57.60 -17.34 -29.61
C ALA A 983 58.95 -17.44 -28.89
N ILE A 984 59.21 -16.57 -27.92
CA ILE A 984 60.50 -16.58 -27.23
C ILE A 984 60.67 -17.85 -26.41
N CYS A 985 59.64 -18.27 -25.67
CA CYS A 985 59.70 -19.46 -24.84
C CYS A 985 58.95 -20.64 -25.45
N GLY A 986 58.37 -20.47 -26.64
CA GLY A 986 57.69 -21.54 -27.32
C GLY A 986 56.31 -21.82 -26.77
N PRO A 987 55.40 -20.86 -26.91
CA PRO A 987 54.03 -21.08 -26.38
C PRO A 987 53.32 -22.27 -27.01
N LEU A 988 53.54 -22.53 -28.30
CA LEU A 988 52.93 -23.69 -28.94
C LEU A 988 53.48 -24.99 -28.36
N HIS A 989 54.80 -25.05 -28.15
CA HIS A 989 55.40 -26.23 -27.55
C HIS A 989 54.90 -26.45 -26.13
N GLN A 990 54.78 -25.36 -25.35
CA GLN A 990 54.25 -25.48 -23.99
C GLN A 990 52.80 -25.96 -24.01
N ALA A 991 51.99 -25.42 -24.92
CA ALA A 991 50.59 -25.84 -25.01
C ALA A 991 50.48 -27.31 -25.39
N ALA A 992 51.33 -27.76 -26.32
CA ALA A 992 51.36 -29.19 -26.65
C ALA A 992 51.79 -30.02 -25.46
N ARG A 993 52.73 -29.51 -24.66
CA ARG A 993 53.16 -30.21 -23.44
C ARG A 993 52.01 -30.35 -22.46
N TYR A 994 51.23 -29.30 -22.27
CA TYR A 994 50.13 -29.31 -21.31
C TYR A 994 48.81 -29.76 -21.91
N GLY A 995 48.76 -29.97 -23.22
CA GLY A 995 47.56 -30.48 -23.85
C GLY A 995 46.44 -29.49 -24.05
N HIS A 996 46.69 -28.20 -23.85
CA HIS A 996 45.67 -27.16 -24.04
C HIS A 996 45.53 -26.90 -25.53
N LEU A 997 44.52 -27.50 -26.15
CA LEU A 997 44.35 -27.38 -27.60
C LEU A 997 43.82 -26.01 -28.00
N ASP A 998 43.11 -25.33 -27.09
CA ASP A 998 42.59 -24.00 -27.40
C ASP A 998 43.72 -23.02 -27.69
N ILE A 999 44.78 -23.06 -26.87
CA ILE A 999 45.93 -22.20 -27.11
C ILE A 999 46.61 -22.57 -28.42
N VAL A 1000 46.62 -23.87 -28.74
CA VAL A 1000 47.20 -24.31 -30.00
C VAL A 1000 46.46 -23.73 -31.18
N LYS A 1001 45.12 -23.78 -31.15
CA LYS A 1001 44.33 -23.22 -32.24
C LYS A 1001 44.49 -21.70 -32.30
N TYR A 1002 44.56 -21.03 -31.14
CA TYR A 1002 44.75 -19.59 -31.15
C TYR A 1002 46.09 -19.21 -31.77
N LEU A 1003 47.15 -19.94 -31.43
CA LEU A 1003 48.47 -19.63 -32.00
C LEU A 1003 48.53 -19.96 -33.49
N VAL A 1004 47.85 -21.04 -33.91
CA VAL A 1004 47.89 -21.42 -35.31
C VAL A 1004 47.12 -20.42 -36.16
N GLU A 1005 45.92 -20.03 -35.72
CA GLU A 1005 45.05 -19.18 -36.53
C GLU A 1005 45.31 -17.69 -36.29
N GLU A 1006 45.12 -17.24 -35.05
CA GLU A 1006 45.23 -15.80 -34.77
C GLU A 1006 46.67 -15.33 -34.82
N GLU A 1007 47.58 -16.08 -34.20
CA GLU A 1007 48.99 -15.67 -34.17
C GLU A 1007 49.73 -16.03 -35.44
N PHE A 1008 49.16 -16.91 -36.27
CA PHE A 1008 49.77 -17.32 -37.54
C PHE A 1008 51.16 -17.90 -37.32
N LEU A 1009 51.32 -18.64 -36.22
CA LEU A 1009 52.61 -19.24 -35.91
C LEU A 1009 52.87 -20.41 -36.85
N SER A 1010 54.11 -20.53 -37.31
CA SER A 1010 54.46 -21.51 -38.33
C SER A 1010 54.30 -22.94 -37.81
N VAL A 1011 54.02 -23.85 -38.73
CA VAL A 1011 53.85 -25.26 -38.35
C VAL A 1011 55.15 -25.82 -37.79
N ASP A 1012 56.29 -25.38 -38.32
CA ASP A 1012 57.58 -25.79 -37.78
C ASP A 1012 58.06 -24.86 -36.66
N GLY A 1013 57.78 -23.57 -36.79
CA GLY A 1013 58.16 -22.61 -35.77
C GLY A 1013 59.62 -22.20 -35.87
N SER A 1014 59.99 -21.23 -35.02
CA SER A 1014 61.38 -20.79 -34.97
C SER A 1014 62.29 -21.90 -34.46
N LYS A 1015 61.85 -22.62 -33.43
CA LYS A 1015 62.62 -23.73 -32.91
C LYS A 1015 62.59 -24.91 -33.87
N THR A 1016 63.73 -25.59 -34.02
CA THR A 1016 63.81 -26.74 -34.92
C THR A 1016 62.98 -27.92 -34.43
N ASP A 1017 62.59 -27.93 -33.16
CA ASP A 1017 61.79 -29.01 -32.61
C ASP A 1017 60.31 -28.66 -32.70
N THR A 1018 59.54 -29.48 -33.40
CA THR A 1018 58.12 -29.23 -33.59
C THR A 1018 57.34 -29.58 -32.32
N PRO A 1019 56.22 -28.89 -32.07
CA PRO A 1019 55.37 -29.25 -30.92
C PRO A 1019 54.73 -30.62 -31.06
N LEU A 1020 54.73 -31.21 -32.25
CA LEU A 1020 54.17 -32.54 -32.44
C LEU A 1020 54.88 -33.58 -31.57
N CYS A 1021 56.20 -33.41 -31.36
CA CYS A 1021 56.92 -34.33 -30.50
C CYS A 1021 56.37 -34.28 -29.07
N TYR A 1022 56.17 -33.08 -28.55
CA TYR A 1022 55.59 -32.95 -27.21
C TYR A 1022 54.17 -33.50 -27.16
N ALA A 1023 53.39 -33.23 -28.20
CA ALA A 1023 52.01 -33.73 -28.23
C ALA A 1023 51.97 -35.26 -28.22
N SER A 1024 52.86 -35.90 -28.99
CA SER A 1024 52.92 -37.36 -28.98
C SER A 1024 53.45 -37.89 -27.65
N GLU A 1025 54.39 -37.16 -27.04
CA GLU A 1025 54.92 -37.57 -25.74
C GLU A 1025 53.83 -37.54 -24.67
N ASN A 1026 52.98 -36.51 -24.68
CA ASN A 1026 51.94 -36.35 -23.67
C ASN A 1026 50.67 -37.13 -23.98
N GLY A 1027 50.57 -37.73 -25.15
CA GLY A 1027 49.43 -38.56 -25.50
C GLY A 1027 48.10 -37.84 -25.61
N HIS A 1028 48.09 -36.67 -26.25
CA HIS A 1028 46.85 -35.95 -26.54
C HIS A 1028 46.56 -36.12 -28.02
N PHE A 1029 45.57 -36.97 -28.33
CA PHE A 1029 45.27 -37.29 -29.73
C PHE A 1029 44.65 -36.09 -30.46
N THR A 1030 43.88 -35.27 -29.76
CA THR A 1030 43.29 -34.09 -30.39
C THR A 1030 44.36 -33.14 -30.88
N VAL A 1031 45.37 -32.87 -30.05
CA VAL A 1031 46.44 -31.96 -30.43
C VAL A 1031 47.24 -32.53 -31.59
N VAL A 1032 47.53 -33.83 -31.56
CA VAL A 1032 48.27 -34.45 -32.65
C VAL A 1032 47.49 -34.35 -33.95
N GLN A 1033 46.19 -34.64 -33.91
CA GLN A 1033 45.37 -34.55 -35.11
C GLN A 1033 45.30 -33.13 -35.63
N TYR A 1034 45.17 -32.14 -34.73
CA TYR A 1034 45.13 -30.75 -35.16
C TYR A 1034 46.44 -30.33 -35.81
N LEU A 1035 47.57 -30.74 -35.23
CA LEU A 1035 48.87 -30.39 -35.81
C LEU A 1035 49.08 -31.07 -37.16
N VAL A 1036 48.63 -32.32 -37.29
CA VAL A 1036 48.71 -33.00 -38.57
C VAL A 1036 47.87 -32.29 -39.62
N SER A 1037 46.67 -31.86 -39.24
CA SER A 1037 45.80 -31.12 -40.16
C SER A 1037 46.44 -29.80 -40.58
N ASN A 1038 47.23 -29.18 -39.69
CA ASN A 1038 47.92 -27.95 -40.05
C ASN A 1038 48.97 -28.19 -41.13
N GLY A 1039 49.66 -29.32 -41.07
CA GLY A 1039 50.68 -29.64 -42.06
C GLY A 1039 51.96 -30.14 -41.45
N ALA A 1040 51.95 -30.43 -40.15
CA ALA A 1040 53.14 -30.94 -39.47
C ALA A 1040 53.48 -32.33 -39.98
N LYS A 1041 54.77 -32.59 -40.18
CA LYS A 1041 55.24 -33.87 -40.67
C LYS A 1041 55.51 -34.81 -39.51
N VAL A 1042 54.89 -35.99 -39.57
CA VAL A 1042 55.09 -36.99 -38.51
C VAL A 1042 56.39 -37.74 -38.68
N ASN A 1043 57.01 -37.68 -39.86
CA ASN A 1043 58.27 -38.38 -40.10
C ASN A 1043 59.49 -37.56 -39.71
N HIS A 1044 59.32 -36.30 -39.34
CA HIS A 1044 60.45 -35.45 -38.98
C HIS A 1044 60.97 -35.83 -37.60
N ASP A 1045 62.27 -36.07 -37.50
CA ASP A 1045 62.87 -36.45 -36.23
C ASP A 1045 62.94 -35.25 -35.28
N CYS A 1046 62.71 -35.50 -34.00
CA CYS A 1046 62.76 -34.43 -33.01
C CYS A 1046 64.17 -33.94 -32.74
N GLY A 1047 65.19 -34.72 -33.11
CA GLY A 1047 66.56 -34.32 -32.90
C GLY A 1047 67.37 -35.33 -32.13
N ASN A 1048 68.61 -35.56 -32.56
CA ASN A 1048 69.55 -36.48 -31.92
C ASN A 1048 69.01 -37.91 -31.85
N GLY A 1049 68.10 -38.27 -32.74
CA GLY A 1049 67.53 -39.60 -32.76
C GLY A 1049 66.52 -39.89 -31.68
N MET A 1050 66.12 -38.88 -30.90
CA MET A 1050 65.15 -39.08 -29.82
C MET A 1050 63.74 -38.76 -30.33
N THR A 1051 63.24 -39.66 -31.16
CA THR A 1051 61.89 -39.51 -31.70
C THR A 1051 60.86 -39.77 -30.61
N ALA A 1052 59.78 -38.97 -30.62
CA ALA A 1052 58.75 -39.07 -29.60
C ALA A 1052 57.99 -40.38 -29.64
N ILE A 1053 58.12 -41.17 -30.71
CA ILE A 1053 57.40 -42.43 -30.79
C ILE A 1053 57.89 -43.40 -29.72
N ASP A 1054 59.16 -43.30 -29.33
CA ASP A 1054 59.69 -44.18 -28.28
C ASP A 1054 58.97 -43.93 -26.96
N LYS A 1055 58.85 -42.67 -26.56
CA LYS A 1055 58.17 -42.38 -25.30
C LYS A 1055 56.66 -42.57 -25.43
N ALA A 1056 56.11 -42.41 -26.64
CA ALA A 1056 54.71 -42.73 -26.85
C ALA A 1056 54.45 -44.22 -26.62
N ILE A 1057 55.33 -45.08 -27.12
CA ILE A 1057 55.22 -46.51 -26.86
C ILE A 1057 55.46 -46.80 -25.38
N THR A 1058 56.35 -46.05 -24.75
CA THR A 1058 56.58 -46.21 -23.31
C THR A 1058 55.31 -45.93 -22.52
N LYS A 1059 54.57 -44.88 -22.90
CA LYS A 1059 53.28 -44.60 -22.27
C LYS A 1059 52.27 -45.72 -22.51
N ASN A 1060 52.43 -46.48 -23.60
CA ASN A 1060 51.61 -47.66 -23.90
C ASN A 1060 50.16 -47.26 -24.19
N HIS A 1061 49.98 -46.32 -25.13
CA HIS A 1061 48.67 -45.92 -25.62
C HIS A 1061 48.57 -46.25 -27.11
N LEU A 1062 47.40 -46.77 -27.50
CA LEU A 1062 47.23 -47.34 -28.83
C LEU A 1062 46.77 -46.33 -29.88
N GLN A 1063 46.03 -45.30 -29.48
CA GLN A 1063 45.40 -44.42 -30.47
C GLN A 1063 46.44 -43.66 -31.28
N VAL A 1064 47.39 -43.01 -30.62
CA VAL A 1064 48.40 -42.22 -31.32
C VAL A 1064 49.32 -43.15 -32.13
N VAL A 1065 49.61 -44.34 -31.59
CA VAL A 1065 50.45 -45.28 -32.31
C VAL A 1065 49.77 -45.71 -33.62
N GLN A 1066 48.47 -46.02 -33.55
CA GLN A 1066 47.73 -46.39 -34.75
C GLN A 1066 47.65 -45.22 -35.72
N PHE A 1067 47.46 -44.00 -35.21
CA PHE A 1067 47.43 -42.83 -36.08
C PHE A 1067 48.75 -42.65 -36.82
N LEU A 1068 49.87 -42.79 -36.10
CA LEU A 1068 51.18 -42.68 -36.74
C LEU A 1068 51.40 -43.78 -37.75
N ALA A 1069 50.98 -45.01 -37.43
CA ALA A 1069 51.12 -46.11 -38.37
C ALA A 1069 50.31 -45.87 -39.64
N ALA A 1070 49.11 -45.32 -39.49
CA ALA A 1070 48.30 -44.97 -40.66
C ALA A 1070 48.94 -43.83 -41.45
N ASN A 1071 49.59 -42.89 -40.76
CA ASN A 1071 50.24 -41.78 -41.46
C ASN A 1071 51.39 -42.26 -42.32
N GLY A 1072 52.00 -43.40 -41.99
CA GLY A 1072 53.06 -43.95 -42.81
C GLY A 1072 54.46 -43.70 -42.26
N VAL A 1073 54.65 -43.92 -40.96
CA VAL A 1073 55.97 -43.75 -40.37
C VAL A 1073 56.95 -44.74 -41.01
N ASP A 1074 58.18 -44.29 -41.20
CA ASP A 1074 59.20 -45.09 -41.87
C ASP A 1074 59.78 -46.10 -40.88
N PHE A 1075 59.33 -47.35 -40.98
CA PHE A 1075 59.88 -48.41 -40.15
C PHE A 1075 61.32 -48.75 -40.53
N ARG A 1076 61.72 -48.50 -41.78
CA ARG A 1076 63.10 -48.73 -42.18
C ARG A 1076 64.05 -47.77 -41.48
N ARG A 1077 63.62 -46.54 -41.23
CA ARG A 1077 64.47 -45.56 -40.56
C ARG A 1077 64.78 -46.02 -39.14
N LYS A 1078 66.03 -45.83 -38.73
CA LYS A 1078 66.51 -46.22 -37.42
C LYS A 1078 66.89 -44.99 -36.60
N ASN A 1079 66.75 -45.11 -35.28
CA ASN A 1079 67.05 -44.02 -34.37
C ASN A 1079 68.57 -43.95 -34.14
N SER A 1080 68.97 -43.17 -33.13
CA SER A 1080 70.39 -43.05 -32.80
C SER A 1080 70.97 -44.39 -32.37
N ARG A 1081 70.20 -45.16 -31.60
CA ARG A 1081 70.64 -46.50 -31.19
C ARG A 1081 70.71 -47.47 -32.36
N GLY A 1082 70.12 -47.14 -33.50
CA GLY A 1082 70.13 -48.02 -34.65
C GLY A 1082 69.08 -49.10 -34.64
N THR A 1083 68.08 -49.00 -33.76
CA THR A 1083 67.03 -50.00 -33.65
C THR A 1083 65.78 -49.55 -34.37
N THR A 1084 65.10 -50.48 -35.03
CA THR A 1084 63.87 -50.19 -35.74
C THR A 1084 62.75 -49.85 -34.76
N PRO A 1085 61.74 -49.10 -35.20
CA PRO A 1085 60.66 -48.72 -34.27
C PRO A 1085 59.96 -49.90 -33.63
N PHE A 1086 59.75 -51.00 -34.35
CA PHE A 1086 59.11 -52.16 -33.74
C PHE A 1086 60.04 -52.83 -32.74
N LEU A 1087 61.35 -52.85 -33.03
CA LEU A 1087 62.31 -53.35 -32.04
C LEU A 1087 62.33 -52.46 -30.81
N THR A 1088 62.21 -51.15 -31.00
CA THR A 1088 62.11 -50.25 -29.85
C THR A 1088 60.84 -50.52 -29.05
N ALA A 1089 59.73 -50.77 -29.73
CA ALA A 1089 58.49 -51.10 -29.04
C ALA A 1089 58.61 -52.38 -28.23
N VAL A 1090 59.28 -53.40 -28.80
CA VAL A 1090 59.54 -54.63 -28.06
C VAL A 1090 60.43 -54.33 -26.84
N ALA A 1091 61.45 -53.49 -27.03
CA ALA A 1091 62.33 -53.13 -25.93
C ALA A 1091 61.62 -52.33 -24.85
N GLU A 1092 60.50 -51.68 -25.18
CA GLU A 1092 59.71 -50.95 -24.19
C GLU A 1092 58.64 -51.82 -23.55
N ASN A 1093 58.58 -53.10 -23.89
CA ASN A 1093 57.64 -54.06 -23.29
C ASN A 1093 56.20 -53.59 -23.48
N ALA A 1094 55.84 -53.26 -24.71
CA ALA A 1094 54.48 -52.86 -25.07
C ALA A 1094 53.82 -54.04 -25.77
N LEU A 1095 52.99 -54.78 -25.02
CA LEU A 1095 52.36 -55.97 -25.57
C LEU A 1095 51.37 -55.63 -26.67
N HIS A 1096 50.45 -54.70 -26.39
CA HIS A 1096 49.39 -54.40 -27.35
C HIS A 1096 49.92 -53.64 -28.56
N ILE A 1097 50.87 -52.73 -28.36
CA ILE A 1097 51.44 -51.99 -29.48
C ILE A 1097 52.17 -52.93 -30.42
N ALA A 1098 53.02 -53.81 -29.86
CA ALA A 1098 53.73 -54.78 -30.69
C ALA A 1098 52.76 -55.74 -31.36
N GLU A 1099 51.70 -56.13 -30.66
CA GLU A 1099 50.71 -57.03 -31.24
C GLU A 1099 50.03 -56.38 -32.45
N TYR A 1100 49.62 -55.12 -32.32
CA TYR A 1100 49.02 -54.42 -33.44
C TYR A 1100 50.01 -54.27 -34.59
N LEU A 1101 51.26 -53.91 -34.28
CA LEU A 1101 52.26 -53.72 -35.32
C LEU A 1101 52.52 -55.02 -36.08
N ILE A 1102 52.57 -56.15 -35.38
CA ILE A 1102 52.82 -57.40 -36.07
C ILE A 1102 51.59 -57.88 -36.82
N ARG A 1103 50.38 -57.69 -36.27
CA ARG A 1103 49.19 -58.21 -36.94
C ARG A 1103 48.86 -57.42 -38.20
N GLU A 1104 48.83 -56.09 -38.11
CA GLU A 1104 48.36 -55.28 -39.24
C GLU A 1104 49.47 -54.78 -40.15
N LYS A 1105 50.73 -55.09 -39.86
CA LYS A 1105 51.85 -54.70 -40.72
C LYS A 1105 52.73 -55.90 -41.04
N ARG A 1106 52.11 -57.01 -41.44
CA ARG A 1106 52.88 -58.17 -41.88
C ARG A 1106 53.69 -57.86 -43.13
N GLN A 1107 53.06 -57.25 -44.12
CA GLN A 1107 53.76 -56.95 -45.37
C GLN A 1107 54.67 -55.72 -45.24
N ASP A 1108 54.35 -54.80 -44.33
CA ASP A 1108 55.13 -53.58 -44.22
C ASP A 1108 56.53 -53.85 -43.69
N ILE A 1109 56.67 -54.72 -42.68
CA ILE A 1109 57.94 -55.07 -42.09
C ILE A 1109 58.18 -56.56 -42.28
N ASN A 1110 59.35 -56.91 -42.81
CA ASN A 1110 59.71 -58.30 -43.00
C ASN A 1110 60.07 -58.95 -41.67
N ILE A 1111 59.75 -60.25 -41.56
CA ILE A 1111 60.10 -60.98 -40.36
C ILE A 1111 61.60 -61.23 -40.28
N ASN A 1112 62.32 -61.05 -41.38
CA ASN A 1112 63.78 -61.12 -41.38
C ASN A 1112 64.44 -59.76 -41.18
N GLU A 1113 63.66 -58.69 -41.09
CA GLU A 1113 64.25 -57.36 -40.92
C GLU A 1113 64.97 -57.25 -39.59
N GLN A 1114 66.18 -56.69 -39.63
CA GLN A 1114 67.04 -56.60 -38.45
C GLN A 1114 67.61 -55.20 -38.34
N ASN A 1115 68.07 -54.87 -37.14
CA ASN A 1115 68.66 -53.57 -36.86
C ASN A 1115 70.15 -53.58 -37.24
N VAL A 1116 70.88 -52.54 -36.82
CA VAL A 1116 72.29 -52.46 -37.14
C VAL A 1116 73.07 -53.60 -36.51
N ASP A 1117 72.72 -53.96 -35.27
CA ASP A 1117 73.40 -55.06 -34.60
C ASP A 1117 72.85 -56.42 -35.02
N LYS A 1118 71.80 -56.44 -35.85
CA LYS A 1118 71.26 -57.67 -36.44
C LYS A 1118 70.75 -58.63 -35.36
N ASP A 1119 69.77 -58.15 -34.60
CA ASP A 1119 69.08 -58.95 -33.60
C ASP A 1119 67.60 -59.02 -33.92
N THR A 1120 66.98 -60.15 -33.54
CA THR A 1120 65.54 -60.32 -33.63
C THR A 1120 64.88 -59.85 -32.34
N ALA A 1121 63.56 -59.68 -32.41
CA ALA A 1121 62.81 -59.22 -31.24
C ALA A 1121 62.69 -60.28 -30.16
N LEU A 1122 62.98 -61.55 -30.49
CA LEU A 1122 62.81 -62.64 -29.53
C LEU A 1122 63.75 -62.47 -28.34
N HIS A 1123 65.04 -62.22 -28.60
CA HIS A 1123 66.00 -62.07 -27.52
C HIS A 1123 65.71 -60.83 -26.68
N LEU A 1124 65.38 -59.72 -27.33
CA LEU A 1124 65.04 -58.50 -26.59
C LEU A 1124 63.81 -58.70 -25.73
N ALA A 1125 62.86 -59.52 -26.20
CA ALA A 1125 61.66 -59.80 -25.41
C ALA A 1125 61.96 -60.71 -24.23
N VAL A 1126 62.78 -61.74 -24.45
CA VAL A 1126 63.19 -62.63 -23.36
C VAL A 1126 63.99 -61.85 -22.32
N TYR A 1127 64.67 -60.78 -22.75
CA TYR A 1127 65.43 -59.96 -21.81
C TYR A 1127 64.55 -59.38 -20.70
N TYR A 1128 63.24 -59.24 -20.93
CA TYR A 1128 62.30 -58.81 -19.91
C TYR A 1128 61.46 -59.94 -19.35
N LYS A 1129 61.82 -61.19 -19.66
CA LYS A 1129 61.24 -62.39 -19.04
C LYS A 1129 59.75 -62.55 -19.33
N ASN A 1130 59.23 -61.90 -20.36
CA ASN A 1130 57.81 -62.01 -20.67
C ASN A 1130 57.52 -63.34 -21.35
N LEU A 1131 56.27 -63.81 -21.19
CA LEU A 1131 55.87 -65.12 -21.69
C LEU A 1131 54.78 -65.06 -22.73
N GLN A 1132 53.67 -64.37 -22.46
CA GLN A 1132 52.55 -64.39 -23.40
C GLN A 1132 52.95 -63.81 -24.75
N MET A 1133 53.62 -62.66 -24.74
CA MET A 1133 53.99 -62.03 -26.01
C MET A 1133 55.09 -62.82 -26.72
N ILE A 1134 55.94 -63.52 -25.99
CA ILE A 1134 56.91 -64.38 -26.66
C ILE A 1134 56.21 -65.57 -27.31
N LYS A 1135 55.16 -66.11 -26.68
CA LYS A 1135 54.38 -67.16 -27.35
C LYS A 1135 53.71 -66.63 -28.61
N LEU A 1136 53.16 -65.41 -28.54
CA LEU A 1136 52.60 -64.79 -29.74
C LEU A 1136 53.65 -64.64 -30.83
N LEU A 1137 54.86 -64.19 -30.46
CA LEU A 1137 55.92 -64.06 -31.45
C LEU A 1137 56.29 -65.40 -32.06
N ILE A 1138 56.33 -66.46 -31.24
CA ILE A 1138 56.68 -67.79 -31.73
C ILE A 1138 55.63 -68.27 -32.72
N LYS A 1139 54.34 -68.08 -32.41
CA LYS A 1139 53.31 -68.59 -33.30
C LYS A 1139 53.21 -67.82 -34.61
N TYR A 1140 53.91 -66.69 -34.74
CA TYR A 1140 53.93 -65.97 -36.01
C TYR A 1140 54.96 -66.53 -36.99
N GLY A 1141 55.80 -67.46 -36.56
CA GLY A 1141 56.86 -67.99 -37.42
C GLY A 1141 58.05 -67.06 -37.51
N ILE A 1142 58.71 -66.83 -36.37
CA ILE A 1142 59.87 -65.94 -36.34
C ILE A 1142 61.05 -66.61 -37.04
N ASP A 1143 61.88 -65.80 -37.68
CA ASP A 1143 63.07 -66.29 -38.36
C ASP A 1143 64.18 -66.56 -37.35
N VAL A 1144 64.85 -67.69 -37.50
CA VAL A 1144 65.95 -68.08 -36.62
C VAL A 1144 67.16 -68.47 -37.45
N THR A 1145 67.07 -68.29 -38.76
CA THR A 1145 68.13 -68.70 -39.68
C THR A 1145 68.84 -67.51 -40.33
N ILE A 1146 68.77 -66.33 -39.72
CA ILE A 1146 69.41 -65.14 -40.28
C ILE A 1146 70.64 -64.82 -39.45
N ARG A 1147 71.55 -64.03 -40.04
CA ARG A 1147 72.83 -63.74 -39.43
C ARG A 1147 72.67 -62.87 -38.18
N ASN A 1148 73.73 -62.82 -37.39
CA ASN A 1148 73.80 -61.97 -36.21
C ASN A 1148 75.23 -61.49 -36.05
N ALA A 1149 75.39 -60.41 -35.29
CA ALA A 1149 76.67 -59.72 -35.18
C ALA A 1149 77.52 -60.20 -34.00
N TYR A 1150 77.00 -60.08 -32.78
CA TYR A 1150 77.82 -60.31 -31.60
C TYR A 1150 78.04 -61.80 -31.32
N ASP A 1151 77.25 -62.68 -31.93
CA ASP A 1151 77.50 -64.12 -31.95
C ASP A 1151 77.49 -64.72 -30.55
N LYS A 1152 76.35 -64.63 -29.88
CA LYS A 1152 76.08 -65.39 -28.68
C LYS A 1152 74.78 -66.18 -28.86
N THR A 1153 74.85 -67.48 -28.57
CA THR A 1153 73.71 -68.36 -28.74
C THR A 1153 72.74 -68.23 -27.57
N ALA A 1154 71.63 -68.96 -27.65
CA ALA A 1154 70.61 -68.93 -26.62
C ALA A 1154 70.69 -70.09 -25.64
N LEU A 1155 71.10 -71.28 -26.09
CA LEU A 1155 71.18 -72.42 -25.21
C LEU A 1155 72.26 -72.24 -24.15
N ASP A 1156 73.44 -71.78 -24.57
CA ASP A 1156 74.55 -71.62 -23.63
C ASP A 1156 74.23 -70.58 -22.57
N ILE A 1157 73.63 -69.46 -22.96
CA ILE A 1157 73.24 -68.45 -21.97
C ILE A 1157 72.05 -68.94 -21.16
N ALA A 1158 71.25 -69.87 -21.70
CA ALA A 1158 70.12 -70.40 -20.95
C ALA A 1158 70.59 -71.34 -19.85
N ILE A 1159 71.70 -72.05 -20.06
CA ILE A 1159 72.20 -72.94 -19.02
C ILE A 1159 72.55 -72.16 -17.76
N ASP A 1160 73.22 -71.02 -17.91
CA ASP A 1160 73.75 -70.29 -16.76
C ASP A 1160 73.21 -68.86 -16.68
N ALA A 1161 71.97 -68.63 -17.14
CA ALA A 1161 71.33 -67.34 -16.99
C ALA A 1161 69.97 -67.41 -16.30
N LYS A 1162 69.49 -68.61 -15.95
CA LYS A 1162 68.32 -68.80 -15.10
C LYS A 1162 67.05 -68.21 -15.73
N PHE A 1163 66.69 -68.77 -16.89
CA PHE A 1163 65.31 -68.67 -17.38
C PHE A 1163 64.93 -70.04 -17.92
N SER A 1164 63.79 -70.56 -17.46
CA SER A 1164 63.39 -71.94 -17.75
C SER A 1164 62.16 -72.05 -18.63
N ASN A 1165 61.09 -71.31 -18.31
CA ASN A 1165 59.82 -71.51 -19.00
C ASN A 1165 59.94 -71.21 -20.50
N ILE A 1166 60.64 -70.14 -20.85
CA ILE A 1166 60.75 -69.75 -22.26
C ILE A 1166 61.50 -70.80 -23.05
N VAL A 1167 62.64 -71.27 -22.53
CA VAL A 1167 63.44 -72.25 -23.27
C VAL A 1167 62.73 -73.60 -23.33
N GLU A 1168 62.02 -73.99 -22.26
CA GLU A 1168 61.24 -75.21 -22.32
C GLU A 1168 60.12 -75.10 -23.35
N TYR A 1169 59.49 -73.92 -23.46
CA TYR A 1169 58.48 -73.74 -24.48
C TYR A 1169 59.09 -73.81 -25.88
N LEU A 1170 60.30 -73.28 -26.05
CA LEU A 1170 60.99 -73.39 -27.33
C LEU A 1170 61.22 -74.85 -27.70
N LYS A 1171 61.69 -75.65 -26.74
CA LYS A 1171 62.00 -77.05 -27.02
C LYS A 1171 60.76 -77.91 -27.15
N THR A 1172 59.65 -77.52 -26.51
CA THR A 1172 58.47 -78.39 -26.44
C THR A 1172 57.83 -78.58 -27.81
N LYS A 1173 57.35 -77.50 -28.41
CA LYS A 1173 56.52 -77.59 -29.60
C LYS A 1173 57.31 -77.32 -30.89
N SER A 1174 57.98 -76.17 -30.96
CA SER A 1174 58.71 -75.78 -32.17
C SER A 1174 59.97 -76.63 -32.28
N GLY A 1175 59.88 -77.70 -33.07
CA GLY A 1175 61.00 -78.60 -33.25
C GLY A 1175 60.59 -80.06 -33.29
N SER B 96 60.14 28.29 -34.65
CA SER B 96 59.66 27.68 -33.40
C SER B 96 58.37 28.33 -32.95
N HIS B 97 58.26 29.66 -33.09
CA HIS B 97 57.03 30.36 -32.69
C HIS B 97 55.86 29.96 -33.57
N SER B 98 56.05 29.99 -34.89
CA SER B 98 54.96 29.67 -35.81
C SER B 98 54.49 28.25 -35.62
N ALA B 99 55.43 27.32 -35.39
CA ALA B 99 55.04 25.95 -35.03
C ALA B 99 54.28 25.94 -33.70
N ALA B 100 54.73 26.75 -32.74
CA ALA B 100 54.02 26.85 -31.47
C ALA B 100 52.72 27.63 -31.63
N LEU B 101 52.72 28.66 -32.48
CA LEU B 101 51.52 29.46 -32.67
C LEU B 101 50.37 28.63 -33.22
N GLU B 102 50.65 27.75 -34.19
CA GLU B 102 49.63 26.83 -34.64
C GLU B 102 49.39 25.71 -33.63
N GLU B 103 50.41 25.39 -32.83
CA GLU B 103 50.23 24.40 -31.76
C GLU B 103 49.24 24.90 -30.72
N ILE B 104 49.36 26.17 -30.32
CA ILE B 104 48.38 26.73 -29.41
C ILE B 104 47.01 26.78 -30.07
N THR B 105 46.96 27.19 -31.34
CA THR B 105 45.67 27.28 -32.04
C THR B 105 45.01 25.92 -32.15
N LYS B 106 45.76 24.88 -32.52
CA LYS B 106 45.17 23.56 -32.67
C LYS B 106 44.74 23.01 -31.31
N LEU B 107 45.51 23.27 -30.26
CA LEU B 107 45.10 22.83 -28.93
C LEU B 107 43.82 23.53 -28.49
N VAL B 108 43.70 24.83 -28.75
CA VAL B 108 42.49 25.55 -28.38
C VAL B 108 41.29 25.02 -29.16
N GLU B 109 41.43 24.80 -30.46
CA GLU B 109 40.29 24.34 -31.24
C GLU B 109 39.90 22.91 -30.87
N LYS B 110 40.88 22.06 -30.58
CA LYS B 110 40.53 20.70 -30.15
C LYS B 110 39.91 20.71 -28.75
N SER B 111 40.33 21.62 -27.87
CA SER B 111 39.66 21.77 -26.59
C SER B 111 38.22 22.23 -26.76
N ILE B 112 38.00 23.16 -27.70
CA ILE B 112 36.64 23.60 -27.99
C ILE B 112 35.79 22.45 -28.52
N SER B 113 36.35 21.65 -29.41
CA SER B 113 35.62 20.48 -29.93
C SER B 113 35.31 19.49 -28.83
N VAL B 114 36.26 19.26 -27.92
CA VAL B 114 36.02 18.38 -26.78
C VAL B 114 34.90 18.95 -25.90
N VAL B 115 34.89 20.27 -25.72
CA VAL B 115 33.83 20.90 -24.93
C VAL B 115 32.47 20.70 -25.59
N GLU B 116 32.40 20.86 -26.92
CA GLU B 116 31.14 20.64 -27.62
C GLU B 116 30.68 19.19 -27.52
N LYS B 117 31.61 18.24 -27.69
CA LYS B 117 31.26 16.84 -27.54
C LYS B 117 30.77 16.55 -26.13
N THR B 118 31.45 17.11 -25.13
CA THR B 118 31.08 16.88 -23.74
C THR B 118 29.69 17.44 -23.45
N ARG B 119 29.40 18.65 -23.93
CA ARG B 119 28.09 19.24 -23.65
C ARG B 119 26.98 18.48 -24.36
N LYS B 120 27.22 18.04 -25.60
CA LYS B 120 26.21 17.25 -26.30
C LYS B 120 25.94 15.94 -25.56
N GLN B 121 27.00 15.23 -25.18
CA GLN B 121 26.80 13.95 -24.52
C GLN B 121 26.15 14.13 -23.15
N MET B 122 26.49 15.20 -22.43
CA MET B 122 25.88 15.34 -21.11
C MET B 122 24.43 15.79 -21.24
N ASN B 123 24.09 16.58 -22.26
CA ASN B 123 22.69 16.91 -22.46
C ASN B 123 21.88 15.65 -22.79
N LYS B 124 22.44 14.77 -23.63
CA LYS B 124 21.78 13.50 -23.88
C LYS B 124 21.64 12.69 -22.59
N ARG B 125 22.66 12.72 -21.74
CA ARG B 125 22.62 11.91 -20.53
C ARG B 125 21.73 12.52 -19.45
N PHE B 126 21.60 13.86 -19.39
CA PHE B 126 20.54 14.45 -18.58
C PHE B 126 19.17 14.05 -19.09
N ASP B 127 18.98 14.01 -20.41
CA ASP B 127 17.72 13.51 -20.95
C ASP B 127 17.47 12.08 -20.47
N GLU B 128 18.51 11.25 -20.49
CA GLU B 128 18.46 9.93 -19.86
C GLU B 128 18.01 10.03 -18.40
N VAL B 129 18.54 11.01 -17.67
CA VAL B 129 18.21 11.16 -16.26
C VAL B 129 16.73 11.46 -16.07
N MET B 130 16.20 12.43 -16.83
CA MET B 130 14.78 12.76 -16.68
C MET B 130 13.89 11.60 -17.11
N LYS B 131 14.24 10.88 -18.19
CA LYS B 131 13.36 9.77 -18.55
C LYS B 131 13.44 8.64 -17.54
N SER B 132 14.61 8.42 -16.93
CA SER B 132 14.72 7.42 -15.88
C SER B 132 13.92 7.83 -14.65
N ILE B 133 13.94 9.12 -14.30
CA ILE B 133 13.15 9.58 -13.16
C ILE B 133 11.66 9.43 -13.44
N GLN B 134 11.22 9.81 -14.65
CA GLN B 134 9.81 9.64 -15.02
C GLN B 134 9.42 8.17 -15.00
N ASP B 135 10.31 7.30 -15.48
CA ASP B 135 10.12 5.86 -15.32
C ASP B 135 9.88 5.53 -13.86
N ALA B 136 10.85 5.81 -12.99
CA ALA B 136 10.74 5.45 -11.59
C ALA B 136 9.45 5.98 -10.95
N LYS B 137 8.97 7.14 -11.41
CA LYS B 137 7.68 7.64 -10.92
C LYS B 137 6.51 6.78 -11.39
N VAL B 138 6.46 6.47 -12.69
CA VAL B 138 5.28 5.81 -13.24
C VAL B 138 5.33 4.29 -13.08
N SER B 139 6.50 3.73 -12.79
CA SER B 139 6.66 2.27 -12.75
C SER B 139 5.78 1.58 -11.74
N PRO B 140 5.61 2.07 -10.51
CA PRO B 140 4.61 1.43 -9.63
C PRO B 140 3.22 1.41 -10.23
N ILE B 141 2.83 2.49 -10.90
CA ILE B 141 1.49 2.57 -11.49
C ILE B 141 1.34 1.53 -12.60
N ILE B 142 2.30 1.52 -13.54
CA ILE B 142 2.23 0.58 -14.66
C ILE B 142 2.31 -0.85 -14.16
N SER B 143 3.17 -1.10 -13.18
CA SER B 143 3.31 -2.45 -12.64
C SER B 143 2.02 -2.92 -11.98
N LYS B 144 1.37 -2.06 -11.19
CA LYS B 144 0.11 -2.44 -10.57
C LYS B 144 -0.95 -2.70 -11.63
N ILE B 145 -1.02 -1.86 -12.66
CA ILE B 145 -2.02 -2.04 -13.72
C ILE B 145 -1.79 -3.37 -14.42
N ASN B 146 -0.55 -3.66 -14.81
CA ASN B 146 -0.26 -4.90 -15.52
C ASN B 146 -0.51 -6.12 -14.66
N ASN B 147 -0.08 -6.09 -13.39
CA ASN B 147 -0.29 -7.22 -12.51
C ASN B 147 -1.78 -7.49 -12.29
N PHE B 148 -2.55 -6.43 -12.05
CA PHE B 148 -3.99 -6.61 -11.85
C PHE B 148 -4.64 -7.15 -13.12
N ALA B 149 -4.26 -6.63 -14.28
CA ALA B 149 -4.88 -7.07 -15.53
C ALA B 149 -4.57 -8.55 -15.81
N ARG B 150 -3.30 -8.92 -15.72
CA ARG B 150 -2.92 -10.30 -15.98
C ARG B 150 -3.52 -11.27 -14.96
N TYR B 151 -3.52 -10.86 -13.69
CA TYR B 151 -4.13 -11.70 -12.66
C TYR B 151 -5.61 -11.88 -12.92
N PHE B 152 -6.32 -10.81 -13.30
CA PHE B 152 -7.74 -10.92 -13.59
C PHE B 152 -7.97 -11.84 -14.78
N ASP B 153 -7.17 -11.70 -15.84
CA ASP B 153 -7.37 -12.55 -17.02
C ASP B 153 -7.16 -14.02 -16.68
N THR B 154 -6.07 -14.32 -15.97
CA THR B 154 -5.77 -15.71 -15.62
C THR B 154 -6.85 -16.28 -14.71
N GLU B 155 -7.25 -15.52 -13.67
CA GLU B 155 -8.28 -16.00 -12.77
C GLU B 155 -9.61 -16.16 -13.47
N LYS B 156 -9.95 -15.25 -14.39
CA LYS B 156 -11.21 -15.35 -15.11
C LYS B 156 -11.25 -16.63 -15.94
N GLU B 157 -10.23 -16.86 -16.76
CA GLU B 157 -10.23 -18.07 -17.58
C GLU B 157 -10.21 -19.33 -16.73
N ARG B 158 -9.42 -19.31 -15.64
CA ARG B 158 -9.36 -20.47 -14.76
C ARG B 158 -10.71 -20.77 -14.13
N ILE B 159 -11.31 -19.77 -13.48
CA ILE B 159 -12.58 -19.95 -12.79
C ILE B 159 -13.68 -20.35 -13.77
N ARG B 160 -13.58 -19.88 -15.02
CA ARG B 160 -14.44 -20.46 -16.06
C ARG B 160 -14.13 -21.94 -16.27
N GLY B 161 -12.87 -22.34 -16.07
CA GLY B 161 -12.50 -23.73 -16.27
C GLY B 161 -12.74 -24.67 -15.11
N LEU B 162 -12.91 -24.17 -13.89
CA LEU B 162 -13.14 -25.07 -12.76
C LEU B 162 -14.52 -25.71 -12.81
N LYS B 163 -14.67 -26.78 -12.03
CA LYS B 163 -15.90 -27.56 -11.91
C LYS B 163 -16.91 -26.81 -11.04
N LEU B 164 -18.17 -27.25 -11.13
CA LEU B 164 -19.27 -26.54 -10.47
C LEU B 164 -19.03 -26.36 -8.97
N ASN B 165 -18.66 -27.45 -8.29
CA ASN B 165 -18.39 -27.35 -6.85
C ASN B 165 -17.18 -26.46 -6.58
N ASP B 166 -16.12 -26.63 -7.37
CA ASP B 166 -14.96 -25.74 -7.25
C ASP B 166 -15.33 -24.31 -7.59
N TYR B 167 -16.20 -24.12 -8.59
CA TYR B 167 -16.72 -22.80 -8.93
C TYR B 167 -17.38 -22.15 -7.72
N ILE B 168 -18.28 -22.88 -7.07
CA ILE B 168 -19.00 -22.36 -5.91
C ILE B 168 -18.04 -22.03 -4.78
N LEU B 169 -17.09 -22.94 -4.50
CA LEU B 169 -16.16 -22.71 -3.39
C LEU B 169 -15.28 -21.49 -3.66
N LYS B 170 -14.82 -21.32 -4.91
CA LYS B 170 -14.01 -20.15 -5.23
C LYS B 170 -14.84 -18.87 -5.13
N LEU B 171 -16.10 -18.92 -5.55
CA LEU B 171 -16.94 -17.73 -5.49
C LEU B 171 -17.37 -17.42 -4.05
N GLU B 172 -17.70 -18.45 -3.28
CA GLU B 172 -18.26 -18.26 -1.94
C GLU B 172 -17.18 -18.22 -0.85
N GLU B 173 -15.93 -17.99 -1.24
CA GLU B 173 -14.87 -17.90 -0.24
C GLU B 173 -15.13 -16.70 0.68
N PRO B 174 -14.96 -16.86 2.00
CA PRO B 174 -15.22 -15.72 2.90
C PRO B 174 -14.38 -14.50 2.56
N ASN B 175 -13.13 -14.69 2.18
CA ASN B 175 -12.30 -13.63 1.59
C ASN B 175 -11.98 -14.09 0.17
N GLY B 176 -12.89 -13.82 -0.76
CA GLY B 176 -12.76 -14.28 -2.12
C GLY B 176 -12.29 -13.19 -3.06
N ILE B 177 -12.24 -13.55 -4.34
CA ILE B 177 -11.82 -12.60 -5.36
C ILE B 177 -12.95 -11.65 -5.76
N LEU B 178 -14.20 -12.02 -5.47
CA LEU B 178 -15.32 -11.14 -5.76
C LEU B 178 -15.23 -9.85 -4.95
N LEU B 179 -14.87 -9.96 -3.67
CA LEU B 179 -14.70 -8.75 -2.84
C LEU B 179 -13.55 -7.90 -3.35
N HIS B 180 -12.45 -8.54 -3.78
CA HIS B 180 -11.34 -7.80 -4.34
C HIS B 180 -11.75 -7.04 -5.60
N PHE B 181 -12.53 -7.69 -6.46
CA PHE B 181 -13.01 -7.00 -7.66
C PHE B 181 -13.98 -5.87 -7.30
N LYS B 182 -14.80 -6.06 -6.27
CA LYS B 182 -15.68 -4.98 -5.82
C LYS B 182 -14.88 -3.78 -5.34
N GLU B 183 -13.81 -4.01 -4.59
CA GLU B 183 -12.98 -2.92 -4.10
C GLU B 183 -11.98 -2.42 -5.13
N SER B 184 -11.86 -3.09 -6.28
CA SER B 184 -10.89 -2.68 -7.29
C SER B 184 -11.14 -1.29 -7.86
N ARG B 185 -12.34 -0.72 -7.68
CA ARG B 185 -12.58 0.64 -8.12
C ARG B 185 -12.46 1.66 -7.00
N THR B 186 -12.24 1.21 -5.77
CA THR B 186 -12.15 2.12 -4.64
C THR B 186 -10.84 2.91 -4.70
N PRO B 187 -10.77 4.07 -4.06
CA PRO B 187 -9.56 4.89 -4.11
C PRO B 187 -8.38 4.32 -3.32
N THR B 188 -8.47 3.09 -2.85
CA THR B 188 -7.35 2.46 -2.16
C THR B 188 -6.17 2.28 -3.12
N ASP B 189 -4.98 2.09 -2.53
CA ASP B 189 -3.76 2.03 -3.32
C ASP B 189 -3.77 0.82 -4.25
N ASP B 190 -4.12 -0.36 -3.73
CA ASP B 190 -4.05 -1.59 -4.50
C ASP B 190 -5.11 -1.69 -5.60
N SER B 191 -6.09 -0.79 -5.61
CA SER B 191 -7.17 -0.86 -6.57
C SER B 191 -6.78 -0.20 -7.89
N LEU B 192 -7.72 -0.14 -8.83
CA LEU B 192 -7.49 0.44 -10.15
C LEU B 192 -7.93 1.90 -10.25
N GLN B 193 -8.60 2.43 -9.23
CA GLN B 193 -9.03 3.83 -9.25
C GLN B 193 -7.84 4.76 -9.31
N ALA B 194 -7.02 4.73 -8.26
CA ALA B 194 -5.89 5.66 -8.14
C ALA B 194 -4.90 5.58 -9.28
N PRO B 195 -4.45 4.39 -9.74
CA PRO B 195 -3.48 4.36 -10.84
C PRO B 195 -3.98 5.07 -12.09
N LEU B 196 -5.13 4.65 -12.60
CA LEU B 196 -5.66 5.21 -13.84
C LEU B 196 -5.96 6.70 -13.69
N PHE B 197 -6.60 7.09 -12.57
CA PHE B 197 -6.98 8.48 -12.41
C PHE B 197 -5.76 9.38 -12.21
N SER B 198 -4.74 8.91 -11.49
CA SER B 198 -3.50 9.67 -11.38
C SER B 198 -2.81 9.78 -12.73
N ILE B 199 -2.84 8.72 -13.54
CA ILE B 199 -2.24 8.78 -14.87
C ILE B 199 -2.92 9.85 -15.71
N ILE B 200 -4.25 9.87 -15.72
CA ILE B 200 -4.94 10.83 -16.59
C ILE B 200 -4.86 12.25 -16.02
N GLU B 201 -4.83 12.39 -14.70
CA GLU B 201 -4.79 13.73 -14.10
C GLU B 201 -3.40 14.36 -14.24
N GLU B 202 -2.34 13.59 -13.99
CA GLU B 202 -1.00 14.13 -14.03
C GLU B 202 -0.55 14.50 -15.44
N GLY B 203 -1.24 14.00 -16.47
CA GLY B 203 -0.97 14.40 -17.83
C GLY B 203 0.39 14.04 -18.38
N TYR B 204 0.93 12.90 -17.97
CA TYR B 204 2.19 12.41 -18.52
C TYR B 204 1.98 11.46 -19.70
N ALA B 205 0.74 11.18 -20.07
CA ALA B 205 0.49 10.27 -21.18
C ALA B 205 0.77 10.93 -22.52
N VAL B 206 0.51 12.22 -22.66
CA VAL B 206 0.65 12.88 -23.97
C VAL B 206 2.12 12.92 -24.35
N PRO B 207 2.47 12.56 -25.60
CA PRO B 207 3.85 12.72 -26.07
C PRO B 207 4.42 14.12 -25.88
N LYS B 208 5.74 14.24 -26.01
CA LYS B 208 6.42 15.53 -26.03
C LYS B 208 6.94 15.79 -27.44
N SER B 209 7.60 16.95 -27.60
CA SER B 209 8.12 17.35 -28.90
C SER B 209 9.32 16.52 -29.34
N ILE B 210 9.94 15.78 -28.43
CA ILE B 210 11.11 14.97 -28.80
C ILE B 210 10.69 13.81 -29.70
N ASP B 211 9.46 13.33 -29.57
CA ASP B 211 8.87 12.21 -30.31
C ASP B 211 9.48 10.87 -29.95
N ASP B 212 10.47 10.82 -29.06
CA ASP B 212 11.08 9.58 -28.59
C ASP B 212 10.85 9.53 -27.08
N GLU B 213 9.74 8.91 -26.68
CA GLU B 213 9.35 8.89 -25.27
C GLU B 213 8.57 7.62 -24.99
N LEU B 214 8.64 7.16 -23.74
CA LEU B 214 7.97 5.95 -23.30
C LEU B 214 6.48 6.15 -23.01
N ALA B 215 5.90 7.27 -23.46
CA ALA B 215 4.50 7.57 -23.15
C ALA B 215 3.56 6.55 -23.78
N PHE B 216 3.92 5.96 -24.92
CA PHE B 216 3.05 4.98 -25.55
C PHE B 216 2.81 3.77 -24.64
N LYS B 217 3.79 3.43 -23.81
CA LYS B 217 3.57 2.41 -22.79
C LYS B 217 2.49 2.84 -21.81
N VAL B 218 2.48 4.12 -21.45
CA VAL B 218 1.45 4.64 -20.56
C VAL B 218 0.08 4.57 -21.23
N LEU B 219 0.01 4.90 -22.52
CA LEU B 219 -1.26 4.78 -23.25
C LEU B 219 -1.73 3.33 -23.29
N TYR B 220 -0.81 2.39 -23.54
CA TYR B 220 -1.18 0.98 -23.58
C TYR B 220 -1.69 0.53 -22.21
N ALA B 221 -1.02 0.96 -21.14
CA ALA B 221 -1.47 0.62 -19.79
C ALA B 221 -2.86 1.19 -19.50
N LEU B 222 -3.10 2.44 -19.92
CA LEU B 222 -4.41 3.05 -19.74
C LEU B 222 -5.49 2.28 -20.48
N LEU B 223 -5.23 1.94 -21.74
CA LEU B 223 -6.22 1.21 -22.53
C LEU B 223 -6.51 -0.16 -21.92
N TYR B 224 -5.46 -0.87 -21.52
CA TYR B 224 -5.63 -2.19 -20.94
C TYR B 224 -6.36 -2.11 -19.61
N GLY B 225 -6.08 -1.08 -18.81
CA GLY B 225 -6.78 -0.91 -17.55
C GLY B 225 -8.25 -0.62 -17.74
N THR B 226 -8.59 0.24 -18.71
CA THR B 226 -10.00 0.50 -18.98
C THR B 226 -10.72 -0.75 -19.46
N GLN B 227 -10.09 -1.49 -20.37
CA GLN B 227 -10.71 -2.73 -20.86
C GLN B 227 -10.90 -3.73 -19.73
N THR B 228 -9.90 -3.87 -18.85
CA THR B 228 -10.02 -4.79 -17.73
C THR B 228 -11.09 -4.32 -16.74
N TYR B 229 -11.25 -3.01 -16.58
CA TYR B 229 -12.29 -2.51 -15.67
C TYR B 229 -13.68 -2.83 -16.21
N VAL B 230 -13.88 -2.65 -17.52
CA VAL B 230 -15.16 -3.04 -18.12
C VAL B 230 -15.40 -4.54 -17.97
N SER B 231 -14.35 -5.33 -18.20
CA SER B 231 -14.50 -6.78 -18.14
C SER B 231 -14.76 -7.25 -16.72
N VAL B 232 -14.13 -6.63 -15.72
CA VAL B 232 -14.40 -7.03 -14.33
C VAL B 232 -15.81 -6.62 -13.94
N MET B 233 -16.29 -5.49 -14.44
CA MET B 233 -17.70 -5.14 -14.24
C MET B 233 -18.61 -6.26 -14.74
N PHE B 234 -18.41 -6.66 -16.00
CA PHE B 234 -19.27 -7.70 -16.58
C PHE B 234 -19.11 -9.03 -15.85
N PHE B 235 -17.88 -9.35 -15.45
CA PHE B 235 -17.60 -10.61 -14.78
C PHE B 235 -18.28 -10.67 -13.42
N LEU B 236 -18.19 -9.58 -12.65
CA LEU B 236 -18.88 -9.51 -11.36
C LEU B 236 -20.38 -9.62 -11.54
N LEU B 237 -20.93 -8.92 -12.54
CA LEU B 237 -22.35 -9.02 -12.81
C LEU B 237 -22.75 -10.47 -13.08
N GLU B 238 -21.96 -11.17 -13.90
CA GLU B 238 -22.29 -12.55 -14.25
C GLU B 238 -22.27 -13.45 -13.03
N GLN B 239 -21.19 -13.41 -12.24
CA GLN B 239 -21.11 -14.29 -11.07
C GLN B 239 -22.18 -13.97 -10.06
N TYR B 240 -22.45 -12.69 -9.80
CA TYR B 240 -23.45 -12.36 -8.80
C TYR B 240 -24.84 -12.76 -9.25
N SER B 241 -25.16 -12.57 -10.54
CA SER B 241 -26.45 -13.02 -11.05
C SER B 241 -26.58 -14.53 -10.94
N PHE B 242 -25.53 -15.28 -11.30
CA PHE B 242 -25.60 -16.74 -11.22
C PHE B 242 -25.78 -17.19 -9.78
N LEU B 243 -25.03 -16.59 -8.84
CA LEU B 243 -25.15 -16.97 -7.44
C LEU B 243 -26.54 -16.66 -6.90
N ALA B 244 -27.08 -15.49 -7.24
CA ALA B 244 -28.42 -15.13 -6.78
C ALA B 244 -29.46 -16.11 -7.31
N ASN B 245 -29.38 -16.45 -8.59
CA ASN B 245 -30.34 -17.40 -9.16
C ASN B 245 -30.19 -18.78 -8.53
N HIS B 246 -28.95 -19.25 -8.38
CA HIS B 246 -28.72 -20.58 -7.83
C HIS B 246 -29.23 -20.69 -6.39
N TYR B 247 -29.00 -19.65 -5.59
CA TYR B 247 -29.50 -19.70 -4.21
C TYR B 247 -31.01 -19.49 -4.13
N TYR B 248 -31.58 -18.65 -5.00
CA TYR B 248 -33.03 -18.49 -5.03
C TYR B 248 -33.72 -19.79 -5.41
N GLU B 249 -33.08 -20.61 -6.26
CA GLU B 249 -33.68 -21.87 -6.66
C GLU B 249 -33.92 -22.80 -5.47
N LYS B 250 -32.97 -22.87 -4.54
CA LYS B 250 -33.02 -23.79 -3.42
C LYS B 250 -33.35 -23.11 -2.11
N GLY B 251 -34.24 -22.12 -2.15
CA GLY B 251 -34.60 -21.40 -0.94
C GLY B 251 -33.49 -20.50 -0.44
N TYR B 252 -33.01 -20.75 0.77
CA TYR B 252 -31.85 -20.08 1.36
C TYR B 252 -31.89 -18.57 1.10
N LEU B 253 -32.98 -17.95 1.55
CA LEU B 253 -33.26 -16.57 1.15
C LEU B 253 -32.29 -15.57 1.75
N GLU B 254 -31.55 -15.94 2.80
CA GLU B 254 -30.56 -15.02 3.36
C GLU B 254 -29.41 -14.77 2.40
N LYS B 255 -28.83 -15.86 1.87
CA LYS B 255 -27.76 -15.72 0.89
C LYS B 255 -28.27 -15.07 -0.39
N TYR B 256 -29.50 -15.40 -0.79
CA TYR B 256 -30.10 -14.78 -1.97
C TYR B 256 -30.24 -13.28 -1.78
N ASP B 257 -30.68 -12.85 -0.60
CA ASP B 257 -30.80 -11.42 -0.31
C ASP B 257 -29.44 -10.75 -0.32
N GLU B 258 -28.44 -11.39 0.28
CA GLU B 258 -27.11 -10.81 0.31
C GLU B 258 -26.56 -10.62 -1.11
N TYR B 259 -26.69 -11.65 -1.95
CA TYR B 259 -26.18 -11.54 -3.31
C TYR B 259 -27.03 -10.58 -4.15
N PHE B 260 -28.33 -10.49 -3.86
CA PHE B 260 -29.17 -9.50 -4.53
C PHE B 260 -28.68 -8.08 -4.24
N ASN B 261 -28.44 -7.79 -2.97
CA ASN B 261 -27.93 -6.48 -2.60
C ASN B 261 -26.56 -6.23 -3.23
N SER B 262 -25.69 -7.24 -3.21
CA SER B 262 -24.37 -7.08 -3.81
C SER B 262 -24.47 -6.79 -5.30
N LEU B 263 -25.33 -7.53 -6.01
CA LEU B 263 -25.48 -7.33 -7.45
C LEU B 263 -26.03 -5.94 -7.75
N ASN B 264 -27.07 -5.51 -7.02
CA ASN B 264 -27.65 -4.21 -7.27
C ASN B 264 -26.62 -3.11 -7.01
N ASN B 265 -25.90 -3.22 -5.90
CA ASN B 265 -24.90 -2.22 -5.55
C ASN B 265 -23.79 -2.15 -6.59
N VAL B 266 -23.25 -3.30 -7.00
CA VAL B 266 -22.15 -3.28 -7.94
C VAL B 266 -22.61 -2.76 -9.29
N PHE B 267 -23.82 -3.14 -9.73
CA PHE B 267 -24.30 -2.65 -11.02
C PHE B 267 -24.44 -1.13 -11.01
N LEU B 268 -25.16 -0.59 -10.02
CA LEU B 268 -25.35 0.85 -9.99
C LEU B 268 -24.03 1.58 -9.84
N ASP B 269 -23.15 1.08 -8.96
CA ASP B 269 -21.93 1.80 -8.65
C ASP B 269 -20.94 1.77 -9.81
N PHE B 270 -20.77 0.61 -10.44
CA PHE B 270 -19.93 0.53 -11.63
C PHE B 270 -20.51 1.35 -12.77
N LYS B 271 -21.84 1.31 -12.98
CA LYS B 271 -22.44 2.11 -14.04
C LYS B 271 -22.18 3.59 -13.81
N SER B 272 -22.27 4.05 -12.56
CA SER B 272 -21.93 5.43 -12.27
C SER B 272 -20.45 5.69 -12.50
N SER B 273 -19.59 4.72 -12.21
CA SER B 273 -18.16 4.91 -12.42
C SER B 273 -17.80 5.06 -13.88
N LEU B 274 -18.39 4.22 -14.75
CA LEU B 274 -18.03 4.25 -16.16
C LEU B 274 -18.49 5.53 -16.84
N VAL B 275 -19.80 5.79 -16.86
CA VAL B 275 -20.34 6.93 -17.59
C VAL B 275 -21.08 7.87 -16.65
N GLY B 276 -21.59 7.33 -15.54
CA GLY B 276 -22.34 8.13 -14.59
C GLY B 276 -23.84 8.07 -14.81
N THR B 277 -24.60 8.10 -13.71
CA THR B 277 -26.06 8.10 -13.80
C THR B 277 -26.59 9.41 -14.38
N GLY B 278 -25.79 10.47 -14.37
CA GLY B 278 -26.19 11.74 -14.94
C GLY B 278 -24.97 12.54 -15.32
N THR B 279 -25.15 13.43 -16.29
CA THR B 279 -24.04 14.26 -16.74
C THR B 279 -23.61 15.23 -15.65
N SER B 280 -22.31 15.47 -15.56
CA SER B 280 -21.73 16.34 -14.54
C SER B 280 -20.37 16.81 -15.03
N ASN B 281 -19.59 17.39 -14.12
CA ASN B 281 -18.25 17.85 -14.47
C ASN B 281 -17.28 16.70 -14.70
N ASN B 282 -17.61 15.48 -14.25
CA ASN B 282 -16.75 14.32 -14.42
C ASN B 282 -17.11 13.47 -15.62
N GLU B 283 -18.42 13.29 -15.89
CA GLU B 283 -18.96 12.52 -17.00
C GLU B 283 -18.24 11.20 -17.23
N GLY B 284 -17.76 10.57 -16.15
CA GLY B 284 -17.12 9.28 -16.24
C GLY B 284 -15.67 9.37 -16.68
N LEU B 285 -14.98 8.23 -16.61
CA LEU B 285 -13.58 8.18 -17.00
C LEU B 285 -13.41 7.91 -18.48
N LEU B 286 -14.44 7.39 -19.16
CA LEU B 286 -14.35 7.13 -20.58
C LEU B 286 -14.15 8.42 -21.36
N ASP B 287 -14.91 9.46 -21.02
CA ASP B 287 -14.76 10.75 -21.70
C ASP B 287 -13.37 11.32 -21.51
N ARG B 288 -12.76 11.07 -20.34
CA ARG B 288 -11.38 11.51 -20.13
C ARG B 288 -10.42 10.77 -21.05
N VAL B 289 -10.67 9.48 -21.29
CA VAL B 289 -9.85 8.71 -22.22
C VAL B 289 -10.01 9.25 -23.63
N LEU B 290 -11.26 9.55 -24.03
CA LEU B 290 -11.48 10.16 -25.33
C LEU B 290 -10.77 11.51 -25.45
N GLN B 291 -10.79 12.30 -24.38
CA GLN B 291 -10.13 13.60 -24.40
C GLN B 291 -8.63 13.46 -24.54
N VAL B 292 -8.02 12.52 -23.82
CA VAL B 292 -6.57 12.36 -23.92
C VAL B 292 -6.18 11.81 -25.28
N LEU B 293 -7.02 10.92 -25.85
CA LEU B 293 -6.75 10.45 -27.20
C LEU B 293 -6.86 11.57 -28.21
N MET B 294 -7.84 12.46 -28.04
CA MET B 294 -7.95 13.62 -28.92
C MET B 294 -6.75 14.54 -28.77
N THR B 295 -6.23 14.68 -27.55
CA THR B 295 -5.01 15.46 -27.35
C THR B 295 -3.82 14.81 -28.07
N VAL B 296 -3.73 13.48 -28.02
CA VAL B 296 -2.68 12.78 -28.76
C VAL B 296 -2.83 13.04 -30.25
N LYS B 297 -4.06 13.03 -30.76
CA LYS B 297 -4.30 13.40 -32.15
C LYS B 297 -3.80 14.81 -32.44
N ASN B 298 -4.12 15.77 -31.57
CA ASN B 298 -3.69 17.15 -31.77
C ASN B 298 -2.17 17.27 -31.71
N SER B 299 -1.50 16.37 -31.02
CA SER B 299 -0.05 16.36 -30.99
C SER B 299 0.50 15.97 -32.36
N GLU B 300 1.75 16.34 -32.60
CA GLU B 300 2.39 16.05 -33.88
C GLU B 300 2.53 14.56 -34.09
N PHE B 301 2.36 14.12 -35.33
CA PHE B 301 2.35 12.70 -35.66
C PHE B 301 3.37 12.39 -36.74
N LEU B 302 3.90 11.17 -36.69
CA LEU B 302 4.86 10.69 -37.67
C LEU B 302 4.15 10.24 -38.93
N GLY B 303 4.90 10.18 -40.03
CA GLY B 303 4.28 9.97 -41.33
C GLY B 303 3.59 8.63 -41.48
N LEU B 304 4.29 7.55 -41.16
CA LEU B 304 3.78 6.22 -41.48
C LEU B 304 3.60 5.30 -40.27
N GLU B 305 4.57 5.22 -39.38
CA GLU B 305 4.53 4.21 -38.32
C GLU B 305 3.56 4.60 -37.21
N LYS B 306 3.82 5.72 -36.54
CA LYS B 306 2.88 6.09 -35.51
C LYS B 306 1.63 6.73 -36.10
N ASN B 307 1.60 6.93 -37.42
CA ASN B 307 0.31 7.06 -38.10
C ASN B 307 -0.47 5.74 -38.02
N GLY B 308 0.22 4.61 -38.12
CA GLY B 308 -0.42 3.34 -37.82
C GLY B 308 -0.84 3.23 -36.37
N VAL B 309 -0.04 3.79 -35.47
CA VAL B 309 -0.47 3.90 -34.07
C VAL B 309 -1.73 4.76 -33.98
N ASP B 310 -1.81 5.81 -34.79
CA ASP B 310 -2.98 6.67 -34.83
C ASP B 310 -4.20 5.88 -35.29
N GLU B 311 -4.06 5.05 -36.31
CA GLU B 311 -5.22 4.31 -36.80
C GLU B 311 -5.65 3.22 -35.80
N MET B 312 -4.68 2.60 -35.10
CA MET B 312 -5.09 1.62 -34.09
C MET B 312 -5.75 2.29 -32.89
N LEU B 313 -5.29 3.49 -32.50
CA LEU B 313 -6.01 4.20 -31.46
C LEU B 313 -7.36 4.71 -31.97
N ASN B 314 -7.49 4.92 -33.28
CA ASN B 314 -8.79 5.24 -33.85
C ASN B 314 -9.77 4.08 -33.70
N GLU B 315 -9.32 2.86 -34.01
CA GLU B 315 -10.20 1.72 -33.81
C GLU B 315 -10.46 1.47 -32.33
N LYS B 316 -9.48 1.81 -31.47
CA LYS B 316 -9.74 1.78 -30.02
C LYS B 316 -10.81 2.77 -29.62
N ILE B 317 -10.80 3.97 -30.22
CA ILE B 317 -11.84 4.96 -29.97
C ILE B 317 -13.19 4.45 -30.43
N ASN B 318 -13.22 3.78 -31.60
CA ASN B 318 -14.48 3.20 -32.06
C ASN B 318 -14.99 2.14 -31.10
N LEU B 319 -14.09 1.29 -30.58
CA LEU B 319 -14.49 0.28 -29.60
C LEU B 319 -15.00 0.93 -28.33
N PHE B 320 -14.33 2.01 -27.88
CA PHE B 320 -14.79 2.71 -26.68
C PHE B 320 -16.15 3.33 -26.88
N ASN B 321 -16.40 3.92 -28.05
CA ASN B 321 -17.72 4.47 -28.33
C ASN B 321 -18.79 3.38 -28.34
N LYS B 322 -18.48 2.23 -28.95
CA LYS B 322 -19.43 1.13 -28.99
C LYS B 322 -19.75 0.63 -27.58
N ILE B 323 -18.72 0.44 -26.75
CA ILE B 323 -18.97 -0.07 -25.40
C ILE B 323 -19.67 0.97 -24.55
N LYS B 324 -19.37 2.26 -24.75
CA LYS B 324 -20.09 3.31 -24.03
C LYS B 324 -21.57 3.31 -24.39
N GLU B 325 -21.87 3.19 -25.69
CA GLU B 325 -23.27 3.12 -26.11
C GLU B 325 -23.95 1.89 -25.52
N GLU B 326 -23.23 0.77 -25.47
CA GLU B 326 -23.80 -0.44 -24.87
C GLU B 326 -24.08 -0.25 -23.39
N ILE B 327 -23.17 0.41 -22.66
CA ILE B 327 -23.39 0.64 -21.23
C ILE B 327 -24.59 1.57 -21.01
N GLU B 328 -24.69 2.64 -21.80
CA GLU B 328 -25.85 3.52 -21.66
C GLU B 328 -27.14 2.79 -21.99
N GLY B 329 -27.12 1.96 -23.04
CA GLY B 329 -28.28 1.16 -23.38
C GLY B 329 -28.50 -0.05 -22.51
N LYS B 330 -27.52 -0.40 -21.67
CA LYS B 330 -27.65 -1.56 -20.80
C LYS B 330 -28.68 -1.27 -19.71
N GLN B 331 -29.62 -2.20 -19.53
CA GLN B 331 -30.69 -2.04 -18.57
C GLN B 331 -30.37 -2.77 -17.27
N LYS B 332 -31.10 -2.42 -16.22
CA LYS B 332 -30.87 -2.98 -14.90
C LYS B 332 -31.57 -4.33 -14.77
N MET B 333 -30.85 -5.32 -14.23
CA MET B 333 -31.36 -6.68 -14.12
C MET B 333 -32.04 -6.95 -12.78
N THR B 334 -32.17 -5.96 -11.92
CA THR B 334 -32.74 -6.13 -10.60
C THR B 334 -33.88 -5.14 -10.39
N LEU B 335 -34.63 -5.35 -9.32
CA LEU B 335 -35.77 -4.49 -8.98
C LEU B 335 -35.66 -4.13 -7.50
N SER B 336 -35.16 -2.92 -7.21
CA SER B 336 -34.98 -2.50 -5.83
C SER B 336 -36.28 -2.15 -5.14
N GLU B 337 -37.34 -1.86 -5.90
CA GLU B 337 -38.62 -1.51 -5.30
C GLU B 337 -39.20 -2.68 -4.53
N THR B 338 -39.90 -2.37 -3.44
CA THR B 338 -40.45 -3.37 -2.56
C THR B 338 -41.93 -3.12 -2.35
N PRO B 339 -42.77 -4.16 -2.42
CA PRO B 339 -44.21 -3.96 -2.18
C PRO B 339 -44.52 -3.76 -0.70
N GLU B 340 -45.80 -3.67 -0.36
CA GLU B 340 -46.25 -3.43 1.00
C GLU B 340 -46.75 -4.72 1.63
N ASN B 341 -46.47 -4.87 2.93
CA ASN B 341 -46.90 -6.05 3.66
C ASN B 341 -48.40 -5.99 3.96
N PHE B 342 -48.89 -6.99 4.67
CA PHE B 342 -50.30 -7.05 5.02
C PHE B 342 -50.67 -5.96 6.01
N ALA B 343 -51.89 -5.42 5.87
CA ALA B 343 -52.36 -4.37 6.76
C ALA B 343 -52.89 -4.91 8.08
N GLN B 344 -53.69 -5.97 8.03
CA GLN B 344 -54.27 -6.55 9.24
C GLN B 344 -54.35 -8.06 9.07
N ILE B 345 -54.20 -8.77 10.19
CA ILE B 345 -54.27 -10.22 10.23
C ILE B 345 -55.27 -10.64 11.30
N SER B 346 -56.03 -11.71 11.01
CA SER B 346 -57.03 -12.20 11.95
C SER B 346 -57.27 -13.67 11.70
N PHE B 347 -57.49 -14.41 12.79
CA PHE B 347 -57.78 -15.84 12.70
C PHE B 347 -59.29 -16.06 12.78
N ASP B 348 -59.97 -15.68 11.70
CA ASP B 348 -61.42 -15.79 11.65
C ASP B 348 -61.89 -17.22 11.42
N LYS B 349 -61.09 -18.05 10.75
CA LYS B 349 -61.49 -19.41 10.47
C LYS B 349 -61.56 -20.23 11.76
N ASP B 350 -62.60 -21.06 11.86
CA ASP B 350 -62.81 -21.90 13.03
C ASP B 350 -62.09 -23.23 12.80
N ILE B 351 -60.81 -23.26 13.14
CA ILE B 351 -59.98 -24.44 12.98
C ILE B 351 -59.18 -24.64 14.27
N THR B 352 -58.81 -25.89 14.54
CA THR B 352 -58.11 -26.25 15.76
C THR B 352 -56.61 -26.27 15.49
N THR B 353 -55.83 -25.79 16.46
CA THR B 353 -54.42 -25.47 16.20
C THR B 353 -53.53 -26.66 15.80
N PRO B 354 -53.59 -27.86 16.43
CA PRO B 354 -52.55 -28.86 16.14
C PRO B 354 -52.73 -29.52 14.78
N ILE B 355 -52.68 -28.71 13.72
CA ILE B 355 -52.78 -29.18 12.35
C ILE B 355 -51.65 -28.57 11.55
N GLY B 356 -50.86 -29.41 10.89
CA GLY B 356 -49.76 -28.91 10.09
C GLY B 356 -48.64 -28.33 10.94
N ASP B 357 -47.93 -27.36 10.36
CA ASP B 357 -46.82 -26.72 11.04
C ASP B 357 -47.25 -25.79 12.16
N TRP B 358 -48.55 -25.50 12.28
CA TRP B 358 -49.04 -24.59 13.30
C TRP B 358 -48.97 -25.27 14.67
N ARG B 359 -48.03 -24.83 15.50
CA ARG B 359 -47.82 -25.40 16.82
C ARG B 359 -47.98 -24.32 17.88
N ASP B 360 -48.43 -24.73 19.06
CA ASP B 360 -48.53 -23.80 20.18
C ASP B 360 -47.14 -23.33 20.59
N GLY B 361 -47.02 -22.03 20.86
CA GLY B 361 -45.73 -21.45 21.19
C GLY B 361 -44.87 -21.08 20.01
N ARG B 362 -45.39 -21.18 18.79
CA ARG B 362 -44.65 -20.84 17.59
C ARG B 362 -45.04 -19.45 17.10
N GLU B 363 -44.14 -18.83 16.34
CA GLU B 363 -44.36 -17.51 15.78
C GLU B 363 -44.13 -17.55 14.27
N VAL B 364 -44.89 -16.73 13.56
CA VAL B 364 -44.93 -16.75 12.10
C VAL B 364 -44.56 -15.37 11.58
N ARG B 365 -43.69 -15.34 10.57
CA ARG B 365 -43.28 -14.09 9.93
C ARG B 365 -43.57 -14.17 8.44
N TYR B 366 -44.21 -13.14 7.91
CA TYR B 366 -44.60 -13.08 6.50
C TYR B 366 -43.76 -12.03 5.77
N ALA B 367 -43.55 -12.28 4.48
CA ALA B 367 -42.84 -11.34 3.62
C ALA B 367 -43.48 -11.35 2.24
N VAL B 368 -43.27 -10.26 1.50
CA VAL B 368 -43.83 -10.11 0.17
C VAL B 368 -42.72 -9.73 -0.79
N GLN B 369 -42.92 -10.05 -2.07
CA GLN B 369 -41.92 -9.76 -3.09
C GLN B 369 -42.61 -9.57 -4.43
N TYR B 370 -42.07 -8.68 -5.25
CA TYR B 370 -42.59 -8.50 -6.60
C TYR B 370 -42.30 -9.74 -7.44
N ALA B 371 -43.23 -10.04 -8.35
CA ALA B 371 -43.11 -11.19 -9.25
C ALA B 371 -42.70 -10.68 -10.62
N SER B 372 -41.40 -10.71 -10.90
CA SER B 372 -40.85 -10.28 -12.18
C SER B 372 -40.23 -11.47 -12.89
N GLU B 373 -40.66 -11.71 -14.13
CA GLU B 373 -40.21 -12.88 -14.87
C GLU B 373 -38.78 -12.72 -15.38
N THR B 374 -38.35 -11.48 -15.66
CA THR B 374 -37.04 -11.24 -16.23
C THR B 374 -36.06 -10.55 -15.29
N LEU B 375 -36.54 -9.99 -14.18
CA LEU B 375 -35.68 -9.24 -13.27
C LEU B 375 -35.79 -9.82 -11.86
N PHE B 376 -34.70 -9.69 -11.10
CA PHE B 376 -34.71 -10.10 -9.71
C PHE B 376 -35.43 -9.06 -8.85
N SER B 377 -36.17 -9.53 -7.85
CA SER B 377 -36.96 -8.66 -7.00
C SER B 377 -36.59 -8.87 -5.55
N LYS B 378 -36.51 -7.77 -4.80
CA LYS B 378 -36.17 -7.83 -3.39
C LYS B 378 -37.33 -8.39 -2.57
N ILE B 379 -36.99 -9.22 -1.60
CA ILE B 379 -37.97 -9.72 -0.63
C ILE B 379 -38.06 -8.72 0.51
N SER B 380 -39.29 -8.43 0.93
CA SER B 380 -39.52 -7.42 1.95
C SER B 380 -39.01 -7.87 3.31
N HIS B 381 -38.79 -6.90 4.19
CA HIS B 381 -38.41 -7.20 5.56
C HIS B 381 -39.51 -8.00 6.24
N TRP B 382 -39.10 -8.97 7.07
CA TRP B 382 -40.06 -9.86 7.70
C TRP B 382 -40.92 -9.09 8.70
N SER B 383 -42.20 -9.44 8.75
CA SER B 383 -43.14 -8.75 9.60
C SER B 383 -42.89 -9.08 11.08
N ASP B 384 -43.62 -8.39 11.94
CA ASP B 384 -43.49 -8.62 13.37
C ASP B 384 -43.95 -10.03 13.72
N PRO B 385 -43.30 -10.69 14.67
CA PRO B 385 -43.71 -12.06 15.05
C PRO B 385 -45.14 -12.07 15.58
N VAL B 386 -45.87 -13.12 15.22
CA VAL B 386 -47.25 -13.32 15.64
C VAL B 386 -47.34 -14.68 16.29
N SER B 387 -47.66 -14.69 17.59
CA SER B 387 -47.85 -15.95 18.31
C SER B 387 -49.13 -16.62 17.87
N VAL B 388 -49.10 -17.95 17.75
CA VAL B 388 -50.24 -18.74 17.31
C VAL B 388 -50.66 -19.67 18.43
N ARG B 389 -51.96 -19.72 18.71
CA ARG B 389 -52.51 -20.60 19.73
C ARG B 389 -54.00 -20.75 19.47
N GLU B 390 -54.49 -22.00 19.51
CA GLU B 390 -55.89 -22.37 19.37
C GLU B 390 -56.42 -22.12 17.96
N LYS B 391 -55.63 -21.51 17.07
CA LYS B 391 -56.05 -21.24 15.71
C LYS B 391 -54.90 -21.60 14.77
N ALA B 392 -55.26 -22.07 13.58
CA ALA B 392 -54.27 -22.52 12.60
C ALA B 392 -54.33 -21.76 11.28
N CYS B 393 -55.52 -21.49 10.76
CA CYS B 393 -55.66 -20.86 9.46
C CYS B 393 -55.77 -19.35 9.63
N PRO B 394 -54.80 -18.57 9.21
CA PRO B 394 -54.90 -17.12 9.30
C PRO B 394 -55.49 -16.49 8.03
N THR B 395 -56.03 -15.30 8.20
CA THR B 395 -56.57 -14.51 7.10
C THR B 395 -55.76 -13.22 7.00
N LEU B 396 -55.22 -12.96 5.81
CA LEU B 396 -54.39 -11.78 5.58
C LEU B 396 -55.12 -10.84 4.64
N ARG B 397 -55.08 -9.55 4.97
CA ARG B 397 -55.67 -8.51 4.15
C ARG B 397 -54.56 -7.61 3.62
N MET B 398 -54.55 -7.38 2.30
CA MET B 398 -53.43 -6.73 1.64
C MET B 398 -53.86 -5.44 0.96
N PRO B 399 -53.08 -4.37 1.08
CA PRO B 399 -53.38 -3.14 0.33
C PRO B 399 -53.18 -3.34 -1.16
N VAL B 400 -53.94 -2.57 -1.95
CA VAL B 400 -53.83 -2.65 -3.41
C VAL B 400 -52.47 -2.14 -3.85
N ASP B 401 -51.82 -2.88 -4.75
CA ASP B 401 -50.48 -2.52 -5.20
C ASP B 401 -50.51 -1.21 -5.97
N GLN B 402 -49.44 -0.42 -5.81
CA GLN B 402 -49.36 0.87 -6.49
C GLN B 402 -49.17 0.69 -7.99
N THR B 403 -48.24 -0.18 -8.39
CA THR B 403 -47.95 -0.40 -9.81
C THR B 403 -48.81 -1.53 -10.39
N ARG B 404 -49.60 -2.20 -9.56
CA ARG B 404 -50.49 -3.28 -9.99
C ARG B 404 -49.71 -4.48 -10.52
N ARG B 405 -48.76 -4.96 -9.72
CA ARG B 405 -48.02 -6.17 -10.02
C ARG B 405 -48.44 -7.29 -9.09
N ASN B 406 -48.47 -8.51 -9.63
CA ASN B 406 -48.70 -9.69 -8.82
C ASN B 406 -47.53 -9.86 -7.85
N VAL B 407 -47.82 -10.29 -6.63
CA VAL B 407 -46.78 -10.39 -5.59
C VAL B 407 -46.74 -11.80 -5.02
N LEU B 408 -45.53 -12.34 -4.91
CA LEU B 408 -45.31 -13.59 -4.20
C LEU B 408 -45.28 -13.34 -2.70
N VAL B 409 -45.81 -14.29 -1.93
CA VAL B 409 -45.84 -14.21 -0.48
C VAL B 409 -45.06 -15.37 0.11
N PHE B 410 -44.20 -15.08 1.07
CA PHE B 410 -43.37 -16.08 1.74
C PHE B 410 -43.71 -16.11 3.23
N ARG B 411 -43.65 -17.30 3.81
CA ARG B 411 -43.97 -17.52 5.21
C ARG B 411 -42.83 -18.28 5.89
N LYS B 412 -42.51 -17.89 7.12
CA LYS B 412 -41.45 -18.53 7.89
C LYS B 412 -41.93 -18.82 9.30
N PHE B 413 -41.68 -20.04 9.77
CA PHE B 413 -41.95 -20.44 11.14
C PHE B 413 -40.64 -20.38 11.92
N ASP B 414 -40.58 -19.53 12.94
CA ASP B 414 -39.39 -19.33 13.74
C ASP B 414 -38.18 -19.02 12.86
N SER B 415 -37.17 -19.90 12.87
CA SER B 415 -35.99 -19.77 12.02
C SER B 415 -35.84 -20.97 11.11
N SER B 416 -36.97 -21.58 10.71
CA SER B 416 -36.96 -22.74 9.84
C SER B 416 -36.83 -22.31 8.39
N LYS B 417 -37.02 -23.23 7.47
CA LYS B 417 -36.94 -22.92 6.04
C LYS B 417 -38.15 -22.11 5.60
N PRO B 418 -37.96 -20.92 5.03
CA PRO B 418 -39.10 -20.18 4.49
C PRO B 418 -39.72 -20.90 3.31
N GLN B 419 -41.04 -20.74 3.17
CA GLN B 419 -41.80 -21.43 2.14
C GLN B 419 -42.69 -20.45 1.41
N LEU B 420 -42.66 -20.50 0.08
CA LEU B 420 -43.60 -19.73 -0.72
C LEU B 420 -45.01 -20.26 -0.50
N VAL B 421 -45.97 -19.34 -0.37
CA VAL B 421 -47.30 -19.73 0.08
C VAL B 421 -48.36 -19.33 -0.95
N GLY B 422 -48.10 -18.32 -1.76
CA GLY B 422 -49.09 -17.96 -2.75
C GLY B 422 -48.72 -16.72 -3.53
N GLU B 423 -49.60 -16.39 -4.48
CA GLU B 423 -49.48 -15.23 -5.35
C GLU B 423 -50.74 -14.37 -5.20
N ILE B 424 -50.55 -13.06 -5.18
CA ILE B 424 -51.64 -12.11 -4.96
C ILE B 424 -51.76 -11.21 -6.18
N THR B 425 -52.97 -11.11 -6.72
CA THR B 425 -53.30 -10.22 -7.83
C THR B 425 -53.46 -8.79 -7.33
N PRO B 426 -53.34 -7.81 -8.23
CA PRO B 426 -53.45 -6.41 -7.78
C PRO B 426 -54.76 -6.06 -7.10
N TYR B 427 -55.86 -6.71 -7.49
CA TYR B 427 -57.18 -6.37 -6.97
C TYR B 427 -57.78 -7.51 -6.14
N LEU B 428 -56.95 -8.14 -5.31
CA LEU B 428 -57.40 -9.14 -4.35
C LEU B 428 -56.86 -8.77 -2.98
N SER B 429 -57.74 -8.73 -1.99
CA SER B 429 -57.36 -8.35 -0.63
C SER B 429 -57.59 -9.45 0.39
N ASN B 430 -58.72 -10.15 0.32
CA ASN B 430 -59.04 -11.20 1.27
C ASN B 430 -58.19 -12.43 0.94
N PHE B 431 -57.01 -12.50 1.55
CA PHE B 431 -56.06 -13.59 1.31
C PHE B 431 -56.23 -14.61 2.42
N ILE B 432 -56.78 -15.77 2.08
CA ILE B 432 -56.88 -16.88 3.02
C ILE B 432 -55.64 -17.75 2.87
N ASP B 433 -55.22 -18.36 3.98
CA ASP B 433 -53.96 -19.11 4.03
C ASP B 433 -54.28 -20.58 4.33
N ILE B 434 -54.63 -21.33 3.28
CA ILE B 434 -54.91 -22.75 3.45
C ILE B 434 -54.24 -23.56 2.34
N ASP B 435 -53.80 -22.87 1.29
CA ASP B 435 -53.32 -23.58 0.10
C ASP B 435 -52.02 -24.32 0.38
N ARG B 436 -51.03 -23.62 0.96
CA ARG B 436 -49.77 -24.29 1.25
C ARG B 436 -49.93 -25.30 2.38
N ASP B 437 -50.88 -25.08 3.28
CA ASP B 437 -51.19 -26.08 4.30
C ASP B 437 -51.67 -27.37 3.67
N LEU B 438 -52.57 -27.27 2.69
CA LEU B 438 -53.01 -28.47 1.97
C LEU B 438 -51.87 -29.10 1.20
N TYR B 439 -51.03 -28.27 0.57
CA TYR B 439 -49.90 -28.80 -0.21
C TYR B 439 -48.95 -29.58 0.68
N ASN B 440 -48.64 -29.06 1.86
CA ASN B 440 -47.79 -29.78 2.80
C ASN B 440 -48.49 -30.99 3.39
N ALA B 441 -49.83 -30.93 3.51
CA ALA B 441 -50.58 -32.09 3.95
C ALA B 441 -50.44 -33.25 2.97
N ALA B 442 -50.48 -32.95 1.68
CA ALA B 442 -50.28 -33.99 0.67
C ALA B 442 -48.82 -34.41 0.55
N SER B 443 -47.88 -33.57 0.97
CA SER B 443 -46.45 -33.84 0.80
C SER B 443 -45.78 -34.29 2.08
N ASN B 444 -46.53 -34.50 3.17
CA ASN B 444 -45.92 -34.89 4.42
C ASN B 444 -45.40 -36.33 4.33
N PRO B 445 -44.27 -36.65 4.98
CA PRO B 445 -43.77 -38.03 4.93
C PRO B 445 -44.71 -39.05 5.51
N ASP B 446 -45.46 -38.70 6.55
CA ASP B 446 -46.40 -39.64 7.15
C ASP B 446 -47.61 -39.85 6.24
N SER B 447 -48.29 -40.98 6.45
CA SER B 447 -49.44 -41.36 5.64
C SER B 447 -50.77 -41.13 6.34
N ALA B 448 -50.95 -41.69 7.53
CA ALA B 448 -52.25 -41.59 8.21
C ALA B 448 -52.51 -40.16 8.67
N VAL B 449 -51.54 -39.54 9.34
CA VAL B 449 -51.72 -38.17 9.82
C VAL B 449 -51.91 -37.21 8.66
N GLY B 450 -51.12 -37.38 7.61
CA GLY B 450 -51.29 -36.55 6.43
C GLY B 450 -52.66 -36.70 5.80
N PHE B 451 -53.15 -37.94 5.73
CA PHE B 451 -54.48 -38.18 5.18
C PHE B 451 -55.56 -37.51 6.02
N LYS B 452 -55.47 -37.65 7.35
CA LYS B 452 -56.48 -37.04 8.21
C LYS B 452 -56.47 -35.52 8.09
N GLU B 453 -55.29 -34.91 8.08
CA GLU B 453 -55.24 -33.46 8.00
C GLU B 453 -55.61 -32.95 6.62
N PHE B 454 -55.32 -33.75 5.57
CA PHE B 454 -55.81 -33.41 4.24
C PHE B 454 -57.33 -33.44 4.17
N THR B 455 -57.94 -34.46 4.79
CA THR B 455 -59.40 -34.52 4.83
C THR B 455 -59.98 -33.35 5.60
N LYS B 456 -59.36 -32.99 6.73
CA LYS B 456 -59.84 -31.85 7.50
C LYS B 456 -59.75 -30.55 6.71
N LEU B 457 -58.63 -30.34 6.01
CA LEU B 457 -58.47 -29.12 5.22
C LEU B 457 -59.45 -29.10 4.05
N ASN B 458 -59.67 -30.25 3.41
CA ASN B 458 -60.63 -30.31 2.30
C ASN B 458 -62.04 -30.00 2.78
N TYR B 459 -62.42 -30.55 3.94
CA TYR B 459 -63.72 -30.21 4.52
C TYR B 459 -63.79 -28.73 4.87
N ASP B 460 -62.67 -28.15 5.33
CA ASP B 460 -62.62 -26.72 5.58
C ASP B 460 -62.83 -25.93 4.30
N GLY B 461 -62.20 -26.36 3.21
CA GLY B 461 -62.35 -25.69 1.93
C GLY B 461 -61.07 -25.12 1.38
N ALA B 462 -60.53 -25.73 0.34
CA ALA B 462 -59.31 -25.27 -0.30
C ALA B 462 -59.32 -25.71 -1.76
N ASN B 463 -58.78 -24.86 -2.63
CA ASN B 463 -58.76 -25.17 -4.05
C ASN B 463 -57.68 -26.21 -4.35
N ILE B 464 -57.77 -26.78 -5.55
CA ILE B 464 -56.85 -27.83 -5.97
C ILE B 464 -55.81 -27.33 -6.97
N ARG B 465 -56.16 -26.37 -7.82
CA ARG B 465 -55.30 -25.91 -8.90
C ARG B 465 -54.24 -24.91 -8.43
N ALA B 466 -53.97 -24.84 -7.13
CA ALA B 466 -52.92 -23.96 -6.64
C ALA B 466 -51.55 -24.41 -7.16
N THR B 467 -50.69 -23.44 -7.43
CA THR B 467 -49.39 -23.69 -8.05
C THR B 467 -48.27 -23.29 -7.11
N PHE B 468 -47.33 -24.21 -6.89
CA PHE B 468 -46.13 -23.95 -6.12
C PHE B 468 -44.96 -24.71 -6.73
N ASP B 469 -43.75 -24.21 -6.48
CA ASP B 469 -42.50 -24.88 -6.86
C ASP B 469 -42.52 -25.16 -8.37
N HIS B 470 -42.42 -24.06 -9.12
CA HIS B 470 -42.33 -24.10 -10.59
C HIS B 470 -43.52 -24.83 -11.21
N GLY B 471 -44.69 -24.68 -10.62
CA GLY B 471 -45.90 -25.21 -11.19
C GLY B 471 -46.38 -26.54 -10.64
N ARG B 472 -45.79 -27.03 -9.56
CA ARG B 472 -46.24 -28.30 -9.00
C ARG B 472 -47.61 -28.14 -8.34
N THR B 473 -48.32 -29.27 -8.26
CA THR B 473 -49.71 -29.30 -7.82
C THR B 473 -49.84 -30.41 -6.78
N VAL B 474 -50.91 -30.36 -5.98
CA VAL B 474 -51.18 -31.37 -4.98
C VAL B 474 -50.97 -32.78 -5.49
N PHE B 475 -51.26 -33.03 -6.77
CA PHE B 475 -50.96 -34.33 -7.36
C PHE B 475 -49.46 -34.59 -7.40
N HIS B 476 -48.68 -33.58 -7.77
CA HIS B 476 -47.22 -33.74 -7.79
C HIS B 476 -46.68 -34.00 -6.38
N ALA B 477 -47.21 -33.28 -5.39
CA ALA B 477 -46.78 -33.49 -4.01
C ALA B 477 -47.14 -34.89 -3.53
N ALA B 478 -48.33 -35.37 -3.87
CA ALA B 478 -48.71 -36.74 -3.52
C ALA B 478 -47.82 -37.76 -4.20
N ALA B 479 -47.45 -37.52 -5.46
CA ALA B 479 -46.57 -38.42 -6.18
C ALA B 479 -45.18 -38.46 -5.53
N LYS B 480 -44.66 -37.30 -5.16
CA LYS B 480 -43.31 -37.27 -4.57
C LYS B 480 -43.31 -37.87 -3.18
N SER B 481 -44.34 -37.60 -2.38
CA SER B 481 -44.42 -38.17 -1.03
C SER B 481 -44.64 -39.67 -1.09
N GLY B 482 -45.49 -40.14 -2.01
CA GLY B 482 -45.80 -41.54 -2.13
C GLY B 482 -47.07 -41.99 -1.44
N ASN B 483 -47.90 -41.06 -0.97
CA ASN B 483 -49.13 -41.42 -0.29
C ASN B 483 -50.09 -42.07 -1.28
N ASP B 484 -50.82 -43.09 -0.81
CA ASP B 484 -51.74 -43.84 -1.64
C ASP B 484 -53.20 -43.47 -1.39
N LYS B 485 -53.58 -43.27 -0.12
CA LYS B 485 -54.97 -42.96 0.19
C LYS B 485 -55.41 -41.62 -0.41
N ILE B 486 -54.55 -40.60 -0.30
CA ILE B 486 -54.92 -39.30 -0.86
C ILE B 486 -54.94 -39.35 -2.38
N MET B 487 -54.05 -40.14 -3.00
CA MET B 487 -54.10 -40.31 -4.45
C MET B 487 -55.40 -41.00 -4.87
N PHE B 488 -55.82 -42.02 -4.12
CA PHE B 488 -57.08 -42.70 -4.44
C PHE B 488 -58.26 -41.76 -4.27
N GLY B 489 -58.23 -40.91 -3.23
CA GLY B 489 -59.29 -39.94 -3.05
C GLY B 489 -59.33 -38.89 -4.15
N LEU B 490 -58.14 -38.48 -4.61
CA LEU B 490 -58.07 -37.43 -5.63
C LEU B 490 -58.47 -37.96 -7.00
N THR B 491 -58.04 -39.18 -7.34
CA THR B 491 -58.28 -39.70 -8.69
C THR B 491 -59.78 -39.88 -8.96
N PHE B 492 -60.57 -40.04 -7.91
CA PHE B 492 -62.02 -40.05 -8.07
C PHE B 492 -62.51 -38.65 -8.40
N LEU B 493 -63.35 -38.53 -9.42
CA LEU B 493 -63.85 -37.24 -9.90
C LEU B 493 -62.71 -36.31 -10.29
N ALA B 494 -61.70 -36.85 -10.97
CA ALA B 494 -60.55 -36.10 -11.44
C ALA B 494 -60.54 -36.10 -12.96
N LYS B 495 -60.39 -34.93 -13.57
CA LYS B 495 -60.46 -34.87 -15.02
C LYS B 495 -59.01 -35.03 -15.52
N SER B 496 -58.85 -35.76 -16.62
CA SER B 496 -57.54 -36.27 -17.01
C SER B 496 -56.53 -35.17 -17.28
N THR B 497 -56.98 -33.94 -17.52
CA THR B 497 -56.03 -32.88 -17.87
C THR B 497 -55.10 -32.53 -16.71
N GLU B 498 -55.61 -32.57 -15.46
CA GLU B 498 -54.77 -32.24 -14.32
C GLU B 498 -53.81 -33.38 -13.97
N LEU B 499 -54.15 -34.61 -14.33
CA LEU B 499 -53.23 -35.73 -14.13
C LEU B 499 -52.05 -35.69 -15.08
N ASN B 500 -52.18 -35.00 -16.21
CA ASN B 500 -51.11 -34.83 -17.18
C ASN B 500 -50.60 -33.39 -17.22
N GLN B 501 -50.92 -32.59 -16.21
CA GLN B 501 -50.49 -31.20 -16.17
C GLN B 501 -48.99 -31.13 -15.97
N PRO B 502 -48.23 -30.52 -16.88
CA PRO B 502 -46.80 -30.39 -16.69
C PRO B 502 -46.42 -29.14 -15.92
N ASP B 503 -45.15 -29.09 -15.50
CA ASP B 503 -44.63 -28.00 -14.71
C ASP B 503 -43.87 -27.02 -15.61
N LYS B 504 -43.23 -26.02 -15.00
CA LYS B 504 -42.42 -25.09 -15.76
C LYS B 504 -41.24 -25.80 -16.41
N LYS B 505 -40.60 -26.72 -15.67
CA LYS B 505 -39.54 -27.53 -16.26
C LYS B 505 -40.12 -28.55 -17.25
N GLY B 506 -41.35 -29.00 -17.02
CA GLY B 506 -41.99 -29.97 -17.88
C GLY B 506 -42.31 -31.30 -17.21
N TYR B 507 -42.05 -31.46 -15.92
CA TYR B 507 -42.33 -32.72 -15.26
C TYR B 507 -43.82 -32.91 -15.05
N THR B 508 -44.27 -34.15 -15.21
CA THR B 508 -45.64 -34.58 -15.00
C THR B 508 -45.74 -35.40 -13.73
N PRO B 509 -46.96 -35.64 -13.22
CA PRO B 509 -47.09 -36.47 -12.02
C PRO B 509 -46.47 -37.86 -12.15
N ILE B 510 -46.54 -38.47 -13.34
CA ILE B 510 -45.92 -39.78 -13.50
C ILE B 510 -44.40 -39.66 -13.48
N HIS B 511 -43.85 -38.56 -14.01
CA HIS B 511 -42.41 -38.32 -13.90
C HIS B 511 -41.98 -38.20 -12.45
N VAL B 512 -42.75 -37.46 -11.65
CA VAL B 512 -42.43 -37.30 -10.23
C VAL B 512 -42.55 -38.65 -9.51
N ALA B 513 -43.56 -39.44 -9.89
CA ALA B 513 -43.70 -40.77 -9.29
C ALA B 513 -42.51 -41.66 -9.62
N ALA B 514 -42.05 -41.61 -10.87
CA ALA B 514 -40.88 -42.40 -11.25
C ALA B 514 -39.63 -41.94 -10.51
N ASP B 515 -39.46 -40.62 -10.35
CA ASP B 515 -38.31 -40.11 -9.61
C ASP B 515 -38.35 -40.54 -8.15
N SER B 516 -39.53 -40.47 -7.53
CA SER B 516 -39.66 -40.88 -6.13
C SER B 516 -39.40 -42.37 -5.96
N GLY B 517 -39.88 -43.19 -6.90
CA GLY B 517 -39.72 -44.63 -6.81
C GLY B 517 -40.83 -45.36 -6.10
N ASN B 518 -41.98 -44.73 -5.91
CA ASN B 518 -43.11 -45.36 -5.24
C ASN B 518 -43.88 -46.20 -6.25
N ALA B 519 -43.89 -47.51 -6.06
CA ALA B 519 -44.49 -48.41 -7.05
C ALA B 519 -46.01 -48.34 -7.06
N GLY B 520 -46.63 -48.15 -5.90
CA GLY B 520 -48.09 -48.17 -5.85
C GLY B 520 -48.72 -47.05 -6.67
N ILE B 521 -48.30 -45.82 -6.43
CA ILE B 521 -48.88 -44.69 -7.16
C ILE B 521 -48.63 -44.84 -8.65
N VAL B 522 -47.55 -45.51 -9.04
CA VAL B 522 -47.31 -45.76 -10.46
C VAL B 522 -48.46 -46.55 -11.06
N ASN B 523 -48.89 -47.62 -10.39
CA ASN B 523 -49.99 -48.41 -10.93
C ASN B 523 -51.34 -47.72 -10.74
N LEU B 524 -51.48 -46.85 -9.73
CA LEU B 524 -52.68 -46.02 -9.65
C LEU B 524 -52.83 -45.13 -10.88
N LEU B 525 -51.76 -44.46 -11.28
CA LEU B 525 -51.81 -43.66 -12.51
C LEU B 525 -51.91 -44.53 -13.75
N ILE B 526 -51.36 -45.75 -13.70
CA ILE B 526 -51.48 -46.67 -14.83
C ILE B 526 -52.94 -47.07 -15.05
N GLN B 527 -53.66 -47.35 -13.97
CA GLN B 527 -55.04 -47.83 -14.09
C GLN B 527 -55.94 -46.78 -14.75
N ARG B 528 -55.75 -45.51 -14.39
CA ARG B 528 -56.56 -44.45 -15.00
C ARG B 528 -56.27 -44.32 -16.48
N GLY B 529 -55.01 -44.44 -16.88
CA GLY B 529 -54.65 -44.35 -18.29
C GLY B 529 -54.01 -43.03 -18.67
N VAL B 530 -53.13 -42.52 -17.80
CA VAL B 530 -52.44 -41.28 -18.11
C VAL B 530 -51.40 -41.52 -19.21
N SER B 531 -50.92 -40.42 -19.78
CA SER B 531 -49.91 -40.51 -20.83
C SER B 531 -48.60 -41.04 -20.27
N ILE B 532 -47.97 -41.95 -21.00
CA ILE B 532 -46.72 -42.56 -20.57
C ILE B 532 -45.56 -42.01 -21.39
N ASN B 533 -45.83 -41.67 -22.65
CA ASN B 533 -44.81 -41.15 -23.55
C ASN B 533 -44.60 -39.64 -23.40
N SER B 534 -45.06 -39.05 -22.30
CA SER B 534 -44.82 -37.63 -22.05
C SER B 534 -43.35 -37.36 -21.89
N LYS B 535 -42.87 -36.28 -22.51
CA LYS B 535 -41.46 -35.93 -22.51
C LYS B 535 -41.27 -34.53 -21.94
N THR B 536 -40.30 -34.40 -21.04
CA THR B 536 -39.99 -33.13 -20.40
C THR B 536 -39.36 -32.17 -21.39
N TYR B 537 -39.54 -30.88 -21.13
CA TYR B 537 -38.91 -29.85 -21.96
C TYR B 537 -37.39 -29.94 -21.84
N HIS B 538 -36.70 -29.42 -22.86
CA HIS B 538 -35.24 -29.52 -22.99
C HIS B 538 -34.92 -31.01 -23.07
N PHE B 539 -34.45 -31.65 -22.01
CA PHE B 539 -34.23 -33.09 -22.03
C PHE B 539 -35.54 -33.83 -22.19
N LEU B 540 -35.71 -34.48 -23.34
CA LEU B 540 -36.92 -35.24 -23.65
C LEU B 540 -36.77 -36.63 -23.04
N GLN B 541 -37.36 -36.85 -21.87
CA GLN B 541 -37.20 -38.09 -21.13
C GLN B 541 -38.55 -38.54 -20.58
N THR B 542 -39.04 -39.67 -21.09
CA THR B 542 -40.17 -40.33 -20.46
C THR B 542 -39.71 -40.95 -19.14
N PRO B 543 -40.64 -41.18 -18.19
CA PRO B 543 -40.24 -41.76 -16.89
C PRO B 543 -39.35 -42.99 -16.97
N LEU B 544 -39.31 -43.64 -18.14
CA LEU B 544 -38.40 -44.76 -18.34
C LEU B 544 -36.96 -44.35 -18.06
N HIS B 545 -36.50 -43.27 -18.70
CA HIS B 545 -35.14 -42.80 -18.49
C HIS B 545 -34.91 -42.35 -17.06
N LEU B 546 -35.89 -41.69 -16.44
CA LEU B 546 -35.73 -41.25 -15.06
C LEU B 546 -35.50 -42.43 -14.13
N ALA B 547 -36.38 -43.43 -14.20
CA ALA B 547 -36.26 -44.58 -13.30
C ALA B 547 -35.05 -45.43 -13.65
N ALA B 548 -34.60 -45.41 -14.91
CA ALA B 548 -33.40 -46.14 -15.28
C ALA B 548 -32.14 -45.47 -14.74
N GLN B 549 -32.08 -44.14 -14.83
CA GLN B 549 -30.98 -43.40 -14.23
C GLN B 549 -30.95 -43.59 -12.72
N ARG B 550 -32.13 -43.59 -12.09
CA ARG B 550 -32.20 -43.81 -10.65
C ARG B 550 -32.23 -45.29 -10.27
N GLY B 551 -32.49 -46.18 -11.22
CA GLY B 551 -32.24 -47.59 -11.04
C GLY B 551 -33.27 -48.39 -10.25
N PHE B 552 -34.45 -47.84 -9.98
CA PHE B 552 -35.44 -48.59 -9.22
C PHE B 552 -36.19 -49.57 -10.12
N VAL B 553 -36.28 -50.82 -9.69
CA VAL B 553 -36.74 -51.92 -10.55
C VAL B 553 -38.22 -52.20 -10.38
N THR B 554 -38.75 -52.02 -9.17
CA THR B 554 -40.18 -52.26 -8.95
C THR B 554 -41.03 -51.29 -9.76
N THR B 555 -40.54 -50.07 -9.96
CA THR B 555 -41.21 -49.11 -10.83
C THR B 555 -41.30 -49.62 -12.26
N PHE B 556 -40.21 -50.21 -12.77
CA PHE B 556 -40.27 -50.81 -14.11
C PHE B 556 -41.20 -52.02 -14.15
N GLN B 557 -41.25 -52.81 -13.08
CA GLN B 557 -42.21 -53.93 -13.08
C GLN B 557 -43.64 -53.41 -13.17
N ARG B 558 -43.99 -52.40 -12.36
CA ARG B 558 -45.34 -51.85 -12.40
C ARG B 558 -45.60 -51.11 -13.71
N LEU B 559 -44.56 -50.58 -14.35
CA LEU B 559 -44.72 -49.94 -15.65
C LEU B 559 -44.93 -50.95 -16.76
N MET B 560 -44.20 -52.07 -16.72
CA MET B 560 -44.40 -53.14 -17.67
C MET B 560 -45.73 -53.85 -17.47
N GLU B 561 -46.33 -53.72 -16.29
CA GLU B 561 -47.73 -54.11 -16.13
C GLU B 561 -48.59 -53.40 -17.16
N SER B 562 -48.29 -52.13 -17.43
CA SER B 562 -49.02 -51.38 -18.43
C SER B 562 -48.56 -51.75 -19.84
N PRO B 563 -49.47 -51.71 -20.81
CA PRO B 563 -49.09 -51.83 -22.22
C PRO B 563 -48.76 -50.48 -22.85
N GLU B 564 -48.49 -50.51 -24.15
CA GLU B 564 -48.28 -49.36 -25.05
C GLU B 564 -47.03 -48.53 -24.73
N ILE B 565 -46.23 -48.90 -23.72
CA ILE B 565 -44.96 -48.20 -23.53
C ILE B 565 -44.04 -48.50 -24.70
N ASN B 566 -43.45 -47.45 -25.25
CA ASN B 566 -42.43 -47.56 -26.29
C ASN B 566 -41.06 -47.65 -25.62
N ILE B 567 -40.38 -48.78 -25.83
CA ILE B 567 -39.08 -48.98 -25.19
C ILE B 567 -38.03 -48.07 -25.80
N ASN B 568 -37.98 -47.99 -27.13
CA ASN B 568 -36.93 -47.28 -27.84
C ASN B 568 -37.41 -45.86 -28.12
N GLU B 569 -37.02 -44.92 -27.27
CA GLU B 569 -37.41 -43.53 -27.38
C GLU B 569 -36.17 -42.66 -27.50
N ARG B 570 -36.25 -41.63 -28.34
CA ARG B 570 -35.14 -40.72 -28.57
C ARG B 570 -35.18 -39.55 -27.57
N ASP B 571 -34.05 -39.30 -26.93
CA ASP B 571 -33.87 -38.13 -26.09
C ASP B 571 -33.41 -36.96 -26.95
N LYS B 572 -32.92 -35.89 -26.32
CA LYS B 572 -32.31 -34.81 -27.08
C LYS B 572 -31.13 -35.31 -27.91
N ASP B 573 -30.30 -36.16 -27.32
CA ASP B 573 -29.21 -36.83 -28.03
C ASP B 573 -29.61 -38.20 -28.54
N GLY B 574 -30.85 -38.61 -28.36
CA GLY B 574 -31.31 -39.89 -28.86
C GLY B 574 -30.95 -41.09 -28.02
N PHE B 575 -30.74 -40.92 -26.73
CA PHE B 575 -30.34 -42.02 -25.85
C PHE B 575 -31.57 -42.82 -25.43
N THR B 576 -31.60 -44.10 -25.80
CA THR B 576 -32.65 -44.99 -25.33
C THR B 576 -32.45 -45.24 -23.84
N PRO B 577 -33.53 -45.56 -23.10
CA PRO B 577 -33.40 -45.75 -21.64
C PRO B 577 -32.35 -46.77 -21.22
N LEU B 578 -31.81 -47.58 -22.14
CA LEU B 578 -30.73 -48.48 -21.77
C LEU B 578 -29.43 -47.71 -21.53
N HIS B 579 -29.22 -46.59 -22.25
CA HIS B 579 -28.06 -45.74 -22.00
C HIS B 579 -28.15 -45.01 -20.66
N TYR B 580 -29.29 -45.07 -19.97
CA TYR B 580 -29.39 -44.59 -18.60
C TYR B 580 -29.45 -45.72 -17.59
N ALA B 581 -30.00 -46.88 -17.97
CA ALA B 581 -29.88 -48.05 -17.11
C ALA B 581 -28.43 -48.49 -16.96
N ILE B 582 -27.59 -48.18 -17.95
CA ILE B 582 -26.17 -48.47 -17.80
C ILE B 582 -25.58 -47.63 -16.67
N ARG B 583 -26.08 -46.41 -16.47
CA ARG B 583 -25.72 -45.63 -15.29
C ARG B 583 -26.43 -46.13 -14.05
N GLY B 584 -27.60 -46.77 -14.21
CA GLY B 584 -28.37 -47.20 -13.07
C GLY B 584 -27.67 -48.26 -12.24
N GLY B 585 -27.13 -49.27 -12.90
CA GLY B 585 -26.40 -50.32 -12.21
C GLY B 585 -26.65 -51.67 -12.85
N GLU B 586 -26.21 -52.72 -12.15
CA GLU B 586 -26.33 -54.08 -12.67
C GLU B 586 -27.77 -54.57 -12.63
N ARG B 587 -28.47 -54.33 -11.52
CA ARG B 587 -29.83 -54.85 -11.36
C ARG B 587 -30.76 -54.28 -12.42
N ILE B 588 -30.65 -52.98 -12.71
CA ILE B 588 -31.53 -52.36 -13.69
C ILE B 588 -31.20 -52.86 -15.09
N LEU B 589 -29.93 -53.09 -15.39
CA LEU B 589 -29.57 -53.67 -16.68
C LEU B 589 -30.14 -55.08 -16.82
N GLU B 590 -30.08 -55.88 -15.74
CA GLU B 590 -30.68 -57.20 -15.78
C GLU B 590 -32.19 -57.12 -15.98
N ALA B 591 -32.84 -56.17 -15.32
CA ALA B 591 -34.29 -56.00 -15.49
C ALA B 591 -34.63 -55.62 -16.94
N PHE B 592 -33.85 -54.73 -17.54
CA PHE B 592 -34.07 -54.38 -18.94
C PHE B 592 -33.85 -55.58 -19.86
N LEU B 593 -32.80 -56.36 -19.61
CA LEU B 593 -32.50 -57.49 -20.47
C LEU B 593 -33.47 -58.65 -20.28
N ASN B 594 -34.20 -58.68 -19.15
CA ASN B 594 -35.14 -59.77 -18.91
C ASN B 594 -36.35 -59.69 -19.84
N GLN B 595 -36.81 -58.49 -20.16
CA GLN B 595 -37.97 -58.33 -21.02
C GLN B 595 -37.66 -58.80 -22.44
N ILE B 596 -38.64 -59.46 -23.06
CA ILE B 596 -38.44 -59.97 -24.42
C ILE B 596 -38.40 -58.83 -25.43
N SER B 597 -39.18 -57.77 -25.21
CA SER B 597 -39.27 -56.66 -26.16
C SER B 597 -38.21 -55.60 -25.84
N ILE B 598 -36.96 -56.00 -26.08
CA ILE B 598 -35.82 -55.11 -25.88
C ILE B 598 -34.90 -55.22 -27.09
N ASP B 599 -34.37 -54.08 -27.52
CA ASP B 599 -33.37 -54.03 -28.58
C ASP B 599 -32.10 -53.40 -28.01
N VAL B 600 -30.97 -54.07 -28.19
CA VAL B 600 -29.71 -53.62 -27.61
C VAL B 600 -28.83 -52.87 -28.61
N ASN B 601 -28.99 -53.13 -29.90
CA ASN B 601 -28.18 -52.51 -30.95
C ASN B 601 -28.62 -51.08 -31.26
N ALA B 602 -29.41 -50.46 -30.39
CA ALA B 602 -29.86 -49.10 -30.62
C ALA B 602 -28.68 -48.13 -30.59
N LYS B 603 -28.73 -47.12 -31.46
CA LYS B 603 -27.69 -46.11 -31.55
C LYS B 603 -28.34 -44.74 -31.43
N SER B 604 -27.69 -43.85 -30.69
CA SER B 604 -28.21 -42.50 -30.46
C SER B 604 -27.91 -41.62 -31.66
N ASN B 605 -28.17 -40.32 -31.53
CA ASN B 605 -27.82 -39.38 -32.59
C ASN B 605 -26.33 -39.38 -32.86
N THR B 606 -25.52 -39.43 -31.80
CA THR B 606 -24.08 -39.60 -31.96
C THR B 606 -23.77 -40.94 -32.61
N GLY B 607 -24.51 -41.99 -32.23
CA GLY B 607 -24.36 -43.29 -32.85
C GLY B 607 -23.49 -44.26 -32.06
N LEU B 608 -23.73 -44.35 -30.75
CA LEU B 608 -22.98 -45.22 -29.87
C LEU B 608 -23.93 -46.28 -29.30
N THR B 609 -23.64 -47.55 -29.60
CA THR B 609 -24.36 -48.63 -28.93
C THR B 609 -23.91 -48.69 -27.47
N PRO B 610 -24.78 -49.15 -26.56
CA PRO B 610 -24.44 -49.09 -25.13
C PRO B 610 -23.11 -49.70 -24.72
N PHE B 611 -22.53 -50.56 -25.56
CA PHE B 611 -21.27 -51.19 -25.19
C PHE B 611 -20.11 -50.21 -25.25
N HIS B 612 -20.16 -49.21 -26.14
CA HIS B 612 -19.09 -48.22 -26.19
C HIS B 612 -18.96 -47.47 -24.87
N LEU B 613 -20.05 -46.91 -24.35
CA LEU B 613 -19.96 -46.21 -23.08
C LEU B 613 -19.98 -47.16 -21.89
N ALA B 614 -20.29 -48.45 -22.10
CA ALA B 614 -19.97 -49.43 -21.08
C ALA B 614 -18.47 -49.55 -20.90
N ILE B 615 -17.73 -49.56 -22.01
CA ILE B 615 -16.27 -49.50 -21.95
C ILE B 615 -15.80 -48.17 -21.40
N ILE B 616 -16.44 -47.08 -21.81
CA ILE B 616 -16.00 -45.74 -21.42
C ILE B 616 -16.14 -45.55 -19.92
N LYS B 617 -17.26 -45.99 -19.34
CA LYS B 617 -17.48 -45.82 -17.91
C LYS B 617 -16.55 -46.68 -17.06
N ASN B 618 -15.82 -47.60 -17.67
CA ASN B 618 -14.87 -48.51 -17.04
C ASN B 618 -15.54 -49.59 -16.22
N ASP B 619 -16.86 -49.62 -16.15
CA ASP B 619 -17.58 -50.63 -15.38
C ASP B 619 -17.65 -51.91 -16.22
N TRP B 620 -16.66 -52.77 -16.05
CA TRP B 620 -16.69 -54.06 -16.71
C TRP B 620 -17.85 -54.95 -16.29
N PRO B 621 -18.21 -55.08 -15.00
CA PRO B 621 -19.30 -56.02 -14.65
C PRO B 621 -20.62 -55.72 -15.32
N VAL B 622 -20.97 -54.45 -15.54
CA VAL B 622 -22.24 -54.17 -16.21
C VAL B 622 -22.19 -54.62 -17.66
N ALA B 623 -21.04 -54.48 -18.31
CA ALA B 623 -20.88 -55.00 -19.67
C ALA B 623 -20.95 -56.52 -19.67
N SER B 624 -20.38 -57.16 -18.64
CA SER B 624 -20.46 -58.62 -18.54
C SER B 624 -21.90 -59.08 -18.39
N THR B 625 -22.69 -58.38 -17.57
CA THR B 625 -24.10 -58.71 -17.44
C THR B 625 -24.85 -58.48 -18.76
N LEU B 626 -24.54 -57.38 -19.45
CA LEU B 626 -25.15 -57.10 -20.74
C LEU B 626 -24.87 -58.22 -21.74
N LEU B 627 -23.63 -58.70 -21.77
CA LEU B 627 -23.27 -59.77 -22.70
C LEU B 627 -23.91 -61.10 -22.32
N GLY B 628 -23.85 -61.45 -21.03
CA GLY B 628 -24.36 -62.74 -20.60
C GLY B 628 -25.87 -62.87 -20.71
N SER B 629 -26.60 -61.81 -20.31
CA SER B 629 -28.05 -61.91 -20.27
C SER B 629 -28.64 -62.04 -21.66
N LYS B 630 -28.13 -61.28 -22.63
CA LYS B 630 -28.65 -61.33 -23.99
C LYS B 630 -27.49 -61.11 -24.96
N LYS B 631 -27.67 -61.63 -26.18
CA LYS B 631 -26.64 -61.51 -27.21
C LYS B 631 -26.49 -60.05 -27.65
N VAL B 632 -25.26 -59.56 -27.65
CA VAL B 632 -24.94 -58.20 -28.03
C VAL B 632 -23.91 -58.24 -29.14
N ASP B 633 -24.09 -57.40 -30.16
CA ASP B 633 -23.16 -57.34 -31.29
C ASP B 633 -21.95 -56.54 -30.81
N ILE B 634 -20.86 -57.25 -30.51
CA ILE B 634 -19.64 -56.58 -30.06
C ILE B 634 -19.03 -55.75 -31.18
N ASN B 635 -19.11 -56.24 -32.42
CA ASN B 635 -18.49 -55.60 -33.56
C ASN B 635 -19.25 -54.38 -34.06
N ALA B 636 -20.22 -53.87 -33.29
CA ALA B 636 -20.95 -52.69 -33.70
C ALA B 636 -20.03 -51.48 -33.77
N VAL B 637 -20.23 -50.65 -34.80
CA VAL B 637 -19.40 -49.48 -35.04
C VAL B 637 -20.29 -48.26 -35.22
N ASP B 638 -19.69 -47.09 -35.05
CA ASP B 638 -20.38 -45.82 -35.22
C ASP B 638 -20.24 -45.34 -36.67
N GLU B 639 -20.61 -44.09 -36.92
CA GLU B 639 -20.47 -43.51 -38.25
C GLU B 639 -19.01 -43.36 -38.65
N ASN B 640 -18.09 -43.35 -37.69
CA ASN B 640 -16.66 -43.33 -37.96
C ASN B 640 -16.07 -44.73 -38.08
N ASN B 641 -16.91 -45.76 -38.03
CA ASN B 641 -16.48 -47.16 -38.09
C ASN B 641 -15.47 -47.46 -36.99
N ILE B 642 -15.85 -47.14 -35.75
CA ILE B 642 -15.00 -47.29 -34.58
C ILE B 642 -15.61 -48.35 -33.68
N THR B 643 -14.85 -49.40 -33.39
CA THR B 643 -15.24 -50.42 -32.44
C THR B 643 -14.91 -49.95 -31.03
N ALA B 644 -15.70 -50.42 -30.05
CA ALA B 644 -15.48 -50.02 -28.66
C ALA B 644 -14.08 -50.41 -28.16
N LEU B 645 -13.44 -51.39 -28.80
CA LEU B 645 -12.04 -51.68 -28.46
C LEU B 645 -11.15 -50.48 -28.77
N HIS B 646 -11.47 -49.72 -29.81
CA HIS B 646 -10.74 -48.49 -30.08
C HIS B 646 -10.92 -47.50 -28.93
N TYR B 647 -12.16 -47.34 -28.45
CA TYR B 647 -12.38 -46.45 -27.31
C TYR B 647 -11.64 -46.92 -26.07
N ALA B 648 -11.55 -48.24 -25.86
CA ALA B 648 -10.71 -48.74 -24.79
C ALA B 648 -9.24 -48.39 -25.02
N ALA B 649 -8.81 -48.41 -26.28
CA ALA B 649 -7.43 -48.07 -26.61
C ALA B 649 -7.11 -46.62 -26.25
N ILE B 650 -8.03 -45.70 -26.56
CA ILE B 650 -7.87 -44.33 -26.07
C ILE B 650 -7.92 -44.28 -24.55
N LEU B 651 -8.82 -45.07 -23.95
CA LEU B 651 -8.96 -45.05 -22.49
C LEU B 651 -7.67 -45.48 -21.80
N GLY B 652 -7.02 -46.52 -22.31
CA GLY B 652 -5.73 -46.93 -21.79
C GLY B 652 -5.74 -47.64 -20.46
N TYR B 653 -6.78 -48.40 -20.17
CA TYR B 653 -6.83 -49.23 -18.97
C TYR B 653 -6.72 -50.69 -19.36
N LEU B 654 -5.74 -51.37 -18.79
CA LEU B 654 -5.31 -52.67 -19.32
C LEU B 654 -6.32 -53.78 -19.03
N GLU B 655 -6.92 -53.78 -17.83
CA GLU B 655 -7.75 -54.91 -17.45
C GLU B 655 -8.95 -55.05 -18.39
N THR B 656 -9.67 -53.96 -18.64
CA THR B 656 -10.88 -54.03 -19.45
C THR B 656 -10.58 -54.58 -20.84
N THR B 657 -9.47 -54.16 -21.43
CA THR B 657 -9.02 -54.74 -22.69
C THR B 657 -8.74 -56.24 -22.52
N LYS B 658 -8.11 -56.63 -21.42
CA LYS B 658 -7.86 -58.05 -21.18
C LYS B 658 -9.15 -58.85 -21.24
N GLN B 659 -10.18 -58.43 -20.49
CA GLN B 659 -11.40 -59.24 -20.49
C GLN B 659 -12.10 -59.18 -21.85
N LEU B 660 -12.14 -58.00 -22.49
CA LEU B 660 -12.87 -57.94 -23.75
C LEU B 660 -12.17 -58.72 -24.86
N ILE B 661 -10.86 -58.97 -24.73
CA ILE B 661 -10.19 -59.82 -25.71
C ILE B 661 -10.34 -61.29 -25.35
N ASN B 662 -10.20 -61.65 -24.07
CA ASN B 662 -10.23 -63.07 -23.71
C ASN B 662 -11.63 -63.64 -23.75
N LEU B 663 -12.65 -62.82 -23.49
CA LEU B 663 -14.02 -63.33 -23.42
C LEU B 663 -14.56 -63.70 -24.80
N LYS B 664 -14.35 -62.82 -25.78
CA LYS B 664 -14.93 -63.02 -27.10
C LYS B 664 -13.93 -62.64 -28.17
N GLU B 665 -14.14 -63.17 -29.37
CA GLU B 665 -13.29 -62.86 -30.51
C GLU B 665 -13.66 -61.51 -31.10
N ILE B 666 -12.65 -60.73 -31.47
CA ILE B 666 -12.83 -59.38 -31.99
C ILE B 666 -11.99 -59.22 -33.25
N ASN B 667 -12.51 -58.45 -34.20
CA ASN B 667 -11.77 -58.12 -35.43
C ASN B 667 -11.10 -56.76 -35.28
N ALA B 668 -10.11 -56.71 -34.38
CA ALA B 668 -9.42 -55.48 -34.07
C ALA B 668 -8.63 -54.91 -35.24
N ASN B 669 -8.40 -55.70 -36.29
CA ASN B 669 -7.68 -55.20 -37.46
C ASN B 669 -8.48 -54.19 -38.27
N VAL B 670 -9.77 -54.03 -37.98
CA VAL B 670 -10.58 -53.07 -38.72
C VAL B 670 -10.16 -51.66 -38.37
N VAL B 671 -9.92 -50.84 -39.39
CA VAL B 671 -9.49 -49.46 -39.21
C VAL B 671 -10.69 -48.55 -39.34
N SER B 672 -10.53 -47.32 -38.85
CA SER B 672 -11.59 -46.33 -38.92
C SER B 672 -11.63 -45.69 -40.31
N SER B 673 -12.85 -45.47 -40.81
CA SER B 673 -13.01 -44.86 -42.13
C SER B 673 -12.42 -43.45 -42.20
N PRO B 674 -12.69 -42.53 -41.28
CA PRO B 674 -12.05 -41.21 -41.35
C PRO B 674 -10.67 -41.24 -40.70
N GLY B 675 -9.67 -40.72 -41.41
CA GLY B 675 -8.31 -40.68 -40.95
C GLY B 675 -7.50 -41.92 -41.24
N LEU B 676 -8.16 -43.08 -41.36
CA LEU B 676 -7.49 -44.36 -41.64
C LEU B 676 -6.51 -44.73 -40.53
N LEU B 677 -7.05 -44.84 -39.30
CA LEU B 677 -6.28 -45.24 -38.15
C LEU B 677 -6.78 -46.59 -37.64
N SER B 678 -5.86 -47.44 -37.19
CA SER B 678 -6.18 -48.75 -36.66
C SER B 678 -6.25 -48.70 -35.14
N ALA B 679 -6.71 -49.81 -34.56
CA ALA B 679 -6.93 -49.87 -33.11
C ALA B 679 -5.63 -49.69 -32.33
N LEU B 680 -4.56 -50.35 -32.77
CA LEU B 680 -3.28 -50.24 -32.06
C LEU B 680 -2.70 -48.84 -32.19
N HIS B 681 -3.01 -48.13 -33.29
CA HIS B 681 -2.60 -46.74 -33.39
C HIS B 681 -3.26 -45.90 -32.30
N TYR B 682 -4.56 -46.08 -32.09
CA TYR B 682 -5.22 -45.39 -30.99
C TYR B 682 -4.67 -45.82 -29.64
N ALA B 683 -4.29 -47.10 -29.51
CA ALA B 683 -3.72 -47.57 -28.25
C ALA B 683 -2.40 -46.85 -27.94
N ILE B 684 -1.53 -46.72 -28.94
CA ILE B 684 -0.28 -45.99 -28.73
C ILE B 684 -0.55 -44.50 -28.54
N LEU B 685 -1.60 -43.98 -29.15
CA LEU B 685 -1.99 -42.59 -28.94
C LEU B 685 -2.40 -42.38 -27.48
N TYR B 686 -2.21 -41.14 -27.01
CA TYR B 686 -2.49 -40.76 -25.63
C TYR B 686 -1.58 -41.49 -24.64
N LYS B 687 -0.41 -41.93 -25.11
CA LYS B 687 0.65 -42.48 -24.26
C LYS B 687 0.17 -43.66 -23.43
N HIS B 688 -0.47 -44.63 -24.08
CA HIS B 688 -0.93 -45.86 -23.43
C HIS B 688 -0.09 -47.01 -23.96
N ASP B 689 1.07 -47.22 -23.33
CA ASP B 689 2.01 -48.25 -23.79
C ASP B 689 1.56 -49.65 -23.39
N ASP B 690 0.98 -49.81 -22.20
CA ASP B 690 0.62 -51.13 -21.71
C ASP B 690 -0.45 -51.79 -22.57
N VAL B 691 -1.48 -51.02 -22.95
CA VAL B 691 -2.55 -51.57 -23.78
C VAL B 691 -2.03 -51.97 -25.14
N ALA B 692 -1.19 -51.12 -25.76
CA ALA B 692 -0.62 -51.46 -27.05
C ALA B 692 0.25 -52.70 -26.96
N SER B 693 1.05 -52.81 -25.88
CA SER B 693 1.89 -53.99 -25.70
C SER B 693 1.05 -55.25 -25.56
N PHE B 694 -0.05 -55.18 -24.78
CA PHE B 694 -0.89 -56.35 -24.60
C PHE B 694 -1.58 -56.74 -25.89
N LEU B 695 -2.07 -55.76 -26.66
CA LEU B 695 -2.69 -56.07 -27.95
C LEU B 695 -1.68 -56.68 -28.91
N MET B 696 -0.43 -56.19 -28.89
CA MET B 696 0.61 -56.78 -29.71
C MET B 696 0.91 -58.22 -29.28
N ARG B 697 0.88 -58.47 -27.97
CA ARG B 697 1.18 -59.81 -27.47
C ARG B 697 0.20 -60.84 -27.98
N SER B 698 -1.09 -60.49 -28.02
CA SER B 698 -2.11 -61.43 -28.47
C SER B 698 -1.89 -61.83 -29.92
N SER B 699 -1.99 -63.13 -30.18
CA SER B 699 -1.79 -63.64 -31.53
C SER B 699 -2.96 -63.31 -32.46
N ASN B 700 -4.14 -63.04 -31.91
CA ASN B 700 -5.29 -62.72 -32.74
C ASN B 700 -5.08 -61.41 -33.49
N VAL B 701 -4.50 -60.41 -32.83
CA VAL B 701 -4.27 -59.11 -33.44
C VAL B 701 -3.05 -59.21 -34.36
N ASN B 702 -3.21 -58.82 -35.61
CA ASN B 702 -2.14 -58.83 -36.60
C ASN B 702 -1.51 -57.45 -36.64
N VAL B 703 -0.39 -57.28 -35.92
CA VAL B 703 0.30 -56.01 -35.90
C VAL B 703 0.91 -55.67 -37.26
N ASN B 704 1.16 -56.69 -38.10
CA ASN B 704 1.71 -56.43 -39.43
C ASN B 704 0.70 -55.71 -40.32
N LEU B 705 -0.59 -55.95 -40.11
CA LEU B 705 -1.62 -55.29 -40.90
C LEU B 705 -1.60 -53.78 -40.64
N LYS B 706 -1.72 -53.01 -41.72
CA LYS B 706 -1.67 -51.55 -41.64
C LYS B 706 -2.77 -50.97 -42.52
N ALA B 707 -3.17 -49.75 -42.17
CA ALA B 707 -4.22 -49.06 -42.91
C ALA B 707 -3.68 -48.54 -44.23
N LEU B 708 -4.58 -47.98 -45.03
CA LEU B 708 -4.19 -47.43 -46.33
C LEU B 708 -3.25 -46.25 -46.17
N GLY B 709 -2.39 -46.05 -47.16
CA GLY B 709 -1.42 -44.98 -47.10
C GLY B 709 -0.15 -45.32 -46.35
N GLY B 710 0.07 -46.59 -46.02
CA GLY B 710 1.27 -47.01 -45.31
C GLY B 710 1.37 -46.43 -43.91
N ILE B 711 0.27 -46.45 -43.17
CA ILE B 711 0.23 -45.96 -41.80
C ILE B 711 0.58 -47.12 -40.89
N THR B 712 1.75 -47.05 -40.26
CA THR B 712 2.32 -48.10 -39.43
C THR B 712 2.61 -47.53 -38.05
N PRO B 713 2.29 -48.28 -36.98
CA PRO B 713 2.42 -47.71 -35.63
C PRO B 713 3.85 -47.31 -35.23
N LEU B 714 4.84 -47.80 -35.97
CA LEU B 714 6.21 -47.33 -35.74
C LEU B 714 6.34 -45.84 -36.01
N HIS B 715 5.63 -45.34 -37.03
CA HIS B 715 5.63 -43.91 -37.28
C HIS B 715 5.03 -43.13 -36.11
N LEU B 716 3.94 -43.64 -35.53
CA LEU B 716 3.34 -42.98 -34.38
C LEU B 716 4.27 -43.03 -33.17
N ALA B 717 4.99 -44.14 -33.01
CA ALA B 717 5.97 -44.23 -31.93
C ALA B 717 7.08 -43.20 -32.12
N VAL B 718 7.50 -42.99 -33.37
CA VAL B 718 8.48 -41.94 -33.67
C VAL B 718 7.90 -40.57 -33.32
N ILE B 719 6.63 -40.34 -33.68
CA ILE B 719 6.00 -39.05 -33.40
C ILE B 719 5.96 -38.79 -31.90
N GLN B 720 5.58 -39.78 -31.11
CA GLN B 720 5.50 -39.62 -29.67
C GLN B 720 6.84 -39.84 -28.96
N GLY B 721 7.76 -40.57 -29.58
CA GLY B 721 9.07 -40.80 -28.98
C GLY B 721 9.03 -41.61 -27.71
N ARG B 722 8.27 -42.70 -27.71
CA ARG B 722 8.17 -43.58 -26.56
C ARG B 722 9.32 -44.59 -26.58
N LYS B 723 10.12 -44.60 -25.50
CA LYS B 723 11.26 -45.51 -25.43
C LYS B 723 10.81 -46.95 -25.24
N GLN B 724 9.83 -47.18 -24.36
CA GLN B 724 9.44 -48.53 -23.99
C GLN B 724 8.79 -49.26 -25.17
N ILE B 725 7.87 -48.60 -25.87
CA ILE B 725 7.17 -49.26 -26.96
C ILE B 725 8.12 -49.55 -28.13
N LEU B 726 9.05 -48.64 -28.40
CA LEU B 726 10.02 -48.88 -29.46
C LEU B 726 10.98 -50.00 -29.06
N SER B 727 11.37 -50.05 -27.78
CA SER B 727 12.20 -51.15 -27.31
C SER B 727 11.50 -52.48 -27.48
N LEU B 728 10.20 -52.54 -27.13
CA LEU B 728 9.45 -53.78 -27.32
C LEU B 728 9.36 -54.15 -28.80
N MET B 729 9.07 -53.17 -29.66
CA MET B 729 9.00 -53.44 -31.10
C MET B 729 10.32 -53.98 -31.62
N PHE B 730 11.43 -53.50 -31.08
CA PHE B 730 12.73 -54.04 -31.48
C PHE B 730 12.95 -55.45 -30.94
N ASP B 731 12.57 -55.70 -29.69
CA ASP B 731 12.80 -57.02 -29.10
C ASP B 731 12.01 -58.10 -29.83
N ILE B 732 10.70 -57.89 -30.00
CA ILE B 732 9.92 -58.87 -30.76
C ILE B 732 10.25 -58.82 -32.24
N GLY B 733 10.44 -57.62 -32.78
CA GLY B 733 10.87 -57.51 -34.17
C GLY B 733 10.02 -56.60 -35.03
N VAL B 734 10.65 -55.62 -35.65
CA VAL B 734 9.99 -54.71 -36.58
C VAL B 734 11.04 -54.19 -37.55
N ASN B 735 10.64 -53.98 -38.80
CA ASN B 735 11.56 -53.47 -39.81
C ASN B 735 12.09 -52.10 -39.40
N ILE B 736 13.41 -51.92 -39.51
CA ILE B 736 14.02 -50.66 -39.11
C ILE B 736 13.53 -49.52 -39.99
N GLU B 737 13.55 -49.72 -41.31
CA GLU B 737 13.03 -48.74 -42.26
C GLU B 737 11.96 -49.41 -43.10
N GLN B 738 10.75 -48.87 -43.03
CA GLN B 738 9.58 -49.40 -43.73
C GLN B 738 9.13 -48.39 -44.77
N LYS B 739 8.93 -48.85 -46.00
CA LYS B 739 8.59 -47.96 -47.09
C LYS B 739 7.09 -47.76 -47.16
N THR B 740 6.66 -46.50 -47.23
CA THR B 740 5.25 -46.17 -47.37
C THR B 740 4.86 -46.20 -48.84
N ASP B 741 3.68 -45.69 -49.16
CA ASP B 741 3.24 -45.63 -50.56
C ASP B 741 4.19 -44.80 -51.41
N GLU B 742 4.75 -43.74 -50.84
CA GLU B 742 5.71 -42.91 -51.53
C GLU B 742 7.16 -43.33 -51.23
N LYS B 743 7.33 -44.41 -50.45
CA LYS B 743 8.59 -45.08 -50.14
C LYS B 743 9.40 -44.26 -49.13
N TYR B 744 8.75 -43.34 -48.41
CA TYR B 744 9.42 -42.68 -47.30
C TYR B 744 9.73 -43.68 -46.19
N THR B 745 10.78 -43.38 -45.43
CA THR B 745 11.23 -44.25 -44.36
C THR B 745 11.00 -43.59 -42.99
N PRO B 746 10.87 -44.39 -41.93
CA PRO B 746 10.76 -43.79 -40.58
C PRO B 746 11.97 -42.97 -40.18
N LEU B 747 13.14 -43.25 -40.77
CA LEU B 747 14.31 -42.41 -40.49
C LEU B 747 14.10 -41.00 -41.04
N HIS B 748 13.37 -40.88 -42.15
CA HIS B 748 13.04 -39.56 -42.67
C HIS B 748 12.22 -38.77 -41.67
N LEU B 749 11.22 -39.41 -41.05
CA LEU B 749 10.39 -38.73 -40.06
C LEU B 749 11.18 -38.43 -38.78
N ALA B 750 12.02 -39.37 -38.36
CA ALA B 750 12.81 -39.17 -37.14
C ALA B 750 13.80 -38.02 -37.32
N ALA B 751 14.35 -37.87 -38.52
CA ALA B 751 15.22 -36.73 -38.80
C ALA B 751 14.44 -35.42 -38.69
N MET B 752 13.19 -35.41 -39.14
CA MET B 752 12.35 -34.22 -39.01
C MET B 752 12.05 -33.93 -37.54
N SER B 753 12.08 -34.95 -36.69
CA SER B 753 11.80 -34.76 -35.28
C SER B 753 12.94 -34.00 -34.60
N LYS B 754 12.58 -33.21 -33.58
CA LYS B 754 13.58 -32.37 -32.91
C LYS B 754 14.52 -33.20 -32.04
N TYR B 755 14.00 -34.22 -31.37
CA TYR B 755 14.81 -35.01 -30.45
C TYR B 755 15.77 -35.91 -31.23
N PRO B 756 16.99 -36.12 -30.73
CA PRO B 756 17.98 -36.92 -31.47
C PRO B 756 18.06 -38.36 -31.01
N GLU B 757 17.32 -38.72 -29.96
CA GLU B 757 17.55 -40.00 -29.29
C GLU B 757 17.20 -41.20 -30.18
N LEU B 758 16.10 -41.12 -30.93
CA LEU B 758 15.81 -42.22 -31.86
C LEU B 758 16.82 -42.30 -32.98
N ILE B 759 17.43 -41.18 -33.37
CA ILE B 759 18.47 -41.23 -34.39
C ILE B 759 19.59 -42.15 -33.93
N GLN B 760 20.11 -41.91 -32.72
CA GLN B 760 21.19 -42.74 -32.21
C GLN B 760 20.74 -44.17 -31.96
N ILE B 761 19.52 -44.37 -31.45
CA ILE B 761 19.10 -45.73 -31.15
C ILE B 761 18.91 -46.54 -32.43
N LEU B 762 18.45 -45.90 -33.52
CA LEU B 762 18.32 -46.61 -34.79
C LEU B 762 19.68 -46.85 -35.45
N LEU B 763 20.62 -45.93 -35.27
CA LEU B 763 21.99 -46.23 -35.71
C LEU B 763 22.57 -47.43 -34.95
N ASP B 764 22.31 -47.51 -33.65
CA ASP B 764 22.76 -48.67 -32.88
C ASP B 764 22.04 -49.94 -33.34
N GLN B 765 20.74 -49.84 -33.64
CA GLN B 765 19.97 -51.01 -34.02
C GLN B 765 20.37 -51.53 -35.39
N GLY B 766 20.86 -50.65 -36.26
CA GLY B 766 21.24 -51.04 -37.61
C GLY B 766 20.33 -50.45 -38.67
N SER B 767 20.79 -49.38 -39.31
CA SER B 767 20.01 -48.70 -40.33
C SER B 767 20.91 -48.35 -41.51
N ASN B 768 20.30 -48.24 -42.68
CA ASN B 768 21.00 -47.93 -43.92
C ASN B 768 20.73 -46.48 -44.31
N PHE B 769 21.79 -45.71 -44.53
CA PHE B 769 21.62 -44.33 -44.96
C PHE B 769 21.04 -44.26 -46.37
N GLU B 770 21.32 -45.28 -47.19
CA GLU B 770 20.90 -45.26 -48.59
C GLU B 770 19.39 -45.35 -48.74
N ALA B 771 18.66 -45.70 -47.69
CA ALA B 771 17.21 -45.75 -47.77
C ALA B 771 16.65 -44.38 -48.09
N LYS B 772 15.77 -44.32 -49.10
CA LYS B 772 15.27 -43.06 -49.61
C LYS B 772 13.85 -43.25 -50.12
N THR B 773 13.15 -42.13 -50.28
CA THR B 773 11.83 -42.13 -50.89
C THR B 773 11.96 -42.18 -52.41
N ASN B 774 10.81 -42.13 -53.09
CA ASN B 774 10.82 -42.16 -54.55
C ASN B 774 11.55 -40.96 -55.12
N SER B 775 11.32 -39.79 -54.53
CA SER B 775 12.10 -38.60 -54.90
C SER B 775 13.54 -38.67 -54.42
N GLY B 776 13.87 -39.62 -53.54
CA GLY B 776 15.22 -39.78 -53.05
C GLY B 776 15.60 -38.88 -51.90
N ALA B 777 14.65 -38.13 -51.34
CA ALA B 777 14.96 -37.20 -50.26
C ALA B 777 15.59 -37.91 -49.07
N THR B 778 16.86 -37.64 -48.82
CA THR B 778 17.58 -38.29 -47.73
C THR B 778 17.08 -37.77 -46.39
N PRO B 779 17.30 -38.53 -45.31
CA PRO B 779 16.87 -38.05 -43.98
C PRO B 779 17.49 -36.70 -43.62
N LEU B 780 18.76 -36.49 -43.98
CA LEU B 780 19.41 -35.23 -43.65
C LEU B 780 18.76 -34.07 -44.40
N HIS B 781 18.28 -34.32 -45.61
CA HIS B 781 17.56 -33.30 -46.36
C HIS B 781 16.35 -32.81 -45.57
N LEU B 782 15.51 -33.73 -45.11
CA LEU B 782 14.31 -33.35 -44.37
C LEU B 782 14.67 -32.73 -43.02
N ALA B 783 15.72 -33.24 -42.37
CA ALA B 783 16.14 -32.66 -41.10
C ALA B 783 16.57 -31.21 -41.26
N THR B 784 17.30 -30.90 -42.33
CA THR B 784 17.71 -29.52 -42.56
C THR B 784 16.54 -28.65 -43.02
N PHE B 785 15.62 -29.22 -43.80
CA PHE B 785 14.46 -28.45 -44.25
C PHE B 785 13.53 -28.10 -43.10
N LYS B 786 13.41 -28.98 -42.10
CA LYS B 786 12.53 -28.74 -40.97
C LYS B 786 13.18 -27.85 -39.90
N GLY B 787 14.44 -27.47 -40.07
CA GLY B 787 15.09 -26.59 -39.13
C GLY B 787 15.68 -27.27 -37.91
N LYS B 788 15.77 -28.59 -37.89
CA LYS B 788 16.30 -29.32 -36.75
C LYS B 788 17.83 -29.32 -36.86
N SER B 789 18.46 -28.31 -36.25
CA SER B 789 19.91 -28.18 -36.33
C SER B 789 20.61 -29.31 -35.58
N GLN B 790 20.19 -29.56 -34.35
CA GLN B 790 20.85 -30.57 -33.53
C GLN B 790 20.59 -31.98 -34.06
N ALA B 791 19.41 -32.23 -34.62
CA ALA B 791 19.14 -33.55 -35.22
C ALA B 791 20.04 -33.78 -36.42
N ALA B 792 20.21 -32.77 -37.27
CA ALA B 792 21.13 -32.91 -38.38
C ALA B 792 22.57 -33.06 -37.90
N LEU B 793 22.92 -32.38 -36.81
CA LEU B 793 24.25 -32.52 -36.23
C LEU B 793 24.52 -33.95 -35.79
N ILE B 794 23.56 -34.55 -35.08
CA ILE B 794 23.77 -35.93 -34.61
C ILE B 794 23.75 -36.89 -35.80
N LEU B 795 22.94 -36.62 -36.82
CA LEU B 795 22.96 -37.46 -38.01
C LEU B 795 24.32 -37.42 -38.69
N LEU B 796 24.91 -36.23 -38.81
CA LEU B 796 26.25 -36.12 -39.41
C LEU B 796 27.29 -36.78 -38.53
N ASN B 797 27.17 -36.64 -37.20
CA ASN B 797 28.08 -37.33 -36.30
C ASN B 797 27.97 -38.84 -36.43
N ASN B 798 26.80 -39.34 -36.81
CA ASN B 798 26.64 -40.76 -37.10
C ASN B 798 27.26 -41.17 -38.43
N GLU B 799 27.98 -40.27 -39.10
CA GLU B 799 28.70 -40.56 -40.34
C GLU B 799 27.75 -41.07 -41.42
N VAL B 800 26.83 -40.18 -41.84
CA VAL B 800 25.94 -40.50 -42.96
C VAL B 800 26.77 -40.63 -44.22
N ASN B 801 26.51 -41.70 -44.98
CA ASN B 801 27.30 -41.98 -46.18
C ASN B 801 27.13 -40.87 -47.21
N TRP B 802 28.23 -40.52 -47.87
CA TRP B 802 28.19 -39.51 -48.91
C TRP B 802 27.37 -39.95 -50.12
N ARG B 803 27.33 -41.25 -50.38
CA ARG B 803 26.58 -41.78 -51.51
C ARG B 803 25.07 -41.57 -51.37
N ASP B 804 24.60 -41.22 -50.17
CA ASP B 804 23.18 -40.97 -49.97
C ASP B 804 22.76 -39.66 -50.62
N THR B 805 22.30 -39.73 -51.87
CA THR B 805 21.89 -38.55 -52.62
C THR B 805 20.61 -38.87 -53.38
N ASP B 806 19.88 -37.82 -53.72
CA ASP B 806 18.60 -37.94 -54.39
C ASP B 806 18.75 -37.71 -55.89
N GLU B 807 17.74 -38.17 -56.64
CA GLU B 807 17.70 -37.88 -58.07
C GLU B 807 17.43 -36.40 -58.33
N ASN B 808 16.75 -35.72 -57.42
CA ASN B 808 16.51 -34.29 -57.57
C ASN B 808 17.80 -33.50 -57.49
N GLY B 809 18.78 -33.98 -56.72
CA GLY B 809 20.09 -33.36 -56.64
C GLY B 809 20.24 -32.32 -55.56
N GLN B 810 19.18 -31.97 -54.84
CA GLN B 810 19.30 -30.97 -53.79
C GLN B 810 20.13 -31.51 -52.63
N MET B 811 20.76 -30.58 -51.91
CA MET B 811 21.70 -30.90 -50.84
C MET B 811 21.19 -30.31 -49.54
N PRO B 812 21.35 -31.00 -48.40
CA PRO B 812 20.83 -30.46 -47.13
C PRO B 812 21.48 -29.15 -46.71
N ILE B 813 22.59 -28.75 -47.33
CA ILE B 813 23.13 -27.42 -47.06
C ILE B 813 22.11 -26.35 -47.48
N HIS B 814 21.27 -26.66 -48.47
CA HIS B 814 20.17 -25.76 -48.82
C HIS B 814 19.22 -25.58 -47.65
N GLY B 815 18.86 -26.69 -46.99
CA GLY B 815 17.98 -26.60 -45.83
C GLY B 815 18.63 -25.88 -44.67
N ALA B 816 19.92 -26.13 -44.44
CA ALA B 816 20.63 -25.42 -43.39
C ALA B 816 20.67 -23.92 -43.66
N ALA B 817 20.87 -23.54 -44.93
CA ALA B 817 20.88 -22.11 -45.27
C ALA B 817 19.52 -21.48 -45.10
N MET B 818 18.45 -22.18 -45.54
CA MET B 818 17.12 -21.58 -45.43
C MET B 818 16.64 -21.53 -43.99
N THR B 819 17.09 -22.45 -43.15
CA THR B 819 16.67 -22.50 -41.75
C THR B 819 17.72 -21.92 -40.80
N GLY B 820 18.77 -21.30 -41.33
CA GLY B 820 19.76 -20.65 -40.50
C GLY B 820 20.55 -21.57 -39.59
N LEU B 821 21.04 -22.69 -40.13
CA LEU B 821 21.76 -23.70 -39.36
C LEU B 821 23.25 -23.58 -39.65
N LEU B 822 23.94 -22.76 -38.87
CA LEU B 822 25.39 -22.63 -39.01
C LEU B 822 26.08 -23.93 -38.63
N ASP B 823 25.65 -24.56 -37.54
CA ASP B 823 26.30 -25.78 -37.07
C ASP B 823 26.18 -26.90 -38.09
N VAL B 824 25.01 -27.05 -38.71
CA VAL B 824 24.81 -28.13 -39.68
C VAL B 824 25.71 -27.90 -40.89
N ALA B 825 25.75 -26.67 -41.40
CA ALA B 825 26.59 -26.36 -42.55
C ALA B 825 28.06 -26.58 -42.23
N GLN B 826 28.50 -26.16 -41.04
CA GLN B 826 29.89 -26.36 -40.64
C GLN B 826 30.23 -27.85 -40.56
N ALA B 827 29.32 -28.66 -39.98
CA ALA B 827 29.55 -30.09 -39.90
C ALA B 827 29.62 -30.73 -41.29
N ILE B 828 28.74 -30.31 -42.20
CA ILE B 828 28.75 -30.86 -43.56
C ILE B 828 30.05 -30.50 -44.27
N ILE B 829 30.49 -29.25 -44.14
CA ILE B 829 31.74 -28.83 -44.78
C ILE B 829 32.91 -29.60 -44.18
N SER B 830 32.91 -29.82 -42.87
CA SER B 830 33.98 -30.59 -42.24
C SER B 830 34.00 -32.02 -42.76
N ILE B 831 32.82 -32.65 -42.89
CA ILE B 831 32.77 -34.00 -43.42
C ILE B 831 33.15 -34.01 -44.90
N ASP B 832 32.62 -33.07 -45.69
CA ASP B 832 32.91 -33.01 -47.11
C ASP B 832 32.77 -31.56 -47.56
N ALA B 833 33.89 -30.96 -47.99
CA ALA B 833 33.89 -29.57 -48.44
C ALA B 833 33.51 -29.41 -49.90
N THR B 834 33.35 -30.51 -50.64
CA THR B 834 33.00 -30.43 -52.05
C THR B 834 31.52 -30.24 -52.29
N VAL B 835 30.70 -30.25 -51.23
CA VAL B 835 29.26 -30.09 -51.39
C VAL B 835 28.88 -28.68 -51.84
N VAL B 836 29.80 -27.71 -51.70
CA VAL B 836 29.51 -26.35 -52.10
C VAL B 836 29.35 -26.24 -53.61
N ASP B 837 30.11 -27.02 -54.38
CA ASP B 837 30.10 -26.87 -55.83
C ASP B 837 28.94 -27.63 -56.49
N ILE B 838 28.50 -28.75 -55.89
CA ILE B 838 27.45 -29.55 -56.50
C ILE B 838 26.12 -28.82 -56.38
N GLU B 839 25.31 -28.89 -57.44
CA GLU B 839 24.02 -28.22 -57.49
C GLU B 839 22.94 -29.22 -57.88
N ASP B 840 21.69 -28.84 -57.62
CA ASP B 840 20.54 -29.68 -57.90
C ASP B 840 20.17 -29.58 -59.38
N LYS B 841 19.00 -30.11 -59.74
CA LYS B 841 18.51 -30.00 -61.11
C LYS B 841 18.29 -28.54 -61.50
N ASN B 842 17.75 -27.74 -60.58
CA ASN B 842 17.59 -26.32 -60.84
C ASN B 842 18.91 -25.57 -60.95
N SER B 843 20.02 -26.21 -60.55
CA SER B 843 21.36 -25.63 -60.66
C SER B 843 21.46 -24.29 -59.93
N ASP B 844 20.82 -24.18 -58.77
CA ASP B 844 20.88 -22.98 -57.94
C ASP B 844 21.73 -23.24 -56.71
N THR B 845 22.64 -22.33 -56.42
CA THR B 845 23.45 -22.44 -55.22
C THR B 845 22.59 -22.14 -53.99
N PRO B 846 22.96 -22.70 -52.83
CA PRO B 846 22.15 -22.46 -51.62
C PRO B 846 22.10 -21.01 -51.19
N LEU B 847 23.05 -20.18 -51.64
CA LEU B 847 23.00 -18.77 -51.27
C LEU B 847 21.77 -18.07 -51.84
N ASN B 848 21.20 -18.57 -52.94
CA ASN B 848 19.94 -18.01 -53.44
C ASN B 848 18.81 -18.23 -52.46
N LEU B 849 18.67 -19.46 -51.95
CA LEU B 849 17.65 -19.73 -50.95
C LEU B 849 17.91 -18.97 -49.66
N ALA B 850 19.18 -18.88 -49.26
CA ALA B 850 19.53 -18.08 -48.09
C ALA B 850 19.15 -16.62 -48.30
N ALA B 851 19.37 -16.08 -49.50
CA ALA B 851 18.94 -14.73 -49.81
C ALA B 851 17.42 -14.59 -49.70
N GLN B 852 16.69 -15.57 -50.22
CA GLN B 852 15.24 -15.54 -50.07
C GLN B 852 14.81 -15.58 -48.60
N ASN B 853 15.64 -16.17 -47.74
CA ASN B 853 15.37 -16.15 -46.31
C ASN B 853 16.20 -15.11 -45.55
N SER B 854 17.30 -14.63 -46.13
CA SER B 854 18.12 -13.55 -45.56
C SER B 854 18.64 -13.92 -44.17
N HIS B 855 19.47 -14.96 -44.14
CA HIS B 855 20.20 -15.35 -42.93
C HIS B 855 21.60 -14.79 -43.06
N ILE B 856 21.84 -13.63 -42.43
CA ILE B 856 23.08 -12.88 -42.65
C ILE B 856 24.29 -13.71 -42.24
N ASP B 857 24.21 -14.35 -41.07
CA ASP B 857 25.33 -15.18 -40.62
C ASP B 857 25.56 -16.37 -41.53
N VAL B 858 24.49 -17.01 -42.00
CA VAL B 858 24.62 -18.12 -42.94
C VAL B 858 25.30 -17.66 -44.21
N ILE B 859 24.84 -16.52 -44.75
CA ILE B 859 25.39 -16.02 -46.02
C ILE B 859 26.86 -15.64 -45.85
N LYS B 860 27.21 -14.99 -44.74
CA LYS B 860 28.60 -14.58 -44.54
C LYS B 860 29.49 -15.81 -44.36
N TYR B 861 29.03 -16.84 -43.65
CA TYR B 861 29.82 -18.06 -43.54
C TYR B 861 29.98 -18.73 -44.90
N PHE B 862 28.91 -18.78 -45.68
CA PHE B 862 28.95 -19.48 -46.96
C PHE B 862 29.81 -18.74 -47.97
N ILE B 863 29.93 -17.42 -47.85
CA ILE B 863 30.83 -16.70 -48.74
C ILE B 863 32.26 -16.72 -48.19
N ASP B 864 32.43 -16.91 -46.88
CA ASP B 864 33.75 -17.24 -46.36
C ASP B 864 34.24 -18.56 -46.89
N GLN B 865 33.31 -19.49 -47.17
CA GLN B 865 33.68 -20.71 -47.90
C GLN B 865 34.16 -20.41 -49.31
N GLY B 866 33.86 -19.23 -49.85
CA GLY B 866 34.41 -18.81 -51.12
C GLY B 866 33.57 -19.11 -52.34
N ALA B 867 32.30 -19.45 -52.18
CA ALA B 867 31.44 -19.73 -53.31
C ALA B 867 31.11 -18.44 -54.07
N ASP B 868 30.94 -18.58 -55.38
CA ASP B 868 30.61 -17.44 -56.22
C ASP B 868 29.18 -16.97 -55.96
N ILE B 869 29.00 -15.65 -55.92
CA ILE B 869 27.69 -15.07 -55.66
C ILE B 869 26.94 -14.70 -56.94
N ASN B 870 27.62 -14.66 -58.08
CA ASN B 870 26.99 -14.28 -59.35
C ASN B 870 26.30 -15.44 -60.05
N THR B 871 25.98 -16.51 -59.33
CA THR B 871 25.35 -17.69 -59.91
C THR B 871 23.83 -17.60 -59.74
N ARG B 872 23.11 -17.82 -60.84
CA ARG B 872 21.65 -17.80 -60.83
C ARG B 872 21.13 -19.04 -61.56
N ASN B 873 19.94 -19.47 -61.17
CA ASN B 873 19.30 -20.62 -61.79
C ASN B 873 18.64 -20.22 -63.10
N LYS B 874 17.91 -21.15 -63.70
CA LYS B 874 17.20 -20.85 -64.95
C LYS B 874 16.12 -19.81 -64.74
N LYS B 875 15.51 -19.77 -63.55
CA LYS B 875 14.51 -18.75 -63.26
C LYS B 875 15.12 -17.36 -63.18
N GLY B 876 16.43 -17.26 -62.93
CA GLY B 876 17.11 -15.98 -62.94
C GLY B 876 16.95 -15.14 -61.70
N LEU B 877 16.50 -15.73 -60.59
CA LEU B 877 16.32 -14.98 -59.35
C LEU B 877 17.68 -14.59 -58.80
N ALA B 878 17.98 -13.29 -58.83
CA ALA B 878 19.27 -12.81 -58.35
C ALA B 878 19.35 -12.88 -56.83
N PRO B 879 20.53 -13.16 -56.27
CA PRO B 879 20.67 -13.22 -54.81
C PRO B 879 20.52 -11.86 -54.15
N LEU B 880 21.26 -10.87 -54.66
CA LEU B 880 21.16 -9.52 -54.11
C LEU B 880 19.76 -8.94 -54.34
N LEU B 881 19.03 -9.45 -55.33
CA LEU B 881 17.62 -9.10 -55.48
C LEU B 881 16.84 -9.46 -54.22
N ALA B 882 17.05 -10.67 -53.70
CA ALA B 882 16.38 -11.07 -52.47
C ALA B 882 16.96 -10.35 -51.26
N PHE B 883 18.27 -10.06 -51.27
CA PHE B 883 18.85 -9.20 -50.23
C PHE B 883 18.10 -7.88 -50.11
N SER B 884 17.86 -7.23 -51.25
CA SER B 884 17.11 -5.98 -51.25
C SER B 884 15.64 -6.21 -50.93
N LYS B 885 15.10 -7.37 -51.31
CA LYS B 885 13.72 -7.70 -50.97
C LYS B 885 13.51 -7.73 -49.46
N LYS B 886 14.44 -8.35 -48.73
CA LYS B 886 14.31 -8.35 -47.26
C LYS B 886 14.58 -6.97 -46.68
N GLY B 887 15.65 -6.32 -47.13
CA GLY B 887 15.94 -4.97 -46.69
C GLY B 887 16.92 -4.86 -45.54
N ASN B 888 18.06 -5.54 -45.65
CA ASN B 888 19.13 -5.44 -44.66
C ASN B 888 20.18 -4.46 -45.16
N LEU B 889 20.93 -3.87 -44.23
CA LEU B 889 21.86 -2.79 -44.53
C LEU B 889 23.32 -3.17 -44.34
N ASP B 890 23.66 -3.81 -43.22
CA ASP B 890 25.07 -4.01 -42.88
C ASP B 890 25.78 -4.93 -43.87
N MET B 891 25.17 -6.07 -44.20
CA MET B 891 25.82 -6.97 -45.15
C MET B 891 25.78 -6.44 -46.58
N VAL B 892 24.82 -5.56 -46.90
CA VAL B 892 24.83 -4.90 -48.19
C VAL B 892 26.03 -3.94 -48.28
N LYS B 893 26.27 -3.18 -47.20
CA LYS B 893 27.49 -2.38 -47.14
C LYS B 893 28.74 -3.26 -47.25
N TYR B 894 28.67 -4.46 -46.65
CA TYR B 894 29.77 -5.42 -46.77
C TYR B 894 29.99 -5.81 -48.23
N LEU B 895 28.91 -6.06 -48.97
CA LEU B 895 29.01 -6.40 -50.39
C LEU B 895 29.63 -5.25 -51.18
N PHE B 896 29.20 -4.01 -50.92
CA PHE B 896 29.87 -2.89 -51.58
C PHE B 896 31.34 -2.78 -51.17
N ASP B 897 31.67 -3.15 -49.94
CA ASP B 897 33.07 -3.16 -49.52
C ASP B 897 33.87 -4.18 -50.32
N LYS B 898 33.27 -5.34 -50.60
CA LYS B 898 33.95 -6.35 -51.42
C LYS B 898 34.01 -5.96 -52.89
N ASN B 899 33.35 -4.87 -53.30
CA ASN B 899 33.41 -4.37 -54.67
C ASN B 899 32.93 -5.42 -55.67
N ALA B 900 31.84 -6.11 -55.32
CA ALA B 900 31.24 -7.09 -56.21
C ALA B 900 30.45 -6.39 -57.31
N ASN B 901 29.79 -7.19 -58.14
CA ASN B 901 28.99 -6.64 -59.25
C ASN B 901 27.77 -5.92 -58.68
N VAL B 902 27.80 -4.58 -58.71
CA VAL B 902 26.69 -3.79 -58.19
C VAL B 902 25.56 -3.63 -59.19
N TYR B 903 25.66 -4.24 -60.36
CA TYR B 903 24.61 -4.19 -61.38
C TYR B 903 23.95 -5.55 -61.59
N ILE B 904 24.08 -6.46 -60.63
CA ILE B 904 23.47 -7.77 -60.76
C ILE B 904 21.95 -7.66 -60.64
N ALA B 905 21.24 -8.39 -61.49
CA ALA B 905 19.79 -8.36 -61.50
C ALA B 905 19.29 -9.65 -62.15
N ASP B 906 17.98 -9.72 -62.33
CA ASP B 906 17.35 -10.89 -62.93
C ASP B 906 17.43 -10.80 -64.45
N ASN B 907 16.71 -11.68 -65.15
CA ASN B 907 16.79 -11.74 -66.60
C ASN B 907 16.26 -10.47 -67.25
N ASP B 908 15.16 -9.92 -66.74
CA ASP B 908 14.54 -8.74 -67.31
C ASP B 908 15.16 -7.43 -66.81
N GLY B 909 16.24 -7.50 -66.04
CA GLY B 909 16.89 -6.30 -65.54
C GLY B 909 16.06 -5.53 -64.52
N MET B 910 15.40 -6.24 -63.61
CA MET B 910 14.61 -5.61 -62.56
C MET B 910 15.52 -5.40 -61.36
N ASN B 911 15.93 -4.15 -61.14
CA ASN B 911 16.99 -3.86 -60.18
C ASN B 911 16.55 -4.16 -58.75
N PHE B 912 17.54 -4.40 -57.89
CA PHE B 912 17.29 -4.77 -56.51
C PHE B 912 16.74 -3.60 -55.71
N PHE B 913 17.31 -2.41 -55.87
CA PHE B 913 16.82 -1.27 -55.12
C PHE B 913 15.42 -0.84 -55.55
N TYR B 914 14.96 -1.28 -56.74
CA TYR B 914 13.55 -1.16 -57.04
C TYR B 914 12.71 -1.96 -56.05
N TYR B 915 13.15 -3.19 -55.74
CA TYR B 915 12.47 -3.97 -54.72
C TYR B 915 12.63 -3.34 -53.34
N ALA B 916 13.75 -2.66 -53.09
CA ALA B 916 13.90 -1.91 -51.85
C ALA B 916 12.84 -0.82 -51.74
N VAL B 917 12.61 -0.10 -52.83
CA VAL B 917 11.52 0.89 -52.88
C VAL B 917 10.18 0.20 -52.65
N GLN B 918 9.98 -0.98 -53.26
CA GLN B 918 8.73 -1.70 -53.09
C GLN B 918 8.46 -2.05 -51.63
N ASN B 919 9.50 -2.49 -50.92
CA ASN B 919 9.38 -2.82 -49.51
C ASN B 919 9.48 -1.60 -48.59
N GLY B 920 9.86 -0.44 -49.12
CA GLY B 920 9.97 0.76 -48.33
C GLY B 920 11.28 0.94 -47.60
N HIS B 921 12.25 0.05 -47.79
CA HIS B 921 13.55 0.16 -47.14
C HIS B 921 14.43 1.08 -47.98
N LEU B 922 14.44 2.36 -47.61
CA LEU B 922 15.16 3.38 -48.37
C LEU B 922 16.59 3.59 -47.88
N ASN B 923 16.98 2.95 -46.77
CA ASN B 923 18.34 3.15 -46.25
C ASN B 923 19.38 2.63 -47.22
N ILE B 924 19.17 1.44 -47.77
CA ILE B 924 20.13 0.89 -48.74
C ILE B 924 20.10 1.68 -50.03
N VAL B 925 18.94 2.21 -50.42
CA VAL B 925 18.86 3.05 -51.61
C VAL B 925 19.69 4.31 -51.44
N LYS B 926 19.58 4.95 -50.28
CA LYS B 926 20.37 6.14 -50.00
C LYS B 926 21.86 5.80 -49.90
N TYR B 927 22.19 4.65 -49.32
CA TYR B 927 23.59 4.23 -49.26
C TYR B 927 24.17 4.05 -50.66
N ALA B 928 23.40 3.43 -51.56
CA ALA B 928 23.85 3.25 -52.94
C ALA B 928 23.99 4.58 -53.66
N MET B 929 23.02 5.49 -53.47
CA MET B 929 23.06 6.78 -54.15
C MET B 929 24.24 7.63 -53.67
N SER B 930 24.50 7.62 -52.36
CA SER B 930 25.58 8.44 -51.82
C SER B 930 26.95 7.92 -52.24
N GLU B 931 27.04 6.62 -52.54
CA GLU B 931 28.31 6.02 -52.99
C GLU B 931 28.41 6.21 -54.50
N LYS B 932 28.79 7.43 -54.90
CA LYS B 932 28.92 7.73 -56.32
C LYS B 932 30.01 6.88 -56.97
N ASP B 933 31.16 6.74 -56.30
CA ASP B 933 32.24 5.94 -56.85
C ASP B 933 31.88 4.45 -56.87
N LYS B 934 31.20 3.97 -55.83
CA LYS B 934 30.81 2.56 -55.80
C LYS B 934 29.63 2.30 -56.72
N PHE B 935 28.67 3.22 -56.79
CA PHE B 935 27.50 3.09 -57.65
C PHE B 935 27.42 4.37 -58.50
N GLU B 936 27.78 4.26 -59.77
CA GLU B 936 27.81 5.39 -60.69
C GLU B 936 26.56 5.41 -61.54
N TRP B 937 25.85 6.54 -61.53
CA TRP B 937 24.64 6.70 -62.33
C TRP B 937 24.93 7.19 -63.75
N SER B 938 26.19 7.53 -64.05
CA SER B 938 26.52 7.98 -65.41
C SER B 938 26.37 6.85 -66.42
N ASN B 939 26.68 5.62 -66.04
CA ASN B 939 26.58 4.48 -66.94
C ASN B 939 25.13 4.21 -67.30
N THR B 940 24.91 3.75 -68.52
CA THR B 940 23.58 3.44 -69.04
C THR B 940 23.39 1.93 -69.08
N ASP B 941 22.28 1.46 -68.55
CA ASP B 941 21.97 0.03 -68.55
C ASP B 941 21.85 -0.47 -69.98
N ASN B 942 22.49 -1.60 -70.27
CA ASN B 942 22.50 -2.13 -71.63
C ASN B 942 21.13 -2.66 -72.03
N ASN B 943 20.49 -3.43 -71.16
CA ASN B 943 19.20 -4.02 -71.50
C ASN B 943 18.13 -2.95 -71.71
N ARG B 944 18.08 -1.96 -70.81
CA ARG B 944 17.08 -0.91 -70.93
C ARG B 944 17.34 -0.03 -72.16
N ARG B 945 18.61 0.22 -72.46
CA ARG B 945 18.94 0.97 -73.68
C ARG B 945 18.53 0.19 -74.92
N ASP B 946 18.72 -1.14 -74.92
CA ASP B 946 18.25 -1.95 -76.03
C ASP B 946 16.74 -1.91 -76.16
N GLU B 947 16.03 -1.95 -75.03
CA GLU B 947 14.57 -1.88 -75.07
C GLU B 947 14.09 -0.54 -75.61
N CYS B 948 14.73 0.55 -75.20
CA CYS B 948 14.35 1.91 -75.60
C CYS B 948 15.56 2.64 -76.14
N PRO B 949 15.94 2.37 -77.40
CA PRO B 949 17.08 3.09 -77.99
C PRO B 949 16.80 4.55 -78.27
N ASN B 950 15.52 4.98 -78.24
CA ASN B 950 15.19 6.36 -78.53
C ASN B 950 15.82 7.32 -77.52
N GLU B 951 15.75 6.99 -76.24
CA GLU B 951 16.43 7.75 -75.19
C GLU B 951 17.37 6.82 -74.43
N GLU B 952 18.63 7.23 -74.31
CA GLU B 952 19.63 6.46 -73.57
C GLU B 952 19.54 6.81 -72.09
N CYS B 953 18.44 6.36 -71.49
CA CYS B 953 18.18 6.66 -70.09
C CYS B 953 19.18 5.96 -69.19
N ALA B 954 19.64 6.67 -68.16
CA ALA B 954 20.61 6.13 -67.23
C ALA B 954 19.90 5.26 -66.18
N ILE B 955 20.71 4.66 -65.29
CA ILE B 955 20.14 3.83 -64.22
C ILE B 955 19.28 4.67 -63.29
N SER B 956 19.79 5.84 -62.90
CA SER B 956 19.02 6.72 -62.02
C SER B 956 17.76 7.23 -62.69
N HIS B 957 17.80 7.46 -64.00
CA HIS B 957 16.61 7.87 -64.74
C HIS B 957 15.47 6.88 -64.55
N PHE B 958 15.69 5.64 -65.00
CA PHE B 958 14.65 4.61 -64.87
C PHE B 958 14.34 4.31 -63.42
N ALA B 959 15.31 4.49 -62.53
CA ALA B 959 15.05 4.30 -61.10
C ALA B 959 14.00 5.29 -60.60
N VAL B 960 14.20 6.57 -60.90
CA VAL B 960 13.25 7.59 -60.46
C VAL B 960 11.90 7.38 -61.14
N CYS B 961 11.91 7.04 -62.43
CA CYS B 961 10.65 6.85 -63.14
C CYS B 961 9.86 5.67 -62.58
N ASP B 962 10.55 4.55 -62.27
CA ASP B 962 9.88 3.41 -61.68
C ASP B 962 9.41 3.70 -60.27
N ALA B 963 10.17 4.51 -59.52
CA ALA B 963 9.71 4.92 -58.20
C ALA B 963 8.43 5.73 -58.30
N VAL B 964 8.36 6.63 -59.28
CA VAL B 964 7.11 7.34 -59.55
C VAL B 964 6.00 6.36 -59.91
N GLN B 965 6.33 5.31 -60.66
CA GLN B 965 5.34 4.30 -61.03
C GLN B 965 4.76 3.61 -59.81
N PHE B 966 5.55 3.47 -58.74
CA PHE B 966 5.09 2.79 -57.54
C PHE B 966 4.01 3.55 -56.77
N ASP B 967 3.84 4.84 -57.07
CA ASP B 967 2.77 5.66 -56.48
C ASP B 967 2.86 5.70 -54.95
N ARG B 968 4.03 6.06 -54.45
CA ARG B 968 4.24 6.30 -53.03
C ARG B 968 4.74 7.73 -52.86
N ILE B 969 3.95 8.54 -52.14
CA ILE B 969 4.24 9.97 -52.06
C ILE B 969 5.55 10.23 -51.31
N GLU B 970 5.74 9.56 -50.17
CA GLU B 970 6.91 9.82 -49.34
C GLU B 970 8.20 9.42 -50.04
N ILE B 971 8.20 8.26 -50.71
CA ILE B 971 9.41 7.74 -51.32
C ILE B 971 9.83 8.59 -52.52
N VAL B 972 8.87 8.94 -53.37
CA VAL B 972 9.18 9.77 -54.53
C VAL B 972 9.57 11.17 -54.08
N LYS B 973 8.92 11.69 -53.03
CA LYS B 973 9.36 12.94 -52.44
C LYS B 973 10.81 12.85 -51.97
N TYR B 974 11.19 11.73 -51.35
CA TYR B 974 12.54 11.56 -50.85
C TYR B 974 13.55 11.60 -51.98
N PHE B 975 13.31 10.82 -53.04
CA PHE B 975 14.23 10.87 -54.18
C PHE B 975 14.27 12.25 -54.84
N VAL B 976 13.11 12.86 -55.07
CA VAL B 976 13.07 14.17 -55.73
C VAL B 976 13.86 15.19 -54.91
N GLY B 977 13.74 15.14 -53.58
CA GLY B 977 14.55 16.00 -52.74
C GLY B 977 16.02 15.69 -52.84
N THR B 978 16.37 14.40 -52.97
CA THR B 978 17.78 14.01 -53.04
C THR B 978 18.36 14.05 -54.45
N LEU B 979 17.53 14.24 -55.48
CA LEU B 979 18.06 14.34 -56.83
C LEU B 979 18.71 15.70 -57.07
N GLY B 980 19.86 15.69 -57.73
CA GLY B 980 20.49 16.94 -58.15
C GLY B 980 19.66 17.67 -59.19
N ASN B 981 19.15 16.93 -60.18
CA ASN B 981 18.29 17.49 -61.22
C ASN B 981 17.02 16.66 -61.29
N PHE B 982 15.87 17.34 -61.24
CA PHE B 982 14.58 16.66 -61.24
C PHE B 982 14.00 16.47 -62.64
N ALA B 983 14.65 17.00 -63.68
CA ALA B 983 14.12 16.96 -65.03
C ALA B 983 14.61 15.78 -65.85
N ILE B 984 15.46 14.93 -65.28
CA ILE B 984 15.99 13.81 -66.05
C ILE B 984 14.89 12.79 -66.36
N CYS B 985 14.11 12.40 -65.34
CA CYS B 985 13.04 11.44 -65.56
C CYS B 985 11.84 12.06 -66.27
N GLY B 986 11.60 13.36 -66.05
CA GLY B 986 10.41 13.98 -66.57
C GLY B 986 9.19 13.49 -65.83
N PRO B 987 9.06 13.87 -64.55
CA PRO B 987 7.99 13.29 -63.72
C PRO B 987 6.59 13.54 -64.27
N LEU B 988 6.39 14.62 -65.03
CA LEU B 988 5.06 14.94 -65.52
C LEU B 988 4.56 13.88 -66.49
N HIS B 989 5.26 13.69 -67.61
CA HIS B 989 4.80 12.72 -68.61
C HIS B 989 4.93 11.29 -68.12
N GLN B 990 5.95 11.01 -67.30
CA GLN B 990 6.09 9.67 -66.74
C GLN B 990 4.91 9.34 -65.83
N ALA B 991 4.52 10.29 -64.96
CA ALA B 991 3.38 10.06 -64.08
C ALA B 991 2.07 9.98 -64.87
N ALA B 992 1.97 10.75 -65.96
CA ALA B 992 0.81 10.63 -66.83
C ALA B 992 0.74 9.24 -67.45
N ARG B 993 1.89 8.69 -67.85
CA ARG B 993 1.95 7.32 -68.36
C ARG B 993 1.54 6.33 -67.29
N TYR B 994 1.99 6.54 -66.04
CA TYR B 994 1.64 5.65 -64.94
C TYR B 994 0.32 5.99 -64.28
N GLY B 995 -0.29 7.14 -64.62
CA GLY B 995 -1.61 7.47 -64.15
C GLY B 995 -1.76 7.63 -62.65
N HIS B 996 -0.86 8.37 -62.02
CA HIS B 996 -0.89 8.60 -60.59
C HIS B 996 -1.25 10.06 -60.29
N LEU B 997 -2.05 10.26 -59.25
CA LEU B 997 -2.62 11.58 -58.97
C LEU B 997 -1.74 12.41 -58.04
N ASP B 998 -1.53 11.92 -56.81
CA ASP B 998 -0.90 12.73 -55.77
C ASP B 998 0.50 13.18 -56.17
N ILE B 999 1.24 12.34 -56.90
CA ILE B 999 2.56 12.72 -57.37
C ILE B 999 2.47 13.93 -58.28
N VAL B 1000 1.51 13.91 -59.20
CA VAL B 1000 1.31 15.06 -60.09
C VAL B 1000 0.91 16.29 -59.29
N LYS B 1001 0.01 16.11 -58.31
CA LYS B 1001 -0.40 17.23 -57.47
C LYS B 1001 0.79 17.89 -56.80
N TYR B 1002 1.63 17.12 -56.11
CA TYR B 1002 2.67 17.80 -55.35
C TYR B 1002 3.88 18.17 -56.20
N LEU B 1003 4.02 17.63 -57.41
CA LEU B 1003 5.03 18.20 -58.30
C LEU B 1003 4.53 19.51 -58.90
N VAL B 1004 3.22 19.64 -59.10
CA VAL B 1004 2.67 20.90 -59.61
C VAL B 1004 2.74 21.99 -58.55
N GLU B 1005 2.37 21.67 -57.32
CA GLU B 1005 2.21 22.71 -56.29
C GLU B 1005 3.45 22.88 -55.41
N GLU B 1006 4.02 21.77 -54.90
CA GLU B 1006 5.12 21.90 -53.96
C GLU B 1006 6.43 22.25 -54.65
N GLU B 1007 6.69 21.66 -55.81
CA GLU B 1007 7.94 21.87 -56.52
C GLU B 1007 7.95 23.12 -57.39
N PHE B 1008 6.79 23.74 -57.60
CA PHE B 1008 6.67 24.94 -58.43
C PHE B 1008 7.19 24.71 -59.85
N LEU B 1009 7.00 23.50 -60.37
CA LEU B 1009 7.47 23.16 -61.70
C LEU B 1009 6.39 23.53 -62.72
N SER B 1010 6.84 23.90 -63.92
CA SER B 1010 5.93 24.34 -64.97
C SER B 1010 4.91 23.25 -65.29
N VAL B 1011 3.66 23.67 -65.50
CA VAL B 1011 2.59 22.71 -65.76
C VAL B 1011 2.80 21.99 -67.08
N ASP B 1012 3.37 22.67 -68.08
CA ASP B 1012 3.66 22.04 -69.35
C ASP B 1012 4.99 21.29 -69.38
N GLY B 1013 5.82 21.47 -68.35
CA GLY B 1013 7.10 20.79 -68.28
C GLY B 1013 8.16 21.48 -69.12
N SER B 1014 9.40 20.98 -68.97
CA SER B 1014 10.50 21.52 -69.75
C SER B 1014 10.31 21.25 -71.24
N LYS B 1015 9.87 20.05 -71.58
CA LYS B 1015 9.63 19.70 -72.98
C LYS B 1015 8.26 20.18 -73.43
N THR B 1016 8.12 20.35 -74.76
CA THR B 1016 6.86 20.77 -75.33
C THR B 1016 5.80 19.68 -75.31
N ASP B 1017 6.18 18.44 -75.03
CA ASP B 1017 5.23 17.33 -75.00
C ASP B 1017 4.37 17.44 -73.75
N THR B 1018 3.15 17.92 -73.91
CA THR B 1018 2.25 18.05 -72.77
C THR B 1018 1.76 16.67 -72.31
N PRO B 1019 1.59 16.47 -71.01
CA PRO B 1019 1.18 15.15 -70.50
C PRO B 1019 -0.27 14.79 -70.79
N LEU B 1020 -1.07 15.70 -71.37
CA LEU B 1020 -2.47 15.41 -71.62
C LEU B 1020 -2.61 14.28 -72.64
N CYS B 1021 -1.72 14.23 -73.63
CA CYS B 1021 -1.75 13.14 -74.60
C CYS B 1021 -1.50 11.79 -73.92
N TYR B 1022 -0.51 11.75 -73.02
CA TYR B 1022 -0.23 10.52 -72.28
C TYR B 1022 -1.41 10.12 -71.40
N ALA B 1023 -2.02 11.10 -70.73
CA ALA B 1023 -3.17 10.79 -69.87
C ALA B 1023 -4.34 10.27 -70.69
N SER B 1024 -4.59 10.87 -71.86
CA SER B 1024 -5.67 10.38 -72.73
C SER B 1024 -5.38 8.98 -73.23
N GLU B 1025 -4.12 8.70 -73.58
CA GLU B 1025 -3.75 7.37 -74.04
C GLU B 1025 -3.94 6.33 -72.94
N ASN B 1026 -3.58 6.68 -71.70
CA ASN B 1026 -3.74 5.75 -70.59
C ASN B 1026 -5.20 5.54 -70.24
N GLY B 1027 -6.02 6.59 -70.35
CA GLY B 1027 -7.43 6.47 -70.03
C GLY B 1027 -7.77 6.54 -68.56
N HIS B 1028 -6.95 7.22 -67.76
CA HIS B 1028 -7.25 7.41 -66.35
C HIS B 1028 -8.24 8.54 -66.18
N PHE B 1029 -9.42 8.23 -65.62
CA PHE B 1029 -10.50 9.20 -65.55
C PHE B 1029 -10.16 10.35 -64.60
N THR B 1030 -9.66 10.03 -63.42
CA THR B 1030 -9.33 11.08 -62.44
C THR B 1030 -8.17 11.95 -62.92
N VAL B 1031 -7.17 11.34 -63.55
CA VAL B 1031 -6.04 12.11 -64.06
C VAL B 1031 -6.50 13.11 -65.11
N VAL B 1032 -7.35 12.65 -66.04
CA VAL B 1032 -7.88 13.55 -67.06
C VAL B 1032 -8.72 14.66 -66.42
N GLN B 1033 -9.55 14.31 -65.44
CA GLN B 1033 -10.35 15.33 -64.76
C GLN B 1033 -9.48 16.41 -64.15
N TYR B 1034 -8.48 16.00 -63.38
CA TYR B 1034 -7.66 16.99 -62.67
C TYR B 1034 -6.77 17.77 -63.62
N LEU B 1035 -6.31 17.15 -64.70
CA LEU B 1035 -5.52 17.88 -65.70
C LEU B 1035 -6.38 18.91 -66.41
N VAL B 1036 -7.63 18.57 -66.72
CA VAL B 1036 -8.53 19.53 -67.33
C VAL B 1036 -8.82 20.67 -66.37
N SER B 1037 -9.01 20.36 -65.08
CA SER B 1037 -9.27 21.40 -64.08
C SER B 1037 -8.10 22.35 -63.92
N ASN B 1038 -6.90 21.94 -64.34
CA ASN B 1038 -5.72 22.80 -64.23
C ASN B 1038 -5.69 23.91 -65.28
N GLY B 1039 -6.53 23.83 -66.31
CA GLY B 1039 -6.56 24.84 -67.35
C GLY B 1039 -5.74 24.53 -68.57
N ALA B 1040 -5.23 23.31 -68.70
CA ALA B 1040 -4.45 22.95 -69.87
C ALA B 1040 -5.31 22.93 -71.12
N LYS B 1041 -4.70 23.30 -72.25
CA LYS B 1041 -5.38 23.36 -73.53
C LYS B 1041 -5.07 22.09 -74.32
N VAL B 1042 -6.11 21.36 -74.71
CA VAL B 1042 -5.92 20.11 -75.45
C VAL B 1042 -5.51 20.35 -76.90
N ASN B 1043 -5.72 21.57 -77.42
CA ASN B 1043 -5.41 21.84 -78.81
C ASN B 1043 -3.92 21.78 -79.11
N HIS B 1044 -3.07 21.87 -78.10
CA HIS B 1044 -1.62 21.83 -78.32
C HIS B 1044 -1.20 20.44 -78.77
N ASP B 1045 -0.38 20.39 -79.82
CA ASP B 1045 0.10 19.13 -80.35
C ASP B 1045 1.20 18.55 -79.47
N CYS B 1046 1.26 17.23 -79.39
CA CYS B 1046 2.23 16.52 -78.58
C CYS B 1046 3.23 15.75 -79.44
N GLY B 1047 3.51 16.24 -80.64
CA GLY B 1047 4.47 15.60 -81.52
C GLY B 1047 3.81 14.71 -82.55
N ASN B 1048 4.46 14.60 -83.71
CA ASN B 1048 4.04 13.73 -84.81
C ASN B 1048 2.69 14.13 -85.40
N GLY B 1049 2.11 15.22 -84.89
CA GLY B 1049 0.82 15.69 -85.39
C GLY B 1049 -0.30 14.69 -85.23
N MET B 1050 -0.29 13.91 -84.16
CA MET B 1050 -1.29 12.88 -83.92
C MET B 1050 -2.04 13.27 -82.65
N THR B 1051 -3.35 13.49 -82.77
CA THR B 1051 -4.11 14.06 -81.67
C THR B 1051 -4.21 13.08 -80.51
N ALA B 1052 -4.77 13.57 -79.39
CA ALA B 1052 -4.97 12.75 -78.20
C ALA B 1052 -6.39 12.22 -78.07
N ILE B 1053 -7.38 12.94 -78.57
CA ILE B 1053 -8.77 12.52 -78.41
C ILE B 1053 -9.03 11.23 -79.20
N ASP B 1054 -8.52 11.15 -80.44
CA ASP B 1054 -8.75 9.96 -81.24
C ASP B 1054 -8.09 8.73 -80.62
N LYS B 1055 -6.83 8.86 -80.20
CA LYS B 1055 -6.16 7.73 -79.58
C LYS B 1055 -6.78 7.36 -78.24
N ALA B 1056 -7.32 8.34 -77.51
CA ALA B 1056 -8.05 8.04 -76.29
C ALA B 1056 -9.31 7.24 -76.58
N ILE B 1057 -10.04 7.60 -77.64
CA ILE B 1057 -11.25 6.87 -78.00
C ILE B 1057 -10.89 5.46 -78.46
N THR B 1058 -9.77 5.29 -79.17
CA THR B 1058 -9.37 3.96 -79.60
C THR B 1058 -9.08 3.05 -78.42
N LYS B 1059 -8.72 3.61 -77.26
CA LYS B 1059 -8.49 2.79 -76.08
C LYS B 1059 -9.77 2.21 -75.50
N ASN B 1060 -10.93 2.72 -75.93
CA ASN B 1060 -12.23 2.15 -75.61
C ASN B 1060 -12.54 2.20 -74.11
N HIS B 1061 -12.45 3.40 -73.54
CA HIS B 1061 -12.94 3.68 -72.20
C HIS B 1061 -14.20 4.53 -72.33
N LEU B 1062 -15.34 3.98 -71.92
CA LEU B 1062 -16.61 4.68 -72.10
C LEU B 1062 -16.68 5.94 -71.25
N GLN B 1063 -16.29 5.84 -69.97
CA GLN B 1063 -16.36 7.00 -69.09
C GLN B 1063 -15.40 8.10 -69.55
N VAL B 1064 -14.20 7.71 -69.97
CA VAL B 1064 -13.22 8.70 -70.45
C VAL B 1064 -13.74 9.38 -71.71
N VAL B 1065 -14.34 8.61 -72.62
CA VAL B 1065 -14.89 9.18 -73.85
C VAL B 1065 -16.01 10.16 -73.53
N GLN B 1066 -16.91 9.78 -72.61
CA GLN B 1066 -17.99 10.68 -72.23
C GLN B 1066 -17.45 11.96 -71.60
N PHE B 1067 -16.45 11.84 -70.74
CA PHE B 1067 -15.88 13.03 -70.10
C PHE B 1067 -15.22 13.94 -71.12
N LEU B 1068 -14.42 13.38 -72.03
CA LEU B 1068 -13.76 14.23 -73.03
C LEU B 1068 -14.77 14.85 -73.98
N ALA B 1069 -15.87 14.16 -74.28
CA ALA B 1069 -16.92 14.78 -75.07
C ALA B 1069 -17.57 15.94 -74.32
N ALA B 1070 -17.89 15.72 -73.05
CA ALA B 1070 -18.55 16.77 -72.25
C ALA B 1070 -17.61 17.93 -71.94
N ASN B 1071 -16.30 17.73 -72.09
CA ASN B 1071 -15.36 18.83 -71.84
C ASN B 1071 -15.56 19.98 -72.80
N GLY B 1072 -15.93 19.68 -74.05
CA GLY B 1072 -16.13 20.72 -75.04
C GLY B 1072 -14.96 20.83 -76.01
N VAL B 1073 -14.45 19.69 -76.46
CA VAL B 1073 -13.33 19.69 -77.39
C VAL B 1073 -13.78 20.27 -78.73
N ASP B 1074 -13.00 21.21 -79.25
CA ASP B 1074 -13.33 21.84 -80.53
C ASP B 1074 -13.08 20.84 -81.66
N PHE B 1075 -14.13 20.51 -82.42
CA PHE B 1075 -14.00 19.56 -83.51
C PHE B 1075 -13.39 20.18 -84.76
N ARG B 1076 -13.25 21.50 -84.81
CA ARG B 1076 -12.57 22.15 -85.93
C ARG B 1076 -11.08 21.88 -85.94
N ARG B 1077 -10.53 21.35 -84.86
CA ARG B 1077 -9.10 21.05 -84.79
C ARG B 1077 -8.73 19.95 -85.79
N LYS B 1078 -7.62 20.13 -86.48
CA LYS B 1078 -7.17 19.23 -87.53
C LYS B 1078 -5.93 18.47 -87.07
N ASN B 1079 -5.96 17.16 -87.22
CA ASN B 1079 -4.82 16.29 -86.96
C ASN B 1079 -4.24 15.80 -88.28
N SER B 1080 -3.27 14.88 -88.20
CA SER B 1080 -2.68 14.33 -89.40
C SER B 1080 -3.72 13.60 -90.25
N ARG B 1081 -4.59 12.81 -89.61
CA ARG B 1081 -5.63 12.10 -90.35
C ARG B 1081 -6.67 13.07 -90.89
N GLY B 1082 -7.10 14.04 -90.07
CA GLY B 1082 -8.10 15.00 -90.45
C GLY B 1082 -9.51 14.63 -90.07
N THR B 1083 -9.75 13.39 -89.66
CA THR B 1083 -11.11 12.95 -89.33
C THR B 1083 -11.60 13.64 -88.05
N THR B 1084 -12.87 14.03 -88.06
CA THR B 1084 -13.48 14.61 -86.88
C THR B 1084 -13.66 13.55 -85.79
N PRO B 1085 -13.68 13.96 -84.52
CA PRO B 1085 -13.65 12.97 -83.43
C PRO B 1085 -14.79 11.96 -83.46
N PHE B 1086 -16.02 12.37 -83.81
CA PHE B 1086 -17.14 11.44 -83.68
C PHE B 1086 -17.15 10.39 -84.79
N LEU B 1087 -16.70 10.74 -85.99
CA LEU B 1087 -16.56 9.73 -87.03
C LEU B 1087 -15.53 8.67 -86.62
N THR B 1088 -14.41 9.08 -86.03
CA THR B 1088 -13.43 8.13 -85.53
C THR B 1088 -14.01 7.29 -84.39
N ALA B 1089 -14.80 7.92 -83.51
CA ALA B 1089 -15.40 7.20 -82.40
C ALA B 1089 -16.35 6.11 -82.90
N VAL B 1090 -17.14 6.42 -83.93
CA VAL B 1090 -17.98 5.40 -84.54
C VAL B 1090 -17.12 4.35 -85.24
N ALA B 1091 -16.00 4.78 -85.83
CA ALA B 1091 -15.08 3.84 -86.46
C ALA B 1091 -14.53 2.84 -85.45
N GLU B 1092 -14.45 3.21 -84.19
CA GLU B 1092 -14.10 2.26 -83.14
C GLU B 1092 -15.21 1.24 -82.90
N ASN B 1093 -16.39 1.43 -83.49
CA ASN B 1093 -17.51 0.49 -83.40
C ASN B 1093 -17.97 0.33 -81.95
N ALA B 1094 -18.41 1.44 -81.36
CA ALA B 1094 -18.96 1.48 -80.01
C ALA B 1094 -20.37 2.06 -80.09
N LEU B 1095 -21.37 1.22 -79.80
CA LEU B 1095 -22.76 1.67 -79.86
C LEU B 1095 -23.05 2.74 -78.83
N HIS B 1096 -22.63 2.51 -77.58
CA HIS B 1096 -22.90 3.46 -76.51
C HIS B 1096 -22.22 4.80 -76.76
N ILE B 1097 -20.97 4.76 -77.24
CA ILE B 1097 -20.25 6.00 -77.51
C ILE B 1097 -20.94 6.81 -78.59
N ALA B 1098 -21.33 6.15 -79.68
CA ALA B 1098 -22.01 6.85 -80.77
C ALA B 1098 -23.35 7.41 -80.32
N GLU B 1099 -24.11 6.63 -79.54
CA GLU B 1099 -25.40 7.12 -79.06
C GLU B 1099 -25.24 8.31 -78.13
N TYR B 1100 -24.26 8.26 -77.23
CA TYR B 1100 -24.02 9.39 -76.33
C TYR B 1100 -23.60 10.63 -77.12
N LEU B 1101 -22.72 10.45 -78.11
CA LEU B 1101 -22.26 11.58 -78.91
C LEU B 1101 -23.42 12.21 -79.69
N ILE B 1102 -24.27 11.39 -80.32
CA ILE B 1102 -25.37 11.94 -81.08
C ILE B 1102 -26.45 12.50 -80.17
N ARG B 1103 -26.53 12.02 -78.92
CA ARG B 1103 -27.49 12.58 -77.97
C ARG B 1103 -27.08 13.96 -77.50
N GLU B 1104 -25.80 14.12 -77.14
CA GLU B 1104 -25.37 15.36 -76.50
C GLU B 1104 -24.74 16.36 -77.46
N LYS B 1105 -23.77 15.92 -78.26
CA LYS B 1105 -23.03 16.80 -79.15
C LYS B 1105 -23.72 16.99 -80.50
N ARG B 1106 -25.04 16.74 -80.58
CA ARG B 1106 -25.74 16.84 -81.86
C ARG B 1106 -25.66 18.26 -82.42
N GLN B 1107 -25.87 19.27 -81.57
CA GLN B 1107 -25.75 20.65 -82.03
C GLN B 1107 -24.30 21.09 -82.14
N ASP B 1108 -23.37 20.39 -81.50
CA ASP B 1108 -21.96 20.72 -81.60
C ASP B 1108 -21.30 20.19 -82.87
N ILE B 1109 -21.97 19.32 -83.61
CA ILE B 1109 -21.47 18.82 -84.88
C ILE B 1109 -22.41 19.30 -85.98
N ASN B 1110 -21.85 19.93 -87.01
CA ASN B 1110 -22.65 20.32 -88.16
C ASN B 1110 -23.07 19.09 -88.93
N ILE B 1111 -24.32 19.09 -89.40
CA ILE B 1111 -24.82 17.96 -90.17
C ILE B 1111 -24.11 17.85 -91.51
N ASN B 1112 -23.53 18.95 -92.00
CA ASN B 1112 -22.84 18.96 -93.29
C ASN B 1112 -21.35 19.20 -93.16
N GLU B 1113 -20.78 19.13 -91.96
CA GLU B 1113 -19.36 19.34 -91.79
C GLU B 1113 -18.57 18.22 -92.45
N GLN B 1114 -17.40 18.56 -92.97
CA GLN B 1114 -16.59 17.64 -93.76
C GLN B 1114 -15.16 17.62 -93.24
N ASN B 1115 -14.52 16.46 -93.35
CA ASN B 1115 -13.12 16.27 -93.03
C ASN B 1115 -12.33 15.98 -94.29
N VAL B 1116 -11.00 16.04 -94.17
CA VAL B 1116 -10.15 15.90 -95.35
C VAL B 1116 -10.21 14.48 -95.90
N ASP B 1117 -10.28 13.47 -95.02
CA ASP B 1117 -10.50 12.12 -95.49
C ASP B 1117 -11.92 11.92 -96.00
N LYS B 1118 -12.87 12.69 -95.45
CA LYS B 1118 -14.26 12.77 -95.92
C LYS B 1118 -15.00 11.47 -95.63
N ASP B 1119 -14.31 10.47 -95.09
CA ASP B 1119 -14.97 9.25 -94.65
C ASP B 1119 -15.80 9.53 -93.40
N THR B 1120 -16.91 8.82 -93.28
CA THR B 1120 -17.86 9.06 -92.20
C THR B 1120 -18.25 7.73 -91.58
N ALA B 1121 -19.29 7.76 -90.75
CA ALA B 1121 -19.69 6.59 -89.98
C ALA B 1121 -20.17 5.46 -90.88
N LEU B 1122 -20.91 5.79 -91.95
CA LEU B 1122 -21.65 4.78 -92.69
C LEU B 1122 -20.73 3.74 -93.32
N HIS B 1123 -19.65 4.19 -93.97
CA HIS B 1123 -18.81 3.27 -94.73
C HIS B 1123 -18.20 2.19 -93.85
N LEU B 1124 -17.37 2.59 -92.89
CA LEU B 1124 -16.71 1.60 -92.04
C LEU B 1124 -17.71 0.92 -91.11
N ALA B 1125 -18.82 1.59 -90.78
CA ALA B 1125 -19.86 0.95 -89.97
C ALA B 1125 -20.47 -0.24 -90.70
N VAL B 1126 -20.82 -0.06 -91.97
CA VAL B 1126 -21.28 -1.19 -92.78
C VAL B 1126 -20.16 -2.19 -93.00
N TYR B 1127 -18.91 -1.73 -93.03
CA TYR B 1127 -17.78 -2.66 -93.08
C TYR B 1127 -17.79 -3.59 -91.87
N TYR B 1128 -18.13 -3.07 -90.69
CA TYR B 1128 -18.37 -3.93 -89.53
C TYR B 1128 -19.68 -4.68 -89.61
N LYS B 1129 -20.57 -4.33 -90.55
CA LYS B 1129 -21.82 -5.04 -90.79
C LYS B 1129 -22.71 -5.06 -89.54
N ASN B 1130 -23.13 -3.86 -89.15
CA ASN B 1130 -24.07 -3.67 -88.05
C ASN B 1130 -25.28 -2.90 -88.57
N LEU B 1131 -26.47 -3.44 -88.35
CA LEU B 1131 -27.70 -2.85 -88.85
C LEU B 1131 -28.49 -2.09 -87.79
N GLN B 1132 -28.36 -2.47 -86.52
CA GLN B 1132 -29.07 -1.76 -85.46
C GLN B 1132 -28.61 -0.31 -85.38
N MET B 1133 -27.31 -0.07 -85.52
CA MET B 1133 -26.84 1.31 -85.49
C MET B 1133 -27.25 2.06 -86.75
N ILE B 1134 -27.40 1.36 -87.89
CA ILE B 1134 -27.93 2.01 -89.08
C ILE B 1134 -29.37 2.47 -88.84
N LYS B 1135 -30.17 1.61 -88.20
CA LYS B 1135 -31.53 2.03 -87.82
C LYS B 1135 -31.49 3.23 -86.88
N LEU B 1136 -30.59 3.18 -85.90
CA LEU B 1136 -30.50 4.25 -84.90
C LEU B 1136 -30.12 5.58 -85.56
N LEU B 1137 -29.19 5.56 -86.51
CA LEU B 1137 -28.77 6.78 -87.19
C LEU B 1137 -29.79 7.26 -88.22
N ILE B 1138 -30.51 6.36 -88.87
CA ILE B 1138 -31.53 6.80 -89.83
C ILE B 1138 -32.76 7.35 -89.11
N LYS B 1139 -33.01 6.92 -87.87
CA LYS B 1139 -34.06 7.57 -87.08
C LYS B 1139 -33.66 8.96 -86.60
N TYR B 1140 -32.39 9.33 -86.72
CA TYR B 1140 -31.92 10.64 -86.30
C TYR B 1140 -31.65 11.58 -87.46
N GLY B 1141 -31.87 11.15 -88.71
CA GLY B 1141 -31.71 12.02 -89.85
C GLY B 1141 -30.26 12.39 -90.16
N ILE B 1142 -29.48 11.41 -90.60
CA ILE B 1142 -28.08 11.65 -90.95
C ILE B 1142 -28.00 12.19 -92.37
N ASP B 1143 -27.08 13.12 -92.59
CA ASP B 1143 -26.86 13.67 -93.92
C ASP B 1143 -26.12 12.66 -94.80
N VAL B 1144 -26.49 12.62 -96.08
CA VAL B 1144 -25.88 11.72 -97.04
C VAL B 1144 -25.15 12.44 -98.16
N THR B 1145 -25.08 13.77 -98.12
CA THR B 1145 -24.40 14.55 -99.15
C THR B 1145 -22.90 14.68 -98.91
N ILE B 1146 -22.33 13.85 -98.04
CA ILE B 1146 -20.89 13.84 -97.79
C ILE B 1146 -20.25 12.97 -98.86
N ARG B 1147 -19.57 13.59 -99.82
CA ARG B 1147 -19.04 12.91 -101.00
C ARG B 1147 -17.53 12.78 -100.86
N ASN B 1148 -17.04 11.54 -100.77
CA ASN B 1148 -15.62 11.27 -100.62
C ASN B 1148 -14.95 11.20 -101.99
N ALA B 1149 -13.71 10.74 -102.03
CA ALA B 1149 -12.94 10.62 -103.27
C ALA B 1149 -13.30 9.37 -104.06
N TYR B 1150 -14.39 8.70 -103.71
CA TYR B 1150 -14.84 7.50 -104.42
C TYR B 1150 -16.10 7.73 -105.23
N ASP B 1151 -17.16 8.26 -104.59
CA ASP B 1151 -18.40 8.62 -105.26
C ASP B 1151 -19.02 7.43 -105.98
N LYS B 1152 -19.39 6.41 -105.20
CA LYS B 1152 -20.01 5.21 -105.72
C LYS B 1152 -21.37 5.02 -105.05
N THR B 1153 -22.36 4.61 -105.85
CA THR B 1153 -23.71 4.41 -105.36
C THR B 1153 -23.80 3.09 -104.59
N ALA B 1154 -24.99 2.80 -104.06
CA ALA B 1154 -25.21 1.60 -103.28
C ALA B 1154 -26.16 0.60 -103.93
N LEU B 1155 -26.85 0.98 -105.00
CA LEU B 1155 -27.79 0.06 -105.64
C LEU B 1155 -27.07 -1.16 -106.20
N ASP B 1156 -25.93 -0.95 -106.84
CA ASP B 1156 -25.17 -2.07 -107.40
C ASP B 1156 -24.46 -2.87 -106.32
N ILE B 1157 -23.97 -2.20 -105.29
CA ILE B 1157 -23.26 -2.89 -104.21
C ILE B 1157 -24.23 -3.66 -103.32
N ALA B 1158 -25.52 -3.35 -103.38
CA ALA B 1158 -26.53 -4.11 -102.66
C ALA B 1158 -27.00 -5.34 -103.44
N ILE B 1159 -26.51 -5.53 -104.66
CA ILE B 1159 -26.94 -6.64 -105.50
C ILE B 1159 -25.77 -7.55 -105.82
N ASP B 1160 -24.55 -6.99 -105.89
CA ASP B 1160 -23.39 -7.78 -106.29
C ASP B 1160 -22.52 -8.19 -105.10
N ALA B 1161 -23.00 -8.00 -103.88
CA ALA B 1161 -22.22 -8.34 -102.68
C ALA B 1161 -22.81 -9.51 -101.90
N LYS B 1162 -23.79 -10.22 -102.47
CA LYS B 1162 -24.36 -11.42 -101.87
C LYS B 1162 -24.97 -11.11 -100.49
N PHE B 1163 -25.89 -10.16 -100.48
CA PHE B 1163 -26.65 -9.81 -99.29
C PHE B 1163 -28.13 -9.90 -99.61
N SER B 1164 -28.90 -10.54 -98.72
CA SER B 1164 -30.33 -10.72 -98.88
C SER B 1164 -31.14 -9.90 -97.89
N ASN B 1165 -30.87 -10.05 -96.59
CA ASN B 1165 -31.60 -9.30 -95.58
C ASN B 1165 -31.44 -7.80 -95.75
N ILE B 1166 -30.28 -7.37 -96.25
CA ILE B 1166 -30.08 -5.96 -96.55
C ILE B 1166 -31.08 -5.50 -97.59
N VAL B 1167 -31.24 -6.28 -98.66
CA VAL B 1167 -32.18 -5.94 -99.72
C VAL B 1167 -33.61 -5.94 -99.18
N GLU B 1168 -33.96 -6.94 -98.36
CA GLU B 1168 -35.31 -6.99 -97.80
C GLU B 1168 -35.60 -5.76 -96.96
N TYR B 1169 -34.67 -5.38 -96.07
CA TYR B 1169 -34.89 -4.21 -95.23
C TYR B 1169 -34.97 -2.94 -96.08
N LEU B 1170 -34.10 -2.81 -97.07
CA LEU B 1170 -34.09 -1.62 -97.92
C LEU B 1170 -35.40 -1.47 -98.68
N LYS B 1171 -35.92 -2.58 -99.22
CA LYS B 1171 -37.13 -2.53 -100.01
C LYS B 1171 -38.41 -2.58 -99.19
N THR B 1172 -38.32 -2.89 -97.89
CA THR B 1172 -39.49 -2.84 -97.02
C THR B 1172 -39.54 -1.60 -96.14
N LYS B 1173 -38.45 -0.84 -96.04
CA LYS B 1173 -38.43 0.40 -95.28
C LYS B 1173 -38.13 1.59 -96.19
N SER B 1174 -38.72 1.59 -97.38
CA SER B 1174 -38.55 2.70 -98.32
C SER B 1174 -39.86 2.84 -99.11
N GLY B 1175 -40.72 3.75 -98.67
CA GLY B 1175 -41.99 3.97 -99.32
C GLY B 1175 -41.89 4.82 -100.58
N SER C 96 53.18 39.36 -37.88
CA SER C 96 52.75 37.97 -37.94
C SER C 96 52.42 37.43 -36.55
N HIS C 97 53.24 37.79 -35.55
CA HIS C 97 52.93 37.41 -34.18
C HIS C 97 51.63 38.06 -33.71
N SER C 98 51.46 39.35 -34.00
CA SER C 98 50.29 40.07 -33.52
C SER C 98 49.00 39.50 -34.12
N ALA C 99 49.04 39.16 -35.41
CA ALA C 99 47.86 38.57 -36.05
C ALA C 99 47.52 37.21 -35.45
N ALA C 100 48.54 36.40 -35.18
CA ALA C 100 48.29 35.07 -34.65
C ALA C 100 47.84 35.12 -33.19
N LEU C 101 48.51 35.93 -32.37
CA LEU C 101 48.12 36.04 -30.97
C LEU C 101 46.72 36.61 -30.81
N GLU C 102 46.38 37.62 -31.62
CA GLU C 102 45.02 38.15 -31.59
C GLU C 102 44.01 37.10 -32.03
N GLU C 103 44.35 36.33 -33.07
CA GLU C 103 43.46 35.25 -33.52
C GLU C 103 43.28 34.20 -32.44
N ILE C 104 44.37 33.82 -31.76
CA ILE C 104 44.27 32.89 -30.64
C ILE C 104 43.44 33.50 -29.51
N THR C 105 43.59 34.81 -29.30
CA THR C 105 42.82 35.49 -28.26
C THR C 105 41.32 35.41 -28.55
N LYS C 106 40.93 35.59 -29.81
CA LYS C 106 39.52 35.45 -30.17
C LYS C 106 39.02 34.03 -29.91
N LEU C 107 39.84 33.02 -30.23
CA LEU C 107 39.46 31.64 -29.96
C LEU C 107 39.28 31.39 -28.47
N VAL C 108 40.16 31.97 -27.65
CA VAL C 108 40.05 31.80 -26.20
C VAL C 108 38.79 32.49 -25.68
N GLU C 109 38.46 33.67 -26.23
CA GLU C 109 37.23 34.34 -25.82
C GLU C 109 36.00 33.53 -26.23
N LYS C 110 36.03 32.93 -27.42
CA LYS C 110 34.93 32.07 -27.84
C LYS C 110 34.80 30.86 -26.91
N SER C 111 35.93 30.27 -26.52
CA SER C 111 35.90 29.16 -25.58
C SER C 111 35.31 29.59 -24.23
N ILE C 112 35.69 30.77 -23.76
CA ILE C 112 35.13 31.28 -22.50
C ILE C 112 33.62 31.47 -22.63
N SER C 113 33.17 32.03 -23.75
CA SER C 113 31.74 32.27 -23.93
C SER C 113 30.96 30.96 -24.00
N VAL C 114 31.49 29.96 -24.71
CA VAL C 114 30.80 28.68 -24.78
C VAL C 114 30.80 28.00 -23.42
N VAL C 115 31.88 28.18 -22.64
CA VAL C 115 31.89 27.65 -21.28
C VAL C 115 30.83 28.33 -20.42
N GLU C 116 30.65 29.64 -20.59
CA GLU C 116 29.65 30.37 -19.81
C GLU C 116 28.24 29.89 -20.16
N LYS C 117 27.93 29.78 -21.44
CA LYS C 117 26.60 29.28 -21.80
C LYS C 117 26.44 27.82 -21.39
N THR C 118 27.52 27.04 -21.41
CA THR C 118 27.47 25.66 -20.96
C THR C 118 27.11 25.57 -19.49
N ARG C 119 27.78 26.37 -18.64
CA ARG C 119 27.49 26.31 -17.22
C ARG C 119 26.10 26.84 -16.92
N LYS C 120 25.66 27.88 -17.64
CA LYS C 120 24.29 28.37 -17.47
C LYS C 120 23.28 27.28 -17.82
N GLN C 121 23.50 26.59 -18.95
CA GLN C 121 22.59 25.55 -19.37
C GLN C 121 22.56 24.39 -18.38
N MET C 122 23.72 23.98 -17.87
CA MET C 122 23.72 22.86 -16.95
C MET C 122 23.18 23.26 -15.58
N ASN C 123 23.32 24.52 -15.19
CA ASN C 123 22.68 24.98 -13.96
C ASN C 123 21.16 24.99 -14.11
N LYS C 124 20.65 25.43 -15.26
CA LYS C 124 19.22 25.35 -15.52
C LYS C 124 18.75 23.90 -15.51
N ARG C 125 19.56 23.00 -16.08
CA ARG C 125 19.22 21.58 -16.08
C ARG C 125 19.25 21.01 -14.66
N PHE C 126 20.16 21.49 -13.81
CA PHE C 126 20.19 21.08 -12.41
C PHE C 126 18.92 21.54 -11.69
N ASP C 127 18.50 22.77 -11.93
CA ASP C 127 17.23 23.22 -11.37
C ASP C 127 16.08 22.34 -11.86
N GLU C 128 16.10 21.98 -13.14
CA GLU C 128 15.05 21.11 -13.69
C GLU C 128 15.05 19.74 -13.01
N VAL C 129 16.23 19.15 -12.81
CA VAL C 129 16.28 17.82 -12.23
C VAL C 129 15.92 17.85 -10.75
N MET C 130 16.30 18.91 -10.03
CA MET C 130 15.85 19.06 -8.65
C MET C 130 14.34 19.23 -8.57
N LYS C 131 13.76 20.00 -9.50
CA LYS C 131 12.31 20.14 -9.55
C LYS C 131 11.64 18.79 -9.84
N SER C 132 12.23 18.01 -10.75
CA SER C 132 11.69 16.69 -11.05
C SER C 132 11.78 15.76 -9.85
N ILE C 133 12.88 15.83 -9.09
CA ILE C 133 13.02 15.01 -7.89
C ILE C 133 11.97 15.39 -6.86
N GLN C 134 11.77 16.69 -6.64
CA GLN C 134 10.74 17.14 -5.71
C GLN C 134 9.35 16.71 -6.18
N ASP C 135 9.10 16.79 -7.49
CA ASP C 135 7.82 16.35 -8.03
C ASP C 135 7.62 14.87 -7.82
N ALA C 136 8.68 14.06 -8.00
CA ALA C 136 8.58 12.64 -7.71
C ALA C 136 8.28 12.39 -6.25
N LYS C 137 8.90 13.18 -5.36
CA LYS C 137 8.67 13.01 -3.93
C LYS C 137 7.22 13.34 -3.56
N VAL C 138 6.65 14.37 -4.17
CA VAL C 138 5.33 14.86 -3.77
C VAL C 138 4.18 14.26 -4.57
N SER C 139 4.46 13.59 -5.69
CA SER C 139 3.39 13.07 -6.54
C SER C 139 2.49 12.06 -5.84
N PRO C 140 3.02 11.06 -5.11
CA PRO C 140 2.09 10.07 -4.51
C PRO C 140 1.06 10.69 -3.57
N ILE C 141 1.50 11.57 -2.66
CA ILE C 141 0.58 12.12 -1.68
C ILE C 141 -0.44 13.06 -2.34
N ILE C 142 0.00 13.85 -3.32
CA ILE C 142 -0.91 14.78 -3.98
C ILE C 142 -1.91 14.03 -4.84
N SER C 143 -1.44 13.01 -5.56
CA SER C 143 -2.36 12.18 -6.34
C SER C 143 -3.37 11.49 -5.44
N LYS C 144 -2.92 10.99 -4.28
CA LYS C 144 -3.81 10.32 -3.35
C LYS C 144 -4.85 11.28 -2.79
N ILE C 145 -4.44 12.48 -2.40
CA ILE C 145 -5.39 13.45 -1.84
C ILE C 145 -6.40 13.86 -2.91
N ASN C 146 -5.94 14.10 -4.14
CA ASN C 146 -6.87 14.48 -5.20
C ASN C 146 -7.84 13.35 -5.51
N ASN C 147 -7.35 12.12 -5.58
CA ASN C 147 -8.23 10.99 -5.87
C ASN C 147 -9.25 10.80 -4.76
N PHE C 148 -8.83 10.90 -3.50
CA PHE C 148 -9.77 10.76 -2.39
C PHE C 148 -10.82 11.87 -2.43
N ALA C 149 -10.40 13.10 -2.71
CA ALA C 149 -11.35 14.21 -2.73
C ALA C 149 -12.37 14.04 -3.85
N ARG C 150 -11.91 13.72 -5.06
CA ARG C 150 -12.83 13.53 -6.17
C ARG C 150 -13.76 12.35 -5.94
N TYR C 151 -13.24 11.25 -5.39
CA TYR C 151 -14.08 10.11 -5.06
C TYR C 151 -15.16 10.50 -4.06
N PHE C 152 -14.78 11.23 -3.01
CA PHE C 152 -15.77 11.63 -2.00
C PHE C 152 -16.83 12.54 -2.61
N ASP C 153 -16.43 13.48 -3.46
CA ASP C 153 -17.41 14.37 -4.07
C ASP C 153 -18.39 13.59 -4.95
N THR C 154 -17.86 12.74 -5.83
CA THR C 154 -18.72 11.98 -6.72
C THR C 154 -19.67 11.10 -5.93
N GLU C 155 -19.16 10.40 -4.91
CA GLU C 155 -20.04 9.60 -4.06
C GLU C 155 -21.04 10.47 -3.31
N LYS C 156 -20.66 11.69 -2.94
CA LYS C 156 -21.59 12.55 -2.22
C LYS C 156 -22.80 12.87 -3.07
N GLU C 157 -22.59 13.36 -4.29
CA GLU C 157 -23.73 13.61 -5.18
C GLU C 157 -24.48 12.33 -5.50
N ARG C 158 -23.77 11.23 -5.74
CA ARG C 158 -24.44 9.98 -6.08
C ARG C 158 -25.36 9.52 -4.96
N ILE C 159 -24.88 9.56 -3.71
CA ILE C 159 -25.66 9.13 -2.57
C ILE C 159 -26.83 10.09 -2.32
N ARG C 160 -26.59 11.40 -2.48
CA ARG C 160 -27.68 12.36 -2.32
C ARG C 160 -28.75 12.21 -3.40
N GLY C 161 -28.40 11.63 -4.55
CA GLY C 161 -29.37 11.47 -5.62
C GLY C 161 -30.01 10.10 -5.73
N LEU C 162 -29.99 9.32 -4.65
CA LEU C 162 -30.49 7.95 -4.68
C LEU C 162 -31.93 7.87 -4.17
N LYS C 163 -32.50 6.67 -4.33
CA LYS C 163 -33.86 6.38 -3.88
C LYS C 163 -33.80 5.94 -2.41
N LEU C 164 -34.91 5.41 -1.88
CA LEU C 164 -34.95 5.03 -0.47
C LEU C 164 -34.33 3.66 -0.23
N ASN C 165 -34.87 2.62 -0.87
CA ASN C 165 -34.31 1.28 -0.70
C ASN C 165 -32.88 1.22 -1.23
N ASP C 166 -32.60 1.96 -2.30
CA ASP C 166 -31.24 2.07 -2.79
C ASP C 166 -30.34 2.71 -1.74
N TYR C 167 -30.83 3.75 -1.06
CA TYR C 167 -30.08 4.38 0.01
C TYR C 167 -29.77 3.38 1.11
N ILE C 168 -30.78 2.61 1.53
CA ILE C 168 -30.59 1.64 2.61
C ILE C 168 -29.59 0.57 2.20
N LEU C 169 -29.70 0.05 0.98
CA LEU C 169 -28.78 -0.99 0.52
C LEU C 169 -27.36 -0.48 0.43
N LYS C 170 -27.17 0.73 -0.09
CA LYS C 170 -25.81 1.28 -0.21
C LYS C 170 -25.20 1.56 1.15
N LEU C 171 -26.00 2.11 2.08
CA LEU C 171 -25.45 2.46 3.38
C LEU C 171 -25.16 1.22 4.22
N GLU C 172 -25.83 0.11 3.95
CA GLU C 172 -25.70 -1.11 4.75
C GLU C 172 -24.74 -2.11 4.13
N GLU C 173 -23.93 -1.70 3.18
CA GLU C 173 -22.98 -2.62 2.55
C GLU C 173 -21.95 -3.08 3.57
N PRO C 174 -21.69 -4.39 3.67
CA PRO C 174 -20.73 -4.87 4.68
C PRO C 174 -19.36 -4.25 4.57
N ASN C 175 -18.88 -4.01 3.34
CA ASN C 175 -17.60 -3.34 3.09
C ASN C 175 -17.87 -2.24 2.07
N GLY C 176 -18.29 -1.07 2.55
CA GLY C 176 -18.65 0.02 1.66
C GLY C 176 -17.87 1.29 1.92
N ILE C 177 -18.52 2.44 1.72
CA ILE C 177 -17.85 3.72 1.91
C ILE C 177 -17.87 4.18 3.36
N LEU C 178 -18.82 3.71 4.16
CA LEU C 178 -18.88 4.14 5.56
C LEU C 178 -17.67 3.63 6.34
N LEU C 179 -17.36 2.34 6.20
CA LEU C 179 -16.20 1.78 6.89
C LEU C 179 -14.90 2.41 6.40
N HIS C 180 -14.80 2.62 5.09
CA HIS C 180 -13.60 3.24 4.53
C HIS C 180 -13.44 4.67 5.05
N PHE C 181 -14.54 5.40 5.19
CA PHE C 181 -14.48 6.76 5.71
C PHE C 181 -14.13 6.77 7.19
N LYS C 182 -14.61 5.78 7.95
CA LYS C 182 -14.18 5.64 9.34
C LYS C 182 -12.69 5.37 9.42
N GLU C 183 -12.18 4.50 8.55
CA GLU C 183 -10.74 4.23 8.51
C GLU C 183 -9.94 5.36 7.90
N SER C 184 -10.61 6.37 7.32
CA SER C 184 -9.89 7.50 6.75
C SER C 184 -9.13 8.31 7.79
N ARG C 185 -9.47 8.18 9.07
CA ARG C 185 -8.75 8.84 10.15
C ARG C 185 -7.70 7.95 10.78
N THR C 186 -7.53 6.72 10.30
CA THR C 186 -6.48 5.84 10.78
C THR C 186 -5.14 6.27 10.18
N PRO C 187 -4.02 5.85 10.79
CA PRO C 187 -2.71 6.23 10.24
C PRO C 187 -2.28 5.37 9.07
N THR C 188 -3.22 4.63 8.47
CA THR C 188 -2.92 3.78 7.34
C THR C 188 -2.49 4.62 6.13
N ASP C 189 -1.92 3.94 5.14
CA ASP C 189 -1.38 4.63 3.97
C ASP C 189 -2.49 5.31 3.17
N ASP C 190 -3.56 4.58 2.87
CA ASP C 190 -4.62 5.07 2.00
C ASP C 190 -5.54 6.08 2.68
N SER C 191 -5.36 6.35 3.96
CA SER C 191 -6.25 7.22 4.71
C SER C 191 -5.93 8.69 4.42
N LEU C 192 -6.50 9.58 5.22
CA LEU C 192 -6.38 11.02 5.06
C LEU C 192 -5.34 11.64 5.98
N GLN C 193 -5.36 11.25 7.26
CA GLN C 193 -4.50 11.87 8.25
C GLN C 193 -3.02 11.62 7.94
N ALA C 194 -2.69 10.43 7.45
CA ALA C 194 -1.30 10.16 7.12
C ALA C 194 -0.77 11.12 6.05
N PRO C 195 -1.41 11.29 4.90
CA PRO C 195 -0.94 12.32 3.96
C PRO C 195 -0.97 13.73 4.54
N LEU C 196 -2.01 14.08 5.29
CA LEU C 196 -2.10 15.45 5.81
C LEU C 196 -0.94 15.77 6.75
N PHE C 197 -0.71 14.92 7.76
CA PHE C 197 0.39 15.17 8.68
C PHE C 197 1.74 14.98 8.01
N SER C 198 1.83 14.12 6.98
CA SER C 198 3.10 13.99 6.27
C SER C 198 3.47 15.29 5.58
N ILE C 199 2.54 15.86 4.81
CA ILE C 199 2.85 17.12 4.12
C ILE C 199 3.02 18.26 5.12
N ILE C 200 2.31 18.20 6.25
CA ILE C 200 2.51 19.22 7.29
C ILE C 200 3.91 19.15 7.87
N GLU C 201 4.40 17.93 8.16
CA GLU C 201 5.68 17.78 8.83
C GLU C 201 6.84 18.05 7.89
N GLU C 202 6.77 17.57 6.65
CA GLU C 202 7.90 17.75 5.74
C GLU C 202 8.13 19.21 5.38
N GLY C 203 7.10 20.05 5.47
CA GLY C 203 7.28 21.47 5.24
C GLY C 203 7.44 21.88 3.80
N TYR C 204 7.03 21.03 2.85
CA TYR C 204 7.11 21.41 1.44
C TYR C 204 6.01 22.36 1.02
N ALA C 205 4.98 22.55 1.85
CA ALA C 205 3.94 23.52 1.52
C ALA C 205 4.48 24.95 1.55
N VAL C 206 5.39 25.24 2.47
CA VAL C 206 6.01 26.56 2.57
C VAL C 206 6.94 26.75 1.38
N PRO C 207 6.76 27.79 0.58
CA PRO C 207 7.60 27.98 -0.59
C PRO C 207 9.03 28.32 -0.23
N LYS C 208 9.95 27.95 -1.11
CA LYS C 208 11.37 28.25 -0.96
C LYS C 208 11.73 29.24 -2.07
N SER C 209 11.83 30.52 -1.70
CA SER C 209 12.09 31.61 -2.65
C SER C 209 10.98 31.59 -3.70
N ILE C 210 11.30 31.95 -4.94
CA ILE C 210 10.36 31.90 -6.05
C ILE C 210 10.68 30.68 -6.90
N ASP C 211 9.66 29.92 -7.26
CA ASP C 211 9.84 28.69 -8.03
C ASP C 211 8.58 28.45 -8.86
N ASP C 212 8.43 27.24 -9.37
CA ASP C 212 7.25 26.86 -10.13
C ASP C 212 6.05 26.77 -9.19
N GLU C 213 4.86 26.60 -9.78
CA GLU C 213 3.63 26.52 -9.01
C GLU C 213 3.41 25.09 -8.49
N LEU C 214 4.36 24.64 -7.67
CA LEU C 214 4.27 23.35 -7.01
C LEU C 214 4.02 23.45 -5.51
N ALA C 215 4.72 24.36 -4.82
CA ALA C 215 4.44 24.59 -3.41
C ALA C 215 3.04 25.17 -3.23
N PHE C 216 2.66 26.14 -4.06
CA PHE C 216 1.32 26.68 -4.00
C PHE C 216 0.28 25.62 -4.32
N LYS C 217 0.56 24.78 -5.31
CA LYS C 217 -0.40 23.75 -5.70
C LYS C 217 -0.58 22.70 -4.61
N VAL C 218 0.50 22.30 -3.95
CA VAL C 218 0.36 21.36 -2.85
C VAL C 218 -0.32 22.04 -1.66
N LEU C 219 -0.15 23.35 -1.50
CA LEU C 219 -0.89 24.07 -0.47
C LEU C 219 -2.40 24.04 -0.74
N TYR C 220 -2.79 24.29 -2.00
CA TYR C 220 -4.20 24.19 -2.35
C TYR C 220 -4.71 22.77 -2.16
N ALA C 221 -3.87 21.78 -2.48
CA ALA C 221 -4.26 20.38 -2.25
C ALA C 221 -4.50 20.12 -0.76
N LEU C 222 -3.64 20.66 0.11
CA LEU C 222 -3.81 20.50 1.54
C LEU C 222 -5.11 21.13 2.02
N LEU C 223 -5.39 22.36 1.55
CA LEU C 223 -6.62 23.03 1.97
C LEU C 223 -7.85 22.26 1.48
N TYR C 224 -7.80 21.78 0.24
CA TYR C 224 -8.94 21.05 -0.34
C TYR C 224 -9.14 19.73 0.40
N GLY C 225 -8.04 19.07 0.77
CA GLY C 225 -8.15 17.84 1.55
C GLY C 225 -8.71 18.07 2.93
N THR C 226 -8.33 19.17 3.58
CA THR C 226 -8.91 19.49 4.87
C THR C 226 -10.40 19.76 4.76
N GLN C 227 -10.81 20.48 3.72
CA GLN C 227 -12.24 20.70 3.48
C GLN C 227 -12.96 19.37 3.26
N THR C 228 -12.38 18.47 2.47
CA THR C 228 -12.98 17.15 2.29
C THR C 228 -13.03 16.39 3.60
N TYR C 229 -12.03 16.56 4.46
CA TYR C 229 -12.00 15.85 5.73
C TYR C 229 -13.17 16.28 6.62
N VAL C 230 -13.37 17.59 6.76
CA VAL C 230 -14.47 18.07 7.59
C VAL C 230 -15.82 17.72 6.95
N SER C 231 -15.90 17.76 5.61
CA SER C 231 -17.13 17.40 4.94
C SER C 231 -17.46 15.92 5.12
N VAL C 232 -16.44 15.04 5.09
CA VAL C 232 -16.66 13.63 5.38
C VAL C 232 -17.10 13.46 6.83
N MET C 233 -16.57 14.29 7.72
CA MET C 233 -17.01 14.26 9.12
C MET C 233 -18.52 14.50 9.21
N PHE C 234 -19.00 15.57 8.60
CA PHE C 234 -20.43 15.86 8.59
C PHE C 234 -21.22 14.77 7.88
N PHE C 235 -20.68 14.27 6.77
CA PHE C 235 -21.30 13.20 5.99
C PHE C 235 -21.56 11.97 6.87
N LEU C 236 -20.53 11.51 7.56
CA LEU C 236 -20.65 10.36 8.43
C LEU C 236 -21.64 10.62 9.56
N LEU C 237 -21.57 11.81 10.18
CA LEU C 237 -22.51 12.12 11.25
C LEU C 237 -23.95 12.02 10.76
N GLU C 238 -24.28 12.68 9.66
CA GLU C 238 -25.67 12.72 9.22
C GLU C 238 -26.16 11.34 8.82
N GLN C 239 -25.34 10.56 8.10
CA GLN C 239 -25.84 9.25 7.66
C GLN C 239 -25.93 8.27 8.82
N TYR C 240 -25.00 8.30 9.76
CA TYR C 240 -25.11 7.41 10.91
C TYR C 240 -26.32 7.80 11.77
N SER C 241 -26.59 9.09 11.92
CA SER C 241 -27.78 9.51 12.65
C SER C 241 -29.05 9.04 11.95
N PHE C 242 -29.09 9.16 10.62
CA PHE C 242 -30.28 8.70 9.90
C PHE C 242 -30.47 7.20 10.05
N LEU C 243 -29.38 6.42 9.95
CA LEU C 243 -29.48 4.98 10.12
C LEU C 243 -29.95 4.62 11.52
N ALA C 244 -29.42 5.29 12.53
CA ALA C 244 -29.84 5.03 13.90
C ALA C 244 -31.32 5.33 14.10
N ASN C 245 -31.79 6.45 13.56
CA ASN C 245 -33.22 6.76 13.66
C ASN C 245 -34.07 5.74 12.91
N HIS C 246 -33.62 5.35 11.71
CA HIS C 246 -34.39 4.43 10.88
C HIS C 246 -34.53 3.07 11.53
N TYR C 247 -33.49 2.62 12.23
CA TYR C 247 -33.58 1.34 12.94
C TYR C 247 -34.18 1.47 14.33
N TYR C 248 -34.22 2.67 14.91
CA TYR C 248 -34.91 2.85 16.18
C TYR C 248 -36.42 2.89 15.99
N GLU C 249 -36.89 3.49 14.90
CA GLU C 249 -38.33 3.59 14.69
C GLU C 249 -38.96 2.23 14.48
N LYS C 250 -38.26 1.31 13.79
CA LYS C 250 -38.80 -0.03 13.61
C LYS C 250 -38.82 -0.81 14.91
N GLY C 251 -37.78 -0.67 15.73
CA GLY C 251 -37.65 -1.44 16.95
C GLY C 251 -36.55 -2.49 16.93
N TYR C 252 -35.71 -2.50 15.90
CA TYR C 252 -34.60 -3.46 15.81
C TYR C 252 -33.44 -2.92 16.63
N LEU C 253 -33.42 -3.28 17.91
CA LEU C 253 -32.43 -2.73 18.83
C LEU C 253 -31.03 -3.30 18.59
N GLU C 254 -30.91 -4.49 18.01
CA GLU C 254 -29.60 -5.09 17.79
C GLU C 254 -28.77 -4.25 16.83
N LYS C 255 -29.37 -3.81 15.72
CA LYS C 255 -28.68 -2.92 14.81
C LYS C 255 -28.62 -1.49 15.32
N TYR C 256 -29.63 -1.09 16.11
CA TYR C 256 -29.64 0.26 16.67
C TYR C 256 -28.47 0.47 17.62
N ASP C 257 -28.15 -0.52 18.44
CA ASP C 257 -27.00 -0.40 19.34
C ASP C 257 -25.70 -0.27 18.57
N GLU C 258 -25.53 -1.06 17.51
CA GLU C 258 -24.32 -0.99 16.71
C GLU C 258 -24.18 0.38 16.05
N TYR C 259 -25.28 0.90 15.50
CA TYR C 259 -25.22 2.21 14.85
C TYR C 259 -25.01 3.32 15.88
N PHE C 260 -25.57 3.17 17.08
CA PHE C 260 -25.34 4.15 18.13
C PHE C 260 -23.87 4.19 18.53
N ASN C 261 -23.26 3.01 18.72
CA ASN C 261 -21.85 2.95 19.06
C ASN C 261 -20.99 3.52 17.94
N SER C 262 -21.34 3.20 16.68
CA SER C 262 -20.60 3.74 15.55
C SER C 262 -20.68 5.26 15.52
N LEU C 263 -21.87 5.82 15.72
CA LEU C 263 -22.02 7.27 15.71
C LEU C 263 -21.23 7.91 16.84
N ASN C 264 -21.29 7.34 18.04
CA ASN C 264 -20.56 7.91 19.17
C ASN C 264 -19.06 7.89 18.92
N ASN C 265 -18.55 6.74 18.45
CA ASN C 265 -17.12 6.63 18.17
C ASN C 265 -16.68 7.60 17.08
N VAL C 266 -17.47 7.70 16.00
CA VAL C 266 -17.14 8.63 14.93
C VAL C 266 -17.10 10.06 15.45
N PHE C 267 -18.11 10.45 16.21
CA PHE C 267 -18.16 11.82 16.72
C PHE C 267 -16.95 12.12 17.59
N LEU C 268 -16.67 11.25 18.57
CA LEU C 268 -15.56 11.52 19.49
C LEU C 268 -14.22 11.52 18.75
N ASP C 269 -13.99 10.50 17.91
CA ASP C 269 -12.71 10.40 17.22
C ASP C 269 -12.48 11.58 16.30
N PHE C 270 -13.50 11.97 15.53
CA PHE C 270 -13.33 13.08 14.60
C PHE C 270 -13.21 14.41 15.31
N LYS C 271 -13.95 14.61 16.42
CA LYS C 271 -13.80 15.83 17.19
C LYS C 271 -12.39 15.95 17.77
N SER C 272 -11.83 14.84 18.26
CA SER C 272 -10.47 14.89 18.79
C SER C 272 -9.44 15.07 17.68
N SER C 273 -9.68 14.48 16.51
CA SER C 273 -8.71 14.60 15.42
C SER C 273 -8.71 15.99 14.81
N LEU C 274 -9.88 16.64 14.72
CA LEU C 274 -9.94 17.99 14.17
C LEU C 274 -9.27 18.99 15.10
N VAL C 275 -9.83 19.17 16.29
CA VAL C 275 -9.36 20.21 17.20
C VAL C 275 -8.74 19.65 18.47
N GLY C 276 -9.10 18.45 18.90
CA GLY C 276 -8.55 17.89 20.13
C GLY C 276 -9.53 18.02 21.28
N THR C 277 -9.41 17.10 22.24
CA THR C 277 -10.26 17.15 23.42
C THR C 277 -9.96 18.34 24.31
N GLY C 278 -8.79 18.95 24.15
CA GLY C 278 -8.44 20.13 24.93
C GLY C 278 -7.17 20.75 24.39
N THR C 279 -6.93 21.99 24.83
CA THR C 279 -5.73 22.71 24.43
C THR C 279 -4.50 22.06 25.07
N SER C 280 -3.69 21.41 24.26
CA SER C 280 -2.52 20.69 24.76
C SER C 280 -1.45 20.71 23.67
N ASN C 281 -0.44 19.85 23.82
CA ASN C 281 0.65 19.80 22.85
C ASN C 281 0.22 19.20 21.52
N ASN C 282 -0.92 18.51 21.48
CA ASN C 282 -1.39 17.93 20.23
C ASN C 282 -1.69 19.01 19.18
N GLU C 283 -2.32 20.10 19.61
CA GLU C 283 -2.59 21.30 18.82
C GLU C 283 -3.63 21.06 17.72
N GLY C 284 -4.05 19.81 17.51
CA GLY C 284 -5.04 19.55 16.48
C GLY C 284 -4.45 19.63 15.07
N LEU C 285 -5.35 19.75 14.11
CA LEU C 285 -4.98 19.82 12.68
C LEU C 285 -5.27 21.17 12.05
N LEU C 286 -6.45 21.74 12.28
CA LEU C 286 -6.76 23.04 11.70
C LEU C 286 -5.82 24.12 12.22
N ASP C 287 -5.43 24.03 13.49
CA ASP C 287 -4.46 24.98 14.03
C ASP C 287 -3.13 24.88 13.30
N ARG C 288 -2.69 23.66 13.00
CA ARG C 288 -1.45 23.48 12.23
C ARG C 288 -1.61 24.06 10.82
N VAL C 289 -2.77 23.87 10.21
CA VAL C 289 -3.01 24.44 8.89
C VAL C 289 -2.92 25.96 8.94
N LEU C 290 -3.54 26.57 9.96
CA LEU C 290 -3.44 28.02 10.11
C LEU C 290 -2.00 28.45 10.35
N GLN C 291 -1.24 27.68 11.13
CA GLN C 291 0.16 28.03 11.36
C GLN C 291 0.94 28.04 10.05
N VAL C 292 0.69 27.04 9.19
CA VAL C 292 1.31 27.01 7.87
C VAL C 292 0.90 28.23 7.06
N LEU C 293 -0.39 28.60 7.15
CA LEU C 293 -0.86 29.77 6.41
C LEU C 293 -0.20 31.07 6.88
N MET C 294 -0.08 31.26 8.21
CA MET C 294 0.64 32.45 8.67
C MET C 294 2.12 32.42 8.28
N THR C 295 2.74 31.24 8.30
CA THR C 295 4.13 31.16 7.85
C THR C 295 4.25 31.59 6.40
N VAL C 296 3.33 31.14 5.55
CA VAL C 296 3.35 31.55 4.14
C VAL C 296 3.11 33.06 4.02
N LYS C 297 2.18 33.59 4.83
CA LYS C 297 1.87 35.01 4.76
C LYS C 297 3.08 35.87 5.14
N ASN C 298 3.74 35.55 6.25
CA ASN C 298 4.93 36.28 6.64
C ASN C 298 6.15 35.96 5.80
N SER C 299 6.09 34.92 4.97
CA SER C 299 7.17 34.68 4.02
C SER C 299 7.29 35.83 3.03
N GLU C 300 6.17 36.24 2.43
CA GLU C 300 6.04 37.43 1.58
C GLU C 300 7.20 37.56 0.59
N PHE C 301 7.46 36.47 -0.13
CA PHE C 301 8.50 36.52 -1.17
C PHE C 301 8.14 37.50 -2.28
N LEU C 302 6.89 37.50 -2.71
CA LEU C 302 6.44 38.40 -3.77
C LEU C 302 5.04 38.89 -3.43
N GLY C 303 4.65 39.98 -4.07
CA GLY C 303 3.36 40.59 -3.74
C GLY C 303 2.59 41.20 -4.89
N LEU C 304 3.03 40.97 -6.13
CA LEU C 304 2.29 41.50 -7.28
C LEU C 304 0.89 40.91 -7.35
N GLU C 305 0.79 39.60 -7.12
CA GLU C 305 -0.49 38.92 -7.00
C GLU C 305 -0.67 38.21 -5.66
N LYS C 306 0.43 37.93 -4.95
CA LYS C 306 0.35 37.09 -3.76
C LYS C 306 -0.37 37.80 -2.63
N ASN C 307 -0.33 39.14 -2.59
CA ASN C 307 -1.13 39.86 -1.60
C ASN C 307 -2.61 39.57 -1.80
N GLY C 308 -3.07 39.51 -3.04
CA GLY C 308 -4.39 38.98 -3.29
C GLY C 308 -4.50 37.51 -2.94
N VAL C 309 -3.48 36.72 -3.31
CA VAL C 309 -3.49 35.30 -3.00
C VAL C 309 -3.56 35.09 -1.49
N ASP C 310 -2.67 35.75 -0.74
CA ASP C 310 -2.75 35.62 0.71
C ASP C 310 -4.00 36.29 1.24
N GLU C 311 -4.64 37.16 0.45
CA GLU C 311 -5.88 37.79 0.90
C GLU C 311 -7.04 36.79 0.93
N MET C 312 -7.25 36.02 -0.14
CA MET C 312 -8.26 34.99 0.03
C MET C 312 -7.72 33.83 0.87
N LEU C 313 -6.42 33.77 1.12
CA LEU C 313 -5.94 32.87 2.17
C LEU C 313 -6.41 33.34 3.54
N ASN C 314 -6.45 34.66 3.78
CA ASN C 314 -7.05 35.16 5.01
C ASN C 314 -8.53 34.85 5.06
N GLU C 315 -9.22 34.93 3.91
CA GLU C 315 -10.62 34.51 3.90
C GLU C 315 -10.77 33.03 4.25
N LYS C 316 -9.85 32.19 3.75
CA LYS C 316 -9.85 30.78 4.14
C LYS C 316 -9.60 30.62 5.63
N ILE C 317 -8.71 31.44 6.19
CA ILE C 317 -8.45 31.41 7.62
C ILE C 317 -9.71 31.76 8.41
N ASN C 318 -10.44 32.78 7.95
CA ASN C 318 -11.69 33.14 8.61
C ASN C 318 -12.71 32.01 8.51
N LEU C 319 -12.78 31.35 7.35
CA LEU C 319 -13.69 30.21 7.20
C LEU C 319 -13.29 29.07 8.14
N PHE C 320 -12.00 28.80 8.27
CA PHE C 320 -11.53 27.77 9.18
C PHE C 320 -11.86 28.13 10.63
N ASN C 321 -11.69 29.40 10.99
CA ASN C 321 -12.06 29.84 12.34
C ASN C 321 -13.56 29.67 12.57
N LYS C 322 -14.37 29.99 11.56
CA LYS C 322 -15.82 29.84 11.69
C LYS C 322 -16.21 28.38 11.88
N ILE C 323 -15.64 27.48 11.09
CA ILE C 323 -15.99 26.07 11.23
C ILE C 323 -15.44 25.51 12.54
N LYS C 324 -14.30 26.01 13.01
CA LYS C 324 -13.78 25.62 14.31
C LYS C 324 -14.75 26.04 15.42
N GLU C 325 -15.23 27.28 15.36
CA GLU C 325 -16.21 27.73 16.35
C GLU C 325 -17.48 26.90 16.26
N GLU C 326 -17.88 26.51 15.05
CA GLU C 326 -19.08 25.70 14.89
C GLU C 326 -18.91 24.33 15.52
N ILE C 327 -17.76 23.69 15.31
CA ILE C 327 -17.57 22.34 15.85
C ILE C 327 -17.39 22.40 17.37
N GLU C 328 -16.75 23.44 17.90
CA GLU C 328 -16.71 23.60 19.35
C GLU C 328 -18.10 23.81 19.91
N GLY C 329 -18.92 24.63 19.25
CA GLY C 329 -20.28 24.85 19.69
C GLY C 329 -21.21 23.68 19.45
N LYS C 330 -20.87 22.81 18.50
CA LYS C 330 -21.68 21.63 18.24
C LYS C 330 -21.58 20.66 19.40
N GLN C 331 -22.72 20.12 19.82
CA GLN C 331 -22.79 19.21 20.94
C GLN C 331 -23.03 17.79 20.44
N LYS C 332 -22.71 16.82 21.29
CA LYS C 332 -22.88 15.42 20.93
C LYS C 332 -24.36 15.08 20.80
N MET C 333 -24.68 14.34 19.74
CA MET C 333 -26.05 13.91 19.48
C MET C 333 -26.41 12.61 20.20
N THR C 334 -25.47 12.03 20.94
CA THR C 334 -25.67 10.75 21.61
C THR C 334 -25.41 10.90 23.10
N LEU C 335 -26.32 10.37 23.91
CA LEU C 335 -26.15 10.33 25.36
C LEU C 335 -25.53 8.98 25.73
N SER C 336 -24.25 9.00 26.09
CA SER C 336 -23.51 7.76 26.27
C SER C 336 -23.87 7.09 27.59
N GLU C 337 -24.13 7.87 28.63
CA GLU C 337 -24.38 7.30 29.96
C GLU C 337 -25.66 6.48 29.96
N THR C 338 -25.60 5.31 30.59
CA THR C 338 -26.72 4.38 30.65
C THR C 338 -27.29 4.29 32.06
N PRO C 339 -28.59 4.02 32.20
CA PRO C 339 -29.18 3.88 33.54
C PRO C 339 -28.77 2.58 34.23
N GLU C 340 -29.30 2.36 35.43
CA GLU C 340 -29.05 1.14 36.19
C GLU C 340 -30.27 0.25 36.15
N ASN C 341 -30.03 -1.05 36.01
CA ASN C 341 -31.13 -2.01 35.89
C ASN C 341 -31.84 -2.18 37.23
N PHE C 342 -32.84 -3.06 37.25
CA PHE C 342 -33.62 -3.29 38.46
C PHE C 342 -32.76 -3.96 39.52
N ALA C 343 -33.10 -3.67 40.78
CA ALA C 343 -32.38 -4.22 41.92
C ALA C 343 -33.02 -5.49 42.49
N GLN C 344 -34.29 -5.74 42.20
CA GLN C 344 -34.97 -6.92 42.72
C GLN C 344 -36.09 -7.31 41.78
N ILE C 345 -36.42 -8.60 41.78
CA ILE C 345 -37.50 -9.14 40.96
C ILE C 345 -38.38 -10.02 41.85
N SER C 346 -39.69 -9.98 41.59
CA SER C 346 -40.63 -10.74 42.40
C SER C 346 -41.85 -11.10 41.56
N PHE C 347 -42.59 -12.11 42.01
CA PHE C 347 -43.80 -12.58 41.35
C PHE C 347 -44.92 -12.74 42.37
N ASP C 348 -45.13 -11.69 43.17
CA ASP C 348 -46.11 -11.77 44.25
C ASP C 348 -47.53 -11.93 43.72
N LYS C 349 -47.86 -11.25 42.63
CA LYS C 349 -49.22 -11.30 42.10
C LYS C 349 -49.57 -12.71 41.62
N ASP C 350 -50.81 -13.12 41.89
CA ASP C 350 -51.29 -14.46 41.56
C ASP C 350 -51.99 -14.41 40.21
N ILE C 351 -51.23 -14.67 39.15
CA ILE C 351 -51.75 -14.74 37.80
C ILE C 351 -51.35 -16.09 37.20
N THR C 352 -52.34 -16.82 36.67
CA THR C 352 -52.08 -18.11 36.09
C THR C 352 -51.26 -17.96 34.81
N THR C 353 -50.23 -18.79 34.67
CA THR C 353 -49.16 -18.56 33.71
C THR C 353 -49.50 -18.69 32.22
N PRO C 354 -50.45 -19.53 31.78
CA PRO C 354 -50.69 -19.64 30.33
C PRO C 354 -51.16 -18.34 29.68
N ILE C 355 -51.71 -17.40 30.46
CA ILE C 355 -52.28 -16.19 29.88
C ILE C 355 -51.18 -15.32 29.29
N GLY C 356 -51.54 -14.54 28.27
CA GLY C 356 -50.64 -13.57 27.67
C GLY C 356 -49.47 -14.19 26.95
N ASP C 357 -48.44 -13.37 26.76
CA ASP C 357 -47.19 -13.79 26.14
C ASP C 357 -46.27 -14.52 27.11
N TRP C 358 -46.77 -14.87 28.30
CA TRP C 358 -45.97 -15.53 29.32
C TRP C 358 -46.05 -17.04 29.09
N ARG C 359 -44.92 -17.63 28.72
CA ARG C 359 -44.85 -19.04 28.36
C ARG C 359 -44.00 -19.78 29.37
N ASP C 360 -44.47 -20.96 29.79
CA ASP C 360 -43.70 -21.76 30.73
C ASP C 360 -42.40 -22.21 30.09
N GLY C 361 -41.30 -22.07 30.84
CA GLY C 361 -39.98 -22.41 30.35
C GLY C 361 -39.38 -21.40 29.40
N ARG C 362 -39.80 -20.14 29.46
CA ARG C 362 -39.34 -19.10 28.54
C ARG C 362 -38.65 -17.99 29.34
N GLU C 363 -37.43 -17.66 28.94
CA GLU C 363 -36.63 -16.67 29.64
C GLU C 363 -37.11 -15.25 29.34
N VAL C 364 -36.91 -14.36 30.31
CA VAL C 364 -37.33 -12.97 30.21
C VAL C 364 -36.15 -12.08 30.56
N ARG C 365 -35.93 -11.03 29.77
CA ARG C 365 -34.83 -10.10 30.00
C ARG C 365 -35.36 -8.67 29.95
N TYR C 366 -34.72 -7.80 30.73
CA TYR C 366 -35.12 -6.39 30.80
C TYR C 366 -33.90 -5.51 30.55
N ALA C 367 -34.17 -4.34 29.99
CA ALA C 367 -33.14 -3.32 29.75
C ALA C 367 -33.75 -1.96 30.03
N VAL C 368 -32.88 -0.99 30.30
CA VAL C 368 -33.29 0.36 30.66
C VAL C 368 -32.60 1.35 29.73
N GLN C 369 -33.33 2.37 29.29
CA GLN C 369 -32.79 3.41 28.42
C GLN C 369 -33.23 4.77 28.93
N TYR C 370 -32.36 5.76 28.75
CA TYR C 370 -32.71 7.13 29.12
C TYR C 370 -33.69 7.72 28.10
N ALA C 371 -34.66 8.48 28.60
CA ALA C 371 -35.67 9.09 27.74
C ALA C 371 -35.21 10.50 27.39
N SER C 372 -34.44 10.62 26.31
CA SER C 372 -33.96 11.90 25.81
C SER C 372 -34.73 12.23 24.54
N GLU C 373 -35.46 13.35 24.56
CA GLU C 373 -36.25 13.73 23.40
C GLU C 373 -35.39 14.23 22.26
N THR C 374 -34.25 14.88 22.58
CA THR C 374 -33.39 15.48 21.57
C THR C 374 -32.26 14.56 21.11
N LEU C 375 -31.66 13.80 22.03
CA LEU C 375 -30.49 12.98 21.73
C LEU C 375 -30.84 11.50 21.86
N PHE C 376 -29.97 10.68 21.28
CA PHE C 376 -30.10 9.23 21.40
C PHE C 376 -29.50 8.74 22.71
N SER C 377 -30.07 7.66 23.23
CA SER C 377 -29.63 7.06 24.48
C SER C 377 -29.31 5.59 24.27
N LYS C 378 -28.24 5.14 24.92
CA LYS C 378 -27.80 3.75 24.77
C LYS C 378 -28.70 2.81 25.55
N ILE C 379 -28.95 1.64 24.97
CA ILE C 379 -29.65 0.57 25.67
C ILE C 379 -28.66 -0.16 26.57
N SER C 380 -29.04 -0.38 27.82
CA SER C 380 -28.16 -1.06 28.77
C SER C 380 -28.07 -2.54 28.44
N HIS C 381 -27.07 -3.19 29.03
CA HIS C 381 -26.91 -4.63 28.86
C HIS C 381 -28.10 -5.37 29.45
N TRP C 382 -28.54 -6.41 28.76
CA TRP C 382 -29.73 -7.14 29.19
C TRP C 382 -29.46 -7.90 30.49
N SER C 383 -30.51 -8.00 31.31
CA SER C 383 -30.40 -8.69 32.58
C SER C 383 -30.25 -10.20 32.36
N ASP C 384 -29.93 -10.91 33.44
CA ASP C 384 -29.75 -12.34 33.35
C ASP C 384 -31.09 -13.03 33.06
N PRO C 385 -31.05 -14.16 32.34
CA PRO C 385 -32.29 -14.90 32.08
C PRO C 385 -33.06 -15.22 33.36
N VAL C 386 -34.37 -15.08 33.30
CA VAL C 386 -35.26 -15.37 34.41
C VAL C 386 -36.33 -16.34 33.94
N SER C 387 -36.47 -17.46 34.63
CA SER C 387 -37.46 -18.47 34.30
C SER C 387 -38.78 -18.16 34.98
N VAL C 388 -39.87 -18.55 34.33
CA VAL C 388 -41.23 -18.31 34.83
C VAL C 388 -41.97 -19.64 34.90
N ARG C 389 -42.73 -19.82 35.98
CA ARG C 389 -43.53 -21.02 36.17
C ARG C 389 -44.65 -20.71 37.15
N GLU C 390 -45.89 -20.95 36.74
CA GLU C 390 -47.11 -20.78 37.53
C GLU C 390 -47.41 -19.33 37.86
N LYS C 391 -46.53 -18.39 37.49
CA LYS C 391 -46.74 -16.97 37.73
C LYS C 391 -46.49 -16.22 36.42
N ALA C 392 -47.23 -15.14 36.23
CA ALA C 392 -47.15 -14.38 34.99
C ALA C 392 -46.85 -12.91 35.19
N CYS C 393 -47.36 -12.28 36.25
CA CYS C 393 -47.16 -10.85 36.44
C CYS C 393 -46.01 -10.61 37.40
N PRO C 394 -44.87 -10.10 36.95
CA PRO C 394 -43.75 -9.84 37.85
C PRO C 394 -43.76 -8.42 38.40
N THR C 395 -43.29 -8.29 39.65
CA THR C 395 -43.11 -7.01 40.30
C THR C 395 -41.62 -6.78 40.49
N LEU C 396 -41.12 -5.65 39.99
CA LEU C 396 -39.70 -5.34 40.02
C LEU C 396 -39.47 -3.97 40.63
N ARG C 397 -38.34 -3.83 41.32
CA ARG C 397 -37.97 -2.60 42.02
C ARG C 397 -36.78 -1.96 41.32
N MET C 398 -36.85 -0.65 41.12
CA MET C 398 -35.81 0.09 40.43
C MET C 398 -35.16 1.11 41.36
N PRO C 399 -33.83 1.23 41.32
CA PRO C 399 -33.16 2.26 42.12
C PRO C 399 -33.45 3.65 41.58
N VAL C 400 -33.35 4.64 42.48
CA VAL C 400 -33.58 6.03 42.10
C VAL C 400 -32.37 6.54 41.32
N ASP C 401 -32.64 7.19 40.19
CA ASP C 401 -31.59 7.70 39.32
C ASP C 401 -31.05 9.01 39.87
N GLN C 402 -29.74 9.23 39.66
CA GLN C 402 -29.09 10.41 40.23
C GLN C 402 -29.47 11.68 39.48
N THR C 403 -29.60 11.61 38.16
CA THR C 403 -29.93 12.80 37.37
C THR C 403 -31.43 13.11 37.41
N ARG C 404 -32.25 12.16 37.83
CA ARG C 404 -33.70 12.34 37.95
C ARG C 404 -34.35 12.57 36.58
N ARG C 405 -34.16 11.61 35.68
CA ARG C 405 -34.84 11.60 34.39
C ARG C 405 -35.58 10.28 34.23
N ASN C 406 -36.74 10.33 33.58
CA ASN C 406 -37.53 9.13 33.36
C ASN C 406 -36.76 8.15 32.47
N VAL C 407 -36.91 6.87 32.75
CA VAL C 407 -36.21 5.82 32.03
C VAL C 407 -37.22 4.84 31.45
N LEU C 408 -37.07 4.54 30.16
CA LEU C 408 -37.94 3.57 29.50
C LEU C 408 -37.40 2.16 29.72
N VAL C 409 -38.32 1.21 29.87
CA VAL C 409 -37.98 -0.19 30.15
C VAL C 409 -38.35 -1.03 28.93
N PHE C 410 -37.39 -1.81 28.45
CA PHE C 410 -37.59 -2.71 27.32
C PHE C 410 -37.56 -4.15 27.82
N ARG C 411 -38.47 -4.98 27.30
CA ARG C 411 -38.61 -6.36 27.71
C ARG C 411 -38.45 -7.28 26.50
N LYS C 412 -37.67 -8.35 26.68
CA LYS C 412 -37.39 -9.30 25.60
C LYS C 412 -37.65 -10.72 26.07
N PHE C 413 -38.26 -11.52 25.19
CA PHE C 413 -38.50 -12.93 25.43
C PHE C 413 -37.64 -13.73 24.45
N ASP C 414 -36.69 -14.49 24.98
CA ASP C 414 -35.75 -15.30 24.18
C ASP C 414 -35.04 -14.36 23.20
N SER C 415 -35.04 -14.64 21.90
CA SER C 415 -34.45 -13.77 20.89
C SER C 415 -35.53 -13.10 20.02
N SER C 416 -36.75 -13.02 20.51
CA SER C 416 -37.84 -12.42 19.76
C SER C 416 -37.69 -10.90 19.74
N LYS C 417 -38.68 -10.23 19.16
CA LYS C 417 -38.63 -8.78 19.05
C LYS C 417 -38.82 -8.14 20.42
N PRO C 418 -37.91 -7.28 20.86
CA PRO C 418 -38.10 -6.60 22.15
C PRO C 418 -39.28 -5.65 22.12
N GLN C 419 -39.88 -5.45 23.29
CA GLN C 419 -41.06 -4.63 23.44
C GLN C 419 -40.83 -3.57 24.52
N LEU C 420 -41.59 -2.48 24.42
CA LEU C 420 -41.55 -1.40 25.40
C LEU C 420 -42.70 -1.61 26.39
N VAL C 421 -42.37 -1.69 27.67
CA VAL C 421 -43.36 -2.03 28.68
C VAL C 421 -43.75 -0.86 29.58
N GLY C 422 -42.97 0.21 29.63
CA GLY C 422 -43.35 1.36 30.42
C GLY C 422 -42.18 2.29 30.68
N GLU C 423 -42.46 3.29 31.52
CA GLU C 423 -41.53 4.35 31.86
C GLU C 423 -41.50 4.53 33.37
N ILE C 424 -40.33 4.90 33.88
CA ILE C 424 -40.10 5.09 35.31
C ILE C 424 -39.79 6.55 35.57
N THR C 425 -40.55 7.18 36.46
CA THR C 425 -40.27 8.50 36.97
C THR C 425 -39.15 8.44 38.00
N PRO C 426 -38.50 9.57 38.29
CA PRO C 426 -37.37 9.54 39.23
C PRO C 426 -37.73 8.99 40.61
N TYR C 427 -38.96 9.19 41.07
CA TYR C 427 -39.37 8.79 42.41
C TYR C 427 -40.44 7.70 42.36
N LEU C 428 -40.25 6.72 41.48
CA LEU C 428 -41.12 5.55 41.38
C LEU C 428 -40.31 4.32 41.74
N SER C 429 -40.83 3.51 42.66
CA SER C 429 -40.13 2.32 43.14
C SER C 429 -40.61 1.04 42.48
N ASN C 430 -41.91 0.78 42.56
CA ASN C 430 -42.48 -0.46 42.04
C ASN C 430 -42.98 -0.26 40.62
N PHE C 431 -42.59 -1.18 39.72
CA PHE C 431 -43.06 -1.18 38.35
C PHE C 431 -43.69 -2.53 38.04
N ILE C 432 -44.90 -2.49 37.47
CA ILE C 432 -45.62 -3.69 37.07
C ILE C 432 -45.89 -3.57 35.57
N ASP C 433 -45.49 -4.59 34.82
CA ASP C 433 -45.62 -4.59 33.36
C ASP C 433 -46.98 -5.11 32.90
N ILE C 434 -47.99 -5.12 33.79
CA ILE C 434 -49.31 -5.59 33.41
C ILE C 434 -49.97 -4.64 32.41
N ASP C 435 -49.52 -3.39 32.34
CA ASP C 435 -50.12 -2.43 31.41
C ASP C 435 -49.83 -2.82 29.98
N ARG C 436 -48.58 -3.17 29.66
CA ARG C 436 -48.25 -3.58 28.30
C ARG C 436 -48.85 -4.92 27.94
N ASP C 437 -49.02 -5.80 28.93
CA ASP C 437 -49.68 -7.08 28.68
C ASP C 437 -51.12 -6.87 28.23
N LEU C 438 -51.80 -5.87 28.80
CA LEU C 438 -53.14 -5.52 28.34
C LEU C 438 -53.10 -4.94 26.93
N TYR C 439 -52.05 -4.19 26.60
CA TYR C 439 -51.92 -3.67 25.24
C TYR C 439 -51.82 -4.80 24.22
N ASN C 440 -51.04 -5.84 24.52
CA ASN C 440 -51.00 -7.00 23.65
C ASN C 440 -52.30 -7.79 23.69
N ALA C 441 -53.00 -7.75 24.83
CA ALA C 441 -54.31 -8.41 24.91
C ALA C 441 -55.31 -7.77 23.96
N ALA C 442 -55.31 -6.44 23.89
CA ALA C 442 -56.19 -5.76 22.97
C ALA C 442 -55.76 -5.88 21.51
N SER C 443 -54.48 -6.16 21.26
CA SER C 443 -53.95 -6.27 19.90
C SER C 443 -53.84 -7.71 19.43
N ASN C 444 -54.40 -8.65 20.17
CA ASN C 444 -54.29 -10.07 19.81
C ASN C 444 -55.09 -10.34 18.55
N PRO C 445 -54.51 -11.02 17.57
CA PRO C 445 -55.26 -11.38 16.34
C PRO C 445 -56.51 -12.21 16.63
N ASP C 446 -56.50 -13.09 17.64
CA ASP C 446 -57.69 -13.84 18.01
C ASP C 446 -58.68 -12.93 18.74
N SER C 447 -59.95 -13.32 18.72
CA SER C 447 -61.03 -12.52 19.29
C SER C 447 -61.45 -13.02 20.67
N ALA C 448 -61.87 -14.29 20.75
CA ALA C 448 -62.39 -14.83 22.02
C ALA C 448 -61.32 -14.89 23.09
N VAL C 449 -60.13 -15.40 22.73
CA VAL C 449 -59.04 -15.50 23.69
C VAL C 449 -58.61 -14.11 24.14
N GLY C 450 -58.51 -13.16 23.20
CA GLY C 450 -58.16 -11.80 23.56
C GLY C 450 -59.16 -11.17 24.49
N PHE C 451 -60.45 -11.37 24.22
CA PHE C 451 -61.48 -10.81 25.09
C PHE C 451 -61.44 -11.42 26.48
N LYS C 452 -61.25 -12.75 26.56
CA LYS C 452 -61.18 -13.40 27.87
C LYS C 452 -59.98 -12.91 28.67
N GLU C 453 -58.82 -12.79 28.03
CA GLU C 453 -57.64 -12.32 28.74
C GLU C 453 -57.76 -10.84 29.11
N PHE C 454 -58.42 -10.04 28.26
CA PHE C 454 -58.69 -8.66 28.62
C PHE C 454 -59.58 -8.56 29.84
N THR C 455 -60.63 -9.39 29.89
CA THR C 455 -61.52 -9.40 31.05
C THR C 455 -60.78 -9.83 32.31
N LYS C 456 -59.94 -10.86 32.21
CA LYS C 456 -59.19 -11.31 33.37
C LYS C 456 -58.22 -10.24 33.85
N LEU C 457 -57.53 -9.56 32.94
CA LEU C 457 -56.61 -8.51 33.33
C LEU C 457 -57.35 -7.33 33.96
N ASN C 458 -58.52 -6.97 33.41
CA ASN C 458 -59.30 -5.89 34.00
C ASN C 458 -59.79 -6.25 35.40
N TYR C 459 -60.18 -7.51 35.60
CA TYR C 459 -60.57 -7.96 36.93
C TYR C 459 -59.38 -7.88 37.88
N ASP C 460 -58.21 -8.31 37.43
CA ASP C 460 -57.01 -8.24 38.27
C ASP C 460 -56.63 -6.79 38.57
N GLY C 461 -56.80 -5.90 37.59
CA GLY C 461 -56.52 -4.49 37.80
C GLY C 461 -55.34 -3.97 37.00
N ALA C 462 -55.65 -3.26 35.92
CA ALA C 462 -54.63 -2.63 35.09
C ALA C 462 -55.23 -1.37 34.47
N ASN C 463 -54.45 -0.30 34.46
CA ASN C 463 -54.94 0.97 33.94
C ASN C 463 -55.00 0.95 32.42
N ILE C 464 -55.84 1.84 31.88
CA ILE C 464 -55.99 1.97 30.44
C ILE C 464 -55.30 3.22 29.90
N ARG C 465 -54.97 4.18 30.76
CA ARG C 465 -54.31 5.42 30.33
C ARG C 465 -52.85 5.22 29.96
N ALA C 466 -52.29 4.04 30.21
CA ALA C 466 -50.89 3.80 29.91
C ALA C 466 -50.60 3.94 28.42
N THR C 467 -49.42 4.46 28.09
CA THR C 467 -49.01 4.69 26.73
C THR C 467 -47.76 3.89 26.42
N PHE C 468 -47.61 3.49 25.16
CA PHE C 468 -46.49 2.67 24.73
C PHE C 468 -46.08 3.07 23.31
N ASP C 469 -44.87 2.69 22.94
CA ASP C 469 -44.33 2.86 21.58
C ASP C 469 -44.41 4.34 21.21
N HIS C 470 -45.00 4.71 20.07
CA HIS C 470 -45.04 6.11 19.63
C HIS C 470 -46.23 6.83 20.25
N GLY C 471 -46.27 6.81 21.58
CA GLY C 471 -47.41 7.37 22.29
C GLY C 471 -48.71 6.67 21.96
N ARG C 472 -48.67 5.34 21.88
CA ARG C 472 -49.80 4.57 21.37
C ARG C 472 -50.78 4.26 22.51
N THR C 473 -52.06 4.15 22.16
CA THR C 473 -53.14 4.03 23.13
C THR C 473 -53.82 2.67 22.97
N VAL C 474 -54.36 2.17 24.07
CA VAL C 474 -55.00 0.85 24.07
C VAL C 474 -56.16 0.81 23.08
N PHE C 475 -56.93 1.90 23.00
CA PHE C 475 -58.01 1.95 22.02
C PHE C 475 -57.49 1.84 20.60
N HIS C 476 -56.31 2.41 20.33
CA HIS C 476 -55.71 2.26 19.02
C HIS C 476 -55.35 0.80 18.73
N ALA C 477 -54.86 0.09 19.75
CA ALA C 477 -54.58 -1.33 19.57
C ALA C 477 -55.85 -2.12 19.31
N ALA C 478 -56.94 -1.76 20.01
CA ALA C 478 -58.23 -2.40 19.76
C ALA C 478 -58.69 -2.16 18.33
N ALA C 479 -58.48 -0.94 17.82
CA ALA C 479 -58.81 -0.65 16.43
C ALA C 479 -57.94 -1.47 15.48
N LYS C 480 -56.65 -1.62 15.80
CA LYS C 480 -55.77 -2.42 14.95
C LYS C 480 -56.22 -3.88 14.90
N SER C 481 -56.60 -4.45 16.05
CA SER C 481 -57.05 -5.83 16.08
C SER C 481 -58.37 -6.00 15.34
N GLY C 482 -59.27 -5.02 15.48
CA GLY C 482 -60.59 -5.13 14.89
C GLY C 482 -61.60 -5.91 15.72
N ASN C 483 -61.25 -6.28 16.94
CA ASN C 483 -62.17 -7.01 17.81
C ASN C 483 -63.29 -6.07 18.25
N ASP C 484 -64.53 -6.43 17.91
CA ASP C 484 -65.67 -5.60 18.29
C ASP C 484 -66.03 -5.73 19.76
N LYS C 485 -65.68 -6.86 20.39
CA LYS C 485 -66.04 -7.07 21.79
C LYS C 485 -65.32 -6.09 22.71
N ILE C 486 -64.01 -5.92 22.51
CA ILE C 486 -63.25 -5.03 23.38
C ILE C 486 -63.66 -3.58 23.16
N MET C 487 -63.93 -3.21 21.91
CA MET C 487 -64.42 -1.86 21.63
C MET C 487 -65.78 -1.63 22.29
N PHE C 488 -66.68 -2.60 22.20
CA PHE C 488 -68.00 -2.46 22.82
C PHE C 488 -67.88 -2.33 24.34
N GLY C 489 -66.97 -3.11 24.93
CA GLY C 489 -66.75 -2.98 26.37
C GLY C 489 -66.14 -1.64 26.76
N LEU C 490 -65.23 -1.12 25.91
CA LEU C 490 -64.53 0.12 26.25
C LEU C 490 -65.40 1.34 26.09
N THR C 491 -66.27 1.37 25.08
CA THR C 491 -67.12 2.54 24.86
C THR C 491 -68.07 2.78 26.02
N PHE C 492 -68.43 1.74 26.75
CA PHE C 492 -69.27 1.90 27.93
C PHE C 492 -68.47 2.56 29.05
N LEU C 493 -69.06 3.57 29.68
CA LEU C 493 -68.41 4.34 30.74
C LEU C 493 -67.09 4.94 30.28
N ALA C 494 -67.05 5.37 29.02
CA ALA C 494 -65.86 5.97 28.43
C ALA C 494 -65.98 7.49 28.50
N LYS C 495 -65.03 8.18 27.84
CA LYS C 495 -65.02 9.63 27.78
C LYS C 495 -64.84 10.08 26.33
N SER C 496 -65.39 11.24 26.02
CA SER C 496 -65.29 11.77 24.66
C SER C 496 -63.85 12.08 24.29
N THR C 497 -63.07 12.61 25.23
CA THR C 497 -61.69 12.95 24.94
C THR C 497 -60.82 11.72 24.72
N GLU C 498 -61.15 10.61 25.38
CA GLU C 498 -60.38 9.38 25.18
C GLU C 498 -60.62 8.78 23.79
N LEU C 499 -61.86 8.82 23.31
CA LEU C 499 -62.14 8.31 21.98
C LEU C 499 -61.51 9.16 20.90
N ASN C 500 -61.28 10.45 21.17
CA ASN C 500 -60.64 11.36 20.24
C ASN C 500 -59.18 11.64 20.59
N GLN C 501 -58.62 10.88 21.53
CA GLN C 501 -57.25 11.14 21.98
C GLN C 501 -56.27 10.72 20.88
N PRO C 502 -55.42 11.63 20.40
CA PRO C 502 -54.43 11.27 19.38
C PRO C 502 -53.10 10.88 19.99
N ASP C 503 -52.27 10.25 19.16
CA ASP C 503 -50.90 9.91 19.53
C ASP C 503 -49.98 11.10 19.23
N LYS C 504 -48.67 10.89 19.34
CA LYS C 504 -47.75 11.98 19.07
C LYS C 504 -47.69 12.32 17.58
N LYS C 505 -48.10 11.39 16.72
CA LYS C 505 -48.14 11.62 15.29
C LYS C 505 -49.51 12.11 14.81
N GLY C 506 -50.47 12.28 15.72
CA GLY C 506 -51.78 12.77 15.35
C GLY C 506 -52.75 11.72 14.86
N TYR C 507 -52.41 10.44 14.95
CA TYR C 507 -53.27 9.37 14.46
C TYR C 507 -54.34 9.09 15.50
N THR C 508 -55.55 9.60 15.25
CA THR C 508 -56.68 9.34 16.12
C THR C 508 -57.17 7.90 15.91
N PRO C 509 -57.97 7.39 16.84
CA PRO C 509 -58.48 6.01 16.67
C PRO C 509 -59.21 5.78 15.36
N ILE C 510 -59.96 6.78 14.87
CA ILE C 510 -60.63 6.60 13.58
C ILE C 510 -59.60 6.54 12.45
N HIS C 511 -58.48 7.25 12.58
CA HIS C 511 -57.41 7.15 11.58
C HIS C 511 -56.89 5.72 11.49
N VAL C 512 -56.61 5.12 12.64
CA VAL C 512 -56.09 3.75 12.66
C VAL C 512 -57.15 2.78 12.17
N ALA C 513 -58.42 3.01 12.53
CA ALA C 513 -59.49 2.14 12.06
C ALA C 513 -59.61 2.18 10.54
N ALA C 514 -59.51 3.37 9.95
CA ALA C 514 -59.58 3.49 8.50
C ALA C 514 -58.35 2.85 7.85
N ASP C 515 -57.17 3.04 8.45
CA ASP C 515 -55.95 2.47 7.87
C ASP C 515 -55.99 0.95 7.89
N SER C 516 -56.46 0.35 8.98
CA SER C 516 -56.53 -1.10 9.09
C SER C 516 -57.53 -1.68 8.10
N GLY C 517 -58.67 -1.01 7.92
CA GLY C 517 -59.69 -1.45 6.99
C GLY C 517 -60.88 -2.16 7.61
N ASN C 518 -60.95 -2.23 8.93
CA ASN C 518 -62.10 -2.86 9.58
C ASN C 518 -63.33 -1.96 9.48
N ALA C 519 -64.50 -2.60 9.51
CA ALA C 519 -65.78 -1.90 9.36
C ALA C 519 -66.60 -1.84 10.63
N GLY C 520 -66.60 -2.90 11.44
CA GLY C 520 -67.39 -2.89 12.66
C GLY C 520 -66.92 -1.86 13.66
N ILE C 521 -65.59 -1.74 13.82
CA ILE C 521 -65.05 -0.75 14.75
C ILE C 521 -65.34 0.66 14.24
N VAL C 522 -65.29 0.86 12.93
CA VAL C 522 -65.63 2.17 12.36
C VAL C 522 -67.08 2.50 12.64
N ASN C 523 -67.98 1.52 12.44
CA ASN C 523 -69.40 1.75 12.71
C ASN C 523 -69.64 2.07 14.17
N LEU C 524 -68.96 1.36 15.07
CA LEU C 524 -69.10 1.65 16.50
C LEU C 524 -68.57 3.04 16.83
N LEU C 525 -67.46 3.44 16.20
CA LEU C 525 -66.91 4.78 16.45
C LEU C 525 -67.86 5.87 15.97
N ILE C 526 -68.49 5.67 14.81
CA ILE C 526 -69.44 6.66 14.31
C ILE C 526 -70.63 6.80 15.26
N GLN C 527 -71.12 5.67 15.78
CA GLN C 527 -72.23 5.71 16.72
C GLN C 527 -71.88 6.44 18.00
N ARG C 528 -70.59 6.54 18.33
CA ARG C 528 -70.14 7.27 19.51
C ARG C 528 -69.91 8.75 19.24
N GLY C 529 -70.12 9.20 18.00
CA GLY C 529 -69.97 10.61 17.68
C GLY C 529 -68.55 11.15 17.78
N VAL C 530 -67.57 10.40 17.29
CA VAL C 530 -66.18 10.86 17.29
C VAL C 530 -66.00 11.90 16.19
N SER C 531 -64.89 12.62 16.23
CA SER C 531 -64.62 13.65 15.23
C SER C 531 -64.22 13.00 13.91
N ILE C 532 -64.97 13.29 12.85
CA ILE C 532 -64.66 12.72 11.55
C ILE C 532 -63.59 13.55 10.85
N ASN C 533 -63.53 14.86 11.13
CA ASN C 533 -62.60 15.76 10.47
C ASN C 533 -61.27 15.83 11.22
N SER C 534 -60.90 14.75 11.91
CA SER C 534 -59.60 14.69 12.56
C SER C 534 -58.49 14.71 11.52
N LYS C 535 -57.39 15.34 11.85
CA LYS C 535 -56.28 15.54 10.92
C LYS C 535 -54.97 15.19 11.61
N THR C 536 -53.95 14.87 10.81
CA THR C 536 -52.66 14.41 11.29
C THR C 536 -51.62 15.52 11.18
N TYR C 537 -50.64 15.47 12.08
CA TYR C 537 -49.56 16.45 12.08
C TYR C 537 -48.63 16.23 10.89
N HIS C 538 -47.91 17.28 10.52
CA HIS C 538 -47.05 17.31 9.34
C HIS C 538 -47.93 16.97 8.13
N PHE C 539 -47.85 15.76 7.57
CA PHE C 539 -48.73 15.40 6.47
C PHE C 539 -50.18 15.46 6.93
N LEU C 540 -50.94 16.40 6.39
CA LEU C 540 -52.32 16.65 6.81
C LEU C 540 -53.24 15.72 6.02
N GLN C 541 -53.61 14.59 6.63
CA GLN C 541 -54.46 13.61 5.98
C GLN C 541 -55.62 13.22 6.89
N THR C 542 -56.83 13.33 6.37
CA THR C 542 -58.03 12.82 7.04
C THR C 542 -58.12 11.31 6.85
N PRO C 543 -58.90 10.61 7.68
CA PRO C 543 -59.08 9.16 7.47
C PRO C 543 -59.61 8.81 6.09
N LEU C 544 -60.33 9.73 5.44
CA LEU C 544 -60.75 9.47 4.06
C LEU C 544 -59.54 9.33 3.13
N HIS C 545 -58.51 10.15 3.35
CA HIS C 545 -57.28 10.02 2.58
C HIS C 545 -56.62 8.66 2.83
N LEU C 546 -56.64 8.20 4.08
CA LEU C 546 -56.08 6.88 4.39
C LEU C 546 -56.86 5.78 3.67
N ALA C 547 -58.19 5.86 3.68
CA ALA C 547 -59.00 4.87 2.98
C ALA C 547 -58.75 4.89 1.48
N ALA C 548 -58.61 6.09 0.90
CA ALA C 548 -58.33 6.19 -0.52
C ALA C 548 -56.97 5.61 -0.87
N GLN C 549 -55.95 5.89 -0.05
CA GLN C 549 -54.63 5.34 -0.30
C GLN C 549 -54.62 3.82 -0.16
N ARG C 550 -55.30 3.30 0.85
CA ARG C 550 -55.32 1.85 1.05
C ARG C 550 -56.22 1.17 0.02
N GLY C 551 -57.35 1.79 -0.32
CA GLY C 551 -58.19 1.30 -1.39
C GLY C 551 -59.33 0.39 -0.98
N PHE C 552 -59.80 0.47 0.26
CA PHE C 552 -60.87 -0.39 0.74
C PHE C 552 -62.20 0.33 0.57
N VAL C 553 -63.03 -0.16 -0.36
CA VAL C 553 -64.32 0.48 -0.63
C VAL C 553 -65.30 0.27 0.51
N THR C 554 -65.12 -0.79 1.29
CA THR C 554 -66.03 -1.06 2.40
C THR C 554 -65.92 0.00 3.49
N THR C 555 -64.69 0.42 3.80
CA THR C 555 -64.51 1.45 4.83
C THR C 555 -65.17 2.76 4.41
N PHE C 556 -64.99 3.15 3.16
CA PHE C 556 -65.65 4.37 2.66
C PHE C 556 -67.16 4.25 2.67
N GLN C 557 -67.68 3.10 2.17
CA GLN C 557 -69.12 2.91 2.12
C GLN C 557 -69.74 2.80 3.49
N ARG C 558 -68.94 2.49 4.52
CA ARG C 558 -69.42 2.54 5.90
C ARG C 558 -69.25 3.92 6.51
N LEU C 559 -68.26 4.69 6.05
CA LEU C 559 -68.05 6.04 6.56
C LEU C 559 -69.07 7.04 6.01
N MET C 560 -69.64 6.77 4.84
CA MET C 560 -70.58 7.74 4.26
C MET C 560 -71.86 7.88 5.06
N GLU C 561 -72.24 6.88 5.87
CA GLU C 561 -73.40 7.06 6.74
C GLU C 561 -73.13 8.06 7.85
N SER C 562 -71.88 8.40 8.10
CA SER C 562 -71.56 9.40 9.12
C SER C 562 -71.90 10.79 8.60
N PRO C 563 -72.64 11.60 9.37
CA PRO C 563 -72.91 12.98 8.93
C PRO C 563 -71.70 13.87 9.09
N GLU C 564 -71.87 15.17 8.80
CA GLU C 564 -70.85 16.20 8.89
C GLU C 564 -69.51 15.77 8.31
N ILE C 565 -69.55 14.90 7.29
CA ILE C 565 -68.33 14.47 6.61
C ILE C 565 -68.10 15.34 5.39
N ASN C 566 -66.84 15.66 5.13
CA ASN C 566 -66.47 16.53 4.02
C ASN C 566 -65.89 15.71 2.89
N ILE C 567 -66.39 15.91 1.68
CA ILE C 567 -65.98 15.11 0.54
C ILE C 567 -64.52 15.36 0.18
N ASN C 568 -64.05 16.61 0.32
CA ASN C 568 -62.69 16.96 -0.04
C ASN C 568 -62.03 17.75 1.08
N GLU C 569 -60.71 17.67 1.14
CA GLU C 569 -59.92 18.36 2.15
C GLU C 569 -58.64 18.88 1.54
N ARG C 570 -58.02 19.84 2.21
CA ARG C 570 -56.77 20.43 1.78
C ARG C 570 -55.63 19.83 2.57
N ASP C 571 -54.70 19.18 1.87
CA ASP C 571 -53.53 18.56 2.49
C ASP C 571 -52.38 19.56 2.51
N LYS C 572 -51.17 19.07 2.80
CA LYS C 572 -49.99 19.93 2.72
C LYS C 572 -49.82 20.50 1.31
N ASP C 573 -50.05 19.67 0.30
CA ASP C 573 -50.06 20.12 -1.09
C ASP C 573 -51.48 20.32 -1.62
N GLY C 574 -52.48 20.29 -0.75
CA GLY C 574 -53.85 20.46 -1.18
C GLY C 574 -54.41 19.29 -1.95
N PHE C 575 -53.90 18.08 -1.72
CA PHE C 575 -54.30 16.91 -2.48
C PHE C 575 -55.66 16.41 -2.00
N THR C 576 -56.64 16.37 -2.90
CA THR C 576 -57.96 15.87 -2.57
C THR C 576 -57.91 14.35 -2.38
N PRO C 577 -58.87 13.78 -1.65
CA PRO C 577 -58.92 12.31 -1.51
C PRO C 577 -59.03 11.57 -2.83
N LEU C 578 -59.54 12.23 -3.88
CA LEU C 578 -59.55 11.60 -5.21
C LEU C 578 -58.13 11.39 -5.73
N HIS C 579 -57.22 12.31 -5.41
CA HIS C 579 -55.83 12.17 -5.81
C HIS C 579 -55.15 10.96 -5.17
N TYR C 580 -55.66 10.50 -4.04
CA TYR C 580 -55.18 9.26 -3.44
C TYR C 580 -56.00 8.05 -3.87
N ALA C 581 -57.26 8.27 -4.25
CA ALA C 581 -58.08 7.17 -4.76
C ALA C 581 -57.54 6.68 -6.10
N ILE C 582 -57.09 7.59 -6.95
CA ILE C 582 -56.51 7.18 -8.23
C ILE C 582 -55.31 6.27 -8.00
N ARG C 583 -54.58 6.49 -6.90
CA ARG C 583 -53.54 5.55 -6.49
C ARG C 583 -54.13 4.28 -5.90
N GLY C 584 -55.30 4.38 -5.24
CA GLY C 584 -55.88 3.23 -4.59
C GLY C 584 -56.28 2.13 -5.56
N GLY C 585 -56.95 2.49 -6.63
CA GLY C 585 -57.38 1.51 -7.61
C GLY C 585 -58.66 1.94 -8.30
N GLU C 586 -59.16 1.04 -9.14
CA GLU C 586 -60.36 1.34 -9.92
C GLU C 586 -61.61 1.29 -9.06
N ARG C 587 -61.69 0.33 -8.13
CA ARG C 587 -62.90 0.15 -7.35
C ARG C 587 -63.17 1.36 -6.45
N ILE C 588 -62.13 1.90 -5.83
CA ILE C 588 -62.33 3.09 -4.99
C ILE C 588 -62.71 4.29 -5.84
N LEU C 589 -62.19 4.40 -7.05
CA LEU C 589 -62.61 5.48 -7.95
C LEU C 589 -64.07 5.34 -8.33
N GLU C 590 -64.51 4.11 -8.61
CA GLU C 590 -65.92 3.89 -8.90
C GLU C 590 -66.79 4.24 -7.70
N ALA C 591 -66.34 3.88 -6.50
CA ALA C 591 -67.09 4.20 -5.30
C ALA C 591 -67.21 5.70 -5.10
N PHE C 592 -66.12 6.44 -5.32
CA PHE C 592 -66.18 7.89 -5.14
C PHE C 592 -67.03 8.56 -6.22
N LEU C 593 -66.86 8.15 -7.47
CA LEU C 593 -67.63 8.75 -8.56
C LEU C 593 -69.10 8.38 -8.48
N ASN C 594 -69.44 7.28 -7.80
CA ASN C 594 -70.85 6.96 -7.59
C ASN C 594 -71.52 7.91 -6.60
N GLN C 595 -70.74 8.57 -5.75
CA GLN C 595 -71.31 9.49 -4.78
C GLN C 595 -71.90 10.70 -5.47
N ILE C 596 -73.03 11.19 -4.93
CA ILE C 596 -73.71 12.34 -5.54
C ILE C 596 -72.88 13.60 -5.37
N SER C 597 -72.18 13.74 -4.25
CA SER C 597 -71.39 14.93 -3.96
C SER C 597 -69.92 14.60 -4.21
N ILE C 598 -69.38 15.11 -5.31
CA ILE C 598 -67.98 14.89 -5.66
C ILE C 598 -67.53 16.02 -6.58
N ASP C 599 -66.33 16.52 -6.35
CA ASP C 599 -65.73 17.59 -7.16
C ASP C 599 -64.61 16.96 -7.99
N VAL C 600 -64.95 16.55 -9.22
CA VAL C 600 -64.01 15.83 -10.05
C VAL C 600 -62.85 16.72 -10.48
N ASN C 601 -63.09 18.02 -10.65
CA ASN C 601 -62.10 18.94 -11.18
C ASN C 601 -61.39 19.70 -10.06
N ALA C 602 -61.13 19.04 -8.94
CA ALA C 602 -60.45 19.68 -7.83
C ALA C 602 -59.04 20.09 -8.22
N LYS C 603 -58.60 21.24 -7.71
CA LYS C 603 -57.28 21.79 -8.00
C LYS C 603 -56.50 21.89 -6.69
N SER C 604 -55.25 21.43 -6.72
CA SER C 604 -54.39 21.45 -5.55
C SER C 604 -53.52 22.70 -5.56
N ASN C 605 -52.70 22.85 -4.51
CA ASN C 605 -51.79 23.99 -4.43
C ASN C 605 -50.78 23.97 -5.57
N THR C 606 -50.25 22.80 -5.90
CA THR C 606 -49.30 22.71 -7.01
C THR C 606 -50.00 22.91 -8.35
N GLY C 607 -51.30 22.64 -8.42
CA GLY C 607 -52.08 22.84 -9.62
C GLY C 607 -52.36 21.61 -10.45
N LEU C 608 -52.19 20.42 -9.88
CA LEU C 608 -52.37 19.18 -10.63
C LEU C 608 -53.81 18.69 -10.46
N THR C 609 -54.55 18.66 -11.57
CA THR C 609 -55.89 18.09 -11.57
C THR C 609 -55.81 16.58 -11.43
N PRO C 610 -56.90 15.93 -10.98
CA PRO C 610 -56.84 14.47 -10.81
C PRO C 610 -56.44 13.72 -12.07
N PHE C 611 -56.88 14.21 -13.23
CA PHE C 611 -56.48 13.58 -14.49
C PHE C 611 -54.97 13.67 -14.69
N HIS C 612 -54.37 14.80 -14.29
CA HIS C 612 -52.95 15.01 -14.51
C HIS C 612 -52.11 13.93 -13.83
N LEU C 613 -52.29 13.76 -12.52
CA LEU C 613 -51.51 12.75 -11.81
C LEU C 613 -52.10 11.36 -11.91
N ALA C 614 -53.29 11.22 -12.50
CA ALA C 614 -53.78 9.90 -12.87
C ALA C 614 -53.13 9.39 -14.14
N ILE C 615 -52.81 10.29 -15.08
CA ILE C 615 -52.18 9.89 -16.32
C ILE C 615 -50.65 9.91 -16.25
N ILE C 616 -50.07 10.71 -15.35
CA ILE C 616 -48.62 10.69 -15.19
C ILE C 616 -48.15 9.35 -14.62
N LYS C 617 -49.06 8.60 -14.00
CA LYS C 617 -48.73 7.30 -13.41
C LYS C 617 -48.88 6.14 -14.39
N ASN C 618 -49.43 6.39 -15.58
CA ASN C 618 -49.57 5.43 -16.67
C ASN C 618 -50.61 4.35 -16.41
N ASP C 619 -51.48 4.53 -15.43
CA ASP C 619 -52.62 3.63 -15.27
C ASP C 619 -53.75 4.16 -16.14
N TRP C 620 -53.78 3.71 -17.39
CA TRP C 620 -54.87 4.08 -18.28
C TRP C 620 -56.24 3.60 -17.81
N PRO C 621 -56.42 2.38 -17.29
CA PRO C 621 -57.77 1.96 -16.90
C PRO C 621 -58.44 2.87 -15.89
N VAL C 622 -57.70 3.39 -14.91
CA VAL C 622 -58.32 4.26 -13.91
C VAL C 622 -58.73 5.59 -14.55
N ALA C 623 -57.92 6.10 -15.48
CA ALA C 623 -58.28 7.32 -16.19
C ALA C 623 -59.51 7.10 -17.06
N SER C 624 -59.61 5.94 -17.71
CA SER C 624 -60.79 5.63 -18.51
C SER C 624 -62.03 5.51 -17.63
N THR C 625 -61.90 4.91 -16.45
CA THR C 625 -63.01 4.84 -15.52
C THR C 625 -63.43 6.24 -15.06
N LEU C 626 -62.46 7.11 -14.80
CA LEU C 626 -62.77 8.47 -14.38
C LEU C 626 -63.50 9.24 -15.50
N LEU C 627 -63.02 9.09 -16.74
CA LEU C 627 -63.64 9.81 -17.85
C LEU C 627 -65.05 9.32 -18.13
N GLY C 628 -65.26 8.00 -18.08
CA GLY C 628 -66.56 7.46 -18.44
C GLY C 628 -67.68 7.85 -17.48
N SER C 629 -67.36 7.93 -16.19
CA SER C 629 -68.40 8.17 -15.19
C SER C 629 -69.01 9.56 -15.35
N LYS C 630 -68.18 10.59 -15.52
CA LYS C 630 -68.68 11.96 -15.60
C LYS C 630 -67.67 12.79 -16.39
N LYS C 631 -68.16 13.86 -17.00
CA LYS C 631 -67.32 14.71 -17.85
C LYS C 631 -66.18 15.32 -17.04
N VAL C 632 -64.98 15.27 -17.61
CA VAL C 632 -63.78 15.80 -16.98
C VAL C 632 -63.15 16.80 -17.94
N ASP C 633 -62.72 17.95 -17.42
CA ASP C 633 -62.10 18.99 -18.23
C ASP C 633 -60.72 18.52 -18.65
N ILE C 634 -60.61 18.01 -19.87
CA ILE C 634 -59.34 17.51 -20.37
C ILE C 634 -58.35 18.64 -20.58
N ASN C 635 -58.82 19.82 -21.00
CA ASN C 635 -57.96 20.95 -21.32
C ASN C 635 -57.52 21.72 -20.07
N ALA C 636 -57.65 21.12 -18.88
CA ALA C 636 -57.17 21.77 -17.68
C ALA C 636 -55.66 21.91 -17.71
N VAL C 637 -55.16 23.04 -17.19
CA VAL C 637 -53.75 23.37 -17.24
C VAL C 637 -53.27 23.76 -15.85
N ASP C 638 -51.95 23.69 -15.67
CA ASP C 638 -51.30 24.10 -14.44
C ASP C 638 -51.09 25.61 -14.46
N GLU C 639 -50.41 26.14 -13.44
CA GLU C 639 -50.10 27.57 -13.42
C GLU C 639 -49.22 27.95 -14.60
N ASN C 640 -48.29 27.08 -14.98
CA ASN C 640 -47.45 27.29 -16.15
C ASN C 640 -48.14 26.87 -17.45
N ASN C 641 -49.47 26.72 -17.43
CA ASN C 641 -50.24 26.28 -18.59
C ASN C 641 -49.73 24.93 -19.12
N ILE C 642 -49.55 23.99 -18.20
CA ILE C 642 -49.06 22.65 -18.53
C ILE C 642 -50.24 21.69 -18.53
N THR C 643 -50.41 20.98 -19.64
CA THR C 643 -51.49 20.02 -19.82
C THR C 643 -50.94 18.62 -19.56
N ALA C 644 -51.82 17.71 -19.12
CA ALA C 644 -51.43 16.33 -18.90
C ALA C 644 -50.86 15.70 -20.16
N LEU C 645 -51.34 16.13 -21.33
CA LEU C 645 -50.76 15.67 -22.58
C LEU C 645 -49.30 16.11 -22.69
N HIS C 646 -48.99 17.31 -22.22
CA HIS C 646 -47.60 17.76 -22.20
C HIS C 646 -46.76 16.90 -21.27
N TYR C 647 -47.32 16.48 -20.13
CA TYR C 647 -46.61 15.56 -19.25
C TYR C 647 -46.33 14.24 -19.94
N ALA C 648 -47.33 13.70 -20.63
CA ALA C 648 -47.14 12.44 -21.34
C ALA C 648 -46.08 12.58 -22.43
N ALA C 649 -46.07 13.71 -23.14
CA ALA C 649 -45.07 13.92 -24.18
C ALA C 649 -43.67 14.08 -23.60
N ILE C 650 -43.54 14.81 -22.50
CA ILE C 650 -42.22 15.06 -21.92
C ILE C 650 -41.66 13.80 -21.28
N LEU C 651 -42.52 12.93 -20.74
CA LEU C 651 -42.06 11.71 -20.11
C LEU C 651 -41.97 10.53 -21.07
N GLY C 652 -42.40 10.70 -22.31
CA GLY C 652 -42.20 9.69 -23.34
C GLY C 652 -42.94 8.38 -23.16
N TYR C 653 -44.20 8.43 -22.75
CA TYR C 653 -45.07 7.25 -22.74
C TYR C 653 -45.97 7.34 -23.96
N LEU C 654 -45.52 6.77 -25.08
CA LEU C 654 -46.20 6.95 -26.35
C LEU C 654 -47.57 6.27 -26.39
N GLU C 655 -47.72 5.15 -25.68
CA GLU C 655 -48.98 4.41 -25.74
C GLU C 655 -50.12 5.25 -25.19
N THR C 656 -49.90 5.92 -24.05
CA THR C 656 -50.94 6.77 -23.49
C THR C 656 -51.29 7.93 -24.41
N THR C 657 -50.28 8.53 -25.04
CA THR C 657 -50.54 9.62 -25.97
C THR C 657 -51.38 9.15 -27.16
N LYS C 658 -51.03 7.99 -27.74
CA LYS C 658 -51.83 7.46 -28.83
C LYS C 658 -53.26 7.17 -28.39
N GLN C 659 -53.42 6.57 -27.20
CA GLN C 659 -54.75 6.25 -26.71
C GLN C 659 -55.60 7.51 -26.56
N LEU C 660 -55.06 8.53 -25.89
CA LEU C 660 -55.83 9.74 -25.65
C LEU C 660 -56.08 10.53 -26.92
N ILE C 661 -55.13 10.52 -27.86
CA ILE C 661 -55.31 11.26 -29.11
C ILE C 661 -56.37 10.58 -29.97
N ASN C 662 -56.33 9.24 -30.06
CA ASN C 662 -57.26 8.53 -30.93
C ASN C 662 -58.66 8.47 -30.32
N LEU C 663 -58.80 7.89 -29.13
CA LEU C 663 -60.13 7.65 -28.59
C LEU C 663 -60.75 8.89 -27.95
N LYS C 664 -59.97 9.93 -27.69
CA LYS C 664 -60.50 11.15 -27.08
C LYS C 664 -60.08 12.37 -27.91
N GLU C 665 -60.83 13.44 -27.76
CA GLU C 665 -60.51 14.71 -28.42
C GLU C 665 -59.78 15.62 -27.45
N ILE C 666 -58.77 16.33 -27.95
CA ILE C 666 -57.94 17.20 -27.12
C ILE C 666 -57.34 18.26 -28.01
N ASN C 667 -57.23 19.47 -27.47
CA ASN C 667 -56.58 20.58 -28.17
C ASN C 667 -55.08 20.48 -27.94
N ALA C 668 -54.36 20.00 -28.95
CA ALA C 668 -52.92 19.81 -28.85
C ALA C 668 -52.12 21.07 -29.17
N ASN C 669 -52.79 22.17 -29.51
CA ASN C 669 -52.12 23.41 -29.85
C ASN C 669 -51.93 24.33 -28.67
N VAL C 670 -52.32 23.91 -27.46
CA VAL C 670 -52.15 24.74 -26.28
C VAL C 670 -50.66 24.90 -25.97
N VAL C 671 -50.26 26.12 -25.64
CA VAL C 671 -48.86 26.44 -25.36
C VAL C 671 -48.71 26.74 -23.87
N SER C 672 -47.51 26.46 -23.35
CA SER C 672 -47.22 26.70 -21.96
C SER C 672 -47.02 28.19 -21.70
N SER C 673 -47.25 28.59 -20.45
CA SER C 673 -47.06 30.00 -20.08
C SER C 673 -45.62 30.47 -20.26
N PRO C 674 -44.59 29.77 -19.74
CA PRO C 674 -43.22 30.23 -20.01
C PRO C 674 -42.63 29.62 -21.26
N GLY C 675 -42.14 30.46 -22.17
CA GLY C 675 -41.52 30.00 -23.40
C GLY C 675 -42.47 29.59 -24.49
N LEU C 676 -43.78 29.55 -24.22
CA LEU C 676 -44.80 29.19 -25.21
C LEU C 676 -44.54 27.82 -25.81
N LEU C 677 -43.98 26.91 -25.02
CA LEU C 677 -43.69 25.56 -25.50
C LEU C 677 -44.98 24.77 -25.70
N SER C 678 -44.95 23.87 -26.67
CA SER C 678 -46.12 23.09 -27.05
C SER C 678 -45.86 21.61 -26.82
N ALA C 679 -46.83 20.79 -27.26
CA ALA C 679 -46.73 19.35 -27.07
C ALA C 679 -45.55 18.75 -27.84
N LEU C 680 -45.41 19.14 -29.11
CA LEU C 680 -44.33 18.61 -29.93
C LEU C 680 -42.97 19.05 -29.39
N HIS C 681 -42.88 20.26 -28.86
CA HIS C 681 -41.63 20.72 -28.25
C HIS C 681 -41.25 19.86 -27.05
N TYR C 682 -42.23 19.58 -26.19
CA TYR C 682 -41.98 18.73 -25.02
C TYR C 682 -41.59 17.32 -25.44
N ALA C 683 -42.26 16.78 -26.46
CA ALA C 683 -41.91 15.45 -26.94
C ALA C 683 -40.49 15.42 -27.50
N ILE C 684 -40.11 16.47 -28.25
CA ILE C 684 -38.77 16.51 -28.85
C ILE C 684 -37.71 16.67 -27.78
N LEU C 685 -37.99 17.44 -26.74
CA LEU C 685 -36.99 17.72 -25.72
C LEU C 685 -36.65 16.46 -24.92
N TYR C 686 -35.40 16.41 -24.46
CA TYR C 686 -34.83 15.26 -23.73
C TYR C 686 -34.85 13.97 -24.55
N LYS C 687 -34.75 14.10 -25.88
CA LYS C 687 -34.54 12.95 -26.78
C LYS C 687 -35.61 11.88 -26.60
N HIS C 688 -36.86 12.26 -26.89
CA HIS C 688 -37.98 11.33 -26.90
C HIS C 688 -38.49 11.31 -28.34
N ASP C 689 -37.94 10.39 -29.14
CA ASP C 689 -38.11 10.47 -30.59
C ASP C 689 -39.40 9.82 -31.07
N ASP C 690 -39.78 8.69 -30.48
CA ASP C 690 -40.96 7.96 -30.96
C ASP C 690 -42.24 8.78 -30.75
N VAL C 691 -42.37 9.43 -29.59
CA VAL C 691 -43.56 10.22 -29.31
C VAL C 691 -43.64 11.41 -30.27
N ALA C 692 -42.52 12.09 -30.46
CA ALA C 692 -42.50 13.24 -31.38
C ALA C 692 -42.84 12.79 -32.80
N SER C 693 -42.31 11.66 -33.23
CA SER C 693 -42.63 11.12 -34.55
C SER C 693 -44.13 10.83 -34.67
N PHE C 694 -44.72 10.24 -33.63
CA PHE C 694 -46.15 9.96 -33.68
C PHE C 694 -46.97 11.24 -33.77
N LEU C 695 -46.60 12.26 -33.00
CA LEU C 695 -47.33 13.52 -33.07
C LEU C 695 -47.21 14.18 -34.45
N MET C 696 -45.99 14.20 -35.03
CA MET C 696 -45.87 14.87 -36.32
C MET C 696 -46.52 14.07 -37.44
N ARG C 697 -46.58 12.74 -37.30
CA ARG C 697 -47.27 11.93 -38.29
C ARG C 697 -48.76 12.25 -38.33
N SER C 698 -49.37 12.42 -37.16
CA SER C 698 -50.78 12.78 -37.10
C SER C 698 -51.00 14.21 -37.57
N SER C 699 -52.08 14.42 -38.31
CA SER C 699 -52.42 15.74 -38.84
C SER C 699 -53.29 16.57 -37.90
N ASN C 700 -53.71 15.99 -36.76
CA ASN C 700 -54.54 16.75 -35.83
C ASN C 700 -53.79 17.94 -35.25
N VAL C 701 -52.53 17.73 -34.87
CA VAL C 701 -51.69 18.79 -34.34
C VAL C 701 -50.90 19.42 -35.47
N ASN C 702 -50.74 20.74 -35.43
CA ASN C 702 -50.04 21.46 -36.48
C ASN C 702 -48.53 21.50 -36.20
N VAL C 703 -47.78 21.87 -37.24
CA VAL C 703 -46.33 22.03 -37.12
C VAL C 703 -45.91 23.48 -37.21
N ASN C 704 -46.71 24.35 -37.83
CA ASN C 704 -46.35 25.75 -38.01
C ASN C 704 -46.41 26.55 -36.71
N LEU C 705 -46.90 25.96 -35.62
CA LEU C 705 -46.99 26.67 -34.35
C LEU C 705 -45.62 27.16 -33.90
N LYS C 706 -45.55 28.42 -33.49
CA LYS C 706 -44.30 29.10 -33.18
C LYS C 706 -44.28 29.45 -31.71
N ALA C 707 -43.19 29.09 -31.02
CA ALA C 707 -43.07 29.33 -29.59
C ALA C 707 -42.30 30.62 -29.33
N LEU C 708 -42.21 30.99 -28.05
CA LEU C 708 -41.44 32.17 -27.66
C LEU C 708 -39.96 31.93 -27.94
N GLY C 709 -39.31 32.96 -28.46
CA GLY C 709 -37.94 32.87 -28.91
C GLY C 709 -37.81 32.47 -30.37
N GLY C 710 -38.90 32.04 -31.00
CA GLY C 710 -38.92 31.72 -32.40
C GLY C 710 -38.43 30.33 -32.77
N ILE C 711 -38.12 29.48 -31.79
CA ILE C 711 -37.63 28.15 -32.10
C ILE C 711 -38.77 27.30 -32.67
N THR C 712 -38.61 26.86 -33.90
CA THR C 712 -39.58 26.05 -34.61
C THR C 712 -39.29 24.58 -34.39
N PRO C 713 -40.21 23.69 -34.79
CA PRO C 713 -39.91 22.25 -34.68
C PRO C 713 -38.63 21.84 -35.38
N LEU C 714 -38.34 22.41 -36.55
CA LEU C 714 -37.07 22.14 -37.21
C LEU C 714 -35.90 22.64 -36.38
N HIS C 715 -36.02 23.86 -35.83
CA HIS C 715 -34.96 24.40 -34.99
C HIS C 715 -34.77 23.58 -33.73
N LEU C 716 -35.86 23.14 -33.11
CA LEU C 716 -35.72 22.34 -31.89
C LEU C 716 -35.13 20.96 -32.19
N ALA C 717 -35.52 20.36 -33.30
CA ALA C 717 -34.91 19.09 -33.71
C ALA C 717 -33.43 19.27 -33.99
N VAL C 718 -33.05 20.42 -34.55
CA VAL C 718 -31.63 20.74 -34.75
C VAL C 718 -30.93 20.83 -33.39
N ILE C 719 -31.55 21.50 -32.42
CA ILE C 719 -30.97 21.61 -31.09
C ILE C 719 -30.75 20.23 -30.50
N GLN C 720 -31.74 19.35 -30.62
CA GLN C 720 -31.58 17.99 -30.11
C GLN C 720 -30.68 17.16 -31.02
N GLY C 721 -30.64 17.48 -32.32
CA GLY C 721 -29.72 16.82 -33.23
C GLY C 721 -30.09 15.43 -33.65
N ARG C 722 -31.37 15.07 -33.59
CA ARG C 722 -31.82 13.75 -34.02
C ARG C 722 -32.06 13.76 -35.53
N LYS C 723 -31.65 12.68 -36.18
CA LYS C 723 -31.66 12.61 -37.64
C LYS C 723 -32.98 12.06 -38.20
N GLN C 724 -33.46 10.95 -37.65
CA GLN C 724 -34.65 10.32 -38.20
C GLN C 724 -35.89 11.18 -38.02
N ILE C 725 -35.94 11.97 -36.94
CA ILE C 725 -37.08 12.88 -36.76
C ILE C 725 -37.09 13.93 -37.87
N LEU C 726 -35.92 14.47 -38.21
CA LEU C 726 -35.83 15.44 -39.29
C LEU C 726 -36.18 14.81 -40.63
N SER C 727 -35.71 13.58 -40.86
CA SER C 727 -36.04 12.89 -42.11
C SER C 727 -37.55 12.65 -42.23
N LEU C 728 -38.18 12.23 -41.14
CA LEU C 728 -39.62 11.98 -41.17
C LEU C 728 -40.40 13.27 -41.40
N MET C 729 -40.06 14.35 -40.70
CA MET C 729 -40.80 15.58 -40.89
C MET C 729 -40.52 16.23 -42.23
N PHE C 730 -39.36 15.94 -42.85
CA PHE C 730 -39.15 16.35 -44.22
C PHE C 730 -39.98 15.52 -45.19
N ASP C 731 -40.15 14.22 -44.89
CA ASP C 731 -41.00 13.37 -45.70
C ASP C 731 -42.45 13.85 -45.66
N ILE C 732 -42.93 14.24 -44.47
CA ILE C 732 -44.30 14.76 -44.36
C ILE C 732 -44.44 16.04 -45.17
N GLY C 733 -43.46 16.93 -45.09
CA GLY C 733 -43.49 18.16 -45.87
C GLY C 733 -43.49 19.41 -45.02
N VAL C 734 -42.40 20.19 -45.12
CA VAL C 734 -42.29 21.45 -44.39
C VAL C 734 -41.24 22.29 -45.11
N ASN C 735 -41.40 23.61 -45.02
CA ASN C 735 -40.46 24.51 -45.68
C ASN C 735 -39.08 24.39 -45.06
N ILE C 736 -38.06 24.34 -45.92
CA ILE C 736 -36.69 24.20 -45.44
C ILE C 736 -36.23 25.47 -44.72
N GLU C 737 -36.65 26.63 -45.20
CA GLU C 737 -36.22 27.90 -44.62
C GLU C 737 -37.28 28.43 -43.66
N GLN C 738 -37.38 27.77 -42.51
CA GLN C 738 -38.15 28.31 -41.40
C GLN C 738 -37.40 29.47 -40.75
N LYS C 739 -38.15 30.40 -40.18
CA LYS C 739 -37.59 31.63 -39.65
C LYS C 739 -37.96 31.80 -38.18
N THR C 740 -36.96 32.09 -37.36
CA THR C 740 -37.16 32.43 -35.96
C THR C 740 -37.52 33.91 -35.85
N ASP C 741 -37.48 34.43 -34.61
CA ASP C 741 -37.71 35.85 -34.41
C ASP C 741 -36.66 36.69 -35.13
N GLU C 742 -35.40 36.25 -35.11
CA GLU C 742 -34.31 36.96 -35.76
C GLU C 742 -33.98 36.39 -37.14
N LYS C 743 -34.92 35.70 -37.77
CA LYS C 743 -34.79 35.21 -39.15
C LYS C 743 -33.64 34.24 -39.34
N TYR C 744 -33.24 33.53 -38.29
CA TYR C 744 -32.16 32.55 -38.42
C TYR C 744 -32.62 31.34 -39.22
N THR C 745 -31.83 30.97 -40.21
CA THR C 745 -32.09 29.82 -41.07
C THR C 745 -31.76 28.53 -40.32
N PRO C 746 -32.53 27.46 -40.52
CA PRO C 746 -32.22 26.18 -39.84
C PRO C 746 -30.82 25.68 -40.12
N LEU C 747 -30.23 26.00 -41.27
CA LEU C 747 -28.85 25.65 -41.53
C LEU C 747 -27.92 26.38 -40.56
N HIS C 748 -28.23 27.64 -40.26
CA HIS C 748 -27.40 28.40 -39.32
C HIS C 748 -27.43 27.76 -37.93
N LEU C 749 -28.61 27.34 -37.48
CA LEU C 749 -28.69 26.70 -36.17
C LEU C 749 -28.11 25.29 -36.20
N ALA C 750 -28.14 24.63 -37.37
CA ALA C 750 -27.43 23.37 -37.51
C ALA C 750 -25.94 23.56 -37.32
N ALA C 751 -25.39 24.65 -37.88
CA ALA C 751 -24.04 25.05 -37.54
C ALA C 751 -23.91 25.38 -36.05
N MET C 752 -24.97 25.89 -35.45
CA MET C 752 -25.01 26.21 -34.02
C MET C 752 -25.41 24.98 -33.19
N SER C 753 -24.71 23.87 -33.41
CA SER C 753 -24.99 22.65 -32.68
C SER C 753 -23.72 21.80 -32.62
N LYS C 754 -23.69 20.88 -31.65
CA LYS C 754 -22.55 20.00 -31.49
C LYS C 754 -22.52 18.87 -32.52
N TYR C 755 -23.59 18.68 -33.29
CA TYR C 755 -23.65 17.62 -34.28
C TYR C 755 -23.44 18.23 -35.66
N PRO C 756 -22.32 17.93 -36.36
CA PRO C 756 -22.12 18.51 -37.69
C PRO C 756 -22.91 17.79 -38.79
N GLU C 757 -23.40 16.58 -38.54
CA GLU C 757 -24.15 15.86 -39.56
C GLU C 757 -25.44 16.57 -39.94
N LEU C 758 -25.93 17.48 -39.10
CA LEU C 758 -27.15 18.21 -39.42
C LEU C 758 -26.97 19.06 -40.67
N ILE C 759 -25.82 19.75 -40.77
CA ILE C 759 -25.55 20.56 -41.95
C ILE C 759 -25.52 19.68 -43.20
N GLN C 760 -24.84 18.54 -43.11
CA GLN C 760 -24.73 17.65 -44.26
C GLN C 760 -26.09 17.13 -44.70
N ILE C 761 -26.93 16.71 -43.75
CA ILE C 761 -28.24 16.16 -44.11
C ILE C 761 -29.15 17.25 -44.65
N LEU C 762 -29.07 18.47 -44.11
CA LEU C 762 -29.89 19.56 -44.63
C LEU C 762 -29.47 19.94 -46.04
N LEU C 763 -28.17 19.99 -46.32
CA LEU C 763 -27.73 20.32 -47.68
C LEU C 763 -28.02 19.19 -48.65
N ASP C 764 -27.97 17.93 -48.20
CA ASP C 764 -28.38 16.83 -49.06
C ASP C 764 -29.86 16.91 -49.38
N GLN C 765 -30.69 17.25 -48.39
CA GLN C 765 -32.11 17.43 -48.64
C GLN C 765 -32.41 18.68 -49.45
N GLY C 766 -31.44 19.59 -49.56
CA GLY C 766 -31.64 20.83 -50.28
C GLY C 766 -31.85 22.02 -49.36
N SER C 767 -30.89 22.93 -49.31
CA SER C 767 -30.96 24.11 -48.47
C SER C 767 -30.27 25.27 -49.16
N ASN C 768 -30.64 26.48 -48.77
CA ASN C 768 -30.08 27.68 -49.36
C ASN C 768 -28.71 27.96 -48.74
N PHE C 769 -27.67 27.96 -49.59
CA PHE C 769 -26.31 28.21 -49.09
C PHE C 769 -26.16 29.64 -48.59
N GLU C 770 -26.74 30.60 -49.31
CA GLU C 770 -26.59 32.02 -48.99
C GLU C 770 -27.81 32.58 -48.27
N ALA C 771 -28.42 31.79 -47.39
CA ALA C 771 -29.59 32.24 -46.65
C ALA C 771 -29.23 33.42 -45.76
N LYS C 772 -30.18 34.34 -45.61
CA LYS C 772 -29.97 35.60 -44.90
C LYS C 772 -30.86 35.68 -43.68
N THR C 773 -30.38 36.39 -42.66
CA THR C 773 -31.11 36.64 -41.43
C THR C 773 -31.48 38.12 -41.35
N ASN C 774 -32.04 38.52 -40.20
CA ASN C 774 -32.28 39.94 -39.97
C ASN C 774 -30.95 40.70 -39.92
N SER C 775 -29.93 40.10 -39.32
CA SER C 775 -28.59 40.65 -39.33
C SER C 775 -27.76 40.15 -40.51
N GLY C 776 -28.32 39.26 -41.33
CA GLY C 776 -27.60 38.75 -42.48
C GLY C 776 -26.49 37.78 -42.17
N ALA C 777 -26.50 37.19 -40.97
CA ALA C 777 -25.43 36.29 -40.57
C ALA C 777 -25.48 35.00 -41.38
N THR C 778 -24.37 34.67 -42.02
CA THR C 778 -24.24 33.43 -42.77
C THR C 778 -23.91 32.27 -41.83
N PRO C 779 -24.20 31.03 -42.22
CA PRO C 779 -23.84 29.90 -41.37
C PRO C 779 -22.35 29.80 -41.10
N LEU C 780 -21.52 30.14 -42.11
CA LEU C 780 -20.08 30.18 -41.90
C LEU C 780 -19.71 31.27 -40.90
N HIS C 781 -20.39 32.42 -40.97
CA HIS C 781 -20.14 33.49 -40.01
C HIS C 781 -20.39 33.01 -38.58
N LEU C 782 -21.54 32.38 -38.34
CA LEU C 782 -21.86 31.89 -37.01
C LEU C 782 -20.88 30.80 -36.57
N ALA C 783 -20.52 29.90 -37.49
CA ALA C 783 -19.60 28.82 -37.15
C ALA C 783 -18.24 29.38 -36.72
N THR C 784 -17.75 30.41 -37.44
CA THR C 784 -16.51 31.05 -37.04
C THR C 784 -16.67 31.83 -35.73
N PHE C 785 -17.85 32.40 -35.49
CA PHE C 785 -18.08 33.11 -34.23
C PHE C 785 -17.99 32.15 -33.05
N LYS C 786 -18.59 30.96 -33.17
CA LYS C 786 -18.48 29.97 -32.10
C LYS C 786 -17.13 29.27 -32.11
N GLY C 787 -16.53 29.06 -33.27
CA GLY C 787 -15.25 28.41 -33.36
C GLY C 787 -15.29 26.90 -33.48
N LYS C 788 -16.42 26.33 -33.87
CA LYS C 788 -16.53 24.88 -34.04
C LYS C 788 -15.79 24.47 -35.31
N SER C 789 -14.69 23.74 -35.14
CA SER C 789 -13.84 23.41 -36.28
C SER C 789 -14.54 22.49 -37.28
N GLN C 790 -15.29 21.50 -36.77
CA GLN C 790 -15.91 20.52 -37.66
C GLN C 790 -16.94 21.17 -38.57
N ALA C 791 -17.72 22.12 -38.04
CA ALA C 791 -18.71 22.81 -38.86
C ALA C 791 -18.04 23.59 -39.99
N ALA C 792 -16.97 24.31 -39.67
CA ALA C 792 -16.24 25.05 -40.70
C ALA C 792 -15.65 24.10 -41.74
N LEU C 793 -15.08 22.99 -41.30
CA LEU C 793 -14.48 22.03 -42.23
C LEU C 793 -15.53 21.45 -43.18
N ILE C 794 -16.69 21.05 -42.65
CA ILE C 794 -17.72 20.48 -43.52
C ILE C 794 -18.31 21.55 -44.44
N LEU C 795 -18.43 22.79 -43.96
CA LEU C 795 -18.92 23.86 -44.83
C LEU C 795 -17.96 24.13 -45.97
N LEU C 796 -16.66 24.13 -45.68
CA LEU C 796 -15.67 24.31 -46.74
C LEU C 796 -15.65 23.13 -47.70
N ASN C 797 -15.84 21.91 -47.17
CA ASN C 797 -15.90 20.73 -48.04
C ASN C 797 -17.10 20.80 -48.97
N ASN C 798 -18.25 21.26 -48.46
CA ASN C 798 -19.43 21.42 -49.29
C ASN C 798 -19.38 22.66 -50.17
N GLU C 799 -18.35 23.50 -50.00
CA GLU C 799 -18.11 24.67 -50.86
C GLU C 799 -19.25 25.68 -50.76
N VAL C 800 -19.50 26.12 -49.53
CA VAL C 800 -20.46 27.20 -49.28
C VAL C 800 -19.76 28.53 -49.52
N ASN C 801 -20.41 29.40 -50.30
CA ASN C 801 -19.79 30.67 -50.68
C ASN C 801 -19.53 31.53 -49.44
N TRP C 802 -18.33 32.09 -49.37
CA TRP C 802 -17.90 32.95 -48.28
C TRP C 802 -18.05 34.43 -48.59
N ARG C 803 -18.57 34.78 -49.77
CA ARG C 803 -18.71 36.19 -50.13
C ARG C 803 -19.81 36.86 -49.30
N ASP C 804 -20.89 36.13 -49.01
CA ASP C 804 -22.01 36.70 -48.27
C ASP C 804 -21.57 37.15 -46.89
N THR C 805 -21.99 38.35 -46.50
CA THR C 805 -21.64 38.96 -45.23
C THR C 805 -22.91 39.26 -44.42
N ASP C 806 -22.70 39.75 -43.20
CA ASP C 806 -23.78 40.10 -42.30
C ASP C 806 -24.09 41.59 -42.41
N GLU C 807 -24.94 42.10 -41.51
CA GLU C 807 -25.26 43.53 -41.51
C GLU C 807 -24.03 44.36 -41.19
N ASN C 808 -23.19 43.89 -40.26
CA ASN C 808 -21.97 44.61 -39.91
C ASN C 808 -20.89 44.50 -40.98
N GLY C 809 -21.04 43.60 -41.94
CA GLY C 809 -20.03 43.41 -42.96
C GLY C 809 -18.79 42.67 -42.50
N GLN C 810 -18.81 42.10 -41.31
CA GLN C 810 -17.64 41.38 -40.80
C GLN C 810 -17.42 40.10 -41.59
N MET C 811 -16.17 39.87 -41.99
CA MET C 811 -15.81 38.63 -42.65
C MET C 811 -15.71 37.53 -41.59
N PRO C 812 -16.03 36.27 -41.94
CA PRO C 812 -15.91 35.19 -40.95
C PRO C 812 -14.50 34.97 -40.43
N ILE C 813 -13.47 35.43 -41.14
CA ILE C 813 -12.11 35.33 -40.61
C ILE C 813 -11.98 36.15 -39.34
N HIS C 814 -12.77 37.21 -39.19
CA HIS C 814 -12.76 37.99 -37.95
C HIS C 814 -13.23 37.14 -36.77
N GLY C 815 -14.33 36.40 -36.95
CA GLY C 815 -14.79 35.51 -35.91
C GLY C 815 -13.82 34.37 -35.65
N ALA C 816 -13.17 33.88 -36.72
CA ALA C 816 -12.15 32.85 -36.54
C ALA C 816 -11.00 33.36 -35.69
N ALA C 817 -10.58 34.60 -35.92
CA ALA C 817 -9.55 35.22 -35.08
C ALA C 817 -10.06 35.39 -33.65
N MET C 818 -11.33 35.77 -33.49
CA MET C 818 -11.92 35.86 -32.16
C MET C 818 -11.78 34.55 -31.41
N THR C 819 -12.16 33.44 -32.05
CA THR C 819 -12.02 32.14 -31.40
C THR C 819 -10.57 31.64 -31.42
N GLY C 820 -9.85 31.89 -32.51
CA GLY C 820 -8.46 31.48 -32.59
C GLY C 820 -8.24 30.18 -33.33
N LEU C 821 -8.89 30.03 -34.49
CA LEU C 821 -8.72 28.85 -35.34
C LEU C 821 -7.79 29.19 -36.49
N LEU C 822 -6.88 28.26 -36.79
CA LEU C 822 -5.84 28.47 -37.79
C LEU C 822 -6.14 27.79 -39.13
N ASP C 823 -6.59 26.53 -39.10
CA ASP C 823 -6.85 25.80 -40.33
C ASP C 823 -7.79 26.58 -41.24
N VAL C 824 -8.79 27.26 -40.66
CA VAL C 824 -9.65 28.12 -41.46
C VAL C 824 -8.84 29.27 -42.05
N ALA C 825 -7.82 29.76 -41.34
CA ALA C 825 -7.00 30.84 -41.88
C ALA C 825 -6.22 30.38 -43.12
N GLN C 826 -5.54 29.23 -43.03
CA GLN C 826 -4.88 28.73 -44.22
C GLN C 826 -5.87 28.44 -45.35
N ALA C 827 -7.05 27.89 -45.01
CA ALA C 827 -8.03 27.59 -46.05
C ALA C 827 -8.49 28.86 -46.77
N ILE C 828 -8.80 29.92 -46.00
CA ILE C 828 -9.29 31.15 -46.62
C ILE C 828 -8.18 31.86 -47.39
N ILE C 829 -6.93 31.79 -46.92
CA ILE C 829 -5.84 32.37 -47.69
C ILE C 829 -5.63 31.60 -48.98
N SER C 830 -5.75 30.27 -48.94
CA SER C 830 -5.64 29.48 -50.16
C SER C 830 -6.75 29.82 -51.15
N ILE C 831 -7.98 29.98 -50.66
CA ILE C 831 -9.08 30.36 -51.53
C ILE C 831 -8.87 31.77 -52.08
N ASP C 832 -8.48 32.71 -51.21
CA ASP C 832 -8.27 34.09 -51.65
C ASP C 832 -7.29 34.75 -50.70
N ALA C 833 -6.16 35.22 -51.23
CA ALA C 833 -5.16 35.91 -50.42
C ALA C 833 -5.50 37.38 -50.18
N THR C 834 -6.53 37.91 -50.84
CA THR C 834 -6.91 39.31 -50.64
C THR C 834 -7.49 39.54 -49.25
N VAL C 835 -8.11 38.52 -48.66
CA VAL C 835 -8.79 38.68 -47.37
C VAL C 835 -7.83 38.96 -46.22
N VAL C 836 -6.52 38.97 -46.47
CA VAL C 836 -5.57 39.26 -45.40
C VAL C 836 -5.73 40.69 -44.89
N ASP C 837 -6.12 41.61 -45.77
CA ASP C 837 -6.28 43.02 -45.39
C ASP C 837 -7.73 43.49 -45.56
N ILE C 838 -8.70 42.58 -45.52
CA ILE C 838 -10.10 42.97 -45.65
C ILE C 838 -10.55 43.65 -44.36
N GLU C 839 -11.46 44.62 -44.51
CA GLU C 839 -11.95 45.39 -43.38
C GLU C 839 -13.46 45.53 -43.46
N ASP C 840 -14.12 45.50 -42.31
CA ASP C 840 -15.55 45.73 -42.20
C ASP C 840 -15.80 47.22 -41.95
N LYS C 841 -17.03 47.57 -41.58
CA LYS C 841 -17.32 48.96 -41.22
C LYS C 841 -16.54 49.40 -39.99
N ASN C 842 -16.11 48.45 -39.15
CA ASN C 842 -15.22 48.79 -38.04
C ASN C 842 -13.86 49.25 -38.52
N SER C 843 -13.49 48.95 -39.76
CA SER C 843 -12.24 49.34 -40.40
C SER C 843 -11.01 48.77 -39.70
N ASP C 844 -11.19 47.74 -38.87
CA ASP C 844 -10.08 47.13 -38.16
C ASP C 844 -9.59 45.90 -38.93
N THR C 845 -8.29 45.85 -39.19
CA THR C 845 -7.72 44.73 -39.92
C THR C 845 -7.77 43.45 -39.08
N PRO C 846 -7.87 42.30 -39.73
CA PRO C 846 -7.85 41.03 -38.96
C PRO C 846 -6.56 40.84 -38.17
N LEU C 847 -5.45 41.41 -38.63
CA LEU C 847 -4.20 41.30 -37.89
C LEU C 847 -4.31 41.99 -36.54
N ASN C 848 -4.93 43.17 -36.49
CA ASN C 848 -5.10 43.88 -35.23
C ASN C 848 -5.97 43.08 -34.26
N LEU C 849 -7.07 42.51 -34.76
CA LEU C 849 -7.94 41.70 -33.91
C LEU C 849 -7.21 40.47 -33.40
N ALA C 850 -6.44 39.81 -34.27
CA ALA C 850 -5.68 38.64 -33.85
C ALA C 850 -4.65 39.00 -32.79
N ALA C 851 -3.99 40.15 -32.95
CA ALA C 851 -3.05 40.62 -31.94
C ALA C 851 -3.74 40.90 -30.62
N GLN C 852 -4.94 41.49 -30.66
CA GLN C 852 -5.67 41.75 -29.44
C GLN C 852 -6.12 40.46 -28.76
N ASN C 853 -6.45 39.43 -29.54
CA ASN C 853 -6.89 38.16 -28.98
C ASN C 853 -5.77 37.36 -28.33
N SER C 854 -4.51 37.74 -28.56
CA SER C 854 -3.36 37.10 -27.92
C SER C 854 -3.26 35.62 -28.28
N HIS C 855 -3.29 35.33 -29.57
CA HIS C 855 -3.06 33.98 -30.09
C HIS C 855 -1.76 33.97 -30.87
N ILE C 856 -0.85 33.08 -30.48
CA ILE C 856 0.48 33.07 -31.09
C ILE C 856 0.42 32.60 -32.54
N ASP C 857 -0.38 31.56 -32.81
CA ASP C 857 -0.35 30.93 -34.12
C ASP C 857 -0.80 31.88 -35.23
N VAL C 858 -1.91 32.60 -35.00
CA VAL C 858 -2.42 33.49 -36.02
C VAL C 858 -1.47 34.64 -36.28
N ILE C 859 -0.89 35.21 -35.22
CA ILE C 859 0.04 36.33 -35.39
C ILE C 859 1.27 35.87 -36.17
N LYS C 860 1.81 34.70 -35.80
CA LYS C 860 2.95 34.16 -36.54
C LYS C 860 2.58 33.93 -38.00
N TYR C 861 1.35 33.48 -38.27
CA TYR C 861 0.93 33.25 -39.64
C TYR C 861 0.88 34.55 -40.43
N PHE C 862 0.16 35.55 -39.91
CA PHE C 862 0.07 36.83 -40.62
C PHE C 862 1.42 37.50 -40.80
N ILE C 863 2.37 37.28 -39.89
CA ILE C 863 3.71 37.80 -40.17
C ILE C 863 4.47 36.90 -41.13
N ASP C 864 4.07 35.63 -41.27
CA ASP C 864 4.63 34.81 -42.34
C ASP C 864 4.24 35.36 -43.71
N GLN C 865 2.98 35.77 -43.89
CA GLN C 865 2.67 36.56 -45.08
C GLN C 865 3.16 37.99 -44.92
N GLY C 866 3.22 38.50 -43.69
CA GLY C 866 3.75 39.84 -43.46
C GLY C 866 2.80 40.93 -43.92
N ALA C 867 1.65 41.05 -43.25
CA ALA C 867 0.68 42.08 -43.60
C ALA C 867 1.26 43.46 -43.30
N ASP C 868 0.74 44.47 -44.01
CA ASP C 868 1.23 45.83 -43.86
C ASP C 868 1.03 46.32 -42.43
N ILE C 869 2.08 46.92 -41.86
CA ILE C 869 2.02 47.42 -40.49
C ILE C 869 1.48 48.83 -40.39
N ASN C 870 1.36 49.54 -41.52
CA ASN C 870 0.85 50.91 -41.52
C ASN C 870 -0.67 50.97 -41.57
N THR C 871 -1.36 49.84 -41.70
CA THR C 871 -2.81 49.84 -41.73
C THR C 871 -3.37 50.21 -40.37
N ARG C 872 -4.30 51.16 -40.36
CA ARG C 872 -4.91 51.64 -39.12
C ARG C 872 -6.42 51.71 -39.27
N ASN C 873 -7.12 51.54 -38.16
CA ASN C 873 -8.57 51.67 -38.12
C ASN C 873 -8.94 53.11 -37.76
N LYS C 874 -10.23 53.35 -37.50
CA LYS C 874 -10.64 54.68 -37.07
C LYS C 874 -10.07 55.01 -35.68
N LYS C 875 -9.91 54.00 -34.83
CA LYS C 875 -9.29 54.23 -33.53
C LYS C 875 -7.78 54.38 -33.64
N GLY C 876 -7.19 53.93 -34.75
CA GLY C 876 -5.76 54.04 -34.94
C GLY C 876 -4.92 53.01 -34.22
N LEU C 877 -5.54 51.93 -33.73
CA LEU C 877 -4.79 50.89 -33.03
C LEU C 877 -3.84 50.17 -33.98
N ALA C 878 -2.64 49.88 -33.49
CA ALA C 878 -1.62 49.18 -34.25
C ALA C 878 -1.31 47.82 -33.61
N PRO C 879 -0.83 46.85 -34.39
CA PRO C 879 -0.47 45.56 -33.80
C PRO C 879 0.58 45.66 -32.72
N LEU C 880 1.54 46.58 -32.86
CA LEU C 880 2.57 46.75 -31.85
C LEU C 880 1.99 47.16 -30.51
N LEU C 881 0.91 47.95 -30.52
CA LEU C 881 0.23 48.31 -29.28
C LEU C 881 -0.30 47.07 -28.58
N ALA C 882 -0.93 46.16 -29.33
CA ALA C 882 -1.45 44.94 -28.73
C ALA C 882 -0.33 44.04 -28.24
N PHE C 883 0.78 43.99 -28.98
CA PHE C 883 1.93 43.20 -28.53
C PHE C 883 2.49 43.76 -27.22
N SER C 884 2.55 45.09 -27.10
CA SER C 884 2.97 45.69 -25.84
C SER C 884 1.98 45.37 -24.72
N LYS C 885 0.69 45.37 -25.03
CA LYS C 885 -0.31 45.01 -24.03
C LYS C 885 -0.10 43.58 -23.54
N LYS C 886 0.18 42.65 -24.48
CA LYS C 886 0.47 41.28 -24.08
C LYS C 886 1.83 41.19 -23.40
N GLY C 887 2.82 41.92 -23.91
CA GLY C 887 4.12 41.99 -23.28
C GLY C 887 5.09 40.89 -23.65
N ASN C 888 4.79 40.09 -24.66
CA ASN C 888 5.72 39.04 -25.08
C ASN C 888 6.92 39.66 -25.79
N LEU C 889 8.12 39.30 -25.34
CA LEU C 889 9.34 39.89 -25.88
C LEU C 889 9.66 39.38 -27.28
N ASP C 890 9.14 38.21 -27.67
CA ASP C 890 9.45 37.65 -28.97
C ASP C 890 8.86 38.49 -30.10
N MET C 891 7.55 38.79 -30.01
CA MET C 891 6.95 39.68 -31.00
C MET C 891 7.59 41.06 -30.94
N VAL C 892 7.97 41.51 -29.74
CA VAL C 892 8.62 42.81 -29.60
C VAL C 892 9.92 42.84 -30.38
N LYS C 893 10.71 41.76 -30.31
CA LYS C 893 11.99 41.77 -31.01
C LYS C 893 11.79 41.63 -32.52
N TYR C 894 10.79 40.86 -32.98
CA TYR C 894 10.48 40.90 -34.41
C TYR C 894 10.10 42.30 -34.87
N LEU C 895 9.23 42.99 -34.13
CA LEU C 895 8.82 44.34 -34.55
C LEU C 895 9.98 45.32 -34.52
N PHE C 896 10.88 45.20 -33.54
CA PHE C 896 12.01 46.12 -33.49
C PHE C 896 13.05 45.80 -34.56
N ASP C 897 13.21 44.52 -34.94
CA ASP C 897 14.10 44.20 -36.04
C ASP C 897 13.50 44.60 -37.38
N LYS C 898 12.17 44.64 -37.48
CA LYS C 898 11.51 45.12 -38.68
C LYS C 898 11.70 46.62 -38.89
N ASN C 899 12.20 47.34 -37.87
CA ASN C 899 12.42 48.78 -37.94
C ASN C 899 11.13 49.55 -38.17
N ALA C 900 10.02 49.02 -37.68
CA ALA C 900 8.75 49.74 -37.74
C ALA C 900 8.80 50.96 -36.84
N ASN C 901 8.20 52.05 -37.33
CA ASN C 901 8.22 53.30 -36.57
C ASN C 901 7.43 53.15 -35.27
N VAL C 902 8.00 53.66 -34.18
CA VAL C 902 7.34 53.65 -32.88
C VAL C 902 6.64 54.96 -32.57
N TYR C 903 6.66 55.92 -33.50
CA TYR C 903 6.03 57.21 -33.32
C TYR C 903 4.64 57.28 -33.93
N ILE C 904 4.02 56.12 -34.19
CA ILE C 904 2.71 56.10 -34.81
C ILE C 904 1.68 56.74 -33.89
N ALA C 905 0.81 57.57 -34.46
CA ALA C 905 -0.20 58.28 -33.71
C ALA C 905 -1.55 58.15 -34.41
N ASP C 906 -2.61 58.08 -33.60
CA ASP C 906 -3.97 57.97 -34.12
C ASP C 906 -4.57 59.36 -34.30
N ASN C 907 -5.88 59.42 -34.52
CA ASN C 907 -6.55 60.72 -34.62
C ASN C 907 -6.47 61.48 -33.31
N ASP C 908 -6.52 60.77 -32.19
CA ASP C 908 -6.36 61.42 -30.88
C ASP C 908 -4.97 62.01 -30.73
N GLY C 909 -3.94 61.31 -31.21
CA GLY C 909 -2.57 61.79 -31.14
C GLY C 909 -1.69 61.00 -30.20
N MET C 910 -2.22 60.03 -29.47
CA MET C 910 -1.40 59.22 -28.58
C MET C 910 -0.46 58.33 -29.37
N ASN C 911 0.72 58.08 -28.79
CA ASN C 911 1.76 57.30 -29.44
C ASN C 911 1.99 55.99 -28.71
N PHE C 912 2.81 55.14 -29.31
CA PHE C 912 3.12 53.84 -28.73
C PHE C 912 3.91 53.96 -27.43
N PHE C 913 4.77 54.98 -27.32
CA PHE C 913 5.65 55.10 -26.16
C PHE C 913 4.85 55.26 -24.87
N TYR C 914 3.78 56.06 -24.91
CA TYR C 914 2.98 56.28 -23.70
C TYR C 914 2.33 54.98 -23.23
N TYR C 915 1.75 54.21 -24.15
CA TYR C 915 1.16 52.94 -23.77
C TYR C 915 2.22 51.96 -23.26
N ALA C 916 3.39 51.96 -23.88
CA ALA C 916 4.47 51.09 -23.43
C ALA C 916 4.89 51.43 -22.01
N VAL C 917 4.98 52.72 -21.70
CA VAL C 917 5.34 53.13 -20.34
C VAL C 917 4.21 52.80 -19.36
N GLN C 918 2.96 52.96 -19.80
CA GLN C 918 1.83 52.61 -18.95
C GLN C 918 1.82 51.14 -18.60
N ASN C 919 2.18 50.28 -19.55
CA ASN C 919 2.22 48.84 -19.29
C ASN C 919 3.24 48.50 -18.21
N GLY C 920 4.30 49.29 -18.11
CA GLY C 920 5.33 49.05 -17.09
C GLY C 920 6.11 47.77 -17.28
N HIS C 921 6.50 47.47 -18.51
CA HIS C 921 7.28 46.27 -18.83
C HIS C 921 8.74 46.67 -19.01
N LEU C 922 9.59 46.20 -18.10
CA LEU C 922 10.96 46.70 -18.04
C LEU C 922 11.86 46.13 -19.12
N ASN C 923 11.71 44.83 -19.45
CA ASN C 923 12.69 44.20 -20.34
C ASN C 923 12.49 44.63 -21.80
N ILE C 924 11.26 44.91 -22.21
CA ILE C 924 11.06 45.56 -23.51
C ILE C 924 11.79 46.88 -23.56
N VAL C 925 11.74 47.64 -22.46
CA VAL C 925 12.41 48.94 -22.42
C VAL C 925 13.93 48.78 -22.48
N LYS C 926 14.47 47.76 -21.79
CA LYS C 926 15.90 47.48 -21.89
C LYS C 926 16.29 47.10 -23.30
N TYR C 927 15.52 46.23 -23.95
CA TYR C 927 15.86 45.84 -25.31
C TYR C 927 15.70 47.02 -26.28
N ALA C 928 14.81 47.96 -25.98
CA ALA C 928 14.65 49.14 -26.80
C ALA C 928 15.85 50.07 -26.65
N MET C 929 16.28 50.33 -25.42
CA MET C 929 17.45 51.18 -25.22
C MET C 929 18.75 50.50 -25.65
N SER C 930 18.74 49.17 -25.80
CA SER C 930 19.94 48.49 -26.29
C SER C 930 20.28 48.95 -27.70
N GLU C 931 19.27 49.13 -28.55
CA GLU C 931 19.46 49.65 -29.90
C GLU C 931 19.18 51.16 -29.86
N LYS C 932 20.23 51.92 -29.53
CA LYS C 932 20.11 53.37 -29.41
C LYS C 932 20.00 54.07 -30.76
N ASP C 933 20.25 53.36 -31.87
CA ASP C 933 20.19 53.99 -33.18
C ASP C 933 18.75 54.27 -33.59
N LYS C 934 17.82 53.36 -33.27
CA LYS C 934 16.44 53.54 -33.70
C LYS C 934 15.70 54.59 -32.87
N PHE C 935 16.00 54.71 -31.58
CA PHE C 935 15.34 55.67 -30.70
C PHE C 935 16.40 56.51 -30.00
N GLU C 936 16.21 57.82 -30.03
CA GLU C 936 17.16 58.76 -29.44
C GLU C 936 16.50 59.49 -28.27
N TRP C 937 17.18 59.52 -27.13
CA TRP C 937 16.61 60.17 -25.94
C TRP C 937 16.62 61.68 -26.08
N SER C 938 17.66 62.24 -26.72
CA SER C 938 17.75 63.69 -26.87
C SER C 938 16.64 64.22 -27.76
N ASN C 939 16.33 63.50 -28.85
CA ASN C 939 15.25 63.91 -29.74
C ASN C 939 13.92 63.81 -29.03
N THR C 940 13.01 64.72 -29.35
CA THR C 940 11.69 64.78 -28.73
C THR C 940 10.62 64.90 -29.81
N ASP C 941 9.50 64.21 -29.59
CA ASP C 941 8.40 64.26 -30.54
C ASP C 941 7.82 65.67 -30.61
N ASN C 942 7.58 66.13 -31.85
CA ASN C 942 7.11 67.50 -32.04
C ASN C 942 5.67 67.68 -31.60
N ASN C 943 4.83 66.64 -31.76
CA ASN C 943 3.43 66.75 -31.38
C ASN C 943 3.29 67.00 -29.88
N ARG C 944 4.11 66.32 -29.07
CA ARG C 944 4.07 66.54 -27.63
C ARG C 944 4.55 67.94 -27.26
N ARG C 945 5.51 68.48 -28.02
CA ARG C 945 5.89 69.88 -27.82
C ARG C 945 4.74 70.81 -28.15
N ASP C 946 3.99 70.52 -29.20
CA ASP C 946 2.82 71.34 -29.54
C ASP C 946 1.77 71.25 -28.44
N GLU C 947 1.54 70.07 -27.89
CA GLU C 947 0.54 69.91 -26.83
C GLU C 947 0.97 70.57 -25.53
N CYS C 948 2.27 70.77 -25.32
CA CYS C 948 2.80 71.42 -24.13
C CYS C 948 3.78 72.51 -24.55
N PRO C 949 3.28 73.61 -25.12
CA PRO C 949 4.18 74.69 -25.56
C PRO C 949 4.99 75.31 -24.43
N ASN C 950 4.43 75.39 -23.22
CA ASN C 950 5.14 76.03 -22.12
C ASN C 950 6.31 75.18 -21.66
N GLU C 951 6.13 73.86 -21.58
CA GLU C 951 7.16 72.96 -21.07
C GLU C 951 7.70 72.14 -22.23
N GLU C 952 8.94 72.41 -22.62
CA GLU C 952 9.59 71.68 -23.72
C GLU C 952 10.29 70.44 -23.17
N CYS C 953 9.51 69.59 -22.53
CA CYS C 953 10.03 68.37 -21.92
C CYS C 953 10.49 67.38 -22.98
N ALA C 954 11.62 66.74 -22.73
CA ALA C 954 12.13 65.70 -23.61
C ALA C 954 11.34 64.41 -23.39
N ILE C 955 11.59 63.42 -24.26
CA ILE C 955 10.89 62.15 -24.14
C ILE C 955 11.27 61.45 -22.84
N SER C 956 12.57 61.40 -22.52
CA SER C 956 13.00 60.79 -21.27
C SER C 956 12.52 61.59 -20.06
N HIS C 957 12.64 62.92 -20.14
CA HIS C 957 12.22 63.77 -19.03
C HIS C 957 10.72 63.62 -18.76
N PHE C 958 9.90 63.77 -19.79
CA PHE C 958 8.46 63.67 -19.60
C PHE C 958 8.04 62.26 -19.27
N ALA C 959 8.79 61.26 -19.74
CA ALA C 959 8.52 59.88 -19.38
C ALA C 959 8.76 59.63 -17.88
N VAL C 960 9.86 60.17 -17.35
CA VAL C 960 10.13 60.05 -15.92
C VAL C 960 9.04 60.78 -15.13
N CYS C 961 8.63 61.96 -15.59
CA CYS C 961 7.57 62.69 -14.91
C CYS C 961 6.25 61.91 -14.93
N ASP C 962 5.94 61.27 -16.05
CA ASP C 962 4.74 60.44 -16.14
C ASP C 962 4.84 59.23 -15.21
N ALA C 963 6.02 58.62 -15.13
CA ALA C 963 6.22 57.50 -14.21
C ALA C 963 5.99 57.94 -12.77
N VAL C 964 6.44 59.15 -12.43
CA VAL C 964 6.10 59.72 -11.13
C VAL C 964 4.59 59.88 -11.00
N GLN C 965 3.92 60.29 -12.09
CA GLN C 965 2.47 60.43 -12.08
C GLN C 965 1.78 59.08 -11.94
N PHE C 966 2.39 58.02 -12.48
CA PHE C 966 1.78 56.69 -12.45
C PHE C 966 1.72 56.09 -11.05
N ASP C 967 2.38 56.71 -10.07
CA ASP C 967 2.37 56.31 -8.66
C ASP C 967 3.02 54.96 -8.42
N ARG C 968 3.75 54.42 -9.40
CA ARG C 968 4.49 53.17 -9.24
C ARG C 968 5.93 53.52 -8.90
N ILE C 969 6.32 53.27 -7.64
CA ILE C 969 7.65 53.64 -7.18
C ILE C 969 8.72 52.82 -7.91
N GLU C 970 8.42 51.56 -8.23
CA GLU C 970 9.39 50.71 -8.90
C GLU C 970 9.77 51.27 -10.26
N ILE C 971 8.79 51.76 -11.02
CA ILE C 971 9.09 52.33 -12.33
C ILE C 971 9.90 53.62 -12.20
N VAL C 972 9.56 54.44 -11.20
CA VAL C 972 10.31 55.68 -10.98
C VAL C 972 11.76 55.38 -10.65
N LYS C 973 12.00 54.39 -9.77
CA LYS C 973 13.37 54.03 -9.44
C LYS C 973 14.08 53.35 -10.61
N TYR C 974 13.34 52.63 -11.44
CA TYR C 974 13.91 52.11 -12.69
C TYR C 974 14.45 53.24 -13.56
N PHE C 975 13.63 54.25 -13.81
CA PHE C 975 14.09 55.38 -14.61
C PHE C 975 15.22 56.13 -13.92
N VAL C 976 15.17 56.25 -12.59
CA VAL C 976 16.26 56.90 -11.86
C VAL C 976 17.56 56.16 -12.06
N GLY C 977 17.53 54.83 -12.01
CA GLY C 977 18.72 54.05 -12.28
C GLY C 977 19.20 54.21 -13.70
N THR C 978 18.28 54.22 -14.67
CA THR C 978 18.69 54.38 -16.06
C THR C 978 19.13 55.81 -16.35
N LEU C 979 18.39 56.80 -15.87
CA LEU C 979 18.69 58.20 -16.16
C LEU C 979 19.81 58.72 -15.24
N GLY C 980 20.73 59.48 -15.82
CA GLY C 980 21.88 59.94 -15.07
C GLY C 980 21.53 60.89 -13.94
N ASN C 981 20.66 61.87 -14.20
CA ASN C 981 20.30 62.89 -13.22
C ASN C 981 18.78 62.96 -13.15
N PHE C 982 18.23 62.57 -12.00
CA PHE C 982 16.78 62.55 -11.81
C PHE C 982 16.21 63.91 -11.44
N ALA C 983 17.05 64.91 -11.21
CA ALA C 983 16.58 66.23 -10.80
C ALA C 983 16.03 67.06 -11.95
N ILE C 984 16.18 66.62 -13.19
CA ILE C 984 15.69 67.38 -14.33
C ILE C 984 14.17 67.41 -14.36
N CYS C 985 13.53 66.26 -14.06
CA CYS C 985 12.08 66.21 -14.06
C CYS C 985 11.48 66.97 -12.87
N GLY C 986 12.24 67.09 -11.79
CA GLY C 986 11.74 67.70 -10.58
C GLY C 986 10.62 66.87 -9.98
N PRO C 987 10.95 65.67 -9.49
CA PRO C 987 9.90 64.76 -9.01
C PRO C 987 9.14 65.30 -7.81
N LEU C 988 9.72 66.22 -7.04
CA LEU C 988 9.02 66.73 -5.86
C LEU C 988 7.82 67.57 -6.24
N HIS C 989 7.98 68.52 -7.16
CA HIS C 989 6.85 69.35 -7.58
C HIS C 989 5.78 68.52 -8.27
N GLN C 990 6.19 67.59 -9.14
CA GLN C 990 5.23 66.74 -9.82
C GLN C 990 4.46 65.89 -8.80
N ALA C 991 5.16 65.28 -7.85
CA ALA C 991 4.51 64.44 -6.85
C ALA C 991 3.56 65.26 -5.99
N ALA C 992 3.93 66.49 -5.65
CA ALA C 992 3.01 67.37 -4.93
C ALA C 992 1.77 67.66 -5.76
N ARG C 993 1.94 67.85 -7.07
CA ARG C 993 0.79 68.02 -7.95
C ARG C 993 -0.10 66.78 -7.93
N TYR C 994 0.51 65.59 -7.95
CA TYR C 994 -0.26 64.34 -7.97
C TYR C 994 -0.71 63.91 -6.57
N GLY C 995 -0.15 64.50 -5.53
CA GLY C 995 -0.58 64.22 -4.16
C GLY C 995 -0.34 62.79 -3.70
N HIS C 996 0.86 62.27 -3.93
CA HIS C 996 1.24 60.93 -3.48
C HIS C 996 2.11 61.06 -2.23
N LEU C 997 1.66 60.46 -1.12
CA LEU C 997 2.40 60.55 0.13
C LEU C 997 3.71 59.77 0.05
N ASP C 998 3.65 58.52 -0.43
CA ASP C 998 4.83 57.66 -0.39
C ASP C 998 5.96 58.21 -1.24
N ILE C 999 5.65 58.68 -2.45
CA ILE C 999 6.68 59.22 -3.34
C ILE C 999 7.31 60.46 -2.71
N VAL C 1000 6.49 61.34 -2.15
CA VAL C 1000 7.00 62.58 -1.56
C VAL C 1000 7.92 62.26 -0.38
N LYS C 1001 7.48 61.35 0.50
CA LYS C 1001 8.30 60.98 1.63
C LYS C 1001 9.61 60.34 1.19
N TYR C 1002 9.54 59.46 0.19
CA TYR C 1002 10.76 58.78 -0.27
C TYR C 1002 11.75 59.76 -0.88
N LEU C 1003 11.25 60.73 -1.66
CA LEU C 1003 12.15 61.69 -2.28
C LEU C 1003 12.70 62.69 -1.26
N VAL C 1004 11.92 63.05 -0.25
CA VAL C 1004 12.42 63.97 0.77
C VAL C 1004 13.47 63.29 1.63
N GLU C 1005 13.23 62.04 2.03
CA GLU C 1005 14.15 61.37 2.95
C GLU C 1005 15.35 60.78 2.21
N GLU C 1006 15.10 59.86 1.28
CA GLU C 1006 16.18 59.09 0.68
C GLU C 1006 16.84 59.79 -0.50
N GLU C 1007 16.10 60.62 -1.25
CA GLU C 1007 16.68 61.34 -2.37
C GLU C 1007 17.27 62.68 -1.97
N PHE C 1008 17.05 63.13 -0.73
CA PHE C 1008 17.62 64.38 -0.21
C PHE C 1008 17.25 65.57 -1.10
N LEU C 1009 16.01 65.59 -1.58
CA LEU C 1009 15.55 66.71 -2.40
C LEU C 1009 15.24 67.91 -1.50
N SER C 1010 15.76 69.08 -1.89
CA SER C 1010 15.53 70.29 -1.13
C SER C 1010 14.06 70.68 -1.20
N VAL C 1011 13.50 71.08 -0.04
CA VAL C 1011 12.08 71.41 0.02
C VAL C 1011 11.78 72.66 -0.79
N ASP C 1012 12.70 73.62 -0.80
CA ASP C 1012 12.47 74.85 -1.57
C ASP C 1012 12.51 74.57 -3.06
N GLY C 1013 13.48 73.78 -3.52
CA GLY C 1013 13.60 73.46 -4.92
C GLY C 1013 14.29 74.55 -5.71
N SER C 1014 14.60 74.22 -6.97
CA SER C 1014 15.24 75.20 -7.85
C SER C 1014 14.29 76.36 -8.16
N LYS C 1015 13.03 76.06 -8.44
CA LYS C 1015 12.05 77.10 -8.73
C LYS C 1015 11.62 77.81 -7.46
N THR C 1016 11.15 79.05 -7.63
CA THR C 1016 10.68 79.83 -6.48
C THR C 1016 9.37 79.30 -5.92
N ASP C 1017 8.64 78.48 -6.68
CA ASP C 1017 7.39 77.90 -6.22
C ASP C 1017 7.68 76.60 -5.47
N THR C 1018 7.24 76.52 -4.22
CA THR C 1018 7.47 75.33 -3.42
C THR C 1018 6.40 74.28 -3.71
N PRO C 1019 6.75 73.00 -3.57
CA PRO C 1019 5.73 71.94 -3.74
C PRO C 1019 4.60 72.02 -2.72
N LEU C 1020 4.82 72.68 -1.59
CA LEU C 1020 3.77 72.83 -0.59
C LEU C 1020 2.57 73.59 -1.15
N CYS C 1021 2.81 74.54 -2.05
CA CYS C 1021 1.70 75.22 -2.71
C CYS C 1021 0.87 74.26 -3.55
N TYR C 1022 1.55 73.38 -4.29
CA TYR C 1022 0.82 72.38 -5.08
C TYR C 1022 0.03 71.45 -4.18
N ALA C 1023 0.64 71.01 -3.07
CA ALA C 1023 -0.06 70.11 -2.15
C ALA C 1023 -1.28 70.80 -1.54
N SER C 1024 -1.15 72.07 -1.18
CA SER C 1024 -2.29 72.82 -0.65
C SER C 1024 -3.39 72.96 -1.70
N GLU C 1025 -3.00 73.19 -2.96
CA GLU C 1025 -4.01 73.30 -4.02
C GLU C 1025 -4.75 71.98 -4.20
N ASN C 1026 -4.03 70.86 -4.21
CA ASN C 1026 -4.67 69.56 -4.37
C ASN C 1026 -5.51 69.19 -3.16
N GLY C 1027 -5.09 69.59 -1.97
CA GLY C 1027 -5.83 69.31 -0.76
C GLY C 1027 -5.57 67.97 -0.12
N HIS C 1028 -4.57 67.23 -0.60
CA HIS C 1028 -4.22 65.96 0.04
C HIS C 1028 -3.75 66.21 1.47
N PHE C 1029 -4.27 65.40 2.41
CA PHE C 1029 -4.02 65.66 3.82
C PHE C 1029 -2.60 65.29 4.21
N THR C 1030 -2.24 64.02 4.08
CA THR C 1030 -0.97 63.54 4.58
C THR C 1030 0.21 64.21 3.89
N VAL C 1031 0.08 64.51 2.60
CA VAL C 1031 1.15 65.21 1.89
C VAL C 1031 1.39 66.59 2.49
N VAL C 1032 0.31 67.32 2.77
CA VAL C 1032 0.45 68.65 3.37
C VAL C 1032 1.04 68.56 4.76
N GLN C 1033 0.58 67.61 5.57
CA GLN C 1033 1.14 67.46 6.92
C GLN C 1033 2.62 67.12 6.87
N TYR C 1034 3.00 66.21 5.97
CA TYR C 1034 4.41 65.82 5.86
C TYR C 1034 5.27 66.99 5.39
N LEU C 1035 4.77 67.76 4.41
CA LEU C 1035 5.53 68.91 3.93
C LEU C 1035 5.67 69.97 5.01
N VAL C 1036 4.63 70.17 5.82
CA VAL C 1036 4.72 71.10 6.95
C VAL C 1036 5.77 70.60 7.95
N SER C 1037 5.75 69.30 8.23
CA SER C 1037 6.74 68.73 9.15
C SER C 1037 8.15 68.83 8.59
N ASN C 1038 8.30 68.87 7.27
CA ASN C 1038 9.62 69.01 6.66
C ASN C 1038 10.24 70.38 6.89
N GLY C 1039 9.48 71.35 7.40
CA GLY C 1039 9.97 72.70 7.60
C GLY C 1039 9.51 73.69 6.56
N ALA C 1040 8.83 73.24 5.51
CA ALA C 1040 8.31 74.16 4.50
C ALA C 1040 7.22 75.03 5.10
N LYS C 1041 7.20 76.29 4.69
CA LYS C 1041 6.27 77.28 5.23
C LYS C 1041 5.18 77.60 4.21
N VAL C 1042 3.95 77.73 4.70
CA VAL C 1042 2.84 78.16 3.85
C VAL C 1042 2.80 79.67 3.65
N ASN C 1043 3.56 80.43 4.45
CA ASN C 1043 3.55 81.87 4.32
C ASN C 1043 4.26 82.34 3.06
N HIS C 1044 5.23 81.56 2.56
CA HIS C 1044 5.97 81.95 1.37
C HIS C 1044 5.03 82.02 0.17
N ASP C 1045 5.16 83.10 -0.60
CA ASP C 1045 4.28 83.32 -1.75
C ASP C 1045 4.54 82.28 -2.83
N CYS C 1046 3.47 81.82 -3.47
CA CYS C 1046 3.56 80.84 -4.54
C CYS C 1046 3.76 81.48 -5.91
N GLY C 1047 3.91 82.78 -5.97
CA GLY C 1047 4.09 83.47 -7.23
C GLY C 1047 2.83 84.18 -7.67
N ASN C 1048 3.02 85.31 -8.37
CA ASN C 1048 1.93 86.15 -8.86
C ASN C 1048 1.04 86.65 -7.73
N GLY C 1049 1.57 86.73 -6.51
CA GLY C 1049 0.80 87.17 -5.37
C GLY C 1049 -0.37 86.27 -5.04
N MET C 1050 -0.18 84.96 -5.15
CA MET C 1050 -1.25 83.98 -4.92
C MET C 1050 -0.85 83.16 -3.70
N THR C 1051 -1.44 83.46 -2.55
CA THR C 1051 -1.08 82.78 -1.32
C THR C 1051 -1.66 81.37 -1.28
N ALA C 1052 -0.95 80.48 -0.58
CA ALA C 1052 -1.41 79.09 -0.48
C ALA C 1052 -2.72 78.99 0.28
N ILE C 1053 -2.89 79.78 1.34
CA ILE C 1053 -4.10 79.68 2.16
C ILE C 1053 -5.33 80.08 1.36
N ASP C 1054 -5.26 81.18 0.61
CA ASP C 1054 -6.42 81.64 -0.14
C ASP C 1054 -6.81 80.64 -1.23
N LYS C 1055 -5.83 80.10 -1.96
CA LYS C 1055 -6.15 79.13 -3.00
C LYS C 1055 -6.68 77.83 -2.40
N ALA C 1056 -6.14 77.41 -1.25
CA ALA C 1056 -6.68 76.24 -0.56
C ALA C 1056 -8.13 76.46 -0.13
N ILE C 1057 -8.44 77.67 0.34
CA ILE C 1057 -9.83 78.00 0.68
C ILE C 1057 -10.71 77.94 -0.55
N THR C 1058 -10.23 78.48 -1.68
CA THR C 1058 -11.00 78.43 -2.91
C THR C 1058 -11.22 76.98 -3.36
N LYS C 1059 -10.30 76.07 -3.03
CA LYS C 1059 -10.51 74.66 -3.33
C LYS C 1059 -11.61 74.03 -2.48
N ASN C 1060 -12.09 74.72 -1.45
CA ASN C 1060 -13.22 74.28 -0.64
C ASN C 1060 -12.92 72.96 0.08
N HIS C 1061 -11.89 73.00 0.93
CA HIS C 1061 -11.51 71.87 1.77
C HIS C 1061 -11.60 72.32 3.23
N LEU C 1062 -12.67 71.90 3.90
CA LEU C 1062 -12.90 72.33 5.29
C LEU C 1062 -11.83 71.77 6.22
N GLN C 1063 -11.59 70.46 6.15
CA GLN C 1063 -10.64 69.83 7.06
C GLN C 1063 -9.22 70.36 6.83
N VAL C 1064 -8.84 70.56 5.57
CA VAL C 1064 -7.53 71.14 5.28
C VAL C 1064 -7.42 72.54 5.89
N VAL C 1065 -8.51 73.31 5.83
CA VAL C 1065 -8.53 74.62 6.47
C VAL C 1065 -8.35 74.49 7.98
N GLN C 1066 -9.01 73.50 8.59
CA GLN C 1066 -8.84 73.29 10.02
C GLN C 1066 -7.40 72.96 10.38
N PHE C 1067 -6.76 72.07 9.60
CA PHE C 1067 -5.38 71.72 9.88
C PHE C 1067 -4.44 72.91 9.70
N LEU C 1068 -4.64 73.71 8.64
CA LEU C 1068 -3.76 74.85 8.44
C LEU C 1068 -3.97 75.92 9.49
N ALA C 1069 -5.21 76.09 9.97
CA ALA C 1069 -5.46 77.01 11.07
C ALA C 1069 -4.81 76.52 12.36
N ALA C 1070 -4.85 75.20 12.60
CA ALA C 1070 -4.19 74.65 13.77
C ALA C 1070 -2.68 74.83 13.69
N ASN C 1071 -2.10 74.69 12.49
CA ASN C 1071 -0.67 74.88 12.32
C ASN C 1071 -0.23 76.32 12.57
N GLY C 1072 -1.16 77.27 12.52
CA GLY C 1072 -0.83 78.66 12.80
C GLY C 1072 -0.35 79.44 11.60
N VAL C 1073 -1.16 79.48 10.54
CA VAL C 1073 -0.83 80.28 9.36
C VAL C 1073 -0.90 81.76 9.72
N ASP C 1074 0.03 82.53 9.15
CA ASP C 1074 0.15 83.95 9.46
C ASP C 1074 -0.95 84.72 8.74
N PHE C 1075 -1.99 85.12 9.47
CA PHE C 1075 -3.06 85.94 8.91
C PHE C 1075 -2.71 87.42 8.85
N ARG C 1076 -1.65 87.85 9.55
CA ARG C 1076 -1.37 89.28 9.68
C ARG C 1076 -0.94 89.89 8.35
N ARG C 1077 -0.06 89.21 7.62
CA ARG C 1077 0.46 89.79 6.38
C ARG C 1077 -0.60 89.77 5.28
N LYS C 1078 -0.40 90.62 4.28
CA LYS C 1078 -1.29 90.74 3.15
C LYS C 1078 -0.55 90.41 1.86
N ASN C 1079 -1.28 89.89 0.89
CA ASN C 1079 -0.70 89.53 -0.40
C ASN C 1079 -0.47 90.78 -1.25
N SER C 1080 0.04 90.57 -2.46
CA SER C 1080 0.29 91.69 -3.36
C SER C 1080 -1.00 92.40 -3.73
N ARG C 1081 -2.07 91.63 -3.99
CA ARG C 1081 -3.37 92.22 -4.31
C ARG C 1081 -3.97 92.95 -3.12
N GLY C 1082 -3.52 92.65 -1.90
CA GLY C 1082 -4.03 93.28 -0.71
C GLY C 1082 -5.28 92.64 -0.12
N THR C 1083 -5.82 91.61 -0.77
CA THR C 1083 -7.04 90.96 -0.27
C THR C 1083 -6.70 90.06 0.90
N THR C 1084 -7.35 90.31 2.04
CA THR C 1084 -7.11 89.51 3.23
C THR C 1084 -7.74 88.14 3.08
N PRO C 1085 -7.21 87.12 3.78
CA PRO C 1085 -7.75 85.76 3.64
C PRO C 1085 -9.23 85.65 4.00
N PHE C 1086 -9.69 86.37 5.02
CA PHE C 1086 -11.09 86.25 5.42
C PHE C 1086 -12.03 86.86 4.39
N LEU C 1087 -11.59 87.91 3.69
CA LEU C 1087 -12.40 88.44 2.59
C LEU C 1087 -12.55 87.41 1.49
N THR C 1088 -11.47 86.71 1.15
CA THR C 1088 -11.56 85.64 0.16
C THR C 1088 -12.46 84.52 0.63
N ALA C 1089 -12.38 84.15 1.91
CA ALA C 1089 -13.25 83.11 2.45
C ALA C 1089 -14.72 83.52 2.36
N VAL C 1090 -15.01 84.78 2.67
CA VAL C 1090 -16.38 85.28 2.53
C VAL C 1090 -16.82 85.25 1.08
N ALA C 1091 -15.90 85.56 0.16
CA ALA C 1091 -16.22 85.54 -1.26
C ALA C 1091 -16.61 84.15 -1.72
N GLU C 1092 -15.93 83.11 -1.21
CA GLU C 1092 -16.24 81.74 -1.60
C GLU C 1092 -17.56 81.24 -1.05
N ASN C 1093 -18.21 82.00 -0.16
CA ASN C 1093 -19.51 81.63 0.40
C ASN C 1093 -19.45 80.30 1.15
N ALA C 1094 -18.33 80.05 1.83
CA ALA C 1094 -18.17 78.86 2.65
C ALA C 1094 -18.66 79.16 4.05
N LEU C 1095 -19.67 78.42 4.50
CA LEU C 1095 -20.28 78.68 5.79
C LEU C 1095 -19.38 78.18 6.94
N HIS C 1096 -19.14 76.87 6.98
CA HIS C 1096 -18.38 76.29 8.08
C HIS C 1096 -16.92 76.73 8.06
N ILE C 1097 -16.31 76.82 6.88
CA ILE C 1097 -14.90 77.18 6.78
C ILE C 1097 -14.66 78.58 7.32
N ALA C 1098 -15.38 79.56 6.75
CA ALA C 1098 -15.26 80.94 7.23
C ALA C 1098 -15.71 81.05 8.67
N GLU C 1099 -16.72 80.29 9.08
CA GLU C 1099 -17.14 80.25 10.47
C GLU C 1099 -15.95 79.95 11.38
N TYR C 1100 -15.31 78.79 11.17
CA TYR C 1100 -14.18 78.40 11.99
C TYR C 1100 -13.06 79.43 11.92
N LEU C 1101 -12.79 79.96 10.73
CA LEU C 1101 -11.71 80.94 10.58
C LEU C 1101 -11.96 82.18 11.43
N ILE C 1102 -13.20 82.68 11.43
CA ILE C 1102 -13.49 83.86 12.24
C ILE C 1102 -13.48 83.53 13.74
N ARG C 1103 -14.05 82.39 14.13
CA ARG C 1103 -14.12 82.08 15.56
C ARG C 1103 -12.73 81.91 16.17
N GLU C 1104 -11.87 81.12 15.53
CA GLU C 1104 -10.58 80.80 16.13
C GLU C 1104 -9.46 81.76 15.77
N LYS C 1105 -9.77 82.88 15.10
CA LYS C 1105 -8.79 83.94 14.85
C LYS C 1105 -9.28 85.28 15.39
N ARG C 1106 -10.10 85.26 16.45
CA ARG C 1106 -10.56 86.51 17.05
C ARG C 1106 -9.43 87.21 17.81
N GLN C 1107 -8.68 86.46 18.61
CA GLN C 1107 -7.60 87.03 19.42
C GLN C 1107 -6.29 87.14 18.65
N ASP C 1108 -6.26 86.71 17.40
CA ASP C 1108 -5.04 86.77 16.58
C ASP C 1108 -5.02 87.98 15.65
N ILE C 1109 -6.14 88.26 14.98
CA ILE C 1109 -6.23 89.37 14.03
C ILE C 1109 -7.48 90.18 14.34
N ASN C 1110 -7.48 91.43 13.90
CA ASN C 1110 -8.63 92.31 14.05
C ASN C 1110 -9.45 92.34 12.77
N ILE C 1111 -10.77 92.22 12.91
CA ILE C 1111 -11.66 92.22 11.76
C ILE C 1111 -11.77 93.60 11.11
N ASN C 1112 -11.29 94.64 11.78
CA ASN C 1112 -11.42 96.00 11.25
C ASN C 1112 -10.50 96.28 10.06
N GLU C 1113 -9.59 95.37 9.74
CA GLU C 1113 -8.70 95.58 8.60
C GLU C 1113 -9.46 95.35 7.29
N GLN C 1114 -8.97 95.98 6.22
CA GLN C 1114 -9.57 95.85 4.90
C GLN C 1114 -8.53 95.56 3.84
N ASN C 1115 -8.94 95.55 2.58
CA ASN C 1115 -8.05 95.36 1.44
C ASN C 1115 -7.64 96.72 0.87
N VAL C 1116 -6.99 96.69 -0.30
CA VAL C 1116 -6.59 97.93 -0.94
C VAL C 1116 -7.82 98.72 -1.38
N ASP C 1117 -8.87 98.03 -1.81
CA ASP C 1117 -10.12 98.68 -2.19
C ASP C 1117 -10.92 99.15 -0.98
N LYS C 1118 -10.52 98.77 0.22
CA LYS C 1118 -11.21 99.15 1.46
C LYS C 1118 -12.66 98.68 1.47
N ASP C 1119 -12.92 97.53 0.87
CA ASP C 1119 -14.28 96.98 0.88
C ASP C 1119 -14.65 96.55 2.30
N THR C 1120 -15.88 96.86 2.69
CA THR C 1120 -16.36 96.58 4.03
C THR C 1120 -17.27 95.36 4.03
N ALA C 1121 -17.59 94.89 5.24
CA ALA C 1121 -18.39 93.68 5.37
C ALA C 1121 -19.78 93.85 4.78
N LEU C 1122 -20.41 95.00 5.01
CA LEU C 1122 -21.78 95.20 4.56
C LEU C 1122 -21.89 95.17 3.05
N HIS C 1123 -21.09 95.98 2.36
CA HIS C 1123 -21.19 96.06 0.90
C HIS C 1123 -20.81 94.75 0.24
N LEU C 1124 -19.79 94.05 0.75
CA LEU C 1124 -19.45 92.74 0.23
C LEU C 1124 -20.60 91.76 0.44
N ALA C 1125 -21.17 91.73 1.64
CA ALA C 1125 -22.22 90.78 1.98
C ALA C 1125 -23.54 91.08 1.28
N VAL C 1126 -23.69 92.28 0.71
CA VAL C 1126 -24.90 92.58 -0.06
C VAL C 1126 -25.09 91.58 -1.18
N TYR C 1127 -24.01 91.22 -1.89
CA TYR C 1127 -24.11 90.40 -3.09
C TYR C 1127 -23.56 88.98 -2.87
N TYR C 1128 -23.66 88.45 -1.65
CA TYR C 1128 -23.38 87.04 -1.41
C TYR C 1128 -24.58 86.24 -0.94
N LYS C 1129 -25.57 86.87 -0.32
CA LYS C 1129 -26.84 86.22 0.07
C LYS C 1129 -26.58 85.04 1.01
N ASN C 1130 -26.03 85.35 2.18
CA ASN C 1130 -25.79 84.35 3.22
C ASN C 1130 -26.15 84.96 4.56
N LEU C 1131 -26.21 84.10 5.58
CA LEU C 1131 -26.64 84.52 6.91
C LEU C 1131 -25.65 84.17 8.01
N GLN C 1132 -24.99 83.02 7.94
CA GLN C 1132 -24.21 82.54 9.08
C GLN C 1132 -22.97 83.40 9.32
N MET C 1133 -22.19 83.64 8.27
CA MET C 1133 -20.98 84.44 8.46
C MET C 1133 -21.33 85.90 8.75
N ILE C 1134 -22.44 86.40 8.21
CA ILE C 1134 -22.91 87.73 8.58
C ILE C 1134 -23.22 87.78 10.07
N LYS C 1135 -23.89 86.75 10.58
CA LYS C 1135 -24.21 86.67 12.01
C LYS C 1135 -22.94 86.68 12.85
N LEU C 1136 -21.94 85.88 12.44
CA LEU C 1136 -20.68 85.89 13.18
C LEU C 1136 -20.01 87.26 13.15
N LEU C 1137 -19.99 87.90 11.97
CA LEU C 1137 -19.34 89.21 11.87
C LEU C 1137 -20.02 90.25 12.75
N ILE C 1138 -21.35 90.24 12.79
CA ILE C 1138 -22.04 91.25 13.60
C ILE C 1138 -21.96 90.90 15.08
N LYS C 1139 -21.84 89.61 15.42
CA LYS C 1139 -21.75 89.23 16.82
C LYS C 1139 -20.33 89.34 17.38
N TYR C 1140 -19.32 89.47 16.52
CA TYR C 1140 -17.96 89.74 16.97
C TYR C 1140 -17.61 91.21 16.93
N GLY C 1141 -18.55 92.09 16.59
CA GLY C 1141 -18.32 93.52 16.67
C GLY C 1141 -17.80 94.15 15.39
N ILE C 1142 -18.50 93.93 14.28
CA ILE C 1142 -18.13 94.59 13.03
C ILE C 1142 -18.46 96.08 13.11
N ASP C 1143 -17.73 96.88 12.34
CA ASP C 1143 -17.90 98.33 12.34
C ASP C 1143 -18.66 98.75 11.10
N VAL C 1144 -19.67 99.60 11.29
CA VAL C 1144 -20.48 100.09 10.17
C VAL C 1144 -20.11 101.50 9.75
N THR C 1145 -19.36 102.24 10.58
CA THR C 1145 -18.94 103.59 10.23
C THR C 1145 -17.80 103.63 9.22
N ILE C 1146 -17.17 102.48 8.95
CA ILE C 1146 -16.08 102.42 8.00
C ILE C 1146 -16.63 102.47 6.58
N ARG C 1147 -15.92 103.17 5.71
CA ARG C 1147 -16.33 103.37 4.33
C ARG C 1147 -15.27 102.83 3.37
N ASN C 1148 -15.63 102.74 2.10
CA ASN C 1148 -14.75 102.24 1.07
C ASN C 1148 -13.97 103.39 0.44
N ALA C 1149 -13.23 103.10 -0.64
CA ALA C 1149 -12.43 104.12 -1.29
C ALA C 1149 -13.30 105.12 -2.05
N TYR C 1150 -14.41 104.64 -2.63
CA TYR C 1150 -15.28 105.50 -3.42
C TYR C 1150 -16.04 106.51 -2.57
N ASP C 1151 -16.03 106.37 -1.25
CA ASP C 1151 -16.67 107.31 -0.33
C ASP C 1151 -18.17 107.44 -0.62
N LYS C 1152 -18.84 106.30 -0.72
CA LYS C 1152 -20.28 106.26 -0.95
C LYS C 1152 -20.93 105.31 0.06
N THR C 1153 -22.17 105.62 0.42
CA THR C 1153 -22.92 104.80 1.36
C THR C 1153 -23.59 103.65 0.63
N ALA C 1154 -24.33 102.83 1.38
CA ALA C 1154 -25.02 101.67 0.83
C ALA C 1154 -26.50 101.94 0.57
N LEU C 1155 -26.94 103.20 0.67
CA LEU C 1155 -28.35 103.51 0.47
C LEU C 1155 -28.80 103.18 -0.94
N ASP C 1156 -28.00 103.54 -1.94
CA ASP C 1156 -28.38 103.30 -3.33
C ASP C 1156 -28.45 101.81 -3.63
N ILE C 1157 -27.45 101.05 -3.17
CA ILE C 1157 -27.46 99.60 -3.40
C ILE C 1157 -28.62 98.95 -2.69
N ALA C 1158 -28.90 99.38 -1.45
CA ALA C 1158 -30.02 98.82 -0.70
C ALA C 1158 -31.36 99.12 -1.36
N ILE C 1159 -31.53 100.32 -1.89
CA ILE C 1159 -32.82 100.69 -2.48
C ILE C 1159 -33.00 100.10 -3.88
N ASP C 1160 -31.92 99.88 -4.63
CA ASP C 1160 -32.04 99.30 -5.95
C ASP C 1160 -31.88 97.78 -5.97
N ALA C 1161 -31.54 97.16 -4.83
CA ALA C 1161 -31.44 95.71 -4.77
C ALA C 1161 -32.78 95.03 -4.57
N LYS C 1162 -33.80 95.77 -4.16
CA LYS C 1162 -35.15 95.24 -3.90
C LYS C 1162 -35.13 94.07 -2.92
N PHE C 1163 -34.07 93.95 -2.13
CA PHE C 1163 -33.94 92.89 -1.14
C PHE C 1163 -33.85 93.50 0.25
N SER C 1164 -34.55 92.90 1.20
CA SER C 1164 -34.66 93.47 2.54
C SER C 1164 -34.21 92.54 3.66
N ASN C 1165 -33.99 91.25 3.40
CA ASN C 1165 -33.67 90.32 4.47
C ASN C 1165 -32.35 90.67 5.14
N ILE C 1166 -31.29 90.82 4.36
CA ILE C 1166 -29.95 91.03 4.91
C ILE C 1166 -29.88 92.37 5.63
N VAL C 1167 -30.34 93.44 4.96
CA VAL C 1167 -30.25 94.77 5.56
C VAL C 1167 -31.15 94.87 6.78
N GLU C 1168 -32.32 94.22 6.75
CA GLU C 1168 -33.20 94.22 7.91
C GLU C 1168 -32.57 93.50 9.09
N TYR C 1169 -31.94 92.35 8.84
CA TYR C 1169 -31.26 91.63 9.91
C TYR C 1169 -30.12 92.47 10.49
N LEU C 1170 -29.36 93.13 9.61
CA LEU C 1170 -28.26 93.99 10.07
C LEU C 1170 -28.80 95.13 10.93
N LYS C 1171 -29.89 95.76 10.50
CA LYS C 1171 -30.45 96.87 11.26
C LYS C 1171 -30.99 96.42 12.61
N THR C 1172 -31.70 95.28 12.64
CA THR C 1172 -32.25 94.81 13.90
C THR C 1172 -31.15 94.39 14.86
N LYS C 1173 -30.10 93.73 14.36
CA LYS C 1173 -29.04 93.26 15.25
C LYS C 1173 -28.07 94.38 15.61
N SER C 1174 -27.38 94.93 14.60
CA SER C 1174 -26.42 95.99 14.85
C SER C 1174 -27.14 97.27 15.26
N GLY C 1175 -26.58 97.95 16.26
CA GLY C 1175 -27.16 99.18 16.76
C GLY C 1175 -26.24 100.38 16.62
N SER D 96 53.73 46.30 -27.20
CA SER D 96 52.32 46.04 -27.47
C SER D 96 52.04 44.55 -27.57
N HIS D 97 52.90 43.81 -28.27
CA HIS D 97 52.76 42.35 -28.30
C HIS D 97 53.05 41.74 -26.94
N SER D 98 54.05 42.27 -26.22
CA SER D 98 54.32 41.79 -24.88
C SER D 98 53.14 42.05 -23.95
N ALA D 99 52.53 43.23 -24.05
CA ALA D 99 51.30 43.49 -23.31
C ALA D 99 50.18 42.57 -23.79
N ALA D 100 50.09 42.36 -25.10
CA ALA D 100 49.11 41.40 -25.62
C ALA D 100 49.39 40.00 -25.12
N LEU D 101 50.67 39.58 -25.13
CA LEU D 101 51.03 38.27 -24.61
C LEU D 101 50.69 38.17 -23.12
N GLU D 102 50.97 39.22 -22.35
CA GLU D 102 50.57 39.25 -20.96
C GLU D 102 49.05 39.26 -20.82
N GLU D 103 48.35 39.93 -21.75
CA GLU D 103 46.89 39.90 -21.73
C GLU D 103 46.35 38.49 -21.97
N ILE D 104 46.98 37.75 -22.89
CA ILE D 104 46.56 36.37 -23.14
C ILE D 104 46.79 35.53 -21.88
N THR D 105 47.91 35.73 -21.20
CA THR D 105 48.20 34.96 -19.99
C THR D 105 47.14 35.21 -18.92
N LYS D 106 46.80 36.47 -18.68
CA LYS D 106 45.77 36.79 -17.69
C LYS D 106 44.42 36.22 -18.10
N LEU D 107 44.07 36.33 -19.38
CA LEU D 107 42.77 35.83 -19.82
C LEU D 107 42.68 34.31 -19.68
N VAL D 108 43.74 33.60 -20.03
CA VAL D 108 43.76 32.15 -19.86
C VAL D 108 43.70 31.78 -18.37
N GLU D 109 44.41 32.53 -17.52
CA GLU D 109 44.36 32.25 -16.09
C GLU D 109 42.95 32.44 -15.54
N LYS D 110 42.28 33.52 -15.95
CA LYS D 110 40.90 33.74 -15.53
C LYS D 110 39.98 32.65 -16.04
N SER D 111 40.19 32.20 -17.28
CA SER D 111 39.38 31.13 -17.83
C SER D 111 39.56 29.84 -17.02
N ILE D 112 40.80 29.50 -16.68
CA ILE D 112 41.06 28.30 -15.90
C ILE D 112 40.44 28.41 -14.51
N SER D 113 40.56 29.58 -13.88
CA SER D 113 39.97 29.75 -12.55
C SER D 113 38.46 29.62 -12.61
N VAL D 114 37.83 30.20 -13.63
CA VAL D 114 36.39 30.07 -13.80
C VAL D 114 36.00 28.61 -14.01
N VAL D 115 36.78 27.88 -14.81
CA VAL D 115 36.49 26.47 -15.03
C VAL D 115 36.58 25.68 -13.73
N GLU D 116 37.62 25.93 -12.93
CA GLU D 116 37.76 25.21 -11.66
C GLU D 116 36.63 25.55 -10.69
N LYS D 117 36.25 26.83 -10.62
CA LYS D 117 35.13 27.21 -9.76
C LYS D 117 33.84 26.56 -10.23
N THR D 118 33.64 26.51 -11.55
CA THR D 118 32.46 25.85 -12.10
C THR D 118 32.44 24.36 -11.77
N ARG D 119 33.61 23.71 -11.84
CA ARG D 119 33.68 22.30 -11.49
C ARG D 119 33.38 22.07 -10.02
N LYS D 120 33.89 22.94 -9.15
CA LYS D 120 33.57 22.80 -7.73
C LYS D 120 32.08 22.99 -7.48
N GLN D 121 31.48 24.00 -8.12
CA GLN D 121 30.04 24.24 -7.95
C GLN D 121 29.22 23.06 -8.48
N MET D 122 29.62 22.50 -9.64
CA MET D 122 28.91 21.37 -10.23
C MET D 122 29.04 20.11 -9.37
N ASN D 123 30.22 19.86 -8.77
CA ASN D 123 30.33 18.77 -7.82
C ASN D 123 29.43 19.00 -6.61
N LYS D 124 29.33 20.24 -6.15
CA LYS D 124 28.41 20.55 -5.06
C LYS D 124 26.96 20.26 -5.47
N ARG D 125 26.60 20.59 -6.71
CA ARG D 125 25.24 20.33 -7.17
C ARG D 125 24.94 18.84 -7.25
N PHE D 126 25.90 18.04 -7.72
CA PHE D 126 25.70 16.59 -7.67
C PHE D 126 25.62 16.08 -6.24
N ASP D 127 26.39 16.65 -5.31
CA ASP D 127 26.24 16.27 -3.92
C ASP D 127 24.83 16.56 -3.42
N GLU D 128 24.29 17.72 -3.78
CA GLU D 128 22.91 18.06 -3.41
C GLU D 128 21.92 17.11 -4.04
N VAL D 129 22.16 16.71 -5.30
CA VAL D 129 21.25 15.78 -5.97
C VAL D 129 21.26 14.43 -5.25
N MET D 130 22.43 13.92 -4.90
CA MET D 130 22.49 12.66 -4.16
C MET D 130 21.81 12.78 -2.80
N LYS D 131 22.00 13.92 -2.14
CA LYS D 131 21.30 14.14 -0.86
C LYS D 131 19.80 14.13 -1.05
N SER D 132 19.31 14.75 -2.13
CA SER D 132 17.87 14.78 -2.39
C SER D 132 17.33 13.39 -2.70
N ILE D 133 18.07 12.59 -3.46
CA ILE D 133 17.62 11.22 -3.74
C ILE D 133 17.61 10.40 -2.45
N GLN D 134 18.60 10.59 -1.58
CA GLN D 134 18.63 9.87 -0.32
C GLN D 134 17.43 10.26 0.54
N ASP D 135 17.11 11.56 0.59
CA ASP D 135 15.96 12.03 1.34
C ASP D 135 14.66 11.49 0.76
N ALA D 136 14.55 11.43 -0.56
CA ALA D 136 13.37 10.85 -1.19
C ALA D 136 13.24 9.37 -0.86
N LYS D 137 14.37 8.67 -0.80
CA LYS D 137 14.34 7.25 -0.44
C LYS D 137 13.83 7.05 0.97
N VAL D 138 14.29 7.86 1.92
CA VAL D 138 13.89 7.66 3.32
C VAL D 138 12.64 8.43 3.72
N SER D 139 12.08 9.25 2.83
CA SER D 139 10.90 10.03 3.19
C SER D 139 9.68 9.18 3.54
N PRO D 140 9.28 8.18 2.74
CA PRO D 140 8.07 7.43 3.10
C PRO D 140 8.16 6.71 4.44
N ILE D 141 9.29 6.06 4.72
CA ILE D 141 9.40 5.29 5.96
C ILE D 141 9.43 6.21 7.18
N ILE D 142 10.19 7.31 7.09
CA ILE D 142 10.24 8.26 8.21
C ILE D 142 8.88 8.90 8.44
N SER D 143 8.20 9.28 7.35
CA SER D 143 6.88 9.88 7.49
C SER D 143 5.90 8.90 8.12
N LYS D 144 5.91 7.64 7.68
CA LYS D 144 5.00 6.66 8.23
C LYS D 144 5.29 6.38 9.70
N ILE D 145 6.56 6.25 10.07
CA ILE D 145 6.87 5.96 11.47
C ILE D 145 6.53 7.15 12.36
N ASN D 146 6.76 8.37 11.88
CA ASN D 146 6.38 9.54 12.66
C ASN D 146 4.87 9.63 12.81
N ASN D 147 4.12 9.37 11.74
CA ASN D 147 2.67 9.42 11.81
C ASN D 147 2.15 8.41 12.82
N PHE D 148 2.63 7.17 12.73
CA PHE D 148 2.20 6.14 13.67
C PHE D 148 2.56 6.52 15.10
N ALA D 149 3.78 7.03 15.31
CA ALA D 149 4.20 7.38 16.66
C ALA D 149 3.31 8.45 17.25
N ARG D 150 3.11 9.57 16.52
CA ARG D 150 2.30 10.66 17.06
C ARG D 150 0.85 10.25 17.24
N TYR D 151 0.30 9.46 16.31
CA TYR D 151 -1.06 8.98 16.48
C TYR D 151 -1.20 8.14 17.74
N PHE D 152 -0.25 7.23 17.98
CA PHE D 152 -0.32 6.41 19.17
C PHE D 152 -0.16 7.23 20.43
N ASP D 153 0.75 8.22 20.43
CA ASP D 153 0.88 9.07 21.61
C ASP D 153 -0.41 9.82 21.90
N THR D 154 -1.07 10.34 20.85
CA THR D 154 -2.33 11.04 21.06
C THR D 154 -3.38 10.10 21.64
N GLU D 155 -3.57 8.93 21.02
CA GLU D 155 -4.58 8.00 21.50
C GLU D 155 -4.26 7.45 22.88
N LYS D 156 -2.99 7.47 23.30
CA LYS D 156 -2.63 6.92 24.60
C LYS D 156 -3.33 7.66 25.73
N GLU D 157 -3.30 9.00 25.71
CA GLU D 157 -4.05 9.77 26.68
C GLU D 157 -5.47 10.08 26.22
N ARG D 158 -5.80 9.87 24.95
CA ARG D 158 -7.19 9.99 24.54
C ARG D 158 -8.05 8.90 25.17
N ILE D 159 -7.57 7.65 25.11
CA ILE D 159 -8.36 6.53 25.60
C ILE D 159 -8.42 6.55 27.13
N ARG D 160 -7.31 6.90 27.79
CA ARG D 160 -7.25 6.84 29.24
C ARG D 160 -8.22 7.84 29.89
N GLY D 161 -8.39 9.01 29.29
CA GLY D 161 -9.24 10.03 29.86
C GLY D 161 -10.68 9.95 29.43
N LEU D 162 -11.08 8.79 28.89
CA LEU D 162 -12.43 8.59 28.40
C LEU D 162 -13.31 7.98 29.47
N LYS D 163 -14.60 8.29 29.41
CA LYS D 163 -15.55 7.82 30.41
C LYS D 163 -15.73 6.30 30.29
N LEU D 164 -16.24 5.70 31.36
CA LEU D 164 -16.32 4.24 31.46
C LEU D 164 -17.21 3.65 30.38
N ASN D 165 -18.39 4.23 30.16
CA ASN D 165 -19.31 3.68 29.17
C ASN D 165 -18.74 3.78 27.76
N ASP D 166 -18.15 4.93 27.42
CA ASP D 166 -17.51 5.08 26.11
C ASP D 166 -16.23 4.27 26.01
N TYR D 167 -15.60 3.94 27.13
CA TYR D 167 -14.37 3.15 27.11
C TYR D 167 -14.62 1.78 26.51
N ILE D 168 -15.65 1.09 27.00
CA ILE D 168 -15.98 -0.24 26.48
C ILE D 168 -16.41 -0.15 25.02
N LEU D 169 -17.24 0.84 24.69
CA LEU D 169 -17.69 1.00 23.30
C LEU D 169 -16.53 1.31 22.38
N LYS D 170 -15.60 2.16 22.81
CA LYS D 170 -14.44 2.47 21.99
C LYS D 170 -13.56 1.23 21.79
N LEU D 171 -13.34 0.47 22.85
CA LEU D 171 -12.50 -0.73 22.74
C LEU D 171 -13.16 -1.78 21.86
N GLU D 172 -14.48 -1.95 21.98
CA GLU D 172 -15.20 -3.02 21.29
C GLU D 172 -15.59 -2.67 19.86
N GLU D 173 -14.99 -1.65 19.26
CA GLU D 173 -15.27 -1.34 17.87
C GLU D 173 -14.79 -2.48 16.98
N PRO D 174 -15.61 -2.94 16.03
CA PRO D 174 -15.18 -4.07 15.18
C PRO D 174 -13.90 -3.80 14.41
N ASN D 175 -13.67 -2.57 13.98
CA ASN D 175 -12.42 -2.21 13.31
C ASN D 175 -11.71 -1.12 14.12
N GLY D 176 -11.64 -1.31 15.42
CA GLY D 176 -11.09 -0.31 16.32
C GLY D 176 -9.57 -0.28 16.28
N ILE D 177 -9.02 0.48 17.24
CA ILE D 177 -7.57 0.67 17.30
C ILE D 177 -6.85 -0.56 17.82
N LEU D 178 -7.54 -1.43 18.57
CA LEU D 178 -6.90 -2.65 19.05
C LEU D 178 -6.53 -3.57 17.90
N LEU D 179 -7.43 -3.73 16.93
CA LEU D 179 -7.12 -4.55 15.76
C LEU D 179 -5.99 -3.94 14.95
N HIS D 180 -5.96 -2.61 14.84
CA HIS D 180 -4.87 -1.95 14.14
C HIS D 180 -3.53 -2.20 14.84
N PHE D 181 -3.52 -2.12 16.17
CA PHE D 181 -2.28 -2.39 16.90
C PHE D 181 -1.85 -3.84 16.74
N LYS D 182 -2.81 -4.78 16.75
CA LYS D 182 -2.45 -6.18 16.52
C LYS D 182 -1.88 -6.38 15.12
N GLU D 183 -2.48 -5.75 14.11
CA GLU D 183 -1.98 -5.85 12.74
C GLU D 183 -0.66 -5.12 12.55
N SER D 184 -0.32 -4.19 13.45
CA SER D 184 0.92 -3.44 13.34
C SER D 184 2.16 -4.33 13.43
N ARG D 185 2.02 -5.57 13.87
CA ARG D 185 3.14 -6.51 13.92
C ARG D 185 3.32 -7.25 12.59
N THR D 186 2.31 -7.22 11.71
CA THR D 186 2.39 -7.90 10.43
C THR D 186 3.46 -7.27 9.53
N PRO D 187 3.96 -8.01 8.55
CA PRO D 187 4.94 -7.44 7.62
C PRO D 187 4.36 -6.51 6.57
N THR D 188 3.11 -6.07 6.74
CA THR D 188 2.50 -5.16 5.79
C THR D 188 3.18 -3.80 5.83
N ASP D 189 2.97 -3.01 4.77
CA ASP D 189 3.62 -1.71 4.67
C ASP D 189 3.15 -0.76 5.76
N ASP D 190 1.84 -0.75 6.05
CA ASP D 190 1.28 0.17 7.03
C ASP D 190 1.63 -0.20 8.46
N SER D 191 2.22 -1.36 8.69
CA SER D 191 2.50 -1.82 10.04
C SER D 191 3.80 -1.19 10.53
N LEU D 192 4.24 -1.60 11.72
CA LEU D 192 5.39 -0.97 12.38
C LEU D 192 6.73 -1.56 11.95
N GLN D 193 6.78 -2.85 11.65
CA GLN D 193 8.07 -3.51 11.47
C GLN D 193 8.74 -3.09 10.16
N ALA D 194 8.00 -3.10 9.05
CA ALA D 194 8.61 -2.85 7.74
C ALA D 194 9.52 -1.63 7.71
N PRO D 195 9.14 -0.47 8.25
CA PRO D 195 10.11 0.65 8.29
C PRO D 195 11.39 0.33 9.07
N LEU D 196 11.27 -0.15 10.31
CA LEU D 196 12.46 -0.37 11.13
C LEU D 196 13.35 -1.45 10.54
N PHE D 197 12.75 -2.55 10.07
CA PHE D 197 13.52 -3.62 9.44
C PHE D 197 14.20 -3.14 8.17
N SER D 198 13.52 -2.32 7.36
CA SER D 198 14.16 -1.76 6.18
C SER D 198 15.34 -0.88 6.57
N ILE D 199 15.17 -0.08 7.63
CA ILE D 199 16.25 0.81 8.08
C ILE D 199 17.46 -0.01 8.52
N ILE D 200 17.24 -1.06 9.31
CA ILE D 200 18.36 -1.84 9.83
C ILE D 200 19.00 -2.67 8.72
N GLU D 201 18.21 -3.14 7.75
CA GLU D 201 18.77 -3.96 6.67
C GLU D 201 19.58 -3.11 5.69
N GLU D 202 19.05 -1.95 5.29
CA GLU D 202 19.75 -1.12 4.31
C GLU D 202 20.95 -0.41 4.92
N GLY D 203 21.00 -0.26 6.23
CA GLY D 203 22.13 0.37 6.88
C GLY D 203 22.33 1.83 6.56
N TYR D 204 21.24 2.60 6.49
CA TYR D 204 21.34 4.04 6.30
C TYR D 204 21.39 4.81 7.61
N ALA D 205 21.27 4.13 8.74
CA ALA D 205 21.33 4.81 10.03
C ALA D 205 22.75 5.23 10.40
N VAL D 206 23.76 4.53 9.91
CA VAL D 206 25.15 4.84 10.22
C VAL D 206 25.58 6.08 9.44
N PRO D 207 26.07 7.12 10.11
CA PRO D 207 26.55 8.31 9.39
C PRO D 207 27.69 7.95 8.45
N LYS D 208 27.68 8.59 7.28
CA LYS D 208 28.77 8.49 6.31
C LYS D 208 29.29 9.90 6.03
N SER D 209 30.58 10.11 6.25
CA SER D 209 31.23 11.40 6.04
C SER D 209 30.66 12.46 6.98
N ILE D 210 30.93 13.72 6.69
CA ILE D 210 30.52 14.81 7.57
C ILE D 210 29.14 15.32 7.13
N ASP D 211 28.38 15.81 8.11
CA ASP D 211 27.07 16.44 7.87
C ASP D 211 26.09 15.47 7.23
N ASP D 212 25.98 14.27 7.80
CA ASP D 212 24.99 13.28 7.35
C ASP D 212 23.73 13.47 8.20
N GLU D 213 22.99 14.54 7.88
CA GLU D 213 21.83 14.90 8.68
C GLU D 213 20.73 13.85 8.58
N LEU D 214 20.60 13.20 7.42
CA LEU D 214 19.55 12.20 7.26
C LEU D 214 19.83 10.96 8.09
N ALA D 215 21.12 10.64 8.31
CA ALA D 215 21.46 9.46 9.10
C ALA D 215 20.98 9.60 10.54
N PHE D 216 21.28 10.73 11.17
CA PHE D 216 20.80 10.95 12.54
C PHE D 216 19.29 11.05 12.59
N LYS D 217 18.68 11.64 11.56
CA LYS D 217 17.21 11.73 11.52
C LYS D 217 16.57 10.36 11.49
N VAL D 218 17.03 9.48 10.60
CA VAL D 218 16.45 8.15 10.52
C VAL D 218 16.80 7.34 11.76
N LEU D 219 17.97 7.58 12.37
CA LEU D 219 18.30 6.90 13.62
C LEU D 219 17.32 7.29 14.73
N TYR D 220 17.06 8.60 14.87
CA TYR D 220 16.08 9.06 15.86
C TYR D 220 14.70 8.48 15.57
N ALA D 221 14.32 8.42 14.30
CA ALA D 221 13.06 7.77 13.94
C ALA D 221 13.06 6.30 14.34
N LEU D 222 14.21 5.65 14.23
CA LEU D 222 14.32 4.24 14.62
C LEU D 222 14.10 4.07 16.12
N LEU D 223 14.75 4.91 16.94
CA LEU D 223 14.54 4.80 18.37
C LEU D 223 13.10 5.14 18.75
N TYR D 224 12.51 6.15 18.09
CA TYR D 224 11.12 6.48 18.35
C TYR D 224 10.21 5.31 18.00
N GLY D 225 10.46 4.64 16.87
CA GLY D 225 9.67 3.49 16.50
C GLY D 225 9.80 2.34 17.47
N THR D 226 11.03 2.09 17.96
CA THR D 226 11.22 1.03 18.94
C THR D 226 10.48 1.34 20.24
N GLN D 227 10.56 2.60 20.70
CA GLN D 227 9.85 2.98 21.91
C GLN D 227 8.34 2.83 21.74
N THR D 228 7.81 3.30 20.61
CA THR D 228 6.38 3.15 20.36
C THR D 228 5.99 1.69 20.24
N TYR D 229 6.87 0.84 19.71
CA TYR D 229 6.57 -0.58 19.59
C TYR D 229 6.50 -1.24 20.96
N VAL D 230 7.45 -0.92 21.84
CA VAL D 230 7.40 -1.44 23.20
C VAL D 230 6.12 -0.96 23.90
N SER D 231 5.78 0.33 23.75
CA SER D 231 4.61 0.85 24.42
C SER D 231 3.32 0.24 23.88
N VAL D 232 3.24 0.01 22.57
CA VAL D 232 2.02 -0.61 22.03
C VAL D 232 1.93 -2.06 22.50
N MET D 233 3.07 -2.76 22.64
CA MET D 233 3.00 -4.11 23.21
C MET D 233 2.43 -4.05 24.63
N PHE D 234 2.96 -3.14 25.45
CA PHE D 234 2.46 -3.02 26.82
C PHE D 234 1.02 -2.50 26.88
N PHE D 235 0.53 -1.89 25.80
CA PHE D 235 -0.78 -1.24 25.83
C PHE D 235 -1.90 -2.27 25.88
N LEU D 236 -2.04 -3.09 24.84
CA LEU D 236 -3.23 -3.91 24.68
C LEU D 236 -3.44 -4.90 25.81
N LEU D 237 -2.38 -5.26 26.55
CA LEU D 237 -2.53 -6.23 27.63
C LEU D 237 -3.51 -5.75 28.69
N GLU D 238 -3.40 -4.48 29.08
CA GLU D 238 -4.29 -3.96 30.13
C GLU D 238 -5.75 -3.97 29.67
N GLN D 239 -6.02 -3.49 28.46
CA GLN D 239 -7.41 -3.47 27.99
C GLN D 239 -7.96 -4.88 27.82
N TYR D 240 -7.17 -5.80 27.29
CA TYR D 240 -7.65 -7.16 27.11
C TYR D 240 -7.92 -7.84 28.45
N SER D 241 -7.03 -7.64 29.43
CA SER D 241 -7.25 -8.19 30.76
C SER D 241 -8.50 -7.60 31.39
N PHE D 242 -8.69 -6.27 31.24
CA PHE D 242 -9.85 -5.61 31.81
C PHE D 242 -11.15 -6.13 31.22
N LEU D 243 -11.20 -6.25 29.89
CA LEU D 243 -12.37 -6.83 29.25
C LEU D 243 -12.59 -8.25 29.74
N ALA D 244 -11.52 -9.01 29.91
CA ALA D 244 -11.64 -10.40 30.36
C ALA D 244 -12.34 -10.48 31.72
N ASN D 245 -11.82 -9.75 32.72
CA ASN D 245 -12.46 -9.94 34.03
C ASN D 245 -13.82 -9.25 34.08
N HIS D 246 -13.97 -8.12 33.39
CA HIS D 246 -15.23 -7.40 33.37
C HIS D 246 -16.35 -8.28 32.83
N TYR D 247 -16.09 -9.05 31.77
CA TYR D 247 -17.07 -10.00 31.31
C TYR D 247 -17.14 -11.23 32.23
N TYR D 248 -16.02 -11.57 32.88
CA TYR D 248 -16.01 -12.76 33.75
C TYR D 248 -16.95 -12.59 34.94
N GLU D 249 -17.05 -11.39 35.48
CA GLU D 249 -17.91 -11.18 36.65
C GLU D 249 -19.36 -11.51 36.35
N LYS D 250 -19.85 -11.17 35.15
CA LYS D 250 -21.25 -11.40 34.79
C LYS D 250 -21.43 -12.63 33.92
N GLY D 251 -20.42 -13.45 33.75
CA GLY D 251 -20.52 -14.61 32.87
C GLY D 251 -19.94 -14.31 31.48
N TYR D 252 -20.83 -14.20 30.49
CA TYR D 252 -20.49 -13.73 29.14
C TYR D 252 -19.21 -14.39 28.63
N LEU D 253 -19.14 -15.71 28.78
CA LEU D 253 -17.90 -16.42 28.53
C LEU D 253 -17.55 -16.48 27.06
N GLU D 254 -18.51 -16.25 26.16
CA GLU D 254 -18.22 -16.29 24.72
C GLU D 254 -17.23 -15.19 24.35
N LYS D 255 -17.43 -13.98 24.85
CA LYS D 255 -16.49 -12.90 24.60
C LYS D 255 -15.22 -13.05 25.45
N TYR D 256 -15.36 -13.61 26.65
CA TYR D 256 -14.20 -13.81 27.51
C TYR D 256 -13.19 -14.75 26.87
N ASP D 257 -13.68 -15.79 26.19
CA ASP D 257 -12.78 -16.70 25.48
C ASP D 257 -12.03 -15.98 24.38
N GLU D 258 -12.72 -15.12 23.62
CA GLU D 258 -12.06 -14.38 22.55
C GLU D 258 -10.99 -13.45 23.10
N TYR D 259 -11.31 -12.73 24.18
CA TYR D 259 -10.30 -11.84 24.78
C TYR D 259 -9.14 -12.62 25.39
N PHE D 260 -9.42 -13.81 25.96
CA PHE D 260 -8.36 -14.66 26.48
C PHE D 260 -7.41 -15.09 25.36
N ASN D 261 -7.96 -15.54 24.23
CA ASN D 261 -7.14 -15.93 23.10
C ASN D 261 -6.33 -14.75 22.57
N SER D 262 -6.97 -13.58 22.49
CA SER D 262 -6.27 -12.39 22.01
C SER D 262 -5.11 -12.04 22.94
N LEU D 263 -5.33 -12.10 24.25
CA LEU D 263 -4.26 -11.79 25.20
C LEU D 263 -3.12 -12.78 25.09
N ASN D 264 -3.45 -14.07 25.01
CA ASN D 264 -2.43 -15.10 24.88
C ASN D 264 -1.58 -14.86 23.63
N ASN D 265 -2.24 -14.67 22.49
CA ASN D 265 -1.53 -14.47 21.23
C ASN D 265 -0.67 -13.22 21.28
N VAL D 266 -1.24 -12.11 21.73
CA VAL D 266 -0.51 -10.84 21.70
C VAL D 266 0.73 -10.93 22.59
N PHE D 267 0.58 -11.48 23.80
CA PHE D 267 1.72 -11.55 24.70
C PHE D 267 2.82 -12.44 24.12
N LEU D 268 2.46 -13.68 23.74
CA LEU D 268 3.49 -14.58 23.25
C LEU D 268 4.17 -14.05 22.00
N ASP D 269 3.39 -13.52 21.05
CA ASP D 269 3.96 -13.14 19.77
C ASP D 269 4.81 -11.89 19.92
N PHE D 270 4.35 -10.90 20.69
CA PHE D 270 5.16 -9.70 20.89
C PHE D 270 6.44 -10.02 21.67
N LYS D 271 6.34 -10.89 22.68
CA LYS D 271 7.54 -11.27 23.43
C LYS D 271 8.54 -11.98 22.54
N SER D 272 8.07 -12.89 21.69
CA SER D 272 8.96 -13.54 20.74
C SER D 272 9.49 -12.57 19.68
N SER D 273 8.77 -11.47 19.45
CA SER D 273 9.22 -10.51 18.44
C SER D 273 10.35 -9.63 18.95
N LEU D 274 10.19 -9.04 20.14
CA LEU D 274 11.24 -8.16 20.64
C LEU D 274 12.52 -8.92 20.96
N VAL D 275 12.42 -9.99 21.75
CA VAL D 275 13.58 -10.70 22.23
C VAL D 275 13.65 -12.14 21.70
N GLY D 276 12.50 -12.80 21.60
CA GLY D 276 12.48 -14.18 21.13
C GLY D 276 12.12 -15.16 22.23
N THR D 277 11.25 -16.12 21.91
CA THR D 277 10.92 -17.17 22.88
C THR D 277 12.10 -18.05 23.21
N GLY D 278 13.12 -18.08 22.36
CA GLY D 278 14.34 -18.82 22.63
C GLY D 278 15.49 -18.22 21.87
N THR D 279 16.69 -18.36 22.43
CA THR D 279 17.87 -17.80 21.79
C THR D 279 18.16 -18.51 20.47
N SER D 280 18.50 -17.74 19.45
CA SER D 280 18.77 -18.27 18.12
C SER D 280 19.51 -17.20 17.32
N ASN D 281 19.63 -17.42 16.02
CA ASN D 281 20.27 -16.45 15.13
C ASN D 281 19.33 -15.33 14.71
N ASN D 282 18.05 -15.40 15.07
CA ASN D 282 17.10 -14.35 14.71
C ASN D 282 17.46 -13.01 15.36
N GLU D 283 17.99 -13.05 16.57
CA GLU D 283 18.49 -11.91 17.34
C GLU D 283 17.38 -10.96 17.79
N GLY D 284 16.12 -11.23 17.46
CA GLY D 284 15.05 -10.34 17.86
C GLY D 284 15.14 -8.99 17.17
N LEU D 285 14.67 -7.95 17.87
CA LEU D 285 14.70 -6.59 17.36
C LEU D 285 15.51 -5.65 18.23
N LEU D 286 15.37 -5.74 19.55
CA LEU D 286 16.12 -4.84 20.44
C LEU D 286 17.62 -5.07 20.31
N ASP D 287 18.05 -6.33 20.17
CA ASP D 287 19.47 -6.61 20.00
C ASP D 287 20.00 -6.00 18.71
N ARG D 288 19.19 -6.02 17.65
CA ARG D 288 19.64 -5.46 16.38
C ARG D 288 19.86 -3.96 16.47
N VAL D 289 18.89 -3.22 17.04
CA VAL D 289 19.05 -1.78 17.16
C VAL D 289 20.18 -1.44 18.13
N LEU D 290 20.35 -2.24 19.18
CA LEU D 290 21.48 -2.04 20.08
C LEU D 290 22.81 -2.25 19.34
N GLN D 291 22.87 -3.24 18.45
CA GLN D 291 24.07 -3.46 17.66
C GLN D 291 24.34 -2.28 16.74
N VAL D 292 23.30 -1.74 16.11
CA VAL D 292 23.48 -0.57 15.26
C VAL D 292 23.99 0.61 16.07
N LEU D 293 23.43 0.84 17.26
CA LEU D 293 23.89 1.94 18.10
C LEU D 293 25.35 1.73 18.52
N MET D 294 25.70 0.50 18.86
CA MET D 294 27.08 0.21 19.27
C MET D 294 28.05 0.42 18.11
N THR D 295 27.64 0.04 16.89
CA THR D 295 28.48 0.27 15.72
C THR D 295 28.64 1.76 15.45
N VAL D 296 27.57 2.54 15.60
CA VAL D 296 27.68 3.99 15.44
C VAL D 296 28.63 4.57 16.48
N LYS D 297 28.57 4.06 17.71
CA LYS D 297 29.50 4.51 18.74
C LYS D 297 30.93 4.17 18.38
N ASN D 298 31.18 2.97 17.86
CA ASN D 298 32.54 2.57 17.47
C ASN D 298 33.01 3.21 16.17
N SER D 299 32.12 3.87 15.43
CA SER D 299 32.54 4.52 14.19
C SER D 299 33.67 5.51 14.44
N GLU D 300 33.39 6.56 15.20
CA GLU D 300 34.38 7.54 15.63
C GLU D 300 35.16 8.11 14.44
N PHE D 301 34.47 8.31 13.33
CA PHE D 301 35.12 8.86 12.14
C PHE D 301 35.57 10.30 12.36
N LEU D 302 34.75 11.09 13.05
CA LEU D 302 35.08 12.48 13.33
C LEU D 302 34.17 12.96 14.45
N GLY D 303 34.76 13.41 15.56
CA GLY D 303 33.97 13.87 16.68
C GLY D 303 34.36 15.23 17.22
N LEU D 304 33.45 16.20 17.08
CA LEU D 304 33.61 17.52 17.69
C LEU D 304 32.23 18.02 18.07
N GLU D 305 32.05 18.37 19.35
CA GLU D 305 30.81 18.88 19.92
C GLU D 305 29.74 17.80 20.01
N LYS D 306 29.99 16.60 19.48
CA LYS D 306 29.02 15.52 19.46
C LYS D 306 29.17 14.57 20.63
N ASN D 307 29.96 14.94 21.65
CA ASN D 307 30.06 14.12 22.85
C ASN D 307 28.73 14.02 23.57
N GLY D 308 27.94 15.10 23.55
CA GLY D 308 26.60 15.03 24.09
C GLY D 308 25.77 13.95 23.45
N VAL D 309 25.86 13.84 22.11
CA VAL D 309 25.25 12.72 21.42
C VAL D 309 25.82 11.40 21.92
N ASP D 310 27.10 11.39 22.30
CA ASP D 310 27.73 10.15 22.74
C ASP D 310 27.11 9.63 24.03
N GLU D 311 27.02 10.46 25.07
CA GLU D 311 26.43 9.86 26.27
C GLU D 311 24.90 9.83 26.18
N MET D 312 24.30 10.57 25.26
CA MET D 312 22.88 10.35 24.98
C MET D 312 22.66 8.94 24.44
N LEU D 313 23.50 8.53 23.47
CA LEU D 313 23.42 7.16 22.98
C LEU D 313 23.73 6.15 24.07
N ASN D 314 24.70 6.48 24.94
CA ASN D 314 25.05 5.57 26.04
C ASN D 314 23.85 5.34 26.96
N GLU D 315 23.19 6.42 27.39
CA GLU D 315 22.05 6.28 28.28
C GLU D 315 20.87 5.64 27.57
N LYS D 316 20.72 5.86 26.26
CA LYS D 316 19.66 5.17 25.52
C LYS D 316 19.93 3.67 25.44
N ILE D 317 21.19 3.29 25.27
CA ILE D 317 21.55 1.87 25.30
C ILE D 317 21.25 1.27 26.67
N ASN D 318 21.57 2.01 27.74
CA ASN D 318 21.25 1.54 29.08
C ASN D 318 19.73 1.36 29.25
N LEU D 319 18.96 2.32 28.74
CA LEU D 319 17.50 2.21 28.82
C LEU D 319 16.99 1.00 28.05
N PHE D 320 17.53 0.76 26.86
CA PHE D 320 17.12 -0.40 26.07
C PHE D 320 17.49 -1.70 26.78
N ASN D 321 18.66 -1.75 27.42
CA ASN D 321 19.05 -2.94 28.16
C ASN D 321 18.10 -3.17 29.34
N LYS D 322 17.72 -2.10 30.04
CA LYS D 322 16.77 -2.22 31.14
C LYS D 322 15.43 -2.72 30.62
N ILE D 323 14.96 -2.20 29.50
CA ILE D 323 13.70 -2.67 28.92
C ILE D 323 13.81 -4.15 28.56
N LYS D 324 14.91 -4.54 27.93
CA LYS D 324 15.08 -5.93 27.51
C LYS D 324 15.08 -6.88 28.70
N GLU D 325 15.80 -6.52 29.77
CA GLU D 325 15.81 -7.39 30.95
C GLU D 325 14.45 -7.39 31.64
N GLU D 326 13.70 -6.28 31.56
CA GLU D 326 12.32 -6.29 32.05
C GLU D 326 11.46 -7.27 31.28
N ILE D 327 11.60 -7.30 29.95
CA ILE D 327 10.83 -8.26 29.16
C ILE D 327 11.24 -9.69 29.49
N GLU D 328 12.55 -9.93 29.63
CA GLU D 328 13.00 -11.29 29.95
C GLU D 328 12.47 -11.73 31.31
N GLY D 329 12.48 -10.83 32.30
CA GLY D 329 11.97 -11.16 33.61
C GLY D 329 10.47 -11.14 33.76
N LYS D 330 9.74 -10.74 32.73
CA LYS D 330 8.29 -10.65 32.80
C LYS D 330 7.68 -12.05 32.71
N GLN D 331 6.73 -12.34 33.59
CA GLN D 331 6.08 -13.63 33.66
C GLN D 331 4.71 -13.55 32.98
N LYS D 332 4.36 -14.61 32.25
CA LYS D 332 3.09 -14.65 31.56
C LYS D 332 1.93 -14.61 32.55
N MET D 333 0.93 -13.76 32.25
CA MET D 333 -0.24 -13.60 33.09
C MET D 333 -1.39 -14.49 32.67
N THR D 334 -1.13 -15.46 31.80
CA THR D 334 -2.17 -16.29 31.20
C THR D 334 -1.81 -17.75 31.35
N LEU D 335 -2.81 -18.58 31.65
CA LEU D 335 -2.63 -20.02 31.79
C LEU D 335 -3.35 -20.70 30.62
N SER D 336 -2.58 -21.11 29.61
CA SER D 336 -3.15 -21.71 28.41
C SER D 336 -3.50 -23.18 28.58
N GLU D 337 -3.02 -23.82 29.64
CA GLU D 337 -3.29 -25.24 29.84
C GLU D 337 -4.77 -25.47 30.12
N THR D 338 -5.27 -26.61 29.67
CA THR D 338 -6.68 -26.94 29.77
C THR D 338 -6.88 -28.23 30.55
N PRO D 339 -7.82 -28.27 31.49
CA PRO D 339 -8.11 -29.51 32.22
C PRO D 339 -8.76 -30.57 31.34
N GLU D 340 -8.96 -31.76 31.89
CA GLU D 340 -9.62 -32.85 31.18
C GLU D 340 -11.06 -32.96 31.69
N ASN D 341 -12.00 -33.08 30.76
CA ASN D 341 -13.41 -33.13 31.11
C ASN D 341 -13.75 -34.46 31.79
N PHE D 342 -15.01 -34.61 32.16
CA PHE D 342 -15.46 -35.81 32.86
C PHE D 342 -15.42 -37.01 31.93
N ALA D 343 -15.35 -38.20 32.53
CA ALA D 343 -15.29 -39.45 31.79
C ALA D 343 -16.54 -40.30 31.92
N GLN D 344 -17.43 -39.99 32.86
CA GLN D 344 -18.66 -40.76 33.04
C GLN D 344 -19.72 -39.89 33.67
N ILE D 345 -20.97 -40.13 33.27
CA ILE D 345 -22.12 -39.41 33.81
C ILE D 345 -23.25 -40.42 34.02
N SER D 346 -23.91 -40.34 35.17
CA SER D 346 -24.99 -41.26 35.48
C SER D 346 -26.01 -40.56 36.38
N PHE D 347 -27.29 -40.70 36.03
CA PHE D 347 -28.37 -40.10 36.81
C PHE D 347 -28.85 -41.09 37.88
N ASP D 348 -27.95 -41.35 38.84
CA ASP D 348 -28.24 -42.33 39.88
C ASP D 348 -29.24 -41.80 40.90
N LYS D 349 -29.25 -40.49 41.15
CA LYS D 349 -30.15 -39.93 42.15
C LYS D 349 -31.60 -40.06 41.72
N ASP D 350 -32.46 -40.36 42.69
CA ASP D 350 -33.90 -40.49 42.45
C ASP D 350 -34.54 -39.11 42.56
N ILE D 351 -34.43 -38.34 41.49
CA ILE D 351 -34.97 -36.98 41.41
C ILE D 351 -35.90 -36.92 40.22
N THR D 352 -37.16 -36.54 40.47
CA THR D 352 -38.14 -36.43 39.41
C THR D 352 -37.84 -35.22 38.53
N THR D 353 -38.09 -35.34 37.23
CA THR D 353 -37.62 -34.35 36.27
C THR D 353 -38.19 -32.94 36.47
N PRO D 354 -39.50 -32.73 36.73
CA PRO D 354 -39.95 -31.31 36.71
C PRO D 354 -39.55 -30.56 37.97
N ILE D 355 -38.24 -30.36 38.14
CA ILE D 355 -37.71 -29.68 39.32
C ILE D 355 -36.59 -28.75 38.87
N GLY D 356 -36.52 -27.58 39.51
CA GLY D 356 -35.45 -26.64 39.22
C GLY D 356 -35.44 -26.21 37.77
N ASP D 357 -34.24 -26.19 37.19
CA ASP D 357 -34.05 -25.79 35.79
C ASP D 357 -34.08 -26.98 34.84
N TRP D 358 -34.36 -28.18 35.33
CA TRP D 358 -34.35 -29.39 34.50
C TRP D 358 -35.72 -29.54 33.85
N ARG D 359 -35.81 -29.18 32.57
CA ARG D 359 -37.00 -29.40 31.76
C ARG D 359 -36.73 -30.54 30.79
N ASP D 360 -37.80 -31.27 30.46
CA ASP D 360 -37.68 -32.38 29.52
C ASP D 360 -37.30 -31.85 28.14
N GLY D 361 -36.22 -32.38 27.59
CA GLY D 361 -35.73 -31.98 26.27
C GLY D 361 -34.54 -31.05 26.30
N ARG D 362 -34.21 -30.46 27.44
CA ARG D 362 -33.05 -29.58 27.53
C ARG D 362 -31.76 -30.39 27.46
N GLU D 363 -30.75 -29.81 26.81
CA GLU D 363 -29.43 -30.41 26.73
C GLU D 363 -28.49 -29.68 27.69
N VAL D 364 -27.65 -30.45 28.38
CA VAL D 364 -26.78 -29.93 29.42
C VAL D 364 -25.33 -30.10 28.96
N ARG D 365 -24.55 -29.03 29.07
CA ARG D 365 -23.14 -29.05 28.70
C ARG D 365 -22.30 -28.63 29.89
N TYR D 366 -21.10 -29.22 29.99
CA TYR D 366 -20.20 -28.97 31.11
C TYR D 366 -18.83 -28.56 30.59
N ALA D 367 -18.13 -27.77 31.39
CA ALA D 367 -16.76 -27.35 31.09
C ALA D 367 -15.98 -27.24 32.38
N VAL D 368 -14.65 -27.33 32.27
CA VAL D 368 -13.76 -27.30 33.43
C VAL D 368 -12.66 -26.28 33.16
N GLN D 369 -12.29 -25.53 34.21
CA GLN D 369 -11.27 -24.50 34.09
C GLN D 369 -10.32 -24.55 35.28
N TYR D 370 -9.03 -24.33 35.02
CA TYR D 370 -8.07 -24.23 36.11
C TYR D 370 -8.35 -23.00 36.97
N ALA D 371 -8.04 -23.13 38.25
CA ALA D 371 -8.20 -22.05 39.22
C ALA D 371 -6.85 -21.40 39.47
N SER D 372 -6.76 -20.11 39.15
CA SER D 372 -5.54 -19.34 39.38
C SER D 372 -5.91 -18.01 40.01
N GLU D 373 -5.22 -17.65 41.10
CA GLU D 373 -5.52 -16.41 41.79
C GLU D 373 -4.98 -15.18 41.06
N THR D 374 -3.94 -15.35 40.24
CA THR D 374 -3.31 -14.22 39.59
C THR D 374 -3.18 -14.37 38.07
N LEU D 375 -3.58 -15.50 37.50
CA LEU D 375 -3.46 -15.73 36.07
C LEU D 375 -4.82 -16.07 35.47
N PHE D 376 -4.97 -15.79 34.18
CA PHE D 376 -6.19 -16.14 33.46
C PHE D 376 -6.07 -17.55 32.89
N SER D 377 -7.15 -18.32 33.02
CA SER D 377 -7.16 -19.72 32.63
C SER D 377 -8.22 -19.97 31.57
N LYS D 378 -7.87 -20.79 30.57
CA LYS D 378 -8.82 -21.13 29.52
C LYS D 378 -9.89 -22.08 30.04
N ILE D 379 -11.13 -21.84 29.62
CA ILE D 379 -12.24 -22.74 29.91
C ILE D 379 -12.28 -23.82 28.84
N SER D 380 -12.43 -25.07 29.26
CA SER D 380 -12.37 -26.20 28.34
C SER D 380 -13.54 -26.18 27.37
N HIS D 381 -13.36 -26.90 26.27
CA HIS D 381 -14.43 -27.06 25.29
C HIS D 381 -15.62 -27.78 25.93
N TRP D 382 -16.83 -27.34 25.58
CA TRP D 382 -18.02 -27.91 26.17
C TRP D 382 -18.23 -29.34 25.70
N SER D 383 -18.76 -30.17 26.60
CA SER D 383 -18.99 -31.57 26.31
C SER D 383 -20.17 -31.73 25.36
N ASP D 384 -20.48 -32.98 25.02
CA ASP D 384 -21.58 -33.24 24.12
C ASP D 384 -22.93 -33.01 24.80
N PRO D 385 -23.98 -32.72 24.02
CA PRO D 385 -25.31 -32.56 24.60
C PRO D 385 -25.74 -33.81 25.34
N VAL D 386 -26.41 -33.60 26.49
CA VAL D 386 -26.96 -34.69 27.29
C VAL D 386 -28.44 -34.39 27.53
N SER D 387 -29.29 -35.35 27.17
CA SER D 387 -30.73 -35.19 27.35
C SER D 387 -31.16 -35.77 28.68
N VAL D 388 -32.18 -35.14 29.28
CA VAL D 388 -32.71 -35.55 30.57
C VAL D 388 -34.15 -35.98 30.41
N ARG D 389 -34.46 -37.18 30.89
CA ARG D 389 -35.83 -37.72 30.86
C ARG D 389 -36.08 -38.42 32.18
N GLU D 390 -37.05 -37.92 32.96
CA GLU D 390 -37.50 -38.46 34.23
C GLU D 390 -36.43 -38.39 35.32
N LYS D 391 -35.25 -37.86 35.02
CA LYS D 391 -34.17 -37.73 35.99
C LYS D 391 -33.54 -36.36 35.85
N ALA D 392 -33.30 -35.69 36.98
CA ALA D 392 -32.82 -34.31 36.98
C ALA D 392 -31.42 -34.17 37.54
N CYS D 393 -31.18 -34.63 38.77
CA CYS D 393 -29.88 -34.43 39.40
C CYS D 393 -28.88 -35.46 38.88
N PRO D 394 -27.81 -35.03 38.22
CA PRO D 394 -26.83 -35.98 37.69
C PRO D 394 -25.67 -36.22 38.64
N THR D 395 -24.91 -37.28 38.34
CA THR D 395 -23.71 -37.63 39.06
C THR D 395 -22.60 -37.82 38.04
N LEU D 396 -21.63 -36.92 38.02
CA LEU D 396 -20.55 -36.93 37.04
C LEU D 396 -19.24 -37.29 37.74
N ARG D 397 -18.45 -38.12 37.08
CA ARG D 397 -17.20 -38.65 37.64
C ARG D 397 -16.02 -38.05 36.90
N MET D 398 -15.07 -37.48 37.67
CA MET D 398 -13.94 -36.79 37.09
C MET D 398 -12.65 -37.55 37.34
N PRO D 399 -11.72 -37.55 36.38
CA PRO D 399 -10.40 -38.13 36.63
C PRO D 399 -9.56 -37.22 37.51
N VAL D 400 -8.52 -37.81 38.11
CA VAL D 400 -7.62 -37.05 38.97
C VAL D 400 -6.71 -36.19 38.10
N ASP D 401 -6.62 -34.91 38.45
CA ASP D 401 -5.81 -33.98 37.67
C ASP D 401 -4.33 -34.34 37.78
N GLN D 402 -3.61 -34.18 36.67
CA GLN D 402 -2.21 -34.58 36.62
C GLN D 402 -1.35 -33.65 37.47
N THR D 403 -1.55 -32.34 37.36
CA THR D 403 -0.76 -31.36 38.09
C THR D 403 -1.31 -31.04 39.47
N ARG D 404 -2.44 -31.65 39.84
CA ARG D 404 -3.04 -31.49 41.17
C ARG D 404 -3.38 -30.01 41.45
N ARG D 405 -4.29 -29.48 40.65
CA ARG D 405 -4.81 -28.13 40.82
C ARG D 405 -6.32 -28.19 41.02
N ASN D 406 -6.83 -27.26 41.84
CA ASN D 406 -8.27 -27.09 41.96
C ASN D 406 -8.85 -26.59 40.64
N VAL D 407 -10.03 -27.10 40.28
CA VAL D 407 -10.67 -26.68 39.04
C VAL D 407 -12.11 -26.28 39.33
N LEU D 408 -12.67 -25.49 38.43
CA LEU D 408 -14.05 -25.03 38.51
C LEU D 408 -14.87 -25.65 37.39
N VAL D 409 -16.10 -26.03 37.70
CA VAL D 409 -17.00 -26.68 36.75
C VAL D 409 -18.12 -25.71 36.39
N PHE D 410 -18.29 -25.47 35.10
CA PHE D 410 -19.33 -24.59 34.59
C PHE D 410 -20.36 -25.42 33.83
N ARG D 411 -21.63 -25.06 33.98
CA ARG D 411 -22.74 -25.79 33.40
C ARG D 411 -23.60 -24.85 32.57
N LYS D 412 -24.06 -25.33 31.41
CA LYS D 412 -24.90 -24.56 30.52
C LYS D 412 -26.10 -25.38 30.11
N PHE D 413 -27.29 -24.79 30.20
CA PHE D 413 -28.53 -25.39 29.73
C PHE D 413 -28.91 -24.75 28.40
N ASP D 414 -28.96 -25.56 27.35
CA ASP D 414 -29.30 -25.10 25.99
C ASP D 414 -28.32 -23.99 25.62
N SER D 415 -28.77 -22.77 25.35
CA SER D 415 -27.89 -21.66 25.04
C SER D 415 -28.08 -20.51 26.04
N SER D 416 -28.40 -20.84 27.28
CA SER D 416 -28.65 -19.84 28.31
C SER D 416 -27.32 -19.34 28.88
N LYS D 417 -27.39 -18.55 29.95
CA LYS D 417 -26.18 -18.03 30.58
C LYS D 417 -25.47 -19.15 31.32
N PRO D 418 -24.17 -19.36 31.10
CA PRO D 418 -23.45 -20.40 31.84
C PRO D 418 -23.39 -20.08 33.33
N GLN D 419 -23.40 -21.13 34.14
CA GLN D 419 -23.37 -21.04 35.59
C GLN D 419 -22.07 -21.63 36.13
N LEU D 420 -21.95 -21.67 37.45
CA LEU D 420 -20.80 -22.24 38.14
C LEU D 420 -21.33 -23.19 39.20
N VAL D 421 -21.17 -24.49 38.98
CA VAL D 421 -21.80 -25.48 39.85
C VAL D 421 -20.92 -25.95 41.01
N GLY D 422 -19.60 -25.79 40.91
CA GLY D 422 -18.77 -26.19 42.03
C GLY D 422 -17.30 -26.23 41.64
N GLU D 423 -16.51 -26.69 42.61
CA GLU D 423 -15.06 -26.77 42.51
C GLU D 423 -14.60 -28.17 42.86
N ILE D 424 -13.56 -28.64 42.18
CA ILE D 424 -13.03 -29.98 42.33
C ILE D 424 -11.61 -29.88 42.86
N THR D 425 -11.33 -30.58 43.96
CA THR D 425 -10.01 -30.72 44.54
C THR D 425 -9.18 -31.72 43.74
N PRO D 426 -7.86 -31.72 43.90
CA PRO D 426 -7.02 -32.65 43.13
C PRO D 426 -7.31 -34.12 43.39
N TYR D 427 -7.94 -34.46 44.52
CA TYR D 427 -8.20 -35.85 44.88
C TYR D 427 -9.68 -36.06 45.14
N LEU D 428 -10.52 -35.55 44.25
CA LEU D 428 -11.97 -35.76 44.30
C LEU D 428 -12.38 -36.62 43.11
N SER D 429 -13.07 -37.72 43.40
CA SER D 429 -13.45 -38.68 42.37
C SER D 429 -14.87 -38.46 41.87
N ASN D 430 -15.85 -38.49 42.76
CA ASN D 430 -17.26 -38.36 42.40
C ASN D 430 -17.77 -37.00 42.85
N PHE D 431 -18.39 -36.27 41.93
CA PHE D 431 -19.00 -34.97 42.23
C PHE D 431 -20.51 -35.08 42.04
N ILE D 432 -21.24 -34.99 43.15
CA ILE D 432 -22.69 -34.94 43.09
C ILE D 432 -23.13 -33.56 42.61
N ASP D 433 -23.94 -33.52 41.57
CA ASP D 433 -24.35 -32.26 40.97
C ASP D 433 -25.68 -31.80 41.57
N ILE D 434 -25.62 -31.45 42.84
CA ILE D 434 -26.75 -30.86 43.53
C ILE D 434 -26.48 -29.42 44.00
N ASP D 435 -25.23 -29.00 44.08
CA ASP D 435 -24.92 -27.61 44.39
C ASP D 435 -25.29 -26.71 43.22
N ARG D 436 -25.43 -25.42 43.52
CA ARG D 436 -25.85 -24.38 42.58
C ARG D 436 -27.31 -24.59 42.17
N ASP D 437 -27.92 -25.67 42.64
CA ASP D 437 -29.35 -25.85 42.51
C ASP D 437 -30.06 -25.36 43.76
N LEU D 438 -29.47 -25.61 44.94
CA LEU D 438 -29.98 -25.03 46.17
C LEU D 438 -29.71 -23.53 46.22
N TYR D 439 -28.55 -23.11 45.70
CA TYR D 439 -28.27 -21.68 45.60
C TYR D 439 -29.27 -20.98 44.68
N ASN D 440 -29.58 -21.60 43.54
CA ASN D 440 -30.64 -21.08 42.68
C ASN D 440 -32.01 -21.32 43.28
N ALA D 441 -32.15 -22.31 44.16
CA ALA D 441 -33.40 -22.50 44.88
C ALA D 441 -33.71 -21.30 45.77
N ALA D 442 -32.71 -20.81 46.48
CA ALA D 442 -32.89 -19.63 47.32
C ALA D 442 -33.14 -18.37 46.51
N SER D 443 -32.75 -18.34 45.24
CA SER D 443 -32.89 -17.18 44.38
C SER D 443 -34.15 -17.22 43.53
N ASN D 444 -35.02 -18.20 43.75
CA ASN D 444 -36.25 -18.31 42.97
C ASN D 444 -37.20 -17.19 43.36
N PRO D 445 -37.66 -16.35 42.42
CA PRO D 445 -38.58 -15.26 42.78
C PRO D 445 -39.89 -15.75 43.39
N ASP D 446 -40.39 -16.91 42.98
CA ASP D 446 -41.62 -17.43 43.56
C ASP D 446 -41.35 -17.97 44.96
N SER D 447 -42.41 -18.03 45.76
CA SER D 447 -42.31 -18.40 47.17
C SER D 447 -42.78 -19.82 47.44
N ALA D 448 -44.01 -20.16 47.06
CA ALA D 448 -44.55 -21.49 47.39
C ALA D 448 -43.80 -22.59 46.66
N VAL D 449 -43.63 -22.45 45.35
CA VAL D 449 -42.88 -23.43 44.58
C VAL D 449 -41.44 -23.47 45.04
N GLY D 450 -40.84 -22.30 45.27
CA GLY D 450 -39.48 -22.25 45.76
C GLY D 450 -39.31 -22.92 47.11
N PHE D 451 -40.26 -22.68 48.03
CA PHE D 451 -40.19 -23.34 49.33
C PHE D 451 -40.34 -24.85 49.19
N LYS D 452 -41.26 -25.31 48.34
CA LYS D 452 -41.45 -26.74 48.14
C LYS D 452 -40.19 -27.40 47.61
N GLU D 453 -39.56 -26.79 46.60
CA GLU D 453 -38.37 -27.40 46.03
C GLU D 453 -37.16 -27.27 46.97
N PHE D 454 -37.12 -26.22 47.78
CA PHE D 454 -36.09 -26.11 48.81
C PHE D 454 -36.22 -27.25 49.81
N THR D 455 -37.44 -27.53 50.25
CA THR D 455 -37.67 -28.65 51.17
C THR D 455 -37.30 -29.97 50.51
N LYS D 456 -37.66 -30.15 49.23
CA LYS D 456 -37.33 -31.38 48.54
C LYS D 456 -35.81 -31.58 48.45
N LEU D 457 -35.08 -30.52 48.09
CA LEU D 457 -33.63 -30.61 47.99
C LEU D 457 -33.00 -30.87 49.36
N ASN D 458 -33.50 -30.22 50.41
CA ASN D 458 -32.95 -30.45 51.74
C ASN D 458 -33.19 -31.88 52.19
N TYR D 459 -34.37 -32.43 51.92
CA TYR D 459 -34.64 -33.82 52.27
C TYR D 459 -33.77 -34.77 51.46
N ASP D 460 -33.54 -34.47 50.18
CA ASP D 460 -32.74 -35.34 49.33
C ASP D 460 -31.27 -35.32 49.69
N GLY D 461 -30.79 -34.25 50.34
CA GLY D 461 -29.42 -34.21 50.81
C GLY D 461 -28.54 -33.21 50.08
N ALA D 462 -28.28 -32.07 50.71
CA ALA D 462 -27.40 -31.06 50.15
C ALA D 462 -26.76 -30.27 51.28
N ASN D 463 -25.63 -29.64 50.98
CA ASN D 463 -24.91 -28.86 51.97
C ASN D 463 -25.34 -27.40 51.95
N ILE D 464 -25.02 -26.69 53.02
CA ILE D 464 -25.40 -25.29 53.18
C ILE D 464 -24.19 -24.41 52.93
N ARG D 465 -22.99 -24.95 53.17
CA ARG D 465 -21.74 -24.21 53.07
C ARG D 465 -21.22 -24.11 51.63
N ALA D 466 -22.06 -24.36 50.64
CA ALA D 466 -21.63 -24.23 49.25
C ALA D 466 -21.24 -22.80 48.94
N THR D 467 -20.18 -22.64 48.14
CA THR D 467 -19.60 -21.34 47.84
C THR D 467 -19.57 -21.15 46.33
N PHE D 468 -20.19 -20.05 45.86
CA PHE D 468 -20.16 -19.68 44.46
C PHE D 468 -20.03 -18.17 44.33
N ASP D 469 -19.51 -17.73 43.19
CA ASP D 469 -19.48 -16.32 42.80
C ASP D 469 -18.79 -15.46 43.86
N HIS D 470 -17.51 -15.76 44.06
CA HIS D 470 -16.65 -14.99 44.97
C HIS D 470 -17.19 -15.00 46.40
N GLY D 471 -17.72 -16.14 46.83
CA GLY D 471 -18.11 -16.33 48.21
C GLY D 471 -19.59 -16.21 48.51
N ARG D 472 -20.44 -16.02 47.51
CA ARG D 472 -21.88 -15.94 47.76
C ARG D 472 -22.40 -17.30 48.21
N THR D 473 -23.17 -17.31 49.28
CA THR D 473 -23.74 -18.52 49.86
C THR D 473 -25.26 -18.51 49.72
N VAL D 474 -25.91 -19.51 50.33
CA VAL D 474 -27.37 -19.59 50.27
C VAL D 474 -27.98 -18.39 50.99
N PHE D 475 -27.33 -17.89 52.05
CA PHE D 475 -27.81 -16.68 52.71
C PHE D 475 -27.79 -15.49 51.77
N HIS D 476 -26.72 -15.35 50.99
CA HIS D 476 -26.64 -14.24 50.04
C HIS D 476 -27.72 -14.35 48.98
N ALA D 477 -27.97 -15.56 48.46
CA ALA D 477 -29.02 -15.74 47.46
C ALA D 477 -30.39 -15.44 48.04
N ALA D 478 -30.64 -15.87 49.27
CA ALA D 478 -31.92 -15.59 49.92
C ALA D 478 -32.10 -14.09 50.14
N ALA D 479 -31.03 -13.40 50.53
CA ALA D 479 -31.11 -11.95 50.69
C ALA D 479 -31.37 -11.26 49.37
N LYS D 480 -30.74 -11.73 48.29
CA LYS D 480 -30.99 -11.15 46.97
C LYS D 480 -32.44 -11.36 46.54
N SER D 481 -32.95 -12.58 46.69
CA SER D 481 -34.32 -12.87 46.28
C SER D 481 -35.33 -12.24 47.24
N GLY D 482 -35.09 -12.37 48.54
CA GLY D 482 -36.00 -11.85 49.54
C GLY D 482 -36.99 -12.85 50.10
N ASN D 483 -36.80 -14.14 49.86
CA ASN D 483 -37.69 -15.15 50.42
C ASN D 483 -37.58 -15.16 51.94
N ASP D 484 -38.74 -15.25 52.61
CA ASP D 484 -38.81 -15.21 54.07
C ASP D 484 -38.98 -16.57 54.72
N LYS D 485 -39.73 -17.48 54.08
CA LYS D 485 -39.92 -18.80 54.67
C LYS D 485 -38.62 -19.57 54.76
N ILE D 486 -37.81 -19.54 53.70
CA ILE D 486 -36.52 -20.22 53.74
C ILE D 486 -35.59 -19.53 54.75
N MET D 487 -35.68 -18.20 54.86
CA MET D 487 -34.95 -17.50 55.91
C MET D 487 -35.41 -17.97 57.30
N PHE D 488 -36.72 -18.09 57.49
CA PHE D 488 -37.24 -18.55 58.77
C PHE D 488 -36.73 -19.95 59.11
N GLY D 489 -36.69 -20.83 58.10
CA GLY D 489 -36.12 -22.16 58.33
C GLY D 489 -34.64 -22.11 58.64
N LEU D 490 -33.91 -21.19 58.00
CA LEU D 490 -32.46 -21.12 58.22
C LEU D 490 -32.12 -20.58 59.59
N THR D 491 -32.93 -19.63 60.12
CA THR D 491 -32.68 -19.16 61.48
C THR D 491 -32.88 -20.27 62.50
N PHE D 492 -33.89 -21.12 62.29
CA PHE D 492 -34.02 -22.30 63.15
C PHE D 492 -32.83 -23.22 62.92
N LEU D 493 -32.31 -23.77 64.02
CA LEU D 493 -31.00 -24.43 64.04
C LEU D 493 -29.93 -23.47 63.52
N ALA D 494 -29.79 -22.37 64.26
CA ALA D 494 -29.01 -21.23 63.78
C ALA D 494 -27.53 -21.57 63.64
N LYS D 495 -26.91 -20.99 62.61
CA LYS D 495 -25.48 -21.09 62.37
C LYS D 495 -24.92 -19.67 62.53
N SER D 496 -24.40 -19.37 63.72
CA SER D 496 -24.01 -18.00 64.05
C SER D 496 -22.86 -17.50 63.18
N THR D 497 -21.87 -18.37 62.93
CA THR D 497 -20.70 -17.95 62.17
C THR D 497 -21.04 -17.56 60.74
N GLU D 498 -21.93 -18.32 60.09
CA GLU D 498 -22.25 -18.09 58.68
C GLU D 498 -23.24 -16.96 58.46
N LEU D 499 -23.94 -16.50 59.49
CA LEU D 499 -24.85 -15.37 59.31
C LEU D 499 -24.10 -14.07 59.09
N ASN D 500 -22.87 -13.98 59.58
CA ASN D 500 -22.04 -12.80 59.39
C ASN D 500 -20.82 -13.08 58.53
N GLN D 501 -20.83 -14.18 57.79
CA GLN D 501 -19.68 -14.55 56.98
C GLN D 501 -19.58 -13.64 55.76
N PRO D 502 -18.49 -12.91 55.58
CA PRO D 502 -18.34 -12.06 54.39
C PRO D 502 -17.93 -12.89 53.17
N ASP D 503 -18.03 -12.26 52.01
CA ASP D 503 -17.60 -12.85 50.76
C ASP D 503 -16.23 -12.28 50.38
N LYS D 504 -15.76 -12.61 49.18
CA LYS D 504 -14.47 -12.10 48.72
C LYS D 504 -14.50 -10.58 48.58
N LYS D 505 -15.60 -10.03 48.07
CA LYS D 505 -15.73 -8.58 47.98
C LYS D 505 -15.80 -7.96 49.37
N GLY D 506 -16.52 -8.58 50.29
CA GLY D 506 -16.64 -8.07 51.64
C GLY D 506 -18.09 -7.94 52.09
N TYR D 507 -19.03 -8.21 51.19
CA TYR D 507 -20.44 -8.07 51.51
C TYR D 507 -20.89 -9.17 52.46
N THR D 508 -21.81 -8.81 53.34
CA THR D 508 -22.42 -9.70 54.32
C THR D 508 -23.88 -9.94 53.97
N PRO D 509 -24.50 -10.98 54.53
CA PRO D 509 -25.93 -11.21 54.25
C PRO D 509 -26.81 -10.02 54.58
N ILE D 510 -26.53 -9.31 55.68
CA ILE D 510 -27.30 -8.10 55.97
C ILE D 510 -27.01 -7.01 54.95
N HIS D 511 -25.77 -6.94 54.46
CA HIS D 511 -25.44 -5.96 53.42
C HIS D 511 -26.26 -6.22 52.15
N VAL D 512 -26.33 -7.49 51.74
CA VAL D 512 -27.08 -7.84 50.53
C VAL D 512 -28.56 -7.62 50.75
N ALA D 513 -29.07 -7.95 51.95
CA ALA D 513 -30.48 -7.73 52.24
C ALA D 513 -30.84 -6.25 52.18
N ALA D 514 -29.97 -5.39 52.73
CA ALA D 514 -30.22 -3.96 52.66
C ALA D 514 -30.12 -3.44 51.23
N ASP D 515 -29.17 -3.94 50.45
CA ASP D 515 -29.00 -3.48 49.08
C ASP D 515 -30.19 -3.89 48.21
N SER D 516 -30.71 -5.10 48.41
CA SER D 516 -31.82 -5.58 47.58
C SER D 516 -33.07 -4.73 47.78
N GLY D 517 -33.36 -4.37 49.02
CA GLY D 517 -34.51 -3.52 49.32
C GLY D 517 -35.67 -4.21 50.00
N ASN D 518 -35.53 -5.48 50.37
CA ASN D 518 -36.60 -6.16 51.08
C ASN D 518 -36.57 -5.80 52.56
N ALA D 519 -37.68 -6.08 53.24
CA ALA D 519 -37.83 -5.75 54.65
C ALA D 519 -37.98 -6.96 55.56
N GLY D 520 -38.63 -8.02 55.10
CA GLY D 520 -38.80 -9.19 55.95
C GLY D 520 -37.49 -9.87 56.32
N ILE D 521 -36.60 -10.02 55.34
CA ILE D 521 -35.30 -10.65 55.61
C ILE D 521 -34.47 -9.77 56.54
N VAL D 522 -34.52 -8.45 56.32
CA VAL D 522 -33.80 -7.53 57.20
C VAL D 522 -34.37 -7.59 58.61
N ASN D 523 -35.70 -7.64 58.72
CA ASN D 523 -36.33 -7.75 60.04
C ASN D 523 -35.92 -9.03 60.75
N LEU D 524 -35.89 -10.15 60.02
CA LEU D 524 -35.51 -11.42 60.63
C LEU D 524 -34.04 -11.40 61.06
N LEU D 525 -33.17 -10.82 60.24
CA LEU D 525 -31.75 -10.72 60.60
C LEU D 525 -31.56 -9.82 61.81
N ILE D 526 -32.31 -8.72 61.89
CA ILE D 526 -32.24 -7.84 63.04
C ILE D 526 -32.72 -8.55 64.30
N GLN D 527 -33.78 -9.35 64.18
CA GLN D 527 -34.32 -10.06 65.34
C GLN D 527 -33.27 -10.97 65.96
N ARG D 528 -32.52 -11.71 65.13
CA ARG D 528 -31.47 -12.58 65.64
C ARG D 528 -30.30 -11.81 66.23
N GLY D 529 -30.07 -10.57 65.79
CA GLY D 529 -28.99 -9.77 66.34
C GLY D 529 -27.66 -9.96 65.66
N VAL D 530 -27.63 -9.95 64.33
CA VAL D 530 -26.39 -10.10 63.58
C VAL D 530 -25.61 -8.80 63.63
N SER D 531 -24.34 -8.85 63.22
CA SER D 531 -23.51 -7.66 63.19
C SER D 531 -24.10 -6.62 62.24
N ILE D 532 -24.13 -5.37 62.69
CA ILE D 532 -24.74 -4.28 61.93
C ILE D 532 -23.68 -3.35 61.33
N ASN D 533 -22.67 -2.98 62.11
CA ASN D 533 -21.66 -2.03 61.68
C ASN D 533 -20.55 -2.67 60.84
N SER D 534 -20.78 -3.86 60.29
CA SER D 534 -19.79 -4.49 59.44
C SER D 534 -19.57 -3.67 58.17
N LYS D 535 -18.32 -3.59 57.74
CA LYS D 535 -17.95 -2.77 56.59
C LYS D 535 -17.21 -3.62 55.56
N THR D 536 -17.40 -3.28 54.29
CA THR D 536 -16.80 -4.02 53.20
C THR D 536 -15.30 -3.70 53.09
N TYR D 537 -14.59 -4.53 52.33
CA TYR D 537 -13.17 -4.33 52.11
C TYR D 537 -12.94 -3.14 51.18
N HIS D 538 -11.69 -2.68 51.14
CA HIS D 538 -11.30 -1.50 50.37
C HIS D 538 -12.13 -0.30 50.80
N PHE D 539 -13.08 0.10 49.96
CA PHE D 539 -14.03 1.14 50.34
C PHE D 539 -15.05 0.53 51.30
N LEU D 540 -15.17 1.13 52.48
CA LEU D 540 -15.99 0.59 53.56
C LEU D 540 -17.36 1.26 53.56
N GLN D 541 -18.42 0.46 53.48
CA GLN D 541 -19.78 0.97 53.49
C GLN D 541 -20.64 0.09 54.38
N THR D 542 -21.40 0.72 55.26
CA THR D 542 -22.35 0.02 56.12
C THR D 542 -23.65 -0.20 55.36
N PRO D 543 -24.57 -1.01 55.90
CA PRO D 543 -25.90 -1.13 55.26
C PRO D 543 -26.61 0.20 55.14
N LEU D 544 -26.37 1.14 56.05
CA LEU D 544 -26.96 2.47 55.93
C LEU D 544 -26.49 3.17 54.68
N HIS D 545 -25.20 3.04 54.33
CA HIS D 545 -24.68 3.64 53.11
C HIS D 545 -25.40 3.09 51.88
N LEU D 546 -25.56 1.75 51.82
CA LEU D 546 -26.22 1.14 50.68
C LEU D 546 -27.68 1.56 50.60
N ALA D 547 -28.37 1.61 51.74
CA ALA D 547 -29.77 2.03 51.74
C ALA D 547 -29.91 3.48 51.29
N ALA D 548 -29.01 4.35 51.74
CA ALA D 548 -29.07 5.75 51.33
C ALA D 548 -28.78 5.90 49.85
N GLN D 549 -27.77 5.19 49.34
CA GLN D 549 -27.43 5.31 47.92
C GLN D 549 -28.53 4.76 47.03
N ARG D 550 -29.15 3.64 47.44
CA ARG D 550 -30.24 3.06 46.66
C ARG D 550 -31.53 3.85 46.76
N GLY D 551 -31.70 4.64 47.83
CA GLY D 551 -32.91 5.42 47.99
C GLY D 551 -34.07 4.69 48.63
N PHE D 552 -33.86 3.47 49.11
CA PHE D 552 -34.94 2.72 49.74
C PHE D 552 -35.22 3.28 51.13
N VAL D 553 -36.49 3.51 51.44
CA VAL D 553 -36.90 4.15 52.68
C VAL D 553 -37.30 3.13 53.74
N THR D 554 -38.10 2.13 53.35
CA THR D 554 -38.61 1.16 54.32
C THR D 554 -37.49 0.36 54.98
N THR D 555 -36.46 0.01 54.21
CA THR D 555 -35.35 -0.75 54.77
C THR D 555 -34.64 0.04 55.86
N PHE D 556 -34.39 1.32 55.64
CA PHE D 556 -33.75 2.14 56.68
C PHE D 556 -34.66 2.28 57.89
N GLN D 557 -35.97 2.44 57.67
CA GLN D 557 -36.91 2.51 58.78
C GLN D 557 -36.83 1.24 59.63
N ARG D 558 -36.75 0.08 58.98
CA ARG D 558 -36.60 -1.17 59.73
C ARG D 558 -35.25 -1.23 60.43
N LEU D 559 -34.21 -0.67 59.81
CA LEU D 559 -32.89 -0.69 60.42
C LEU D 559 -32.86 0.11 61.72
N MET D 560 -33.50 1.28 61.74
CA MET D 560 -33.46 2.09 62.95
C MET D 560 -34.34 1.55 64.08
N GLU D 561 -35.14 0.52 63.84
CA GLU D 561 -35.84 -0.13 64.94
C GLU D 561 -34.92 -0.95 65.82
N SER D 562 -33.67 -1.14 65.42
CA SER D 562 -32.68 -1.90 66.17
C SER D 562 -31.74 -0.97 66.92
N PRO D 563 -31.19 -1.42 68.05
CA PRO D 563 -30.11 -0.66 68.69
C PRO D 563 -28.78 -0.85 67.98
N GLU D 564 -27.69 -0.45 68.64
CA GLU D 564 -26.34 -0.41 68.08
C GLU D 564 -26.34 0.06 66.62
N ILE D 565 -26.85 1.27 66.42
CA ILE D 565 -26.87 1.91 65.11
C ILE D 565 -25.98 3.14 65.17
N ASN D 566 -24.97 3.19 64.30
CA ASN D 566 -24.12 4.35 64.14
C ASN D 566 -24.73 5.25 63.07
N ILE D 567 -25.15 6.45 63.46
CA ILE D 567 -25.81 7.35 62.53
C ILE D 567 -24.86 7.75 61.40
N ASN D 568 -23.62 8.08 61.77
CA ASN D 568 -22.60 8.45 60.80
C ASN D 568 -21.44 7.47 60.85
N GLU D 569 -20.80 7.28 59.70
CA GLU D 569 -19.65 6.41 59.57
C GLU D 569 -18.68 7.02 58.57
N ARG D 570 -17.42 6.62 58.66
CA ARG D 570 -16.37 7.12 57.79
C ARG D 570 -16.03 6.07 56.75
N ASP D 571 -16.11 6.46 55.48
CA ASP D 571 -15.76 5.58 54.36
C ASP D 571 -14.27 5.73 54.07
N LYS D 572 -13.84 5.23 52.91
CA LYS D 572 -12.45 5.45 52.48
C LYS D 572 -12.14 6.94 52.41
N ASP D 573 -13.11 7.75 52.01
CA ASP D 573 -12.99 9.20 52.01
C ASP D 573 -13.75 9.84 53.16
N GLY D 574 -14.20 9.06 54.13
CA GLY D 574 -14.93 9.59 55.27
C GLY D 574 -16.28 10.19 54.95
N PHE D 575 -17.06 9.52 54.11
CA PHE D 575 -18.38 10.01 53.73
C PHE D 575 -19.44 9.43 54.64
N THR D 576 -20.11 10.29 55.40
CA THR D 576 -21.25 9.87 56.20
C THR D 576 -22.41 9.50 55.29
N PRO D 577 -23.32 8.61 55.74
CA PRO D 577 -24.46 8.22 54.89
C PRO D 577 -25.30 9.38 54.36
N LEU D 578 -25.09 10.59 54.88
CA LEU D 578 -25.79 11.74 54.33
C LEU D 578 -25.27 12.11 52.94
N HIS D 579 -23.96 11.90 52.70
CA HIS D 579 -23.42 12.10 51.35
C HIS D 579 -24.07 11.15 50.34
N TYR D 580 -24.48 9.97 50.79
CA TYR D 580 -25.22 9.06 49.92
C TYR D 580 -26.70 9.38 49.89
N ALA D 581 -27.23 10.00 50.95
CA ALA D 581 -28.62 10.45 50.94
C ALA D 581 -28.84 11.54 49.90
N ILE D 582 -27.91 12.50 49.81
CA ILE D 582 -28.04 13.55 48.81
C ILE D 582 -27.95 12.96 47.41
N ARG D 583 -27.29 11.81 47.26
CA ARG D 583 -27.29 11.10 46.00
C ARG D 583 -28.61 10.35 45.78
N GLY D 584 -29.24 9.89 46.85
CA GLY D 584 -30.46 9.10 46.74
C GLY D 584 -31.67 9.87 46.29
N GLY D 585 -32.17 10.77 47.11
CA GLY D 585 -33.35 11.53 46.75
C GLY D 585 -33.90 12.31 47.92
N GLU D 586 -35.01 12.99 47.66
CA GLU D 586 -35.66 13.79 48.70
C GLU D 586 -36.24 12.91 49.80
N ARG D 587 -36.82 11.76 49.43
CA ARG D 587 -37.48 10.92 50.42
C ARG D 587 -36.49 10.39 51.45
N ILE D 588 -35.31 9.95 50.99
CA ILE D 588 -34.32 9.43 51.92
C ILE D 588 -33.78 10.55 52.81
N LEU D 589 -33.64 11.76 52.26
CA LEU D 589 -33.21 12.90 53.08
C LEU D 589 -34.24 13.22 54.16
N GLU D 590 -35.53 13.21 53.81
CA GLU D 590 -36.57 13.43 54.80
C GLU D 590 -36.57 12.33 55.85
N ALA D 591 -36.38 11.08 55.43
CA ALA D 591 -36.34 9.97 56.38
C ALA D 591 -35.18 10.12 57.34
N PHE D 592 -34.01 10.54 56.86
CA PHE D 592 -32.87 10.71 57.76
C PHE D 592 -33.08 11.89 58.69
N LEU D 593 -33.53 13.03 58.17
CA LEU D 593 -33.73 14.21 59.00
C LEU D 593 -34.88 14.04 59.98
N ASN D 594 -35.76 13.06 59.75
CA ASN D 594 -36.82 12.78 60.72
C ASN D 594 -36.27 12.23 62.03
N GLN D 595 -35.07 11.66 62.01
CA GLN D 595 -34.49 11.09 63.22
C GLN D 595 -34.12 12.20 64.21
N ILE D 596 -33.72 11.78 65.42
CA ILE D 596 -33.47 12.72 66.51
C ILE D 596 -31.98 13.00 66.63
N SER D 597 -31.14 12.05 66.26
CA SER D 597 -29.68 12.17 66.39
C SER D 597 -29.07 12.17 64.99
N ILE D 598 -28.97 13.35 64.39
CA ILE D 598 -28.41 13.51 63.05
C ILE D 598 -27.33 14.59 63.12
N ASP D 599 -26.15 14.27 62.57
CA ASP D 599 -25.03 15.21 62.50
C ASP D 599 -24.97 15.72 61.06
N VAL D 600 -25.73 16.78 60.78
CA VAL D 600 -25.84 17.29 59.42
C VAL D 600 -24.52 17.88 58.95
N ASN D 601 -23.76 18.51 59.85
CA ASN D 601 -22.54 19.22 59.48
C ASN D 601 -21.31 18.33 59.50
N ALA D 602 -21.48 17.03 59.27
CA ALA D 602 -20.33 16.13 59.21
C ALA D 602 -19.44 16.48 58.02
N LYS D 603 -18.13 16.38 58.24
CA LYS D 603 -17.14 16.72 57.23
C LYS D 603 -16.29 15.50 56.92
N SER D 604 -15.93 15.35 55.64
CA SER D 604 -15.12 14.23 55.19
C SER D 604 -13.64 14.52 55.44
N ASN D 605 -12.77 13.70 54.86
CA ASN D 605 -11.33 13.94 54.99
C ASN D 605 -10.95 15.28 54.36
N THR D 606 -11.49 15.59 53.19
CA THR D 606 -11.28 16.90 52.60
C THR D 606 -12.11 17.97 53.30
N GLY D 607 -13.25 17.58 53.88
CA GLY D 607 -14.11 18.50 54.59
C GLY D 607 -15.42 18.84 53.92
N LEU D 608 -15.81 18.10 52.88
CA LEU D 608 -17.02 18.42 52.13
C LEU D 608 -18.25 18.07 52.95
N THR D 609 -18.97 19.09 53.40
CA THR D 609 -20.25 18.87 54.05
C THR D 609 -21.28 18.42 53.01
N PRO D 610 -22.30 17.66 53.43
CA PRO D 610 -23.28 17.16 52.45
C PRO D 610 -23.94 18.24 51.62
N PHE D 611 -24.24 19.40 52.21
CA PHE D 611 -24.86 20.48 51.45
C PHE D 611 -23.94 20.99 50.36
N HIS D 612 -22.63 21.02 50.62
CA HIS D 612 -21.70 21.62 49.67
C HIS D 612 -21.65 20.81 48.38
N LEU D 613 -21.44 19.50 48.48
CA LEU D 613 -21.43 18.70 47.26
C LEU D 613 -22.82 18.35 46.78
N ALA D 614 -23.86 18.62 47.56
CA ALA D 614 -25.21 18.63 47.00
C ALA D 614 -25.38 19.81 46.06
N ILE D 615 -24.83 20.97 46.42
CA ILE D 615 -24.81 22.11 45.51
C ILE D 615 -23.91 21.81 44.31
N ILE D 616 -22.81 21.10 44.53
CA ILE D 616 -21.96 20.70 43.41
C ILE D 616 -22.74 19.82 42.44
N LYS D 617 -23.51 18.86 42.97
CA LYS D 617 -24.36 18.03 42.12
C LYS D 617 -25.44 18.83 41.42
N ASN D 618 -25.79 20.01 41.95
CA ASN D 618 -26.77 20.96 41.42
C ASN D 618 -28.20 20.50 41.61
N ASP D 619 -28.44 19.46 42.42
CA ASP D 619 -29.80 19.00 42.70
C ASP D 619 -30.36 19.96 43.74
N TRP D 620 -30.96 21.05 43.27
CA TRP D 620 -31.46 22.08 44.18
C TRP D 620 -32.57 21.60 45.11
N PRO D 621 -33.59 20.85 44.66
CA PRO D 621 -34.68 20.48 45.59
C PRO D 621 -34.21 19.76 46.85
N VAL D 622 -33.26 18.83 46.74
CA VAL D 622 -32.82 18.10 47.92
C VAL D 622 -32.05 19.03 48.85
N ALA D 623 -31.26 19.95 48.29
CA ALA D 623 -30.57 20.94 49.12
C ALA D 623 -31.56 21.83 49.85
N SER D 624 -32.63 22.25 49.16
CA SER D 624 -33.66 23.06 49.80
C SER D 624 -34.33 22.29 50.93
N THR D 625 -34.64 21.01 50.69
CA THR D 625 -35.24 20.19 51.74
C THR D 625 -34.31 20.07 52.94
N LEU D 626 -33.02 19.85 52.69
CA LEU D 626 -32.06 19.73 53.79
C LEU D 626 -31.95 21.03 54.58
N LEU D 627 -31.93 22.17 53.88
CA LEU D 627 -31.83 23.45 54.57
C LEU D 627 -33.09 23.75 55.38
N GLY D 628 -34.27 23.45 54.82
CA GLY D 628 -35.50 23.72 55.52
C GLY D 628 -35.82 22.76 56.65
N SER D 629 -35.26 21.56 56.62
CA SER D 629 -35.55 20.58 57.67
C SER D 629 -34.83 20.93 58.96
N LYS D 630 -33.56 21.32 58.87
CA LYS D 630 -32.77 21.61 60.06
C LYS D 630 -31.69 22.62 59.68
N LYS D 631 -31.28 23.42 60.66
CA LYS D 631 -30.33 24.50 60.42
C LYS D 631 -28.99 23.94 59.94
N VAL D 632 -28.47 24.52 58.86
CA VAL D 632 -27.23 24.07 58.24
C VAL D 632 -26.32 25.28 58.06
N ASP D 633 -25.03 25.10 58.31
CA ASP D 633 -24.05 26.16 58.09
C ASP D 633 -23.80 26.30 56.60
N ILE D 634 -24.42 27.31 55.98
CA ILE D 634 -24.22 27.55 54.56
C ILE D 634 -22.78 27.94 54.28
N ASN D 635 -22.20 28.75 55.15
CA ASN D 635 -20.85 29.29 54.97
C ASN D 635 -19.76 28.33 55.41
N ALA D 636 -20.08 27.04 55.54
CA ALA D 636 -19.06 26.06 55.88
C ALA D 636 -18.02 25.97 54.76
N VAL D 637 -16.75 25.79 55.16
CA VAL D 637 -15.64 25.78 54.22
C VAL D 637 -14.82 24.51 54.41
N ASP D 638 -14.06 24.17 53.38
CA ASP D 638 -13.25 22.96 53.37
C ASP D 638 -11.89 23.27 54.01
N GLU D 639 -10.95 22.33 53.88
CA GLU D 639 -9.60 22.54 54.40
C GLU D 639 -8.86 23.62 53.63
N ASN D 640 -9.29 23.93 52.40
CA ASN D 640 -8.73 25.03 51.63
C ASN D 640 -9.55 26.30 51.75
N ASN D 641 -10.50 26.35 52.68
CA ASN D 641 -11.38 27.50 52.87
C ASN D 641 -12.17 27.77 51.58
N ILE D 642 -12.89 26.75 51.12
CA ILE D 642 -13.66 26.81 49.88
C ILE D 642 -15.14 26.77 50.23
N THR D 643 -15.87 27.79 49.80
CA THR D 643 -17.31 27.89 49.99
C THR D 643 -18.02 27.37 48.74
N ALA D 644 -19.27 26.95 48.93
CA ALA D 644 -20.05 26.40 47.81
C ALA D 644 -20.16 27.39 46.66
N LEU D 645 -20.04 28.69 46.95
CA LEU D 645 -20.03 29.69 45.87
C LEU D 645 -18.84 29.48 44.95
N HIS D 646 -17.68 29.15 45.52
CA HIS D 646 -16.47 28.98 44.70
C HIS D 646 -16.64 27.83 43.71
N TYR D 647 -17.16 26.69 44.16
CA TYR D 647 -17.38 25.58 43.23
C TYR D 647 -18.57 25.82 42.32
N ALA D 648 -19.56 26.59 42.76
CA ALA D 648 -20.63 26.98 41.85
C ALA D 648 -20.09 27.81 40.71
N ALA D 649 -19.14 28.71 40.99
CA ALA D 649 -18.52 29.50 39.95
C ALA D 649 -17.60 28.65 39.08
N ILE D 650 -16.87 27.71 39.68
CA ILE D 650 -15.93 26.90 38.90
C ILE D 650 -16.69 25.99 37.93
N LEU D 651 -17.84 25.46 38.36
CA LEU D 651 -18.62 24.59 37.48
C LEU D 651 -19.32 25.40 36.40
N GLY D 652 -19.87 26.56 36.75
CA GLY D 652 -20.45 27.46 35.77
C GLY D 652 -21.94 27.30 35.56
N TYR D 653 -22.71 27.30 36.65
CA TYR D 653 -24.17 27.29 36.57
C TYR D 653 -24.69 28.59 37.18
N LEU D 654 -25.33 29.41 36.35
CA LEU D 654 -25.82 30.72 36.78
C LEU D 654 -27.10 30.59 37.62
N GLU D 655 -27.99 29.67 37.24
CA GLU D 655 -29.26 29.54 37.94
C GLU D 655 -29.06 29.12 39.39
N THR D 656 -28.22 28.10 39.60
CA THR D 656 -28.04 27.55 40.94
C THR D 656 -27.55 28.61 41.91
N THR D 657 -26.51 29.35 41.52
CA THR D 657 -26.01 30.42 42.36
C THR D 657 -27.03 31.55 42.49
N LYS D 658 -27.84 31.79 41.45
CA LYS D 658 -28.90 32.78 41.55
C LYS D 658 -29.84 32.46 42.71
N GLN D 659 -30.48 31.29 42.69
CA GLN D 659 -31.40 31.02 43.80
C GLN D 659 -30.67 30.80 45.11
N LEU D 660 -29.42 30.32 45.08
CA LEU D 660 -28.69 30.10 46.32
C LEU D 660 -28.43 31.42 47.03
N ILE D 661 -28.07 32.47 46.28
CA ILE D 661 -27.80 33.76 46.90
C ILE D 661 -29.06 34.60 47.10
N ASN D 662 -30.14 34.29 46.40
CA ASN D 662 -31.36 35.08 46.54
C ASN D 662 -32.31 34.54 47.60
N LEU D 663 -32.39 33.22 47.78
CA LEU D 663 -33.38 32.67 48.69
C LEU D 663 -32.99 32.88 50.15
N LYS D 664 -31.69 32.93 50.44
CA LYS D 664 -31.19 33.13 51.79
C LYS D 664 -30.15 34.25 51.79
N GLU D 665 -29.64 34.57 52.98
CA GLU D 665 -28.59 35.56 53.15
C GLU D 665 -27.29 34.83 53.46
N ILE D 666 -26.21 35.25 52.79
CA ILE D 666 -24.89 34.62 52.92
C ILE D 666 -23.83 35.71 52.91
N ASN D 667 -22.61 35.31 53.28
CA ASN D 667 -21.45 36.20 53.25
C ASN D 667 -20.64 35.82 52.01
N ALA D 668 -20.94 36.46 50.89
CA ALA D 668 -20.27 36.18 49.64
C ALA D 668 -18.83 36.70 49.60
N ASN D 669 -18.42 37.50 50.59
CA ASN D 669 -17.08 38.07 50.62
C ASN D 669 -16.04 37.11 51.18
N VAL D 670 -16.43 35.91 51.58
CA VAL D 670 -15.47 34.94 52.11
C VAL D 670 -14.54 34.51 51.00
N VAL D 671 -13.23 34.56 51.26
CA VAL D 671 -12.22 34.23 50.28
C VAL D 671 -11.49 32.96 50.72
N SER D 672 -10.83 32.34 49.75
CA SER D 672 -10.09 31.11 50.03
C SER D 672 -8.82 31.42 50.82
N SER D 673 -8.35 30.41 51.56
CA SER D 673 -7.11 30.57 52.32
C SER D 673 -5.91 30.84 51.42
N PRO D 674 -5.65 30.07 50.35
CA PRO D 674 -4.53 30.43 49.47
C PRO D 674 -4.95 31.38 48.36
N GLY D 675 -4.25 32.51 48.25
CA GLY D 675 -4.51 33.47 47.21
C GLY D 675 -5.63 34.46 47.49
N LEU D 676 -6.41 34.23 48.55
CA LEU D 676 -7.54 35.11 48.91
C LEU D 676 -8.51 35.26 47.74
N LEU D 677 -8.76 34.17 47.04
CA LEU D 677 -9.66 34.19 45.90
C LEU D 677 -11.11 34.06 46.35
N SER D 678 -11.98 34.91 45.82
CA SER D 678 -13.40 34.90 46.15
C SER D 678 -14.18 34.22 45.03
N ALA D 679 -15.51 34.14 45.23
CA ALA D 679 -16.36 33.49 44.24
C ALA D 679 -16.34 34.24 42.91
N LEU D 680 -16.32 35.57 42.96
CA LEU D 680 -16.25 36.36 41.73
C LEU D 680 -14.98 36.08 40.97
N HIS D 681 -13.88 35.84 41.68
CA HIS D 681 -12.61 35.54 41.01
C HIS D 681 -12.68 34.25 40.23
N TYR D 682 -13.22 33.18 40.85
CA TYR D 682 -13.36 31.92 40.14
C TYR D 682 -14.39 32.03 39.01
N ALA D 683 -15.40 32.90 39.18
CA ALA D 683 -16.33 33.16 38.07
C ALA D 683 -15.61 33.80 36.90
N ILE D 684 -14.72 34.75 37.17
CA ILE D 684 -13.95 35.37 36.09
C ILE D 684 -13.04 34.35 35.41
N LEU D 685 -12.37 33.51 36.19
CA LEU D 685 -11.54 32.45 35.61
C LEU D 685 -12.39 31.47 34.81
N TYR D 686 -11.79 30.94 33.75
CA TYR D 686 -12.36 29.84 32.96
C TYR D 686 -13.65 30.25 32.26
N LYS D 687 -13.75 31.52 31.87
CA LYS D 687 -14.74 31.98 30.88
C LYS D 687 -16.17 31.69 31.33
N HIS D 688 -16.56 32.34 32.42
CA HIS D 688 -17.93 32.23 32.95
C HIS D 688 -18.51 33.64 33.02
N ASP D 689 -19.12 34.09 31.92
CA ASP D 689 -19.63 35.46 31.84
C ASP D 689 -20.87 35.66 32.70
N ASP D 690 -21.84 34.75 32.59
CA ASP D 690 -23.16 34.99 33.17
C ASP D 690 -23.13 35.00 34.69
N VAL D 691 -22.45 34.02 35.30
CA VAL D 691 -22.41 33.95 36.75
C VAL D 691 -21.69 35.17 37.33
N ALA D 692 -20.56 35.57 36.72
CA ALA D 692 -19.83 36.74 37.19
C ALA D 692 -20.68 38.00 37.04
N SER D 693 -21.39 38.13 35.92
CA SER D 693 -22.24 39.30 35.71
C SER D 693 -23.34 39.37 36.75
N PHE D 694 -23.99 38.23 37.05
CA PHE D 694 -25.06 38.26 38.04
C PHE D 694 -24.51 38.53 39.44
N LEU D 695 -23.35 37.96 39.77
CA LEU D 695 -22.75 38.22 41.07
C LEU D 695 -22.40 39.69 41.23
N MET D 696 -21.88 40.32 40.18
CA MET D 696 -21.64 41.76 40.23
C MET D 696 -22.96 42.52 40.37
N ARG D 697 -24.01 42.04 39.70
CA ARG D 697 -25.31 42.70 39.81
C ARG D 697 -25.84 42.67 41.25
N SER D 698 -25.67 41.55 41.94
CA SER D 698 -26.10 41.45 43.33
C SER D 698 -25.28 42.39 44.20
N SER D 699 -25.97 43.08 45.12
CA SER D 699 -25.30 44.03 45.99
C SER D 699 -24.47 43.37 47.08
N ASN D 700 -24.75 42.10 47.40
CA ASN D 700 -23.99 41.43 48.45
C ASN D 700 -22.53 41.25 48.06
N VAL D 701 -22.26 40.91 46.80
CA VAL D 701 -20.90 40.69 46.36
C VAL D 701 -20.17 42.02 46.28
N ASN D 702 -18.99 42.08 46.90
CA ASN D 702 -18.16 43.28 46.91
C ASN D 702 -17.13 43.18 45.79
N VAL D 703 -17.32 43.99 44.74
CA VAL D 703 -16.39 43.99 43.62
C VAL D 703 -15.04 44.57 44.01
N ASN D 704 -15.00 45.50 44.97
CA ASN D 704 -13.76 46.16 45.36
C ASN D 704 -12.77 45.23 46.05
N LEU D 705 -13.20 44.02 46.43
CA LEU D 705 -12.29 43.08 47.07
C LEU D 705 -11.19 42.66 46.11
N LYS D 706 -9.97 42.52 46.64
CA LYS D 706 -8.81 42.13 45.86
C LYS D 706 -8.18 40.88 46.42
N ALA D 707 -7.55 40.09 45.55
CA ALA D 707 -6.95 38.83 45.92
C ALA D 707 -5.52 39.07 46.40
N LEU D 708 -4.75 37.99 46.58
CA LEU D 708 -3.37 38.10 47.02
C LEU D 708 -2.53 38.80 45.96
N GLY D 709 -1.60 39.64 46.42
CA GLY D 709 -0.77 40.41 45.52
C GLY D 709 -1.41 41.66 44.97
N GLY D 710 -2.55 42.07 45.51
CA GLY D 710 -3.22 43.26 45.05
C GLY D 710 -3.97 43.12 43.74
N ILE D 711 -4.20 41.90 43.27
CA ILE D 711 -4.87 41.72 41.98
C ILE D 711 -6.33 42.09 42.13
N THR D 712 -6.80 42.95 41.23
CA THR D 712 -8.17 43.42 41.21
C THR D 712 -9.00 42.60 40.22
N PRO D 713 -10.33 42.58 40.40
CA PRO D 713 -11.17 41.86 39.43
C PRO D 713 -11.04 42.40 38.02
N LEU D 714 -10.78 43.70 37.85
CA LEU D 714 -10.54 44.24 36.52
C LEU D 714 -9.26 43.66 35.92
N HIS D 715 -8.22 43.52 36.73
CA HIS D 715 -7.00 42.86 36.28
C HIS D 715 -7.30 41.43 35.84
N LEU D 716 -8.11 40.72 36.62
CA LEU D 716 -8.47 39.35 36.27
C LEU D 716 -9.24 39.29 34.95
N ALA D 717 -10.15 40.24 34.75
CA ALA D 717 -10.90 40.31 33.49
C ALA D 717 -9.97 40.57 32.31
N VAL D 718 -8.98 41.46 32.49
CA VAL D 718 -8.02 41.73 31.42
C VAL D 718 -7.20 40.49 31.13
N ILE D 719 -6.84 39.74 32.17
CA ILE D 719 -6.16 38.45 31.96
C ILE D 719 -7.03 37.51 31.14
N GLN D 720 -8.31 37.40 31.51
CA GLN D 720 -9.22 36.53 30.77
C GLN D 720 -9.60 37.11 29.41
N GLY D 721 -9.54 38.43 29.26
CA GLY D 721 -9.85 39.04 27.98
C GLY D 721 -11.31 38.92 27.55
N ARG D 722 -12.24 39.05 28.49
CA ARG D 722 -13.66 39.03 28.17
C ARG D 722 -14.16 40.45 27.93
N LYS D 723 -14.64 40.70 26.71
CA LYS D 723 -15.08 42.05 26.35
C LYS D 723 -16.34 42.44 27.13
N GLN D 724 -17.30 41.53 27.22
CA GLN D 724 -18.57 41.84 27.89
C GLN D 724 -18.36 42.13 29.37
N ILE D 725 -17.47 41.39 30.03
CA ILE D 725 -17.25 41.58 31.46
C ILE D 725 -16.71 42.99 31.72
N LEU D 726 -15.68 43.40 30.97
CA LEU D 726 -15.11 44.72 31.19
C LEU D 726 -16.08 45.83 30.79
N SER D 727 -16.85 45.62 29.73
CA SER D 727 -17.85 46.62 29.33
C SER D 727 -18.90 46.79 30.42
N LEU D 728 -19.37 45.69 31.00
CA LEU D 728 -20.39 45.79 32.04
C LEU D 728 -19.80 46.36 33.33
N MET D 729 -18.53 46.07 33.63
CA MET D 729 -17.88 46.68 34.79
C MET D 729 -17.78 48.19 34.61
N PHE D 730 -17.43 48.65 33.41
CA PHE D 730 -17.41 50.08 33.15
C PHE D 730 -18.81 50.67 33.25
N ASP D 731 -19.82 49.95 32.76
CA ASP D 731 -21.20 50.43 32.85
C ASP D 731 -21.63 50.60 34.30
N ILE D 732 -21.29 49.64 35.16
CA ILE D 732 -21.67 49.73 36.57
C ILE D 732 -20.77 50.71 37.34
N GLY D 733 -19.64 51.11 36.77
CA GLY D 733 -18.76 52.05 37.42
C GLY D 733 -17.58 51.41 38.11
N VAL D 734 -16.40 51.50 37.49
CA VAL D 734 -15.17 50.94 38.03
C VAL D 734 -14.05 51.96 37.85
N ASN D 735 -13.05 51.89 38.72
CA ASN D 735 -11.90 52.77 38.67
C ASN D 735 -10.87 52.18 37.72
N ILE D 736 -10.63 52.86 36.59
CA ILE D 736 -9.68 52.36 35.60
C ILE D 736 -8.26 52.42 36.15
N GLU D 737 -7.94 53.47 36.91
CA GLU D 737 -6.60 53.67 37.45
C GLU D 737 -6.50 53.00 38.81
N GLN D 738 -5.77 51.89 38.88
CA GLN D 738 -5.53 51.19 40.14
C GLN D 738 -4.08 50.73 40.17
N LYS D 739 -3.59 50.48 41.37
CA LYS D 739 -2.23 50.00 41.57
C LYS D 739 -2.26 48.74 42.43
N THR D 740 -1.58 47.70 41.96
CA THR D 740 -1.50 46.43 42.69
C THR D 740 -0.42 46.55 43.77
N ASP D 741 -0.06 45.41 44.36
CA ASP D 741 0.98 45.41 45.39
C ASP D 741 2.30 45.93 44.86
N GLU D 742 2.64 45.60 43.61
CA GLU D 742 3.82 46.12 42.95
C GLU D 742 3.50 47.25 41.97
N LYS D 743 2.37 47.93 42.18
CA LYS D 743 2.03 49.18 41.47
C LYS D 743 1.96 48.99 39.95
N TYR D 744 1.41 47.87 39.50
CA TYR D 744 1.17 47.66 38.07
C TYR D 744 -0.25 48.11 37.75
N THR D 745 -0.36 49.23 37.03
CA THR D 745 -1.66 49.74 36.65
C THR D 745 -2.29 48.84 35.58
N PRO D 746 -3.63 48.82 35.48
CA PRO D 746 -4.26 47.92 34.51
C PRO D 746 -3.82 48.11 33.08
N LEU D 747 -3.43 49.32 32.67
CA LEU D 747 -3.00 49.52 31.29
C LEU D 747 -1.64 48.90 31.02
N HIS D 748 -0.77 48.81 32.04
CA HIS D 748 0.44 48.03 31.89
C HIS D 748 0.14 46.56 31.71
N LEU D 749 -0.80 46.02 32.50
CA LEU D 749 -1.15 44.61 32.41
C LEU D 749 -1.91 44.29 31.13
N ALA D 750 -2.56 45.29 30.52
CA ALA D 750 -3.27 45.04 29.27
C ALA D 750 -2.33 44.62 28.15
N ALA D 751 -1.07 45.07 28.19
CA ALA D 751 -0.09 44.63 27.21
C ALA D 751 0.20 43.14 27.36
N MET D 752 0.25 42.65 28.60
CA MET D 752 0.32 41.21 28.85
C MET D 752 -1.03 40.56 28.61
N SER D 753 -1.45 40.49 27.34
CA SER D 753 -2.74 39.90 27.00
C SER D 753 -2.69 39.42 25.56
N LYS D 754 -3.68 38.58 25.20
CA LYS D 754 -3.73 38.04 23.85
C LYS D 754 -4.20 39.07 22.84
N TYR D 755 -4.94 40.09 23.29
CA TYR D 755 -5.49 41.11 22.38
C TYR D 755 -4.83 42.45 22.63
N PRO D 756 -3.86 42.85 21.82
CA PRO D 756 -3.29 44.20 21.98
C PRO D 756 -4.29 45.32 21.73
N GLU D 757 -5.24 45.10 20.81
CA GLU D 757 -6.21 46.14 20.48
C GLU D 757 -7.04 46.53 21.69
N LEU D 758 -7.08 45.69 22.72
CA LEU D 758 -7.74 46.06 23.97
C LEU D 758 -7.26 47.41 24.47
N ILE D 759 -5.94 47.68 24.36
CA ILE D 759 -5.39 48.93 24.83
C ILE D 759 -6.18 50.11 24.26
N GLN D 760 -6.60 50.00 23.00
CA GLN D 760 -7.32 51.10 22.35
C GLN D 760 -8.58 51.48 23.11
N ILE D 761 -9.37 50.49 23.54
CA ILE D 761 -10.60 50.85 24.21
C ILE D 761 -10.34 51.41 25.61
N LEU D 762 -9.15 51.18 26.16
CA LEU D 762 -8.80 51.88 27.39
C LEU D 762 -8.74 53.39 27.17
N LEU D 763 -8.34 53.82 25.97
CA LEU D 763 -8.48 55.23 25.62
C LEU D 763 -9.94 55.66 25.67
N ASP D 764 -10.84 54.78 25.25
CA ASP D 764 -12.27 55.03 25.47
C ASP D 764 -12.61 54.94 26.95
N GLN D 765 -11.97 54.01 27.67
CA GLN D 765 -12.20 53.89 29.11
C GLN D 765 -11.72 55.14 29.84
N GLY D 766 -10.63 55.73 29.38
CA GLY D 766 -10.03 56.86 30.05
C GLY D 766 -8.81 56.46 30.85
N SER D 767 -7.63 56.69 30.29
CA SER D 767 -6.39 56.26 30.92
C SER D 767 -5.30 57.30 30.68
N ASN D 768 -4.32 57.30 31.58
CA ASN D 768 -3.16 58.17 31.44
C ASN D 768 -2.06 57.48 30.65
N PHE D 769 -1.17 58.28 30.08
CA PHE D 769 -0.10 57.74 29.23
C PHE D 769 1.24 57.66 29.94
N GLU D 770 1.41 58.36 31.06
CA GLU D 770 2.68 58.38 31.79
C GLU D 770 2.63 57.52 33.04
N ALA D 771 1.85 56.44 33.02
CA ALA D 771 1.78 55.55 34.16
C ALA D 771 3.09 54.79 34.34
N LYS D 772 3.51 54.63 35.59
CA LYS D 772 4.75 53.94 35.91
C LYS D 772 4.49 52.87 36.97
N THR D 773 5.30 51.82 36.94
CA THR D 773 5.19 50.71 37.88
C THR D 773 5.96 51.07 39.16
N ASN D 774 6.11 50.08 40.04
CA ASN D 774 6.96 50.28 41.22
C ASN D 774 8.41 50.49 40.82
N SER D 775 8.82 49.92 39.68
CA SER D 775 10.15 50.16 39.13
C SER D 775 10.17 51.30 38.11
N GLY D 776 9.03 51.97 37.91
CA GLY D 776 8.96 53.07 36.96
C GLY D 776 8.89 52.65 35.50
N ALA D 777 8.60 51.38 35.22
CA ALA D 777 8.60 50.91 33.84
C ALA D 777 7.41 51.49 33.08
N THR D 778 7.69 52.03 31.89
CA THR D 778 6.65 52.54 31.02
C THR D 778 5.89 51.40 30.37
N PRO D 779 4.67 51.65 29.86
CA PRO D 779 3.97 50.59 29.11
C PRO D 779 4.78 50.08 27.92
N LEU D 780 5.48 50.97 27.23
CA LEU D 780 6.35 50.54 26.13
C LEU D 780 7.52 49.72 26.66
N HIS D 781 8.05 50.07 27.82
CA HIS D 781 9.10 49.26 28.44
C HIS D 781 8.64 47.82 28.62
N LEU D 782 7.46 47.63 29.21
CA LEU D 782 6.97 46.29 29.48
C LEU D 782 6.62 45.55 28.20
N ALA D 783 6.02 46.25 27.23
CA ALA D 783 5.69 45.62 25.96
C ALA D 783 6.95 45.15 25.24
N THR D 784 8.02 45.94 25.29
CA THR D 784 9.27 45.54 24.67
C THR D 784 9.94 44.41 25.44
N PHE D 785 9.87 44.44 26.77
CA PHE D 785 10.46 43.38 27.58
C PHE D 785 9.77 42.04 27.31
N LYS D 786 8.44 42.02 27.24
CA LYS D 786 7.73 40.78 26.96
C LYS D 786 7.93 40.34 25.52
N GLY D 787 7.99 41.29 24.59
CA GLY D 787 8.12 40.98 23.19
C GLY D 787 6.87 41.19 22.36
N LYS D 788 5.84 41.82 22.92
CA LYS D 788 4.59 42.08 22.20
C LYS D 788 4.84 43.23 21.22
N SER D 789 5.33 42.88 20.03
CA SER D 789 5.62 43.90 19.03
C SER D 789 4.36 44.62 18.58
N GLN D 790 3.27 43.87 18.35
CA GLN D 790 2.03 44.48 17.91
C GLN D 790 1.47 45.44 18.97
N ALA D 791 1.51 45.04 20.24
CA ALA D 791 1.05 45.92 21.31
C ALA D 791 1.92 47.17 21.40
N ALA D 792 3.23 47.00 21.25
CA ALA D 792 4.13 48.16 21.27
C ALA D 792 3.83 49.12 20.14
N LEU D 793 3.59 48.59 18.93
CA LEU D 793 3.25 49.46 17.80
C LEU D 793 1.93 50.18 18.04
N ILE D 794 0.93 49.46 18.57
CA ILE D 794 -0.37 50.07 18.81
C ILE D 794 -0.25 51.19 19.84
N LEU D 795 0.51 50.97 20.92
CA LEU D 795 0.66 52.01 21.92
C LEU D 795 1.50 53.17 21.39
N LEU D 796 2.46 52.90 20.50
CA LEU D 796 3.19 53.99 19.86
C LEU D 796 2.27 54.81 18.97
N ASN D 797 1.29 54.18 18.33
CA ASN D 797 0.28 54.92 17.58
C ASN D 797 -0.54 55.85 18.47
N ASN D 798 -0.59 55.57 19.78
CA ASN D 798 -1.29 56.42 20.73
C ASN D 798 -0.42 57.57 21.22
N GLU D 799 0.83 57.67 20.74
CA GLU D 799 1.75 58.75 21.11
C GLU D 799 2.02 58.77 22.62
N VAL D 800 2.33 57.59 23.17
CA VAL D 800 2.74 57.49 24.56
C VAL D 800 4.13 58.10 24.72
N ASN D 801 4.34 58.82 25.83
CA ASN D 801 5.61 59.48 26.09
C ASN D 801 6.75 58.47 26.15
N TRP D 802 7.66 58.55 25.18
CA TRP D 802 8.81 57.66 25.11
C TRP D 802 10.02 58.19 25.87
N ARG D 803 9.97 59.44 26.35
CA ARG D 803 11.11 59.99 27.07
C ARG D 803 11.26 59.38 28.46
N ASP D 804 10.15 59.00 29.09
CA ASP D 804 10.19 58.43 30.43
C ASP D 804 10.89 57.09 30.42
N THR D 805 11.66 56.82 31.48
CA THR D 805 12.41 55.58 31.62
C THR D 805 12.18 55.01 33.01
N ASP D 806 12.54 53.74 33.18
CA ASP D 806 12.37 53.07 34.45
C ASP D 806 13.41 53.55 35.46
N GLU D 807 13.35 52.99 36.67
CA GLU D 807 14.31 53.37 37.71
C GLU D 807 15.73 52.97 37.38
N ASN D 808 15.92 52.01 36.48
CA ASN D 808 17.24 51.58 36.05
C ASN D 808 17.82 52.46 34.95
N GLY D 809 17.05 53.43 34.45
CA GLY D 809 17.54 54.29 33.40
C GLY D 809 17.63 53.64 32.04
N GLN D 810 16.86 52.58 31.80
CA GLN D 810 16.91 51.86 30.54
C GLN D 810 15.92 52.47 29.56
N MET D 811 16.42 52.85 28.38
CA MET D 811 15.56 53.37 27.33
C MET D 811 14.70 52.22 26.78
N PRO D 812 13.48 52.51 26.33
CA PRO D 812 12.66 51.43 25.74
C PRO D 812 13.29 50.77 24.53
N ILE D 813 14.21 51.45 23.84
CA ILE D 813 14.95 50.80 22.76
C ILE D 813 15.80 49.65 23.31
N HIS D 814 16.40 49.85 24.48
CA HIS D 814 17.10 48.75 25.13
C HIS D 814 16.15 47.62 25.50
N GLY D 815 14.94 47.97 25.96
CA GLY D 815 13.97 46.94 26.27
C GLY D 815 13.48 46.18 25.05
N ALA D 816 13.55 46.81 23.88
CA ALA D 816 13.23 46.10 22.64
C ALA D 816 14.43 45.35 22.08
N ALA D 817 15.64 45.68 22.55
CA ALA D 817 16.84 45.07 21.99
C ALA D 817 16.90 43.56 22.22
N MET D 818 16.67 43.10 23.45
CA MET D 818 16.90 41.68 23.73
C MET D 818 15.83 40.79 23.12
N THR D 819 14.63 41.32 22.91
CA THR D 819 13.55 40.56 22.29
C THR D 819 13.55 40.63 20.77
N GLY D 820 14.40 41.48 20.19
CA GLY D 820 14.51 41.55 18.75
C GLY D 820 13.26 42.03 18.04
N LEU D 821 12.58 43.04 18.61
CA LEU D 821 11.41 43.64 17.98
C LEU D 821 11.92 44.68 16.99
N LEU D 822 12.11 44.24 15.74
CA LEU D 822 12.69 45.11 14.73
C LEU D 822 11.76 46.27 14.38
N ASP D 823 10.49 45.96 14.08
CA ASP D 823 9.53 47.00 13.69
C ASP D 823 9.43 48.08 14.77
N VAL D 824 9.48 47.69 16.04
CA VAL D 824 9.53 48.65 17.12
C VAL D 824 10.77 49.52 17.00
N ALA D 825 11.89 48.93 16.57
CA ALA D 825 13.12 49.70 16.42
C ALA D 825 12.98 50.76 15.34
N GLN D 826 12.49 50.39 14.16
CA GLN D 826 12.29 51.42 13.13
C GLN D 826 11.29 52.47 13.59
N ALA D 827 10.21 52.05 14.27
CA ALA D 827 9.21 53.01 14.71
C ALA D 827 9.82 54.03 15.67
N ILE D 828 10.55 53.56 16.68
CA ILE D 828 11.09 54.45 17.69
C ILE D 828 12.20 55.33 17.11
N ILE D 829 13.01 54.78 16.20
CA ILE D 829 14.07 55.59 15.62
C ILE D 829 13.51 56.65 14.67
N SER D 830 12.46 56.30 13.92
CA SER D 830 11.78 57.31 13.11
C SER D 830 11.16 58.38 13.97
N ILE D 831 10.58 58.00 15.11
CA ILE D 831 10.03 59.00 16.03
C ILE D 831 11.16 59.86 16.60
N ASP D 832 12.26 59.22 17.02
CA ASP D 832 13.39 59.93 17.59
C ASP D 832 14.68 59.25 17.14
N ALA D 833 15.42 59.91 16.26
CA ALA D 833 16.65 59.35 15.71
C ALA D 833 17.89 59.65 16.56
N THR D 834 17.73 60.42 17.64
CA THR D 834 18.86 60.72 18.50
C THR D 834 19.30 59.50 19.32
N VAL D 835 18.44 58.52 19.48
CA VAL D 835 18.68 57.37 20.36
C VAL D 835 19.71 56.42 19.75
N VAL D 836 20.22 56.75 18.56
CA VAL D 836 21.20 55.89 17.91
C VAL D 836 22.51 55.86 18.68
N ASP D 837 22.84 56.93 19.40
CA ASP D 837 24.12 57.03 20.12
C ASP D 837 23.91 57.46 21.57
N ILE D 838 22.90 56.91 22.23
CA ILE D 838 22.66 57.22 23.63
C ILE D 838 23.12 56.07 24.50
N GLU D 839 23.32 56.35 25.78
CA GLU D 839 23.77 55.35 26.74
C GLU D 839 22.95 55.47 28.02
N ASP D 840 22.83 54.35 28.73
CA ASP D 840 22.08 54.30 29.98
C ASP D 840 23.00 54.65 31.15
N LYS D 841 22.52 54.42 32.37
CA LYS D 841 23.33 54.68 33.56
C LYS D 841 24.57 53.80 33.62
N ASN D 842 24.56 52.65 32.94
CA ASN D 842 25.70 51.74 32.92
C ASN D 842 26.56 51.93 31.68
N SER D 843 26.32 52.98 30.91
CA SER D 843 27.05 53.25 29.67
C SER D 843 26.95 52.08 28.70
N ASP D 844 25.76 51.47 28.64
CA ASP D 844 25.51 50.34 27.76
C ASP D 844 24.70 50.82 26.56
N THR D 845 25.30 50.76 25.38
CA THR D 845 24.60 51.12 24.16
C THR D 845 23.63 50.02 23.76
N PRO D 846 22.56 50.35 23.02
CA PRO D 846 21.63 49.30 22.58
C PRO D 846 22.28 48.24 21.72
N LEU D 847 23.33 48.60 20.98
CA LEU D 847 24.02 47.60 20.16
C LEU D 847 24.65 46.51 21.03
N ASN D 848 25.23 46.89 22.17
CA ASN D 848 25.83 45.91 23.07
C ASN D 848 24.78 44.92 23.57
N LEU D 849 23.65 45.41 24.05
CA LEU D 849 22.63 44.53 24.62
C LEU D 849 21.99 43.69 23.53
N ALA D 850 21.81 44.24 22.34
CA ALA D 850 21.29 43.46 21.22
C ALA D 850 22.26 42.35 20.83
N ALA D 851 23.56 42.64 20.81
CA ALA D 851 24.56 41.64 20.48
C ALA D 851 24.60 40.54 21.53
N GLN D 852 24.46 40.91 22.81
CA GLN D 852 24.48 39.92 23.87
C GLN D 852 23.32 38.93 23.79
N ASN D 853 22.28 39.25 23.04
CA ASN D 853 21.09 38.42 22.94
C ASN D 853 20.91 37.77 21.59
N SER D 854 21.93 37.84 20.71
CA SER D 854 21.96 37.13 19.44
C SER D 854 20.77 37.49 18.55
N HIS D 855 20.74 38.76 18.14
CA HIS D 855 19.75 39.26 17.19
C HIS D 855 20.52 39.86 16.01
N ILE D 856 20.71 39.04 14.97
CA ILE D 856 21.58 39.43 13.86
C ILE D 856 21.00 40.62 13.11
N ASP D 857 19.70 40.58 12.82
CA ASP D 857 19.07 41.67 12.06
C ASP D 857 19.12 42.99 12.81
N VAL D 858 18.89 42.95 14.13
CA VAL D 858 18.95 44.17 14.92
C VAL D 858 20.38 44.71 14.96
N ILE D 859 21.36 43.82 15.08
CA ILE D 859 22.76 44.24 15.05
C ILE D 859 23.08 44.92 13.74
N LYS D 860 22.64 44.34 12.62
CA LYS D 860 22.86 44.96 11.32
C LYS D 860 22.16 46.31 11.23
N TYR D 861 20.95 46.40 11.77
CA TYR D 861 20.20 47.65 11.70
C TYR D 861 20.90 48.76 12.45
N PHE D 862 21.46 48.46 13.62
CA PHE D 862 22.25 49.47 14.34
C PHE D 862 23.55 49.79 13.61
N ILE D 863 24.28 48.78 13.14
CA ILE D 863 25.60 49.07 12.56
C ILE D 863 25.49 49.75 11.20
N ASP D 864 24.33 49.68 10.55
CA ASP D 864 24.16 50.37 9.28
C ASP D 864 23.85 51.86 9.45
N GLN D 865 23.65 52.33 10.68
CA GLN D 865 23.36 53.74 10.94
C GLN D 865 24.61 54.56 11.21
N GLY D 866 25.80 53.97 11.11
CA GLY D 866 27.02 54.70 11.36
C GLY D 866 27.31 55.00 12.81
N ALA D 867 26.74 54.22 13.74
CA ALA D 867 26.97 54.44 15.15
C ALA D 867 28.39 54.03 15.53
N ASP D 868 28.82 54.50 16.70
CA ASP D 868 30.14 54.17 17.20
C ASP D 868 30.25 52.68 17.50
N ILE D 869 31.40 52.11 17.18
CA ILE D 869 31.63 50.68 17.40
C ILE D 869 32.57 50.41 18.57
N ASN D 870 33.31 51.40 19.05
CA ASN D 870 34.25 51.24 20.15
C ASN D 870 33.62 51.62 21.48
N THR D 871 32.31 51.47 21.61
CA THR D 871 31.62 51.81 22.84
C THR D 871 32.03 50.85 23.95
N ARG D 872 32.31 51.40 25.13
CA ARG D 872 32.72 50.60 26.29
C ARG D 872 31.95 51.06 27.51
N ASN D 873 31.57 50.09 28.35
CA ASN D 873 30.88 50.37 29.59
C ASN D 873 31.91 50.62 30.70
N LYS D 874 31.46 50.63 31.96
CA LYS D 874 32.38 50.83 33.07
C LYS D 874 33.42 49.71 33.13
N LYS D 875 32.99 48.46 32.93
CA LYS D 875 33.93 47.35 32.91
C LYS D 875 34.83 47.42 31.68
N GLY D 876 34.27 47.75 30.52
CA GLY D 876 35.04 47.83 29.30
C GLY D 876 34.52 46.95 28.19
N LEU D 877 33.29 46.47 28.34
CA LEU D 877 32.70 45.59 27.34
C LEU D 877 32.43 46.35 26.04
N ALA D 878 32.75 45.71 24.93
CA ALA D 878 32.58 46.27 23.59
C ALA D 878 31.83 45.26 22.73
N PRO D 879 31.18 45.71 21.66
CA PRO D 879 30.50 44.74 20.77
C PRO D 879 31.45 43.69 20.21
N LEU D 880 32.67 44.10 19.85
CA LEU D 880 33.66 43.14 19.35
C LEU D 880 33.94 42.07 20.41
N LEU D 881 33.95 42.45 21.68
CA LEU D 881 34.10 41.48 22.75
C LEU D 881 32.97 40.45 22.71
N ALA D 882 31.73 40.91 22.53
CA ALA D 882 30.59 40.00 22.49
C ALA D 882 30.68 39.04 21.30
N PHE D 883 31.02 39.58 20.13
CA PHE D 883 31.12 38.71 18.95
C PHE D 883 32.27 37.72 19.09
N SER D 884 33.40 38.14 19.65
CA SER D 884 34.50 37.22 19.88
C SER D 884 34.13 36.14 20.87
N LYS D 885 33.42 36.50 21.95
CA LYS D 885 33.00 35.52 22.94
C LYS D 885 32.01 34.52 22.36
N LYS D 886 31.08 34.98 21.52
CA LYS D 886 30.08 34.07 20.97
C LYS D 886 30.67 33.16 19.90
N GLY D 887 31.65 33.66 19.15
CA GLY D 887 32.33 32.83 18.18
C GLY D 887 31.77 32.89 16.77
N ASN D 888 31.62 34.10 16.24
CA ASN D 888 31.15 34.31 14.88
C ASN D 888 32.24 34.99 14.06
N LEU D 889 32.15 34.83 12.74
CA LEU D 889 33.16 35.35 11.83
C LEU D 889 32.64 36.43 10.89
N ASP D 890 31.36 36.36 10.50
CA ASP D 890 30.80 37.32 9.54
C ASP D 890 30.82 38.74 10.10
N MET D 891 30.25 38.93 11.30
CA MET D 891 30.24 40.25 11.91
C MET D 891 31.63 40.74 12.25
N VAL D 892 32.53 39.82 12.61
CA VAL D 892 33.92 40.19 12.84
C VAL D 892 34.56 40.72 11.56
N LYS D 893 34.26 40.07 10.43
CA LYS D 893 34.79 40.53 9.15
C LYS D 893 34.26 41.92 8.81
N TYR D 894 32.95 42.14 8.97
CA TYR D 894 32.42 43.48 8.71
C TYR D 894 32.99 44.52 9.67
N LEU D 895 33.25 44.14 10.92
CA LEU D 895 33.88 45.06 11.86
C LEU D 895 35.29 45.42 11.41
N PHE D 896 36.04 44.43 10.92
CA PHE D 896 37.40 44.70 10.46
C PHE D 896 37.42 45.54 9.18
N ASP D 897 36.43 45.36 8.31
CA ASP D 897 36.41 46.09 7.04
C ASP D 897 36.20 47.59 7.22
N LYS D 898 35.77 48.04 8.40
CA LYS D 898 35.56 49.46 8.65
C LYS D 898 36.86 50.18 9.00
N ASN D 899 37.96 49.43 9.17
CA ASN D 899 39.23 49.95 9.67
C ASN D 899 39.09 50.43 11.11
N ALA D 900 38.57 49.55 11.96
CA ALA D 900 38.42 49.84 13.38
C ALA D 900 39.72 49.58 14.12
N ASN D 901 39.69 49.83 15.43
CA ASN D 901 40.85 49.62 16.29
C ASN D 901 40.89 48.15 16.72
N VAL D 902 41.94 47.44 16.28
CA VAL D 902 42.09 46.03 16.63
C VAL D 902 42.79 45.83 17.96
N TYR D 903 43.31 46.91 18.57
CA TYR D 903 44.01 46.83 19.84
C TYR D 903 43.16 47.32 21.00
N ILE D 904 41.83 47.31 20.85
CA ILE D 904 40.95 47.76 21.93
C ILE D 904 41.00 46.77 23.09
N ALA D 905 41.11 47.30 24.31
CA ALA D 905 41.17 46.47 25.50
C ALA D 905 40.57 47.24 26.66
N ASP D 906 40.16 46.49 27.68
CA ASP D 906 39.57 47.08 28.89
C ASP D 906 40.67 47.42 29.89
N ASN D 907 40.28 47.77 31.11
CA ASN D 907 41.25 48.10 32.14
C ASN D 907 42.07 46.89 32.59
N ASP D 908 41.60 45.68 32.32
CA ASP D 908 42.33 44.46 32.66
C ASP D 908 43.24 44.00 31.52
N GLY D 909 43.30 44.73 30.42
CA GLY D 909 44.14 44.35 29.31
C GLY D 909 43.73 43.07 28.61
N MET D 910 42.44 42.79 28.55
CA MET D 910 41.91 41.61 27.88
C MET D 910 41.33 42.03 26.54
N ASN D 911 41.79 41.39 25.46
CA ASN D 911 41.36 41.72 24.11
C ASN D 911 40.42 40.64 23.58
N PHE D 912 39.85 40.92 22.40
CA PHE D 912 38.90 40.01 21.79
C PHE D 912 39.57 38.72 21.30
N PHE D 913 40.87 38.78 20.97
CA PHE D 913 41.53 37.62 20.43
C PHE D 913 41.64 36.49 21.46
N TYR D 914 41.76 36.86 22.75
CA TYR D 914 41.75 35.85 23.80
C TYR D 914 40.44 35.08 23.82
N TYR D 915 39.32 35.79 23.67
CA TYR D 915 38.02 35.13 23.62
C TYR D 915 37.85 34.33 22.33
N ALA D 916 38.42 34.81 21.22
CA ALA D 916 38.39 34.03 19.99
C ALA D 916 39.14 32.72 20.15
N VAL D 917 40.28 32.75 20.84
CA VAL D 917 41.00 31.53 21.17
C VAL D 917 40.19 30.66 22.12
N GLN D 918 39.44 31.29 23.03
CA GLN D 918 38.65 30.54 24.00
C GLN D 918 37.62 29.64 23.31
N ASN D 919 36.94 30.15 22.28
CA ASN D 919 35.92 29.38 21.61
C ASN D 919 36.51 28.19 20.83
N GLY D 920 37.79 28.25 20.48
CA GLY D 920 38.43 27.15 19.78
C GLY D 920 38.13 27.07 18.30
N HIS D 921 37.46 28.06 17.73
CA HIS D 921 37.17 28.07 16.30
C HIS D 921 38.43 28.44 15.53
N LEU D 922 38.89 27.54 14.66
CA LEU D 922 40.16 27.75 13.97
C LEU D 922 40.04 28.85 12.92
N ASN D 923 38.90 28.93 12.23
CA ASN D 923 38.78 29.84 11.10
C ASN D 923 38.89 31.31 11.54
N ILE D 924 38.19 31.68 12.61
CA ILE D 924 38.25 33.06 13.08
C ILE D 924 39.67 33.42 13.51
N VAL D 925 40.34 32.52 14.22
CA VAL D 925 41.68 32.81 14.71
C VAL D 925 42.67 32.94 13.56
N LYS D 926 42.59 32.03 12.58
CA LYS D 926 43.51 32.07 11.45
C LYS D 926 43.27 33.32 10.61
N TYR D 927 42.01 33.70 10.42
CA TYR D 927 41.73 34.97 9.73
C TYR D 927 42.17 36.15 10.57
N ALA D 928 42.23 35.98 11.90
CA ALA D 928 42.66 37.06 12.78
C ALA D 928 44.13 37.37 12.60
N MET D 929 44.99 36.36 12.61
CA MET D 929 46.40 36.71 12.40
C MET D 929 46.81 36.66 10.93
N SER D 930 45.90 36.31 10.02
CA SER D 930 46.22 36.35 8.60
C SER D 930 46.14 37.76 8.02
N GLU D 931 45.51 38.70 8.73
CA GLU D 931 45.38 40.07 8.25
C GLU D 931 46.58 40.87 8.73
N LYS D 932 47.67 40.76 7.97
CA LYS D 932 48.90 41.47 8.32
C LYS D 932 48.69 42.98 8.29
N ASP D 933 47.99 43.48 7.28
CA ASP D 933 47.75 44.92 7.17
C ASP D 933 46.81 45.45 8.25
N LYS D 934 46.11 44.56 8.95
CA LYS D 934 45.17 44.96 10.00
C LYS D 934 45.63 44.57 11.39
N PHE D 935 45.94 43.30 11.62
CA PHE D 935 46.36 42.80 12.92
C PHE D 935 47.80 42.33 12.83
N GLU D 936 48.66 42.91 13.67
CA GLU D 936 50.09 42.59 13.68
C GLU D 936 50.42 41.77 14.92
N TRP D 937 51.10 40.64 14.71
CA TRP D 937 51.48 39.75 15.79
C TRP D 937 52.81 40.12 16.45
N SER D 938 53.56 41.07 15.87
CA SER D 938 54.85 41.46 16.42
C SER D 938 54.76 42.58 17.45
N ASN D 939 53.62 43.25 17.56
CA ASN D 939 53.47 44.34 18.51
C ASN D 939 53.33 43.80 19.93
N THR D 940 53.92 44.53 20.89
CA THR D 940 53.85 44.16 22.29
C THR D 940 52.72 44.92 22.96
N ASP D 941 51.86 44.18 23.66
CA ASP D 941 50.71 44.78 24.33
C ASP D 941 51.17 45.67 25.47
N ASN D 942 51.05 46.99 25.28
CA ASN D 942 51.53 47.94 26.28
C ASN D 942 50.73 47.84 27.57
N ASN D 943 49.40 47.67 27.47
CA ASN D 943 48.57 47.61 28.66
C ASN D 943 48.93 46.40 29.53
N ARG D 944 49.09 45.23 28.90
CA ARG D 944 49.47 44.04 29.66
C ARG D 944 50.90 44.15 30.21
N ARG D 945 51.79 44.81 29.47
CA ARG D 945 53.13 45.06 29.99
C ARG D 945 53.09 45.93 31.23
N ASP D 946 52.24 46.96 31.23
CA ASP D 946 52.06 47.78 32.42
C ASP D 946 51.47 46.97 33.57
N GLU D 947 50.47 46.13 33.26
CA GLU D 947 49.87 45.28 34.29
C GLU D 947 50.87 44.25 34.82
N CYS D 948 51.69 43.68 33.93
CA CYS D 948 52.67 42.67 34.29
C CYS D 948 54.05 43.12 33.83
N PRO D 949 54.71 43.97 34.60
CA PRO D 949 56.06 44.42 34.20
C PRO D 949 57.08 43.30 34.08
N ASN D 950 56.93 42.24 34.87
CA ASN D 950 57.89 41.13 34.80
C ASN D 950 57.86 40.45 33.45
N GLU D 951 56.67 40.26 32.89
CA GLU D 951 56.49 39.57 31.62
C GLU D 951 56.39 40.60 30.49
N GLU D 952 57.44 40.71 29.68
CA GLU D 952 57.43 41.58 28.52
C GLU D 952 56.95 40.82 27.28
N CYS D 953 55.79 40.20 27.39
CA CYS D 953 55.24 39.37 26.33
C CYS D 953 54.44 40.22 25.34
N ALA D 954 54.53 39.88 24.07
CA ALA D 954 53.76 40.56 23.04
C ALA D 954 52.33 40.05 23.03
N ILE D 955 51.53 40.58 22.10
CA ILE D 955 50.15 40.11 21.96
C ILE D 955 50.12 38.65 21.57
N SER D 956 50.94 38.28 20.58
CA SER D 956 51.02 36.88 20.18
C SER D 956 51.60 36.02 21.29
N HIS D 957 52.62 36.53 21.99
CA HIS D 957 53.23 35.78 23.08
C HIS D 957 52.24 35.52 24.21
N PHE D 958 51.52 36.58 24.63
CA PHE D 958 50.52 36.41 25.67
C PHE D 958 49.39 35.50 25.22
N ALA D 959 48.98 35.60 23.96
CA ALA D 959 47.93 34.74 23.45
C ALA D 959 48.36 33.27 23.46
N VAL D 960 49.60 33.00 23.04
CA VAL D 960 50.11 31.63 23.06
C VAL D 960 50.17 31.09 24.48
N CYS D 961 50.66 31.91 25.42
CA CYS D 961 50.73 31.46 26.81
C CYS D 961 49.35 31.18 27.38
N ASP D 962 48.38 32.05 27.07
CA ASP D 962 47.01 31.83 27.54
C ASP D 962 46.40 30.58 26.92
N ALA D 963 46.64 30.35 25.62
CA ALA D 963 46.13 29.15 24.96
C ALA D 963 46.73 27.89 25.59
N VAL D 964 48.00 27.95 25.97
CA VAL D 964 48.60 26.84 26.72
C VAL D 964 47.91 26.69 28.07
N GLN D 965 47.56 27.81 28.70
CA GLN D 965 46.93 27.77 30.02
C GLN D 965 45.56 27.10 29.99
N PHE D 966 44.78 27.32 28.94
CA PHE D 966 43.46 26.71 28.80
C PHE D 966 43.50 25.28 28.28
N ASP D 967 44.69 24.71 28.08
CA ASP D 967 44.85 23.31 27.66
C ASP D 967 44.18 23.07 26.30
N ARG D 968 44.67 23.78 25.28
CA ARG D 968 44.29 23.55 23.90
C ARG D 968 45.56 23.17 23.13
N ILE D 969 45.63 21.93 22.69
CA ILE D 969 46.85 21.43 22.06
C ILE D 969 46.80 21.55 20.53
N GLU D 970 45.61 21.55 19.93
CA GLU D 970 45.51 21.75 18.49
C GLU D 970 46.01 23.14 18.10
N ILE D 971 45.67 24.15 18.91
CA ILE D 971 46.20 25.49 18.65
C ILE D 971 47.71 25.51 18.89
N VAL D 972 48.21 24.65 19.79
CA VAL D 972 49.66 24.55 19.97
C VAL D 972 50.32 24.02 18.70
N LYS D 973 49.75 22.97 18.10
CA LYS D 973 50.29 22.50 16.82
C LYS D 973 50.21 23.58 15.75
N TYR D 974 49.09 24.31 15.71
CA TYR D 974 48.94 25.36 14.71
C TYR D 974 50.01 26.45 14.89
N PHE D 975 50.25 26.86 16.14
CA PHE D 975 51.27 27.87 16.41
C PHE D 975 52.67 27.35 16.06
N VAL D 976 52.95 26.09 16.39
CA VAL D 976 54.25 25.51 16.06
C VAL D 976 54.46 25.50 14.55
N GLY D 977 53.42 25.12 13.80
CA GLY D 977 53.52 25.12 12.35
C GLY D 977 53.70 26.52 11.78
N THR D 978 52.99 27.50 12.34
CA THR D 978 53.07 28.87 11.82
C THR D 978 54.25 29.63 12.40
N LEU D 979 54.31 29.78 13.72
CA LEU D 979 55.37 30.54 14.34
C LEU D 979 56.70 29.82 14.20
N GLY D 980 57.76 30.60 13.91
CA GLY D 980 59.07 30.01 13.74
C GLY D 980 59.62 29.39 15.00
N ASN D 981 59.49 30.09 16.13
CA ASN D 981 60.00 29.60 17.41
C ASN D 981 58.86 29.59 18.42
N PHE D 982 58.61 28.42 19.01
CA PHE D 982 57.57 28.26 20.02
C PHE D 982 58.12 28.27 21.45
N ALA D 983 59.42 28.50 21.62
CA ALA D 983 60.03 28.51 22.94
C ALA D 983 59.97 29.87 23.62
N ILE D 984 59.39 30.88 22.97
CA ILE D 984 59.30 32.20 23.59
C ILE D 984 58.38 32.18 24.80
N CYS D 985 57.32 31.38 24.77
CA CYS D 985 56.41 31.26 25.89
C CYS D 985 56.81 30.15 26.86
N GLY D 986 57.57 29.17 26.40
CA GLY D 986 57.96 28.04 27.22
C GLY D 986 56.77 27.19 27.60
N PRO D 987 56.16 26.52 26.61
CA PRO D 987 54.95 25.75 26.90
C PRO D 987 55.17 24.60 27.86
N LEU D 988 56.39 24.07 27.97
CA LEU D 988 56.68 23.05 28.98
C LEU D 988 56.42 23.58 30.38
N HIS D 989 56.94 24.78 30.67
CA HIS D 989 56.81 25.34 32.01
C HIS D 989 55.36 25.62 32.35
N GLN D 990 54.62 26.23 31.42
CA GLN D 990 53.22 26.54 31.66
C GLN D 990 52.39 25.26 31.81
N ALA D 991 52.64 24.27 30.95
CA ALA D 991 51.90 23.01 31.04
C ALA D 991 52.17 22.31 32.36
N ALA D 992 53.43 22.30 32.82
CA ALA D 992 53.75 21.69 34.11
C ALA D 992 53.12 22.46 35.25
N ARG D 993 53.10 23.79 35.16
CA ARG D 993 52.48 24.59 36.22
C ARG D 993 50.98 24.36 36.31
N TYR D 994 50.30 24.27 35.17
CA TYR D 994 48.85 24.08 35.13
C TYR D 994 48.44 22.63 34.98
N GLY D 995 49.39 21.69 34.98
CA GLY D 995 49.05 20.28 34.96
C GLY D 995 48.58 19.75 33.62
N HIS D 996 48.94 20.40 32.52
CA HIS D 996 48.57 19.94 31.18
C HIS D 996 49.61 18.93 30.72
N LEU D 997 49.20 17.68 30.58
CA LEU D 997 50.14 16.59 30.35
C LEU D 997 50.30 16.23 28.89
N ASP D 998 49.23 16.37 28.09
CA ASP D 998 49.33 16.07 26.67
C ASP D 998 50.32 17.01 25.99
N ILE D 999 50.31 18.29 26.38
CA ILE D 999 51.30 19.23 25.85
C ILE D 999 52.70 18.78 26.23
N VAL D 1000 52.88 18.27 27.44
CA VAL D 1000 54.19 17.83 27.89
C VAL D 1000 54.68 16.66 27.04
N LYS D 1001 53.82 15.67 26.82
CA LYS D 1001 54.19 14.55 25.93
C LYS D 1001 54.51 15.04 24.52
N TYR D 1002 53.67 15.90 23.97
CA TYR D 1002 53.87 16.36 22.60
C TYR D 1002 55.19 17.10 22.45
N LEU D 1003 55.52 17.94 23.43
CA LEU D 1003 56.75 18.74 23.34
C LEU D 1003 57.99 17.89 23.59
N VAL D 1004 57.93 16.98 24.57
CA VAL D 1004 59.11 16.19 24.90
C VAL D 1004 59.40 15.18 23.80
N GLU D 1005 58.38 14.50 23.29
CA GLU D 1005 58.60 13.43 22.32
C GLU D 1005 58.80 13.99 20.92
N GLU D 1006 57.80 14.70 20.39
CA GLU D 1006 57.85 15.13 19.00
C GLU D 1006 58.88 16.23 18.78
N GLU D 1007 58.89 17.23 19.65
CA GLU D 1007 59.77 18.39 19.46
C GLU D 1007 61.19 18.18 19.97
N PHE D 1008 61.42 17.14 20.77
CA PHE D 1008 62.74 16.84 21.35
C PHE D 1008 63.26 18.06 22.10
N LEU D 1009 62.56 18.40 23.18
CA LEU D 1009 62.88 19.56 24.00
C LEU D 1009 63.66 19.13 25.24
N SER D 1010 64.36 20.10 25.83
CA SER D 1010 65.18 19.84 27.00
C SER D 1010 64.31 19.46 28.20
N VAL D 1011 64.83 18.57 29.03
CA VAL D 1011 64.10 18.13 30.22
C VAL D 1011 63.94 19.28 31.21
N ASP D 1012 64.95 20.14 31.32
CA ASP D 1012 64.91 21.28 32.23
C ASP D 1012 64.35 22.54 31.58
N GLY D 1013 64.07 22.51 30.28
CA GLY D 1013 63.55 23.67 29.59
C GLY D 1013 64.61 24.71 29.30
N SER D 1014 64.16 25.83 28.74
CA SER D 1014 65.04 26.94 28.41
C SER D 1014 65.09 28.01 29.50
N LYS D 1015 64.41 27.79 30.62
CA LYS D 1015 64.37 28.74 31.71
C LYS D 1015 65.14 28.21 32.90
N THR D 1016 65.56 29.12 33.78
CA THR D 1016 66.29 28.74 34.98
C THR D 1016 65.44 27.94 35.96
N ASP D 1017 64.11 28.04 35.85
CA ASP D 1017 63.18 27.28 36.68
C ASP D 1017 62.67 26.09 35.87
N THR D 1018 62.98 24.89 36.34
CA THR D 1018 62.60 23.69 35.61
C THR D 1018 61.09 23.47 35.67
N PRO D 1019 60.50 22.89 34.62
CA PRO D 1019 59.07 22.52 34.70
C PRO D 1019 58.78 21.53 35.81
N LEU D 1020 59.73 20.65 36.14
CA LEU D 1020 59.54 19.74 37.26
C LEU D 1020 59.34 20.50 38.56
N CYS D 1021 60.06 21.60 38.74
CA CYS D 1021 59.88 22.42 39.93
C CYS D 1021 58.47 22.98 40.01
N TYR D 1022 57.95 23.49 38.89
CA TYR D 1022 56.60 24.01 38.86
C TYR D 1022 55.57 22.91 39.15
N ALA D 1023 55.77 21.73 38.56
CA ALA D 1023 54.84 20.63 38.79
C ALA D 1023 54.85 20.19 40.25
N SER D 1024 56.03 20.15 40.87
CA SER D 1024 56.11 19.84 42.30
C SER D 1024 55.44 20.93 43.13
N GLU D 1025 55.58 22.18 42.72
CA GLU D 1025 54.92 23.28 43.41
C GLU D 1025 53.40 23.13 43.37
N ASN D 1026 52.86 22.78 42.22
CA ASN D 1026 51.42 22.67 42.05
C ASN D 1026 50.89 21.27 42.35
N GLY D 1027 51.77 20.32 42.66
CA GLY D 1027 51.31 18.99 43.03
C GLY D 1027 50.76 18.16 41.90
N HIS D 1028 51.11 18.47 40.66
CA HIS D 1028 50.66 17.68 39.52
C HIS D 1028 51.44 16.37 39.48
N PHE D 1029 50.72 15.26 39.52
CA PHE D 1029 51.35 13.96 39.81
C PHE D 1029 51.98 13.36 38.57
N THR D 1030 51.18 13.19 37.50
CA THR D 1030 51.67 12.57 36.28
C THR D 1030 52.78 13.39 35.63
N VAL D 1031 52.70 14.72 35.74
CA VAL D 1031 53.76 15.55 35.17
C VAL D 1031 55.09 15.29 35.86
N VAL D 1032 55.07 15.22 37.20
CA VAL D 1032 56.28 14.92 37.95
C VAL D 1032 56.80 13.53 37.59
N GLN D 1033 55.89 12.54 37.51
CA GLN D 1033 56.31 11.19 37.19
C GLN D 1033 56.98 11.12 35.82
N TYR D 1034 56.36 11.75 34.81
CA TYR D 1034 56.92 11.73 33.47
C TYR D 1034 58.25 12.47 33.40
N LEU D 1035 58.36 13.62 34.06
CA LEU D 1035 59.61 14.37 34.04
C LEU D 1035 60.72 13.60 34.75
N VAL D 1036 60.41 12.93 35.85
CA VAL D 1036 61.41 12.11 36.54
C VAL D 1036 61.84 10.95 35.66
N SER D 1037 60.89 10.28 35.01
CA SER D 1037 61.23 9.17 34.13
C SER D 1037 62.00 9.64 32.89
N ASN D 1038 61.89 10.91 32.52
CA ASN D 1038 62.58 11.45 31.36
C ASN D 1038 64.01 11.89 31.65
N GLY D 1039 64.45 11.77 32.90
CA GLY D 1039 65.82 12.14 33.25
C GLY D 1039 66.03 13.57 33.66
N ALA D 1040 64.96 14.29 34.03
CA ALA D 1040 65.11 15.67 34.48
C ALA D 1040 65.94 15.73 35.76
N LYS D 1041 66.81 16.72 35.85
CA LYS D 1041 67.70 16.86 37.00
C LYS D 1041 66.90 17.33 38.21
N VAL D 1042 66.63 16.42 39.14
CA VAL D 1042 65.90 16.77 40.35
C VAL D 1042 66.75 17.68 41.24
N ASN D 1043 68.08 17.55 41.18
CA ASN D 1043 68.96 18.34 42.03
C ASN D 1043 69.27 19.70 41.45
N HIS D 1044 68.83 20.00 40.22
CA HIS D 1044 69.06 21.30 39.64
C HIS D 1044 68.26 22.36 40.39
N ASP D 1045 68.88 23.51 40.62
CA ASP D 1045 68.25 24.58 41.40
C ASP D 1045 66.98 25.06 40.71
N CYS D 1046 65.91 25.19 41.50
CA CYS D 1046 64.64 25.72 41.00
C CYS D 1046 64.62 27.24 40.97
N GLY D 1047 65.65 27.90 41.50
CA GLY D 1047 65.67 29.34 41.60
C GLY D 1047 66.08 29.80 42.98
N ASN D 1048 66.89 30.86 43.04
CA ASN D 1048 67.33 31.58 44.24
C ASN D 1048 67.57 30.66 45.44
N GLY D 1049 68.20 29.52 45.21
CA GLY D 1049 68.52 28.60 46.28
C GLY D 1049 67.36 27.80 46.82
N MET D 1050 66.27 27.67 46.06
CA MET D 1050 65.09 26.93 46.50
C MET D 1050 64.92 25.70 45.61
N THR D 1051 64.47 24.60 46.20
CA THR D 1051 64.37 23.33 45.50
C THR D 1051 62.92 22.86 45.42
N ALA D 1052 62.66 21.98 44.46
CA ALA D 1052 61.30 21.49 44.24
C ALA D 1052 60.81 20.67 45.44
N ILE D 1053 61.70 19.89 46.06
CA ILE D 1053 61.30 19.07 47.19
C ILE D 1053 60.84 19.94 48.35
N ASP D 1054 61.57 21.01 48.65
CA ASP D 1054 61.18 21.91 49.73
C ASP D 1054 59.86 22.60 49.41
N LYS D 1055 59.65 22.98 48.15
CA LYS D 1055 58.39 23.60 47.77
C LYS D 1055 57.21 22.64 47.98
N ALA D 1056 57.36 21.40 47.48
CA ALA D 1056 56.31 20.41 47.67
C ALA D 1056 56.07 20.12 49.15
N ILE D 1057 57.12 20.17 49.96
CA ILE D 1057 56.95 20.01 51.40
C ILE D 1057 56.14 21.17 51.98
N THR D 1058 56.44 22.40 51.55
CA THR D 1058 55.71 23.56 52.04
C THR D 1058 54.24 23.48 51.67
N LYS D 1059 53.94 23.06 50.44
CA LYS D 1059 52.54 22.86 50.07
C LYS D 1059 51.94 21.60 50.67
N ASN D 1060 52.75 20.78 51.36
CA ASN D 1060 52.27 19.65 52.16
C ASN D 1060 51.48 18.64 51.31
N HIS D 1061 52.19 18.03 50.37
CA HIS D 1061 51.65 16.96 49.55
C HIS D 1061 52.36 15.66 49.90
N LEU D 1062 51.61 14.71 50.47
CA LEU D 1062 52.22 13.49 50.99
C LEU D 1062 52.85 12.66 49.88
N GLN D 1063 52.03 12.20 48.92
CA GLN D 1063 52.54 11.26 47.93
C GLN D 1063 53.52 11.92 46.95
N VAL D 1064 53.45 13.24 46.77
CA VAL D 1064 54.47 13.92 45.96
C VAL D 1064 55.83 13.80 46.63
N VAL D 1065 55.89 14.05 47.94
CA VAL D 1065 57.13 13.90 48.69
C VAL D 1065 57.57 12.43 48.70
N GLN D 1066 56.61 11.51 48.79
CA GLN D 1066 56.96 10.09 48.76
C GLN D 1066 57.60 9.71 47.43
N PHE D 1067 57.04 10.19 46.32
CA PHE D 1067 57.62 9.92 45.01
C PHE D 1067 59.00 10.58 44.87
N LEU D 1068 59.15 11.80 45.39
CA LEU D 1068 60.44 12.47 45.32
C LEU D 1068 61.50 11.70 46.11
N ALA D 1069 61.13 11.19 47.28
CA ALA D 1069 62.06 10.36 48.05
C ALA D 1069 62.36 9.06 47.32
N ALA D 1070 61.37 8.49 46.64
CA ALA D 1070 61.58 7.27 45.87
C ALA D 1070 62.49 7.50 44.67
N ASN D 1071 62.72 8.75 44.28
CA ASN D 1071 63.60 9.08 43.18
C ASN D 1071 65.06 9.16 43.60
N GLY D 1072 65.37 8.91 44.87
CA GLY D 1072 66.73 9.01 45.35
C GLY D 1072 67.30 10.40 45.35
N VAL D 1073 66.52 11.39 45.79
CA VAL D 1073 67.00 12.76 45.85
C VAL D 1073 68.08 12.88 46.93
N ASP D 1074 68.95 13.87 46.76
CA ASP D 1074 70.07 14.07 47.69
C ASP D 1074 69.55 14.76 48.94
N PHE D 1075 69.31 13.98 49.99
CA PHE D 1075 68.87 14.55 51.26
C PHE D 1075 70.02 15.24 52.00
N ARG D 1076 71.26 14.99 51.61
CA ARG D 1076 72.41 15.62 52.23
C ARG D 1076 72.77 16.97 51.60
N ARG D 1077 72.11 17.34 50.50
CA ARG D 1077 72.41 18.61 49.85
C ARG D 1077 71.96 19.78 50.73
N LYS D 1078 72.80 20.82 50.78
CA LYS D 1078 72.51 22.03 51.52
C LYS D 1078 72.29 23.18 50.55
N ASN D 1079 71.19 23.91 50.73
CA ASN D 1079 70.85 25.03 49.87
C ASN D 1079 71.65 26.25 50.30
N SER D 1080 71.27 27.43 49.78
CA SER D 1080 71.95 28.67 50.16
C SER D 1080 71.80 28.94 51.65
N ARG D 1081 70.61 28.71 52.20
CA ARG D 1081 70.41 28.83 53.64
C ARG D 1081 71.08 27.71 54.41
N GLY D 1082 71.47 26.63 53.74
CA GLY D 1082 72.17 25.53 54.37
C GLY D 1082 71.29 24.51 55.06
N THR D 1083 69.97 24.68 55.02
CA THR D 1083 69.07 23.75 55.69
C THR D 1083 68.83 22.53 54.82
N THR D 1084 68.99 21.34 55.42
CA THR D 1084 68.75 20.10 54.69
C THR D 1084 67.26 19.92 54.45
N PRO D 1085 66.89 19.15 53.41
CA PRO D 1085 65.46 18.91 53.15
C PRO D 1085 64.74 18.26 54.32
N PHE D 1086 65.42 17.41 55.10
CA PHE D 1086 64.78 16.79 56.26
C PHE D 1086 64.40 17.85 57.30
N LEU D 1087 65.29 18.81 57.53
CA LEU D 1087 64.99 19.87 58.50
C LEU D 1087 63.80 20.70 58.05
N THR D 1088 63.74 21.05 56.76
CA THR D 1088 62.60 21.80 56.26
C THR D 1088 61.31 20.97 56.36
N ALA D 1089 61.39 19.68 56.05
CA ALA D 1089 60.22 18.83 56.13
C ALA D 1089 59.67 18.76 57.55
N VAL D 1090 60.55 18.63 58.54
CA VAL D 1090 60.10 18.60 59.93
C VAL D 1090 59.58 19.96 60.36
N ALA D 1091 60.24 21.04 59.93
CA ALA D 1091 59.87 22.38 60.37
C ALA D 1091 58.55 22.83 59.77
N GLU D 1092 58.18 22.31 58.59
CA GLU D 1092 56.94 22.75 57.97
C GLU D 1092 55.68 22.20 58.66
N ASN D 1093 55.82 21.55 59.82
CA ASN D 1093 54.68 21.07 60.60
C ASN D 1093 53.81 20.13 59.76
N ALA D 1094 54.45 19.18 59.10
CA ALA D 1094 53.77 18.14 58.34
C ALA D 1094 53.72 16.88 59.21
N LEU D 1095 52.55 16.60 59.78
CA LEU D 1095 52.40 15.49 60.71
C LEU D 1095 52.73 14.15 60.05
N HIS D 1096 51.90 13.76 59.07
CA HIS D 1096 52.06 12.46 58.44
C HIS D 1096 53.38 12.34 57.70
N ILE D 1097 53.80 13.40 56.99
CA ILE D 1097 55.03 13.34 56.21
C ILE D 1097 56.24 13.14 57.12
N ALA D 1098 56.35 13.96 58.16
CA ALA D 1098 57.48 13.83 59.08
C ALA D 1098 57.45 12.50 59.82
N GLU D 1099 56.26 12.05 60.21
CA GLU D 1099 56.15 10.75 60.89
C GLU D 1099 56.63 9.62 59.99
N TYR D 1100 56.20 9.61 58.73
CA TYR D 1100 56.61 8.57 57.81
C TYR D 1100 58.12 8.62 57.58
N LEU D 1101 58.66 9.84 57.43
CA LEU D 1101 60.10 9.99 57.22
C LEU D 1101 60.89 9.46 58.41
N ILE D 1102 60.41 9.73 59.63
CA ILE D 1102 61.13 9.27 60.80
C ILE D 1102 61.05 7.75 60.94
N ARG D 1103 59.89 7.16 60.69
CA ARG D 1103 59.76 5.71 60.87
C ARG D 1103 60.52 4.93 59.81
N GLU D 1104 60.28 5.25 58.53
CA GLU D 1104 60.72 4.36 57.47
C GLU D 1104 61.91 4.89 56.68
N LYS D 1105 62.09 6.20 56.67
CA LYS D 1105 63.18 6.84 55.93
C LYS D 1105 64.28 7.34 56.86
N ARG D 1106 64.53 6.63 57.95
CA ARG D 1106 65.57 7.02 58.89
C ARG D 1106 66.97 6.63 58.43
N GLN D 1107 67.09 5.69 57.49
CA GLN D 1107 68.41 5.19 57.10
C GLN D 1107 69.17 6.19 56.23
N ASP D 1108 68.47 6.97 55.41
CA ASP D 1108 69.11 7.92 54.51
C ASP D 1108 69.15 9.35 55.09
N ILE D 1109 68.72 9.52 56.34
CA ILE D 1109 68.71 10.82 56.99
C ILE D 1109 69.40 10.71 58.34
N ASN D 1110 69.81 11.86 58.87
CA ASN D 1110 70.39 11.95 60.21
C ASN D 1110 69.47 12.82 61.06
N ILE D 1111 68.88 12.21 62.10
CA ILE D 1111 67.98 12.94 62.97
C ILE D 1111 68.71 14.01 63.77
N ASN D 1112 70.02 13.86 63.97
CA ASN D 1112 70.82 14.83 64.71
C ASN D 1112 71.62 15.75 63.80
N GLU D 1113 71.35 15.74 62.49
CA GLU D 1113 72.08 16.60 61.58
C GLU D 1113 71.70 18.07 61.80
N GLN D 1114 72.61 18.96 61.41
CA GLN D 1114 72.45 20.39 61.61
C GLN D 1114 72.81 21.13 60.34
N ASN D 1115 72.24 22.33 60.19
CA ASN D 1115 72.48 23.17 59.03
C ASN D 1115 73.78 23.95 59.22
N VAL D 1116 74.02 24.95 58.35
CA VAL D 1116 75.23 25.76 58.45
C VAL D 1116 75.23 26.57 59.74
N ASP D 1117 74.07 27.00 60.20
CA ASP D 1117 73.94 27.70 61.47
C ASP D 1117 73.78 26.76 62.65
N LYS D 1118 73.82 25.46 62.42
CA LYS D 1118 73.68 24.45 63.47
C LYS D 1118 72.36 24.62 64.23
N ASP D 1119 71.30 24.93 63.50
CA ASP D 1119 69.96 25.03 64.06
C ASP D 1119 69.10 23.92 63.49
N THR D 1120 68.54 23.10 64.37
CA THR D 1120 67.74 21.96 63.94
C THR D 1120 66.30 22.39 63.66
N ALA D 1121 65.52 21.46 63.12
CA ALA D 1121 64.12 21.72 62.83
C ALA D 1121 63.28 21.86 64.09
N LEU D 1122 63.79 21.41 65.24
CA LEU D 1122 63.06 21.53 66.49
C LEU D 1122 62.78 22.98 66.84
N HIS D 1123 63.64 23.90 66.39
CA HIS D 1123 63.43 25.32 66.65
C HIS D 1123 62.08 25.77 66.10
N LEU D 1124 61.92 25.72 64.77
CA LEU D 1124 60.64 26.10 64.18
C LEU D 1124 59.51 25.17 64.61
N ALA D 1125 59.85 23.91 64.90
CA ALA D 1125 58.82 22.95 65.33
C ALA D 1125 58.15 23.39 66.62
N VAL D 1126 58.94 23.88 67.58
CA VAL D 1126 58.36 24.42 68.81
C VAL D 1126 57.88 25.85 68.61
N TYR D 1127 58.42 26.57 67.62
CA TYR D 1127 57.92 27.91 67.32
C TYR D 1127 56.46 27.87 66.88
N TYR D 1128 56.09 26.91 66.04
CA TYR D 1128 54.71 26.78 65.58
C TYR D 1128 53.84 25.98 66.54
N LYS D 1129 54.37 25.57 67.69
CA LYS D 1129 53.61 24.95 68.77
C LYS D 1129 52.90 23.67 68.29
N ASN D 1130 53.73 22.69 67.91
CA ASN D 1130 53.24 21.37 67.54
C ASN D 1130 53.68 20.39 68.62
N LEU D 1131 52.72 19.75 69.27
CA LEU D 1131 52.93 19.05 70.53
C LEU D 1131 52.96 17.54 70.40
N GLN D 1132 52.05 16.96 69.61
CA GLN D 1132 52.02 15.52 69.46
C GLN D 1132 53.33 14.98 68.90
N MET D 1133 53.93 15.68 67.95
CA MET D 1133 55.21 15.23 67.43
C MET D 1133 56.33 15.38 68.47
N ILE D 1134 56.22 16.36 69.37
CA ILE D 1134 57.23 16.48 70.43
C ILE D 1134 57.14 15.29 71.38
N LYS D 1135 55.95 15.00 71.90
CA LYS D 1135 55.79 13.83 72.75
C LYS D 1135 56.21 12.58 72.02
N LEU D 1136 55.99 12.57 70.70
CA LEU D 1136 56.26 11.40 69.89
C LEU D 1136 57.76 11.20 69.71
N LEU D 1137 58.50 12.28 69.52
CA LEU D 1137 59.96 12.21 69.47
C LEU D 1137 60.53 11.76 70.80
N ILE D 1138 59.98 12.26 71.90
CA ILE D 1138 60.44 11.84 73.22
C ILE D 1138 60.17 10.35 73.43
N LYS D 1139 59.04 9.85 72.91
CA LYS D 1139 58.70 8.45 73.10
C LYS D 1139 59.73 7.53 72.46
N TYR D 1140 60.19 7.86 71.26
CA TYR D 1140 61.18 7.03 70.58
C TYR D 1140 62.57 7.13 71.19
N GLY D 1141 62.83 8.14 72.01
CA GLY D 1141 64.10 8.25 72.69
C GLY D 1141 65.15 9.05 71.92
N ILE D 1142 64.79 10.25 71.51
CA ILE D 1142 65.73 11.12 70.80
C ILE D 1142 66.68 11.75 71.80
N ASP D 1143 67.97 11.76 71.46
CA ASP D 1143 68.97 12.37 72.33
C ASP D 1143 68.79 13.89 72.36
N VAL D 1144 68.99 14.47 73.54
CA VAL D 1144 68.79 15.89 73.76
C VAL D 1144 70.14 16.61 73.86
N THR D 1145 71.23 15.86 74.00
CA THR D 1145 72.57 16.43 74.08
C THR D 1145 72.92 17.01 72.72
N ILE D 1146 72.75 18.32 72.58
CA ILE D 1146 72.96 19.02 71.32
C ILE D 1146 73.90 20.19 71.56
N ARG D 1147 74.77 20.45 70.58
CA ARG D 1147 75.66 21.61 70.60
C ARG D 1147 75.59 22.31 69.24
N ASN D 1148 75.71 23.63 69.28
CA ASN D 1148 75.58 24.45 68.06
C ASN D 1148 76.69 25.50 68.06
N ALA D 1149 76.59 26.44 67.12
CA ALA D 1149 77.66 27.42 66.93
C ALA D 1149 77.73 28.39 68.10
N TYR D 1150 76.59 28.93 68.53
CA TYR D 1150 76.57 29.96 69.57
C TYR D 1150 76.46 29.39 70.98
N ASP D 1151 76.34 28.07 71.13
CA ASP D 1151 76.45 27.38 72.42
C ASP D 1151 75.44 27.93 73.44
N LYS D 1152 74.16 27.76 73.11
CA LYS D 1152 73.09 28.13 74.02
C LYS D 1152 72.02 27.05 74.02
N THR D 1153 71.53 26.71 75.21
CA THR D 1153 70.47 25.72 75.35
C THR D 1153 69.12 26.35 75.03
N ALA D 1154 68.10 25.49 74.94
CA ALA D 1154 66.74 25.92 74.64
C ALA D 1154 65.79 25.77 75.81
N LEU D 1155 66.24 25.23 76.94
CA LEU D 1155 65.35 25.01 78.08
C LEU D 1155 64.84 26.34 78.63
N ASP D 1156 65.72 27.33 78.78
CA ASP D 1156 65.32 28.61 79.35
C ASP D 1156 64.35 29.34 78.42
N ILE D 1157 64.64 29.38 77.12
CA ILE D 1157 63.74 30.07 76.19
C ILE D 1157 62.44 29.31 76.04
N ALA D 1158 62.45 27.99 76.27
CA ALA D 1158 61.22 27.22 76.23
C ALA D 1158 60.35 27.48 77.45
N ILE D 1159 60.97 27.61 78.63
CA ILE D 1159 60.18 27.84 79.84
C ILE D 1159 59.81 29.30 80.02
N ASP D 1160 60.47 30.22 79.29
CA ASP D 1160 60.08 31.62 79.36
C ASP D 1160 58.72 31.88 78.71
N ALA D 1161 58.18 30.94 77.94
CA ALA D 1161 56.86 31.09 77.36
C ALA D 1161 55.74 31.03 78.39
N LYS D 1162 56.04 30.61 79.63
CA LYS D 1162 55.07 30.53 80.71
C LYS D 1162 53.91 29.59 80.34
N PHE D 1163 54.29 28.36 79.99
CA PHE D 1163 53.34 27.31 79.66
C PHE D 1163 53.60 26.10 80.54
N SER D 1164 52.52 25.39 80.88
CA SER D 1164 52.61 24.24 81.77
C SER D 1164 52.41 22.90 81.07
N ASN D 1165 51.84 22.89 79.86
CA ASN D 1165 51.59 21.63 79.18
C ASN D 1165 52.88 20.91 78.83
N ILE D 1166 53.90 21.64 78.39
CA ILE D 1166 55.14 21.02 77.94
C ILE D 1166 55.88 20.35 79.11
N VAL D 1167 55.93 21.02 80.26
CA VAL D 1167 56.76 20.55 81.37
C VAL D 1167 56.20 19.27 81.96
N GLU D 1168 54.88 19.14 82.04
CA GLU D 1168 54.26 18.07 82.82
C GLU D 1168 54.57 16.67 82.28
N TYR D 1169 54.90 16.53 80.99
CA TYR D 1169 55.20 15.22 80.42
C TYR D 1169 56.68 14.99 80.18
N LEU D 1170 57.53 15.99 80.42
CA LEU D 1170 58.96 15.85 80.10
C LEU D 1170 59.65 14.83 80.99
N LYS D 1171 59.16 14.63 82.22
CA LYS D 1171 59.66 13.60 83.13
C LYS D 1171 58.47 12.82 83.68
N THR D 1172 58.07 11.77 82.95
CA THR D 1172 57.01 10.88 83.40
C THR D 1172 57.43 9.41 83.38
N LYS D 1173 58.24 9.00 82.41
CA LYS D 1173 58.69 7.62 82.29
C LYS D 1173 60.17 7.46 82.62
N SER D 1174 61.03 8.30 82.04
CA SER D 1174 62.46 8.24 82.28
C SER D 1174 62.95 9.56 82.86
N GLY D 1175 63.83 9.47 83.85
CA GLY D 1175 64.37 10.66 84.50
C GLY D 1175 65.72 11.07 83.95
#